data_3DV0
#
_entry.id   3DV0
#
_cell.length_a   68.312
_cell.length_b   232.820
_cell.length_c   92.004
_cell.angle_alpha   90.00
_cell.angle_beta   91.83
_cell.angle_gamma   90.00
#
_symmetry.space_group_name_H-M   'P 1 21 1'
#
loop_
_entity.id
_entity.type
_entity.pdbx_description
1 polymer 'Pyruvate dehydrogenase E1 component subunit alpha'
2 polymer 'Pyruvate dehydrogenase E1 component subunit beta'
3 polymer 'Dihydrolipoyllysine-residue acetyltransferase component of pyruvate dehydrogenase complex'
4 non-polymer 'MAGNESIUM ION'
5 non-polymer '2-{4-[(4-AMINO-2-METHYLPYRIMIDIN-5-YL)METHYL]-3-METHYLTHIOPHEN-2-YL}ETHYL TRIHYDROGEN DIPHOSPHATE'
6 non-polymer 'POTASSIUM ION'
7 non-polymer 'PYRUVIC ACID'
8 water water
#
loop_
_entity_poly.entity_id
_entity_poly.type
_entity_poly.pdbx_seq_one_letter_code
_entity_poly.pdbx_strand_id
1 'polypeptide(L)'
;MGVKTFQFPFAEQLEKVAEQFPTFQILNEEGEVVNEEAMPELSDEQLKELMRRMVYTRILDQRSISLNRQGRLGFYAPTA
GQEASQIASHFALEKEDFILPGYRDVPQIIWHGLPLYQAFLFSRGHFHGNQIPEGVNVLPPQIIIGAQYIQAAGVALGLK
MRGKKAVAITYTGDGGTSQGDFYEGINFAGAFKAPAIFVVQNNRFAISTPVEKQTVAKTLAQKAVAAGIPGIQVDGMDPL
AVYAAVKAARERAINGEGPTLIETLCFRYGPHTMSGDDPTRYRSKELENEWAKKDPLVRFRKFLEAKGLWSEEEENNVIE
QAKEEIKEAIKKADETPKQKVTDLISIMFEELPFNLKEQYEIYKEKESK
;
A,C,E,G
2 'polypeptide(L)'
;MAQMTMVQAITDALRIELKNDPNVLIFGEDVGVNGGVFRATEGLQAEFGEDRVFDTPLAESGIGGLAIGLALQGFRPVPE
IQFFGFVYEVMDSICGQMARIRYRTGGRYHMPITIRSPFGGGVHTPELHSDSLEGLVAQQPGLKVVIPSTPYDAKGLLIS
AIRDNDPVIFLEHLKLYRSFRQEVPEGEYTIPIGKADIKREGKDITIIAYGAMVHESLKAAAELEKEGISAEVVDLRTVQ
PLDIETIIGSVEKTGRAIVVQEAQRQAGIAANVVAEINERAILSLEAPVLRVAAPDTVYPFAQAESVWLPNFKDVIETAK
KVMNF
;
B,D,F,H
3 'polypeptide(L)'
;MAFEFKLPDIGEGIHEGEIVKWFVKPGDEVNEDDVLCEVQNDKAVVEIPSPVKGKVLEILVPEGTVATVGQTLITLDAPG
YENMTFKGQEQEEAKKEEKTETVSKEEKVDAVAPNAPAAEAEAGPNRRVIAMPSVRKYAREKGVDIRLVQGTGKNGRVLK
EDIDAFLAGGAKPAPAAAEEKAAPAAAKPATTEGEFPETREKMSGIRRAIAKAMVHSKHTAPHVTLMDEADVTKLVAHRK
KFKAIAAEKGIKLTFLPYVVKALVSALREYPVLNTSIDDETEEIIQKHYYNIGIAADTDRGLLVPVIKHADRKPIFALAQ
EINELAEKARDGKLTPGEMKGASCTITNIGSAGGQWFTPVINHPEVAILGIGRIAEKPIVRDGEIVAAPMLALSLSFDHR
MIDGATAQKALNHIKRLLSDPELLLMEA
;
I,J
#
loop_
_chem_comp.id
_chem_comp.type
_chem_comp.name
_chem_comp.formula
K non-polymer 'POTASSIUM ION' 'K 1'
MG non-polymer 'MAGNESIUM ION' 'Mg 2'
PYR non-polymer 'PYRUVIC ACID' 'C3 H4 O3'
TPW non-polymer '2-{4-[(4-AMINO-2-METHYLPYRIMIDIN-5-YL)METHYL]-3-METHYLTHIOPHEN-2-YL}ETHYL TRIHYDROGEN DIPHOSPHATE' 'C13 H19 N3 O7 P2 S'
#
# COMPACT_ATOMS: atom_id res chain seq x y z
N THR A 5 -40.04 -3.70 -4.80
CA THR A 5 -38.60 -3.93 -4.45
C THR A 5 -37.69 -2.84 -5.04
N PHE A 6 -36.71 -2.40 -4.26
CA PHE A 6 -35.78 -1.36 -4.72
C PHE A 6 -34.82 -2.05 -5.70
N GLN A 7 -34.09 -1.26 -6.48
CA GLN A 7 -33.17 -1.84 -7.45
C GLN A 7 -31.73 -1.38 -7.36
N PHE A 8 -30.81 -2.29 -7.64
CA PHE A 8 -29.38 -1.96 -7.63
C PHE A 8 -29.13 -1.11 -8.88
N PRO A 9 -28.21 -0.13 -8.78
CA PRO A 9 -27.91 0.72 -9.93
C PRO A 9 -27.02 0.04 -10.95
N PHE A 10 -27.50 -1.05 -11.52
CA PHE A 10 -26.72 -1.79 -12.50
C PHE A 10 -26.50 -0.98 -13.77
N ALA A 11 -27.51 -0.23 -14.20
CA ALA A 11 -27.39 0.59 -15.40
C ALA A 11 -26.30 1.61 -15.18
N GLU A 12 -26.43 2.35 -14.09
CA GLU A 12 -25.45 3.37 -13.76
C GLU A 12 -24.04 2.77 -13.70
N GLN A 13 -23.94 1.53 -13.23
CA GLN A 13 -22.65 0.85 -13.11
C GLN A 13 -21.94 0.70 -14.46
N LEU A 14 -22.66 0.14 -15.43
CA LEU A 14 -22.10 -0.06 -16.75
C LEU A 14 -21.75 1.25 -17.46
N GLU A 15 -22.57 2.27 -17.23
CA GLU A 15 -22.35 3.58 -17.83
C GLU A 15 -21.15 4.24 -17.19
N LYS A 16 -20.99 4.06 -15.88
CA LYS A 16 -19.85 4.65 -15.18
C LYS A 16 -18.54 4.05 -15.68
N VAL A 17 -18.39 2.73 -15.60
CA VAL A 17 -17.17 2.08 -16.04
C VAL A 17 -16.83 2.45 -17.48
N ALA A 18 -17.84 2.49 -18.33
CA ALA A 18 -17.63 2.84 -19.72
C ALA A 18 -16.94 4.19 -19.77
N GLU A 19 -17.44 5.12 -18.98
CA GLU A 19 -16.88 6.46 -18.94
C GLU A 19 -15.40 6.50 -18.54
N GLN A 20 -14.88 5.41 -18.01
CA GLN A 20 -13.46 5.36 -17.62
C GLN A 20 -12.60 4.94 -18.79
N PHE A 21 -13.25 4.58 -19.90
CA PHE A 21 -12.53 4.12 -21.07
C PHE A 21 -12.87 4.81 -22.38
N PRO A 22 -12.66 6.13 -22.44
CA PRO A 22 -12.95 6.90 -23.66
C PRO A 22 -11.85 6.56 -24.66
N THR A 23 -12.12 6.78 -25.94
CA THR A 23 -11.15 6.49 -26.98
C THR A 23 -10.09 7.58 -27.07
N PHE A 24 -8.82 7.19 -26.91
CA PHE A 24 -7.72 8.13 -26.97
C PHE A 24 -7.41 8.44 -28.44
N GLN A 25 -7.49 9.71 -28.82
CA GLN A 25 -7.23 10.11 -30.20
C GLN A 25 -6.40 11.40 -30.33
N ILE A 26 -5.33 11.34 -31.12
CA ILE A 26 -4.47 12.50 -31.34
C ILE A 26 -4.65 13.14 -32.71
N LEU A 27 -4.86 12.33 -33.74
CA LEU A 27 -5.07 12.83 -35.10
C LEU A 27 -6.42 12.35 -35.61
N ASN A 28 -7.09 13.15 -36.43
CA ASN A 28 -8.37 12.76 -36.98
C ASN A 28 -8.12 12.19 -38.37
N GLU A 29 -9.20 11.93 -39.11
CA GLU A 29 -9.09 11.36 -40.45
C GLU A 29 -8.43 12.29 -41.46
N GLU A 30 -8.55 13.60 -41.24
CA GLU A 30 -7.97 14.56 -42.16
C GLU A 30 -6.51 14.90 -41.82
N GLY A 31 -6.01 14.28 -40.76
CA GLY A 31 -4.63 14.51 -40.37
C GLY A 31 -4.39 15.75 -39.53
N GLU A 32 -5.40 16.15 -38.76
CA GLU A 32 -5.30 17.33 -37.90
C GLU A 32 -5.13 16.91 -36.43
N VAL A 33 -4.22 17.58 -35.72
CA VAL A 33 -3.98 17.27 -34.32
C VAL A 33 -5.12 17.81 -33.46
N VAL A 34 -6.00 16.90 -33.04
CA VAL A 34 -7.17 17.21 -32.23
C VAL A 34 -6.95 17.13 -30.72
N ASN A 35 -5.78 16.67 -30.31
CA ASN A 35 -5.44 16.55 -28.90
C ASN A 35 -3.97 16.92 -28.78
N GLU A 36 -3.67 18.22 -28.80
CA GLU A 36 -2.29 18.66 -28.74
C GLU A 36 -1.61 18.37 -27.40
N GLU A 37 -2.40 18.21 -26.35
CA GLU A 37 -1.87 17.95 -25.02
C GLU A 37 -1.08 16.65 -24.92
N ALA A 38 -1.65 15.57 -25.45
CA ALA A 38 -1.00 14.26 -25.42
C ALA A 38 -0.07 14.04 -26.61
N MET A 39 0.12 15.08 -27.41
CA MET A 39 0.99 15.02 -28.58
C MET A 39 2.34 14.39 -28.22
N PRO A 40 2.72 13.31 -28.91
CA PRO A 40 4.00 12.64 -28.63
C PRO A 40 5.21 13.44 -29.15
N GLU A 41 6.24 13.53 -28.34
CA GLU A 41 7.44 14.26 -28.71
C GLU A 41 8.27 13.44 -29.70
N LEU A 42 8.05 13.68 -30.98
CA LEU A 42 8.77 12.93 -32.01
C LEU A 42 9.52 13.86 -32.96
N SER A 43 10.76 13.50 -33.30
CA SER A 43 11.56 14.31 -34.20
C SER A 43 11.09 14.13 -35.65
N ASP A 44 11.39 15.11 -36.48
CA ASP A 44 11.02 15.07 -37.88
C ASP A 44 11.50 13.78 -38.53
N GLU A 45 12.75 13.42 -38.27
CA GLU A 45 13.30 12.21 -38.86
C GLU A 45 12.58 10.97 -38.32
N GLN A 46 12.30 10.95 -37.02
CA GLN A 46 11.57 9.83 -36.43
C GLN A 46 10.20 9.71 -37.11
N LEU A 47 9.49 10.82 -37.19
CA LEU A 47 8.17 10.86 -37.82
C LEU A 47 8.17 10.28 -39.23
N LYS A 48 9.23 10.56 -39.98
CA LYS A 48 9.34 10.07 -41.36
C LYS A 48 9.61 8.57 -41.41
N GLU A 49 10.49 8.10 -40.54
CA GLU A 49 10.84 6.68 -40.48
C GLU A 49 9.60 5.87 -40.13
N LEU A 50 8.67 6.48 -39.39
CA LEU A 50 7.44 5.81 -39.01
C LEU A 50 6.52 5.72 -40.24
N MET A 51 6.45 6.80 -41.00
CA MET A 51 5.63 6.79 -42.21
C MET A 51 6.23 5.79 -43.18
N ARG A 52 7.54 5.82 -43.33
CA ARG A 52 8.20 4.90 -44.25
C ARG A 52 7.88 3.45 -43.88
N ARG A 53 8.03 3.12 -42.60
CA ARG A 53 7.78 1.76 -42.15
C ARG A 53 6.33 1.33 -42.41
N MET A 54 5.38 2.24 -42.17
CA MET A 54 3.99 1.90 -42.40
C MET A 54 3.75 1.63 -43.89
N VAL A 55 4.32 2.49 -44.74
CA VAL A 55 4.18 2.31 -46.18
C VAL A 55 4.86 1.00 -46.59
N TYR A 56 6.04 0.76 -46.06
CA TYR A 56 6.79 -0.45 -46.37
C TYR A 56 5.93 -1.66 -46.07
N THR A 57 5.31 -1.66 -44.88
CA THR A 57 4.45 -2.76 -44.46
C THR A 57 3.24 -2.97 -45.38
N ARG A 58 2.58 -1.89 -45.79
CA ARG A 58 1.43 -2.04 -46.69
C ARG A 58 1.90 -2.77 -47.95
N ILE A 59 3.09 -2.41 -48.43
CA ILE A 59 3.62 -3.05 -49.63
C ILE A 59 3.95 -4.51 -49.38
N LEU A 60 4.50 -4.81 -48.19
CA LEU A 60 4.83 -6.19 -47.84
C LEU A 60 3.54 -7.00 -47.83
N ASP A 61 2.46 -6.43 -47.32
CA ASP A 61 1.18 -7.13 -47.28
C ASP A 61 0.69 -7.41 -48.69
N GLN A 62 0.63 -6.36 -49.51
CA GLN A 62 0.19 -6.51 -50.90
C GLN A 62 1.02 -7.55 -51.64
N ARG A 63 2.33 -7.50 -51.49
CA ARG A 63 3.21 -8.46 -52.16
C ARG A 63 3.06 -9.84 -51.53
N SER A 64 2.81 -9.88 -50.22
CA SER A 64 2.65 -11.17 -49.56
C SER A 64 1.42 -11.91 -50.06
N ILE A 65 0.34 -11.18 -50.28
CA ILE A 65 -0.87 -11.82 -50.75
C ILE A 65 -0.65 -12.38 -52.15
N SER A 66 -0.02 -11.58 -53.01
CA SER A 66 0.26 -12.02 -54.37
C SER A 66 1.13 -13.27 -54.40
N LEU A 67 2.20 -13.23 -53.62
CA LEU A 67 3.11 -14.38 -53.57
C LEU A 67 2.43 -15.61 -53.01
N ASN A 68 1.43 -15.40 -52.16
CA ASN A 68 0.71 -16.52 -51.60
C ASN A 68 -0.17 -17.09 -52.72
N ARG A 69 -0.78 -16.19 -53.49
CA ARG A 69 -1.62 -16.61 -54.61
C ARG A 69 -0.81 -17.44 -55.60
N GLN A 70 0.44 -17.05 -55.82
CA GLN A 70 1.32 -17.77 -56.75
C GLN A 70 1.89 -19.02 -56.12
N GLY A 71 1.53 -19.27 -54.86
CA GLY A 71 2.07 -20.45 -54.19
C GLY A 71 3.53 -20.35 -53.79
N ARG A 72 4.10 -19.13 -53.83
CA ARG A 72 5.51 -18.94 -53.46
C ARG A 72 5.61 -18.56 -51.99
N LEU A 73 4.46 -18.57 -51.32
CA LEU A 73 4.33 -18.32 -49.90
C LEU A 73 3.19 -19.21 -49.43
N GLY A 74 3.26 -19.66 -48.18
CA GLY A 74 2.20 -20.51 -47.66
C GLY A 74 1.24 -19.74 -46.78
N PHE A 75 1.14 -20.17 -45.51
CA PHE A 75 0.25 -19.52 -44.55
C PHE A 75 0.53 -18.04 -44.44
N TYR A 76 -0.52 -17.22 -44.52
CA TYR A 76 -0.37 -15.78 -44.43
C TYR A 76 -1.64 -15.07 -43.96
N ALA A 77 -1.51 -14.24 -42.92
CA ALA A 77 -2.62 -13.48 -42.37
C ALA A 77 -2.39 -12.00 -42.68
N PRO A 78 -3.23 -11.41 -43.56
CA PRO A 78 -3.16 -10.00 -43.98
C PRO A 78 -3.00 -8.99 -42.85
N THR A 79 -2.31 -7.90 -43.14
CA THR A 79 -2.07 -6.87 -42.14
C THR A 79 -2.60 -5.51 -42.59
N ALA A 80 -2.89 -5.36 -43.88
CA ALA A 80 -3.37 -4.09 -44.41
C ALA A 80 -4.45 -3.46 -43.55
N GLY A 81 -4.18 -2.24 -43.10
CA GLY A 81 -5.12 -1.50 -42.27
C GLY A 81 -4.68 -1.40 -40.81
N GLN A 82 -3.80 -2.30 -40.40
CA GLN A 82 -3.32 -2.30 -39.03
C GLN A 82 -1.91 -1.76 -38.87
N GLU A 83 -1.41 -1.05 -39.87
CA GLU A 83 -0.05 -0.51 -39.83
C GLU A 83 0.22 0.36 -38.62
N ALA A 84 -0.73 1.21 -38.25
CA ALA A 84 -0.55 2.09 -37.09
C ALA A 84 -0.58 1.30 -35.80
N SER A 85 -1.48 0.33 -35.71
CA SER A 85 -1.59 -0.49 -34.52
C SER A 85 -0.34 -1.35 -34.35
N GLN A 86 0.21 -1.84 -35.45
CA GLN A 86 1.40 -2.69 -35.43
C GLN A 86 2.74 -1.97 -35.43
N ILE A 87 2.94 -1.08 -36.40
CA ILE A 87 4.21 -0.38 -36.53
C ILE A 87 4.45 0.73 -35.52
N ALA A 88 3.48 1.63 -35.39
CA ALA A 88 3.64 2.72 -34.45
C ALA A 88 3.92 2.16 -33.06
N SER A 89 3.20 1.11 -32.68
CA SER A 89 3.43 0.52 -31.36
C SER A 89 4.85 -0.04 -31.30
N HIS A 90 5.28 -0.74 -32.33
CA HIS A 90 6.62 -1.29 -32.32
C HIS A 90 7.63 -0.16 -32.23
N PHE A 91 7.30 0.97 -32.84
CA PHE A 91 8.16 2.13 -32.86
C PHE A 91 8.46 2.68 -31.47
N ALA A 92 7.59 2.41 -30.52
CA ALA A 92 7.78 2.92 -29.16
C ALA A 92 8.65 2.00 -28.33
N LEU A 93 9.10 0.89 -28.91
CA LEU A 93 9.91 -0.06 -28.18
C LEU A 93 11.40 0.09 -28.39
N GLU A 94 12.17 -0.51 -27.49
CA GLU A 94 13.61 -0.50 -27.55
C GLU A 94 14.08 -1.90 -27.94
N LYS A 95 15.30 -1.95 -28.46
CA LYS A 95 15.92 -3.20 -28.88
C LYS A 95 15.83 -4.24 -27.76
N GLU A 96 15.95 -3.78 -26.52
CA GLU A 96 15.93 -4.65 -25.36
C GLU A 96 14.57 -5.25 -25.00
N ASP A 97 13.51 -4.81 -25.67
CA ASP A 97 12.18 -5.33 -25.36
C ASP A 97 11.92 -6.65 -26.09
N PHE A 98 11.23 -7.57 -25.40
CA PHE A 98 10.91 -8.88 -25.95
C PHE A 98 9.47 -8.88 -26.47
N ILE A 99 9.29 -9.30 -27.73
CA ILE A 99 7.98 -9.34 -28.37
C ILE A 99 7.43 -10.76 -28.53
N LEU A 100 6.21 -10.99 -28.05
CA LEU A 100 5.55 -12.29 -28.20
C LEU A 100 4.38 -12.06 -29.16
N PRO A 101 4.64 -12.12 -30.47
CA PRO A 101 3.64 -11.91 -31.52
C PRO A 101 2.64 -13.01 -31.77
N GLY A 102 1.54 -12.64 -32.41
CA GLY A 102 0.51 -13.59 -32.76
C GLY A 102 0.84 -14.09 -34.16
N TYR A 103 -0.09 -14.82 -34.78
CA TYR A 103 0.14 -15.33 -36.12
C TYR A 103 0.11 -14.22 -37.17
N ARG A 104 -0.59 -13.14 -36.86
CA ARG A 104 -0.72 -12.02 -37.78
C ARG A 104 0.35 -10.94 -37.55
N ASP A 105 1.06 -11.02 -36.43
CA ASP A 105 2.04 -10.00 -36.10
C ASP A 105 3.47 -10.17 -36.66
N VAL A 106 3.57 -10.67 -37.89
CA VAL A 106 4.88 -10.84 -38.49
C VAL A 106 5.57 -9.49 -38.68
N PRO A 107 4.80 -8.45 -39.04
CA PRO A 107 5.43 -7.14 -39.23
C PRO A 107 6.28 -6.73 -38.02
N GLN A 108 5.67 -6.69 -36.85
CA GLN A 108 6.37 -6.30 -35.63
C GLN A 108 7.73 -6.97 -35.38
N ILE A 109 7.83 -8.28 -35.58
CA ILE A 109 9.11 -8.95 -35.35
C ILE A 109 10.10 -8.74 -36.49
N ILE A 110 9.60 -8.31 -37.64
CA ILE A 110 10.49 -8.06 -38.76
C ILE A 110 11.29 -6.81 -38.43
N TRP A 111 10.60 -5.76 -37.98
CA TRP A 111 11.26 -4.51 -37.64
C TRP A 111 12.05 -4.59 -36.36
N HIS A 112 11.85 -5.66 -35.59
CA HIS A 112 12.58 -5.81 -34.34
C HIS A 112 13.90 -6.54 -34.57
N GLY A 113 14.07 -7.05 -35.79
CA GLY A 113 15.32 -7.72 -36.13
C GLY A 113 15.25 -8.99 -36.96
N LEU A 114 14.06 -9.56 -37.13
CA LEU A 114 13.96 -10.79 -37.89
C LEU A 114 14.02 -10.56 -39.40
N PRO A 115 15.05 -11.11 -40.07
CA PRO A 115 15.22 -10.96 -41.52
C PRO A 115 13.94 -11.32 -42.27
N LEU A 116 13.65 -10.55 -43.31
CA LEU A 116 12.45 -10.76 -44.11
C LEU A 116 12.37 -12.17 -44.73
N TYR A 117 13.48 -12.71 -45.22
CA TYR A 117 13.45 -14.03 -45.84
C TYR A 117 13.07 -15.13 -44.85
N GLN A 118 13.40 -14.95 -43.59
CA GLN A 118 13.05 -15.95 -42.61
C GLN A 118 11.55 -15.86 -42.37
N ALA A 119 11.03 -14.63 -42.41
CA ALA A 119 9.61 -14.40 -42.20
C ALA A 119 8.83 -15.16 -43.27
N PHE A 120 9.45 -15.30 -44.44
CA PHE A 120 8.85 -16.01 -45.56
C PHE A 120 9.02 -17.51 -45.37
N LEU A 121 10.12 -17.91 -44.77
CA LEU A 121 10.34 -19.32 -44.51
C LEU A 121 9.34 -19.72 -43.45
N PHE A 122 9.05 -18.81 -42.52
CA PHE A 122 8.07 -19.11 -41.49
C PHE A 122 6.75 -19.45 -42.17
N SER A 123 6.35 -18.60 -43.11
CA SER A 123 5.10 -18.75 -43.85
C SER A 123 5.03 -20.08 -44.62
N ARG A 124 6.13 -20.44 -45.26
CA ARG A 124 6.21 -21.68 -46.02
C ARG A 124 6.24 -22.93 -45.15
N GLY A 125 6.75 -22.79 -43.93
CA GLY A 125 6.83 -23.92 -43.03
C GLY A 125 8.21 -24.54 -43.08
N HIS A 126 9.19 -23.79 -42.61
CA HIS A 126 10.58 -24.22 -42.61
C HIS A 126 11.17 -23.82 -41.26
N PHE A 127 11.82 -24.75 -40.59
CA PHE A 127 12.39 -24.44 -39.28
C PHE A 127 13.40 -23.31 -39.29
N HIS A 128 14.09 -23.09 -40.40
CA HIS A 128 15.07 -22.02 -40.42
C HIS A 128 14.40 -20.67 -40.29
N GLY A 129 13.13 -20.61 -40.67
CA GLY A 129 12.39 -19.37 -40.56
C GLY A 129 12.12 -18.99 -39.13
N ASN A 130 12.35 -19.92 -38.20
CA ASN A 130 12.11 -19.64 -36.79
C ASN A 130 13.38 -19.56 -35.99
N GLN A 131 14.53 -19.66 -36.66
CA GLN A 131 15.80 -19.58 -35.95
C GLN A 131 16.24 -18.13 -35.82
N ILE A 132 15.48 -17.42 -35.00
CA ILE A 132 15.69 -16.01 -34.69
C ILE A 132 17.15 -15.70 -34.42
N PRO A 133 17.67 -14.60 -34.97
CA PRO A 133 19.07 -14.28 -34.71
C PRO A 133 19.28 -14.02 -33.22
N GLU A 134 20.44 -14.38 -32.70
CA GLU A 134 20.74 -14.13 -31.28
C GLU A 134 20.77 -12.62 -31.05
N GLY A 135 20.24 -12.20 -29.91
CA GLY A 135 20.20 -10.78 -29.62
C GLY A 135 18.84 -10.21 -29.96
N VAL A 136 18.26 -10.67 -31.08
CA VAL A 136 16.94 -10.20 -31.47
C VAL A 136 15.94 -10.89 -30.54
N ASN A 137 15.31 -10.11 -29.68
CA ASN A 137 14.38 -10.62 -28.70
C ASN A 137 12.93 -10.79 -29.11
N VAL A 138 12.65 -11.85 -29.88
CA VAL A 138 11.30 -12.14 -30.31
C VAL A 138 11.10 -13.64 -30.36
N LEU A 139 9.83 -14.06 -30.38
CA LEU A 139 9.46 -15.47 -30.49
C LEU A 139 8.76 -15.60 -31.84
N PRO A 140 8.78 -16.80 -32.42
CA PRO A 140 8.11 -17.04 -33.70
C PRO A 140 6.64 -16.70 -33.46
N PRO A 141 5.89 -16.40 -34.52
CA PRO A 141 4.48 -16.08 -34.33
C PRO A 141 3.74 -17.20 -33.59
N GLN A 142 2.90 -16.82 -32.62
CA GLN A 142 2.15 -17.80 -31.83
C GLN A 142 0.81 -18.10 -32.50
N ILE A 143 0.57 -19.39 -32.71
CA ILE A 143 -0.64 -19.84 -33.37
C ILE A 143 -1.78 -20.11 -32.39
N ILE A 144 -1.46 -20.54 -31.16
CA ILE A 144 -2.49 -20.81 -30.16
C ILE A 144 -2.95 -19.53 -29.48
N ILE A 145 -4.09 -19.03 -29.93
CA ILE A 145 -4.62 -17.79 -29.40
C ILE A 145 -4.68 -17.69 -27.89
N GLY A 146 -3.95 -16.71 -27.36
CA GLY A 146 -3.91 -16.48 -25.93
C GLY A 146 -2.67 -17.01 -25.23
N ALA A 147 -2.06 -18.06 -25.78
CA ALA A 147 -0.86 -18.61 -25.18
C ALA A 147 0.24 -17.54 -25.02
N GLN A 148 0.38 -16.63 -25.99
CA GLN A 148 1.39 -15.59 -25.94
C GLN A 148 1.22 -14.64 -24.76
N TYR A 149 0.01 -14.59 -24.20
CA TYR A 149 -0.25 -13.72 -23.06
C TYR A 149 0.35 -14.26 -21.76
N ILE A 150 0.02 -15.50 -21.42
CA ILE A 150 0.56 -16.07 -20.20
C ILE A 150 2.08 -16.18 -20.32
N GLN A 151 2.58 -16.42 -21.53
CA GLN A 151 4.03 -16.49 -21.72
C GLN A 151 4.64 -15.10 -21.53
N ALA A 152 3.92 -14.07 -21.96
CA ALA A 152 4.38 -12.69 -21.81
C ALA A 152 4.55 -12.33 -20.34
N ALA A 153 3.65 -12.83 -19.49
CA ALA A 153 3.74 -12.56 -18.06
C ALA A 153 5.01 -13.19 -17.49
N GLY A 154 5.38 -14.35 -18.02
CA GLY A 154 6.59 -15.01 -17.56
C GLY A 154 7.81 -14.27 -18.05
N VAL A 155 7.77 -13.80 -19.29
CA VAL A 155 8.88 -13.06 -19.86
C VAL A 155 9.10 -11.76 -19.09
N ALA A 156 8.00 -11.06 -18.79
CA ALA A 156 8.08 -9.80 -18.06
C ALA A 156 8.70 -10.00 -16.68
N LEU A 157 8.21 -10.99 -15.94
CA LEU A 157 8.74 -11.28 -14.61
C LEU A 157 10.24 -11.58 -14.70
N GLY A 158 10.65 -12.18 -15.81
CA GLY A 158 12.05 -12.50 -16.00
C GLY A 158 12.88 -11.23 -16.09
N LEU A 159 12.46 -10.29 -16.92
CA LEU A 159 13.17 -9.04 -17.04
C LEU A 159 13.21 -8.36 -15.68
N LYS A 160 12.06 -8.36 -15.00
CA LYS A 160 11.99 -7.73 -13.69
C LYS A 160 13.05 -8.32 -12.77
N MET A 161 13.09 -9.64 -12.68
CA MET A 161 14.05 -10.30 -11.81
C MET A 161 15.52 -10.04 -12.21
N ARG A 162 15.80 -9.95 -13.50
CA ARG A 162 17.17 -9.67 -13.95
C ARG A 162 17.47 -8.20 -13.76
N GLY A 163 16.46 -7.43 -13.36
CA GLY A 163 16.64 -6.02 -13.15
C GLY A 163 16.69 -5.18 -14.41
N LYS A 164 16.42 -5.79 -15.56
CA LYS A 164 16.44 -5.07 -16.82
C LYS A 164 15.34 -4.01 -16.92
N LYS A 165 15.66 -2.91 -17.57
CA LYS A 165 14.70 -1.82 -17.75
C LYS A 165 14.05 -2.00 -19.10
N ALA A 166 13.52 -3.19 -19.33
CA ALA A 166 12.86 -3.51 -20.58
C ALA A 166 11.47 -4.06 -20.28
N VAL A 167 10.69 -4.25 -21.33
CA VAL A 167 9.35 -4.78 -21.15
C VAL A 167 9.06 -5.98 -22.03
N ALA A 168 7.91 -6.59 -21.81
CA ALA A 168 7.43 -7.72 -22.57
C ALA A 168 6.17 -7.21 -23.23
N ILE A 169 6.13 -7.23 -24.56
CA ILE A 169 4.95 -6.77 -25.26
C ILE A 169 4.41 -7.94 -26.10
N THR A 170 3.09 -8.08 -26.13
CA THR A 170 2.45 -9.15 -26.87
C THR A 170 1.13 -8.66 -27.45
N TYR A 171 0.64 -9.32 -28.49
CA TYR A 171 -0.60 -8.93 -29.13
C TYR A 171 -1.59 -10.08 -29.38
N THR A 172 -2.87 -9.74 -29.40
CA THR A 172 -3.91 -10.72 -29.69
C THR A 172 -5.04 -9.90 -30.30
N GLY A 173 -6.02 -10.56 -30.90
CA GLY A 173 -7.13 -9.84 -31.52
C GLY A 173 -8.30 -9.70 -30.59
N ASP A 174 -9.44 -9.24 -31.12
CA ASP A 174 -10.64 -9.09 -30.29
C ASP A 174 -11.14 -10.46 -29.83
N GLY A 175 -11.20 -11.40 -30.78
CA GLY A 175 -11.65 -12.73 -30.43
C GLY A 175 -10.83 -13.29 -29.29
N GLY A 176 -9.51 -13.11 -29.36
CA GLY A 176 -8.61 -13.61 -28.34
C GLY A 176 -8.90 -13.21 -26.90
N THR A 177 -9.62 -12.11 -26.70
CA THR A 177 -9.95 -11.65 -25.35
C THR A 177 -10.91 -12.58 -24.63
N SER A 178 -11.61 -13.42 -25.38
CA SER A 178 -12.56 -14.36 -24.78
C SER A 178 -11.84 -15.56 -24.17
N GLN A 179 -10.59 -15.78 -24.55
CA GLN A 179 -9.80 -16.90 -24.06
C GLN A 179 -9.37 -16.76 -22.61
N GLY A 180 -9.13 -17.91 -21.97
CA GLY A 180 -8.73 -17.91 -20.57
C GLY A 180 -7.28 -17.49 -20.38
N ASP A 181 -6.40 -17.93 -21.29
CA ASP A 181 -5.00 -17.56 -21.18
C ASP A 181 -4.85 -16.04 -21.28
N PHE A 182 -5.80 -15.40 -21.95
CA PHE A 182 -5.78 -13.94 -22.09
C PHE A 182 -5.93 -13.28 -20.73
N TYR A 183 -6.94 -13.75 -19.99
CA TYR A 183 -7.24 -13.24 -18.67
C TYR A 183 -6.13 -13.59 -17.68
N GLU A 184 -5.77 -14.86 -17.63
CA GLU A 184 -4.74 -15.31 -16.72
C GLU A 184 -3.44 -14.54 -16.97
N GLY A 185 -3.13 -14.27 -18.23
CA GLY A 185 -1.92 -13.56 -18.55
C GLY A 185 -1.85 -12.18 -17.91
N ILE A 186 -2.88 -11.38 -18.15
CA ILE A 186 -2.90 -10.04 -17.58
C ILE A 186 -3.09 -10.06 -16.07
N ASN A 187 -3.63 -11.14 -15.53
CA ASN A 187 -3.83 -11.19 -14.08
C ASN A 187 -2.50 -11.53 -13.43
N PHE A 188 -1.79 -12.50 -13.99
CA PHE A 188 -0.49 -12.86 -13.48
C PHE A 188 0.44 -11.66 -13.54
N ALA A 189 0.49 -11.01 -14.70
CA ALA A 189 1.35 -9.85 -14.87
C ALA A 189 1.00 -8.81 -13.82
N GLY A 190 -0.29 -8.72 -13.51
CA GLY A 190 -0.75 -7.78 -12.50
C GLY A 190 -0.32 -8.19 -11.10
N ALA A 191 -0.65 -9.42 -10.71
CA ALA A 191 -0.31 -9.90 -9.38
C ALA A 191 1.19 -9.88 -9.07
N PHE A 192 2.01 -9.81 -10.10
CA PHE A 192 3.45 -9.77 -9.92
C PHE A 192 3.99 -8.38 -10.22
N LYS A 193 3.10 -7.50 -10.66
CA LYS A 193 3.50 -6.14 -10.97
C LYS A 193 4.66 -6.22 -11.97
N ALA A 194 4.43 -7.02 -13.01
CA ALA A 194 5.42 -7.26 -14.05
C ALA A 194 5.36 -6.25 -15.18
N PRO A 195 6.52 -5.90 -15.74
CA PRO A 195 6.62 -4.93 -16.84
C PRO A 195 6.15 -5.52 -18.17
N ALA A 196 4.83 -5.57 -18.37
CA ALA A 196 4.29 -6.11 -19.61
C ALA A 196 3.24 -5.23 -20.28
N ILE A 197 3.35 -5.11 -21.60
CA ILE A 197 2.38 -4.33 -22.36
C ILE A 197 1.49 -5.33 -23.06
N PHE A 198 0.20 -5.31 -22.76
CA PHE A 198 -0.72 -6.22 -23.42
C PHE A 198 -1.54 -5.45 -24.44
N VAL A 199 -1.40 -5.83 -25.71
CA VAL A 199 -2.13 -5.15 -26.75
C VAL A 199 -3.24 -6.01 -27.33
N VAL A 200 -4.41 -5.40 -27.48
CA VAL A 200 -5.57 -6.06 -28.04
C VAL A 200 -5.95 -5.27 -29.29
N GLN A 201 -5.67 -5.83 -30.45
CA GLN A 201 -6.00 -5.15 -31.70
C GLN A 201 -7.40 -5.56 -32.07
N ASN A 202 -8.33 -4.63 -31.96
CA ASN A 202 -9.72 -4.91 -32.26
C ASN A 202 -10.13 -4.48 -33.66
N ASN A 203 -10.29 -5.43 -34.57
CA ASN A 203 -10.73 -5.11 -35.91
C ASN A 203 -12.17 -5.59 -36.10
N ARG A 204 -12.86 -5.75 -34.97
CA ARG A 204 -14.27 -6.14 -34.93
C ARG A 204 -14.66 -7.52 -35.42
N PHE A 205 -13.68 -8.30 -35.83
CA PHE A 205 -13.96 -9.63 -36.32
C PHE A 205 -12.93 -10.68 -35.94
N ALA A 206 -13.43 -11.88 -35.66
CA ALA A 206 -12.61 -13.05 -35.35
C ALA A 206 -13.14 -14.02 -36.42
N ILE A 207 -12.47 -14.01 -37.57
CA ILE A 207 -12.84 -14.79 -38.74
C ILE A 207 -14.24 -14.18 -38.88
N SER A 208 -15.28 -15.00 -38.94
CA SER A 208 -16.60 -14.52 -39.32
C SER A 208 -17.40 -14.01 -38.13
N THR A 209 -16.85 -14.15 -36.93
CA THR A 209 -17.54 -13.72 -35.72
C THR A 209 -17.24 -12.26 -35.30
N PRO A 210 -18.27 -11.39 -35.35
CA PRO A 210 -18.11 -9.98 -34.97
C PRO A 210 -17.90 -9.87 -33.46
N VAL A 211 -17.12 -8.89 -33.04
CA VAL A 211 -16.82 -8.72 -31.62
C VAL A 211 -18.05 -8.73 -30.69
N GLU A 212 -19.22 -8.35 -31.20
CA GLU A 212 -20.45 -8.34 -30.40
C GLU A 212 -20.86 -9.72 -29.90
N LYS A 213 -20.50 -10.77 -30.64
CA LYS A 213 -20.81 -12.13 -30.25
C LYS A 213 -19.76 -12.72 -29.31
N GLN A 214 -18.67 -11.98 -29.10
CA GLN A 214 -17.58 -12.42 -28.24
C GLN A 214 -17.84 -12.06 -26.78
N THR A 215 -18.39 -10.89 -26.57
CA THR A 215 -18.61 -10.40 -25.22
C THR A 215 -19.61 -9.26 -25.29
N VAL A 216 -20.19 -8.92 -24.15
CA VAL A 216 -21.17 -7.86 -24.08
C VAL A 216 -20.54 -6.63 -23.45
N ALA A 217 -19.25 -6.72 -23.14
CA ALA A 217 -18.55 -5.57 -22.56
C ALA A 217 -18.50 -4.51 -23.65
N LYS A 218 -18.73 -3.26 -23.29
CA LYS A 218 -18.74 -2.16 -24.26
C LYS A 218 -17.39 -1.82 -24.85
N THR A 219 -16.31 -2.04 -24.10
CA THR A 219 -14.96 -1.83 -24.61
C THR A 219 -14.22 -3.10 -24.27
N LEU A 220 -13.08 -3.33 -24.94
CA LEU A 220 -12.27 -4.51 -24.65
C LEU A 220 -11.20 -4.07 -23.64
N ALA A 221 -10.97 -2.77 -23.59
CA ALA A 221 -10.01 -2.18 -22.66
C ALA A 221 -10.44 -2.37 -21.20
N GLN A 222 -11.75 -2.28 -20.96
CA GLN A 222 -12.26 -2.41 -19.60
C GLN A 222 -11.97 -3.77 -18.99
N LYS A 223 -11.66 -4.76 -19.83
CA LYS A 223 -11.35 -6.08 -19.32
C LYS A 223 -10.16 -6.00 -18.36
N ALA A 224 -9.35 -4.96 -18.51
CA ALA A 224 -8.18 -4.74 -17.67
C ALA A 224 -8.59 -4.62 -16.20
N VAL A 225 -9.79 -4.09 -15.97
CA VAL A 225 -10.31 -3.93 -14.61
C VAL A 225 -10.27 -5.27 -13.84
N ALA A 226 -10.45 -6.38 -14.56
CA ALA A 226 -10.43 -7.69 -13.92
C ALA A 226 -9.05 -8.07 -13.43
N ALA A 227 -8.02 -7.44 -13.99
CA ALA A 227 -6.66 -7.73 -13.57
C ALA A 227 -6.21 -6.71 -12.56
N GLY A 228 -6.99 -5.64 -12.40
CA GLY A 228 -6.61 -4.60 -11.47
C GLY A 228 -5.53 -3.72 -12.09
N ILE A 229 -5.49 -3.66 -13.41
CA ILE A 229 -4.49 -2.87 -14.10
C ILE A 229 -5.09 -1.81 -15.01
N PRO A 230 -4.27 -0.82 -15.40
CA PRO A 230 -4.77 0.25 -16.28
C PRO A 230 -5.08 -0.24 -17.69
N GLY A 231 -6.16 0.31 -18.25
CA GLY A 231 -6.57 -0.04 -19.60
C GLY A 231 -6.73 1.20 -20.43
N ILE A 232 -6.33 1.13 -21.69
CA ILE A 232 -6.43 2.27 -22.58
C ILE A 232 -7.09 1.86 -23.87
N GLN A 233 -8.05 2.64 -24.35
CA GLN A 233 -8.67 2.34 -25.62
C GLN A 233 -8.14 3.42 -26.55
N VAL A 234 -7.49 3.00 -27.64
CA VAL A 234 -6.92 3.96 -28.57
C VAL A 234 -7.56 3.86 -29.95
N ASP A 235 -7.39 4.91 -30.74
CA ASP A 235 -7.87 4.93 -32.12
C ASP A 235 -6.76 4.15 -32.81
N GLY A 236 -7.00 2.87 -33.10
CA GLY A 236 -5.99 2.05 -33.75
C GLY A 236 -5.63 2.47 -35.15
N MET A 237 -6.32 3.49 -35.67
CA MET A 237 -6.06 3.98 -37.02
C MET A 237 -5.17 5.22 -36.97
N ASP A 238 -4.90 5.72 -35.77
CA ASP A 238 -4.05 6.89 -35.57
C ASP A 238 -2.67 6.49 -35.05
N PRO A 239 -1.64 6.59 -35.90
CA PRO A 239 -0.26 6.24 -35.54
C PRO A 239 0.26 6.93 -34.29
N LEU A 240 -0.03 8.21 -34.14
CA LEU A 240 0.47 8.93 -32.98
C LEU A 240 -0.19 8.56 -31.66
N ALA A 241 -1.47 8.22 -31.68
CA ALA A 241 -2.16 7.82 -30.46
C ALA A 241 -1.69 6.45 -30.04
N VAL A 242 -1.42 5.58 -31.02
CA VAL A 242 -0.95 4.25 -30.68
C VAL A 242 0.42 4.35 -30.07
N TYR A 243 1.26 5.19 -30.66
CA TYR A 243 2.63 5.38 -30.18
C TYR A 243 2.62 5.96 -28.77
N ALA A 244 1.78 6.96 -28.56
CA ALA A 244 1.69 7.62 -27.26
C ALA A 244 1.20 6.68 -26.16
N ALA A 245 0.28 5.78 -26.49
CA ALA A 245 -0.25 4.84 -25.51
C ALA A 245 0.81 3.83 -25.09
N VAL A 246 1.52 3.30 -26.08
CA VAL A 246 2.57 2.30 -25.84
C VAL A 246 3.77 2.91 -25.13
N LYS A 247 4.13 4.13 -25.51
CA LYS A 247 5.26 4.79 -24.90
C LYS A 247 4.92 5.02 -23.43
N ALA A 248 3.67 5.40 -23.19
CA ALA A 248 3.20 5.63 -21.82
C ALA A 248 3.24 4.35 -21.01
N ALA A 249 2.88 3.22 -21.64
CA ALA A 249 2.88 1.95 -20.95
C ALA A 249 4.29 1.40 -20.70
N ARG A 250 5.19 1.63 -21.64
CA ARG A 250 6.56 1.18 -21.47
C ARG A 250 7.13 1.89 -20.25
N GLU A 251 6.83 3.19 -20.13
CA GLU A 251 7.32 4.01 -19.00
C GLU A 251 6.77 3.55 -17.66
N ARG A 252 5.45 3.36 -17.60
CA ARG A 252 4.84 2.90 -16.36
C ARG A 252 5.48 1.57 -15.96
N ALA A 253 5.72 0.72 -16.97
CA ALA A 253 6.29 -0.60 -16.74
C ALA A 253 7.75 -0.65 -16.30
N ILE A 254 8.65 0.04 -16.97
CA ILE A 254 10.05 -0.04 -16.53
C ILE A 254 10.25 0.68 -15.21
N ASN A 255 9.25 1.47 -14.78
CA ASN A 255 9.37 2.16 -13.51
C ASN A 255 8.69 1.34 -12.41
N GLY A 256 8.67 0.02 -12.60
CA GLY A 256 8.10 -0.90 -11.63
C GLY A 256 6.66 -0.73 -11.22
N GLU A 257 5.86 -0.05 -12.03
CA GLU A 257 4.45 0.13 -11.68
C GLU A 257 3.53 -0.95 -12.23
N GLY A 258 4.04 -1.79 -13.12
CA GLY A 258 3.21 -2.87 -13.64
C GLY A 258 2.85 -2.83 -15.12
N PRO A 259 1.89 -3.68 -15.53
CA PRO A 259 1.42 -3.79 -16.91
C PRO A 259 0.25 -2.87 -17.23
N THR A 260 -0.06 -2.78 -18.52
CA THR A 260 -1.16 -1.97 -19.03
C THR A 260 -1.81 -2.76 -20.15
N LEU A 261 -3.13 -2.67 -20.26
CA LEU A 261 -3.84 -3.36 -21.34
C LEU A 261 -4.22 -2.26 -22.32
N ILE A 262 -3.87 -2.45 -23.59
CA ILE A 262 -4.16 -1.46 -24.62
C ILE A 262 -5.02 -2.03 -25.73
N GLU A 263 -6.14 -1.37 -26.00
CA GLU A 263 -7.04 -1.80 -27.05
C GLU A 263 -6.98 -0.81 -28.20
N THR A 264 -6.56 -1.26 -29.38
CA THR A 264 -6.53 -0.37 -30.52
C THR A 264 -7.72 -0.71 -31.40
N LEU A 265 -8.43 0.30 -31.87
CA LEU A 265 -9.57 0.10 -32.74
C LEU A 265 -9.12 0.33 -34.16
N CYS A 266 -9.17 -0.72 -34.97
CA CYS A 266 -8.75 -0.61 -36.36
C CYS A 266 -9.59 -1.48 -37.26
N PHE A 267 -9.13 -1.71 -38.48
CA PHE A 267 -9.88 -2.55 -39.42
C PHE A 267 -8.97 -3.17 -40.49
N ARG A 268 -9.27 -4.40 -40.89
CA ARG A 268 -8.50 -5.09 -41.92
C ARG A 268 -9.05 -4.77 -43.31
N TYR A 269 -8.16 -4.75 -44.30
CA TYR A 269 -8.54 -4.43 -45.67
C TYR A 269 -9.06 -5.62 -46.47
N GLY A 270 -9.61 -6.62 -45.81
CA GLY A 270 -10.14 -7.77 -46.53
C GLY A 270 -9.93 -9.16 -45.97
N PRO A 271 -9.14 -10.01 -46.66
CA PRO A 271 -8.80 -11.39 -46.30
C PRO A 271 -8.18 -11.65 -44.91
N HIS A 272 -7.91 -12.93 -44.63
CA HIS A 272 -7.31 -13.36 -43.37
C HIS A 272 -7.03 -14.85 -43.41
N GLU A 288 -20.28 -0.12 -51.63
CA GLU A 288 -19.03 -0.86 -51.46
C GLU A 288 -18.66 -0.97 -49.97
N ASN A 289 -17.99 0.06 -49.45
CA ASN A 289 -17.56 0.08 -48.05
C ASN A 289 -17.32 1.51 -47.57
N GLU A 290 -16.51 1.61 -46.52
CA GLU A 290 -16.16 2.90 -45.92
C GLU A 290 -14.73 2.73 -45.40
N TRP A 291 -14.45 3.31 -44.25
CA TRP A 291 -13.15 3.23 -43.59
C TRP A 291 -11.95 3.50 -44.50
N ALA A 292 -12.18 3.68 -45.78
CA ALA A 292 -11.10 3.95 -46.73
C ALA A 292 -10.51 5.32 -46.43
N LYS A 293 -11.27 6.14 -45.73
CA LYS A 293 -10.85 7.49 -45.37
C LYS A 293 -10.14 7.45 -44.02
N LYS A 294 -10.34 6.36 -43.29
CA LYS A 294 -9.74 6.18 -41.98
C LYS A 294 -8.37 5.50 -42.07
N ASP A 295 -8.03 5.02 -43.27
CA ASP A 295 -6.74 4.37 -43.52
C ASP A 295 -5.64 5.17 -42.82
N PRO A 296 -4.85 4.52 -41.95
CA PRO A 296 -3.78 5.22 -41.24
C PRO A 296 -2.81 5.99 -42.14
N LEU A 297 -2.44 5.42 -43.27
CA LEU A 297 -1.52 6.07 -44.20
C LEU A 297 -2.09 7.40 -44.74
N VAL A 298 -3.41 7.49 -44.81
CA VAL A 298 -4.04 8.71 -45.31
C VAL A 298 -3.80 9.89 -44.36
N ARG A 299 -4.40 9.85 -43.19
CA ARG A 299 -4.26 10.94 -42.24
C ARG A 299 -2.82 11.29 -41.90
N PHE A 300 -1.99 10.30 -41.63
CA PHE A 300 -0.60 10.57 -41.29
C PHE A 300 0.10 11.23 -42.47
N ARG A 301 -0.24 10.80 -43.68
CA ARG A 301 0.35 11.38 -44.86
C ARG A 301 -0.02 12.85 -44.90
N LYS A 302 -1.30 13.15 -44.70
CA LYS A 302 -1.78 14.54 -44.70
C LYS A 302 -1.06 15.28 -43.59
N PHE A 303 -0.95 14.62 -42.44
CA PHE A 303 -0.27 15.22 -41.30
C PHE A 303 1.15 15.64 -41.68
N LEU A 304 1.94 14.71 -42.20
CA LEU A 304 3.32 15.02 -42.58
C LEU A 304 3.45 16.01 -43.73
N GLU A 305 2.60 15.87 -44.75
CA GLU A 305 2.65 16.79 -45.87
C GLU A 305 2.39 18.23 -45.44
N ALA A 306 1.45 18.42 -44.52
CA ALA A 306 1.14 19.76 -44.03
C ALA A 306 2.37 20.37 -43.35
N LYS A 307 3.21 19.53 -42.76
CA LYS A 307 4.43 19.97 -42.10
C LYS A 307 5.60 19.90 -43.08
N GLY A 308 5.28 19.60 -44.35
CA GLY A 308 6.32 19.49 -45.36
C GLY A 308 7.38 18.46 -45.02
N LEU A 309 6.93 17.26 -44.63
CA LEU A 309 7.85 16.20 -44.25
C LEU A 309 7.68 14.95 -45.10
N TRP A 310 6.88 15.06 -46.17
CA TRP A 310 6.65 13.89 -47.01
C TRP A 310 6.31 14.28 -48.45
N SER A 311 6.90 13.57 -49.41
CA SER A 311 6.66 13.83 -50.82
C SER A 311 6.33 12.55 -51.54
N GLU A 312 5.63 12.64 -52.66
CA GLU A 312 5.26 11.46 -53.42
C GLU A 312 6.54 10.75 -53.85
N GLU A 313 7.59 11.53 -54.08
CA GLU A 313 8.87 10.97 -54.49
C GLU A 313 9.40 10.03 -53.41
N GLU A 314 9.50 10.53 -52.19
CA GLU A 314 9.99 9.72 -51.07
C GLU A 314 9.20 8.42 -50.93
N GLU A 315 7.88 8.55 -50.90
CA GLU A 315 7.00 7.40 -50.77
C GLU A 315 7.32 6.35 -51.82
N ASN A 316 7.43 6.77 -53.06
CA ASN A 316 7.75 5.84 -54.14
C ASN A 316 9.14 5.24 -53.94
N ASN A 317 10.05 5.98 -53.31
CA ASN A 317 11.37 5.42 -53.06
C ASN A 317 11.19 4.26 -52.11
N VAL A 318 10.42 4.49 -51.05
CA VAL A 318 10.13 3.45 -50.07
C VAL A 318 9.49 2.23 -50.73
N ILE A 319 8.56 2.48 -51.64
CA ILE A 319 7.88 1.39 -52.32
C ILE A 319 8.86 0.57 -53.15
N GLU A 320 9.66 1.23 -53.98
CA GLU A 320 10.64 0.51 -54.79
C GLU A 320 11.64 -0.23 -53.89
N GLN A 321 12.01 0.40 -52.79
CA GLN A 321 12.93 -0.21 -51.85
C GLN A 321 12.29 -1.47 -51.29
N ALA A 322 10.98 -1.42 -51.06
CA ALA A 322 10.24 -2.54 -50.52
C ALA A 322 10.13 -3.69 -51.51
N LYS A 323 9.49 -3.43 -52.65
CA LYS A 323 9.32 -4.45 -53.66
C LYS A 323 10.64 -5.16 -53.92
N GLU A 324 11.74 -4.40 -53.94
CA GLU A 324 13.05 -4.97 -54.19
C GLU A 324 13.57 -5.84 -53.06
N GLU A 325 13.49 -5.36 -51.82
CA GLU A 325 13.96 -6.17 -50.71
C GLU A 325 13.12 -7.45 -50.60
N ILE A 326 11.86 -7.36 -51.01
CA ILE A 326 10.96 -8.50 -50.96
C ILE A 326 11.43 -9.57 -51.95
N LYS A 327 11.86 -9.12 -53.13
CA LYS A 327 12.33 -10.06 -54.15
C LYS A 327 13.56 -10.83 -53.70
N GLU A 328 14.56 -10.13 -53.17
CA GLU A 328 15.76 -10.83 -52.73
C GLU A 328 15.47 -11.72 -51.52
N ALA A 329 14.41 -11.41 -50.79
CA ALA A 329 14.04 -12.18 -49.62
C ALA A 329 13.38 -13.50 -50.03
N ILE A 330 12.55 -13.42 -51.06
CA ILE A 330 11.87 -14.61 -51.57
C ILE A 330 12.91 -15.48 -52.27
N LYS A 331 13.99 -14.84 -52.71
CA LYS A 331 15.08 -15.54 -53.38
C LYS A 331 15.97 -16.24 -52.35
N LYS A 332 16.20 -15.61 -51.21
CA LYS A 332 17.01 -16.23 -50.15
C LYS A 332 16.22 -17.41 -49.57
N ALA A 333 14.90 -17.28 -49.55
CA ALA A 333 14.05 -18.36 -49.03
C ALA A 333 14.14 -19.54 -49.98
N ASP A 334 13.98 -19.25 -51.27
CA ASP A 334 14.06 -20.30 -52.29
C ASP A 334 15.40 -21.02 -52.24
N GLU A 335 16.48 -20.28 -52.01
CA GLU A 335 17.81 -20.86 -51.97
C GLU A 335 18.13 -21.56 -50.67
N THR A 336 17.19 -21.59 -49.75
CA THR A 336 17.39 -22.27 -48.47
C THR A 336 17.23 -23.76 -48.74
N PRO A 337 18.12 -24.61 -48.17
CA PRO A 337 18.09 -26.07 -48.34
C PRO A 337 16.86 -26.75 -47.77
N LYS A 338 16.33 -27.70 -48.53
CA LYS A 338 15.16 -28.45 -48.11
C LYS A 338 15.39 -29.14 -46.77
N GLN A 339 14.32 -29.30 -46.01
CA GLN A 339 14.38 -29.95 -44.71
C GLN A 339 14.49 -31.47 -44.84
N LYS A 340 15.20 -32.08 -43.90
CA LYS A 340 15.35 -33.52 -43.87
C LYS A 340 14.85 -33.95 -42.49
N VAL A 341 14.44 -35.21 -42.37
CA VAL A 341 13.96 -35.69 -41.09
C VAL A 341 15.05 -35.58 -40.03
N THR A 342 16.29 -35.91 -40.40
CA THR A 342 17.40 -35.83 -39.47
C THR A 342 17.52 -34.45 -38.82
N ASP A 343 17.15 -33.41 -39.55
CA ASP A 343 17.19 -32.05 -39.00
C ASP A 343 16.14 -31.92 -37.91
N LEU A 344 14.91 -32.28 -38.25
CA LEU A 344 13.80 -32.20 -37.32
C LEU A 344 14.11 -32.93 -36.03
N ILE A 345 14.80 -34.06 -36.15
CA ILE A 345 15.15 -34.83 -34.97
C ILE A 345 16.23 -34.13 -34.17
N SER A 346 17.28 -33.66 -34.86
CA SER A 346 18.40 -32.99 -34.20
C SER A 346 17.99 -31.81 -33.31
N ILE A 347 16.88 -31.16 -33.66
CA ILE A 347 16.42 -30.01 -32.87
C ILE A 347 15.35 -30.33 -31.82
N MET A 348 15.11 -31.62 -31.56
CA MET A 348 14.09 -31.97 -30.57
C MET A 348 14.62 -31.80 -29.16
N PHE A 349 15.84 -32.27 -28.91
CA PHE A 349 16.47 -32.15 -27.61
C PHE A 349 17.95 -31.76 -27.75
N GLU A 350 18.58 -31.48 -26.61
CA GLU A 350 20.00 -31.17 -26.56
C GLU A 350 20.71 -32.50 -26.75
N GLU A 351 20.30 -33.48 -25.94
CA GLU A 351 20.82 -34.84 -26.01
C GLU A 351 19.66 -35.75 -26.39
N LEU A 352 19.72 -36.29 -27.62
CA LEU A 352 18.68 -37.15 -28.13
C LEU A 352 18.46 -38.42 -27.33
N PRO A 353 17.19 -38.76 -27.09
CA PRO A 353 16.85 -39.97 -26.34
C PRO A 353 17.11 -41.19 -27.22
N PHE A 354 17.02 -42.37 -26.62
CA PHE A 354 17.27 -43.59 -27.35
C PHE A 354 16.43 -43.71 -28.63
N ASN A 355 15.12 -43.59 -28.50
CA ASN A 355 14.22 -43.70 -29.65
C ASN A 355 14.58 -42.76 -30.81
N LEU A 356 15.10 -41.57 -30.50
CA LEU A 356 15.48 -40.63 -31.54
C LEU A 356 16.88 -40.96 -32.05
N LYS A 357 17.78 -41.39 -31.15
CA LYS A 357 19.14 -41.75 -31.57
C LYS A 357 19.01 -42.84 -32.62
N GLU A 358 18.04 -43.72 -32.37
CA GLU A 358 17.73 -44.86 -33.23
C GLU A 358 17.10 -44.41 -34.55
N GLN A 359 16.03 -43.64 -34.44
CA GLN A 359 15.34 -43.15 -35.63
C GLN A 359 16.25 -42.28 -36.46
N TYR A 360 17.16 -41.57 -35.80
CA TYR A 360 18.08 -40.70 -36.50
C TYR A 360 18.92 -41.51 -37.51
N GLU A 361 19.43 -42.67 -37.07
CA GLU A 361 20.23 -43.51 -37.95
C GLU A 361 19.42 -44.03 -39.13
N ILE A 362 18.20 -44.45 -38.82
CA ILE A 362 17.27 -44.97 -39.82
C ILE A 362 17.09 -43.97 -40.96
N TYR A 363 16.81 -42.72 -40.61
CA TYR A 363 16.63 -41.69 -41.62
C TYR A 363 17.94 -41.17 -42.19
N LYS A 364 19.03 -41.31 -41.46
CA LYS A 364 20.31 -40.85 -41.96
C LYS A 364 20.71 -41.78 -43.09
N GLU A 365 20.29 -43.04 -42.98
CA GLU A 365 20.60 -44.02 -44.01
C GLU A 365 19.70 -43.79 -45.22
N LYS A 366 18.42 -43.51 -44.99
CA LYS A 366 17.53 -43.27 -46.12
C LYS A 366 18.06 -42.07 -46.89
N GLU A 367 18.33 -41.00 -46.16
CA GLU A 367 18.83 -39.78 -46.75
C GLU A 367 20.13 -39.96 -47.55
N SER A 368 20.74 -41.13 -47.44
CA SER A 368 21.98 -41.40 -48.17
C SER A 368 21.86 -42.63 -49.07
N ALA B 2 22.43 -41.22 5.13
CA ALA B 2 21.32 -40.54 5.86
C ALA B 2 19.96 -41.10 5.46
N GLN B 3 19.28 -41.68 6.44
CA GLN B 3 17.96 -42.27 6.23
C GLN B 3 16.94 -41.19 5.91
N MET B 4 16.46 -41.17 4.66
CA MET B 4 15.49 -40.18 4.22
C MET B 4 14.23 -40.82 3.64
N THR B 5 13.12 -40.08 3.66
CA THR B 5 11.88 -40.56 3.05
C THR B 5 11.91 -39.91 1.67
N MET B 6 11.26 -40.53 0.68
CA MET B 6 11.26 -39.98 -0.66
C MET B 6 10.99 -38.48 -0.71
N VAL B 7 10.07 -38.00 0.11
CA VAL B 7 9.73 -36.58 0.13
C VAL B 7 10.90 -35.74 0.63
N GLN B 8 11.65 -36.28 1.59
CA GLN B 8 12.82 -35.58 2.13
C GLN B 8 13.89 -35.58 1.07
N ALA B 9 14.01 -36.72 0.39
CA ALA B 9 14.98 -36.87 -0.67
C ALA B 9 14.68 -35.85 -1.75
N ILE B 10 13.39 -35.62 -1.97
CA ILE B 10 12.93 -34.64 -2.95
C ILE B 10 13.43 -33.27 -2.53
N THR B 11 12.98 -32.86 -1.35
CA THR B 11 13.35 -31.57 -0.80
C THR B 11 14.86 -31.33 -0.88
N ASP B 12 15.63 -32.36 -0.58
CA ASP B 12 17.08 -32.23 -0.58
C ASP B 12 17.65 -31.98 -1.98
N ALA B 13 17.07 -32.61 -2.98
CA ALA B 13 17.54 -32.44 -4.34
C ALA B 13 17.29 -30.99 -4.76
N LEU B 14 16.16 -30.45 -4.33
CA LEU B 14 15.77 -29.09 -4.67
C LEU B 14 16.69 -28.11 -3.94
N ARG B 15 16.96 -28.42 -2.67
CA ARG B 15 17.84 -27.57 -1.86
C ARG B 15 19.20 -27.50 -2.55
N ILE B 16 19.68 -28.64 -2.98
CA ILE B 16 20.97 -28.75 -3.65
C ILE B 16 21.04 -27.93 -4.94
N GLU B 17 20.00 -28.03 -5.77
CA GLU B 17 20.01 -27.29 -7.03
C GLU B 17 19.90 -25.79 -6.78
N LEU B 18 19.01 -25.39 -5.87
CA LEU B 18 18.86 -23.98 -5.56
C LEU B 18 20.21 -23.36 -5.18
N LYS B 19 21.01 -24.12 -4.44
CA LYS B 19 22.31 -23.66 -3.98
C LYS B 19 23.40 -23.71 -5.05
N ASN B 20 23.37 -24.76 -5.86
CA ASN B 20 24.38 -24.94 -6.90
C ASN B 20 24.11 -24.15 -8.16
N ASP B 21 22.88 -23.69 -8.35
CA ASP B 21 22.53 -22.92 -9.54
C ASP B 21 21.53 -21.83 -9.17
N PRO B 22 21.94 -20.55 -9.28
CA PRO B 22 21.08 -19.42 -8.95
C PRO B 22 19.91 -19.20 -9.91
N ASN B 23 19.94 -19.87 -11.05
CA ASN B 23 18.85 -19.73 -12.02
C ASN B 23 17.63 -20.56 -11.63
N VAL B 24 17.82 -21.53 -10.75
CA VAL B 24 16.72 -22.38 -10.31
C VAL B 24 15.64 -21.63 -9.53
N LEU B 25 14.42 -21.69 -10.05
CA LEU B 25 13.30 -21.04 -9.41
C LEU B 25 12.21 -22.05 -9.14
N ILE B 26 11.60 -21.95 -7.96
CA ILE B 26 10.54 -22.87 -7.58
C ILE B 26 9.30 -22.05 -7.27
N PHE B 27 8.22 -22.32 -8.00
CA PHE B 27 6.96 -21.61 -7.77
C PHE B 27 5.74 -22.47 -8.01
N GLY B 28 4.61 -22.00 -7.50
CA GLY B 28 3.37 -22.73 -7.65
C GLY B 28 2.41 -22.37 -6.52
N GLU B 29 1.31 -23.11 -6.44
CA GLU B 29 0.31 -22.87 -5.43
C GLU B 29 0.69 -23.40 -4.06
N ASP B 30 0.92 -22.47 -3.13
CA ASP B 30 1.25 -22.79 -1.75
C ASP B 30 2.58 -23.49 -1.52
N VAL B 31 3.57 -23.23 -2.38
CA VAL B 31 4.86 -23.88 -2.22
C VAL B 31 5.88 -23.03 -1.45
N GLY B 32 5.50 -21.81 -1.11
CA GLY B 32 6.41 -20.94 -0.39
C GLY B 32 6.43 -21.05 1.13
N VAL B 33 5.91 -20.02 1.79
CA VAL B 33 5.86 -19.99 3.24
C VAL B 33 5.24 -21.26 3.81
N ASN B 34 4.22 -21.79 3.14
CA ASN B 34 3.55 -22.99 3.59
C ASN B 34 4.42 -24.21 3.42
N GLY B 35 5.37 -24.14 2.48
CA GLY B 35 6.27 -25.25 2.22
C GLY B 35 5.66 -26.35 1.38
N GLY B 36 4.55 -26.03 0.71
CA GLY B 36 3.88 -27.02 -0.10
C GLY B 36 2.85 -27.80 0.69
N VAL B 37 1.83 -28.33 0.01
CA VAL B 37 0.79 -29.09 0.68
C VAL B 37 1.29 -30.41 1.22
N PHE B 38 2.49 -30.82 0.78
CA PHE B 38 3.11 -32.07 1.22
C PHE B 38 4.50 -31.86 1.81
N ARG B 39 4.83 -30.60 2.09
CA ARG B 39 6.11 -30.21 2.67
C ARG B 39 7.29 -30.46 1.75
N ALA B 40 7.02 -30.73 0.49
CA ALA B 40 8.10 -30.99 -0.46
C ALA B 40 9.06 -29.82 -0.55
N THR B 41 8.57 -28.60 -0.37
CA THR B 41 9.43 -27.42 -0.43
C THR B 41 9.58 -26.73 0.94
N GLU B 42 9.37 -27.50 1.99
CA GLU B 42 9.46 -26.98 3.36
C GLU B 42 10.79 -26.33 3.72
N GLY B 43 10.72 -25.09 4.19
CA GLY B 43 11.93 -24.38 4.58
C GLY B 43 12.80 -23.90 3.45
N LEU B 44 12.37 -24.11 2.22
CA LEU B 44 13.15 -23.67 1.08
C LEU B 44 13.11 -22.15 0.89
N GLN B 45 11.94 -21.55 1.02
CA GLN B 45 11.82 -20.11 0.84
C GLN B 45 12.58 -19.39 1.96
N ALA B 46 12.56 -19.98 3.15
CA ALA B 46 13.24 -19.43 4.31
C ALA B 46 14.75 -19.41 4.12
N GLU B 47 15.26 -20.33 3.33
CA GLU B 47 16.69 -20.39 3.12
C GLU B 47 17.21 -19.69 1.88
N PHE B 48 16.38 -19.59 0.85
CA PHE B 48 16.83 -18.97 -0.39
C PHE B 48 16.11 -17.70 -0.79
N GLY B 49 15.05 -17.37 -0.05
CA GLY B 49 14.32 -16.15 -0.31
C GLY B 49 12.99 -16.29 -1.02
N GLU B 50 12.25 -15.19 -1.02
CA GLU B 50 10.94 -15.10 -1.65
C GLU B 50 11.13 -14.90 -3.15
N ASP B 51 12.30 -14.43 -3.55
CA ASP B 51 12.61 -14.20 -4.96
C ASP B 51 12.90 -15.49 -5.71
N ARG B 52 13.19 -16.55 -4.97
CA ARG B 52 13.50 -17.83 -5.60
C ARG B 52 12.46 -18.94 -5.42
N VAL B 53 11.76 -18.91 -4.30
CA VAL B 53 10.72 -19.88 -4.00
C VAL B 53 9.49 -19.07 -3.64
N PHE B 54 8.57 -18.94 -4.59
CA PHE B 54 7.38 -18.13 -4.35
C PHE B 54 6.06 -18.79 -4.73
N ASP B 55 4.96 -18.22 -4.23
CA ASP B 55 3.62 -18.72 -4.52
C ASP B 55 3.10 -18.02 -5.78
N THR B 56 2.02 -18.55 -6.34
CA THR B 56 1.43 -17.96 -7.53
C THR B 56 -0.08 -17.94 -7.42
N PRO B 57 -0.73 -17.14 -8.26
CA PRO B 57 -2.20 -17.10 -8.23
C PRO B 57 -2.67 -18.51 -8.58
N LEU B 58 -3.94 -18.80 -8.31
CA LEU B 58 -4.51 -20.11 -8.58
C LEU B 58 -4.94 -20.26 -10.05
N ALA B 59 -4.01 -20.68 -10.90
CA ALA B 59 -4.26 -20.86 -12.33
C ALA B 59 -3.10 -21.66 -12.93
N GLU B 60 -3.32 -22.97 -13.11
CA GLU B 60 -2.28 -23.83 -13.65
C GLU B 60 -1.76 -23.40 -15.01
N SER B 61 -2.65 -22.91 -15.87
CA SER B 61 -2.26 -22.48 -17.20
C SER B 61 -1.24 -21.34 -17.06
N GLY B 62 -1.59 -20.35 -16.27
CA GLY B 62 -0.71 -19.22 -16.05
C GLY B 62 0.63 -19.68 -15.51
N ILE B 63 0.63 -20.68 -14.63
CA ILE B 63 1.86 -21.19 -14.06
C ILE B 63 2.73 -21.70 -15.20
N GLY B 64 2.12 -22.45 -16.12
CA GLY B 64 2.87 -22.97 -17.24
C GLY B 64 3.49 -21.85 -18.04
N GLY B 65 2.70 -20.84 -18.36
CA GLY B 65 3.19 -19.71 -19.11
C GLY B 65 4.29 -19.00 -18.36
N LEU B 66 4.14 -18.90 -17.04
CA LEU B 66 5.14 -18.25 -16.23
C LEU B 66 6.45 -19.03 -16.38
N ALA B 67 6.36 -20.35 -16.42
CA ALA B 67 7.55 -21.16 -16.57
C ALA B 67 8.19 -20.93 -17.94
N ILE B 68 7.36 -20.96 -18.98
CA ILE B 68 7.87 -20.75 -20.33
C ILE B 68 8.57 -19.40 -20.44
N GLY B 69 7.89 -18.35 -19.97
CA GLY B 69 8.47 -17.01 -20.03
C GLY B 69 9.79 -16.91 -19.30
N LEU B 70 9.79 -17.25 -18.02
CA LEU B 70 11.00 -17.19 -17.22
C LEU B 70 12.16 -17.92 -17.89
N ALA B 71 11.85 -19.01 -18.58
CA ALA B 71 12.86 -19.80 -19.26
C ALA B 71 13.45 -18.98 -20.40
N LEU B 72 12.60 -18.26 -21.11
CA LEU B 72 13.08 -17.43 -22.21
C LEU B 72 14.05 -16.35 -21.70
N GLN B 73 14.07 -16.17 -20.38
CA GLN B 73 14.94 -15.19 -19.76
C GLN B 73 16.10 -15.82 -18.99
N GLY B 74 16.46 -17.04 -19.36
CA GLY B 74 17.60 -17.69 -18.72
C GLY B 74 17.42 -18.41 -17.40
N PHE B 75 16.20 -18.48 -16.91
CA PHE B 75 15.96 -19.15 -15.64
C PHE B 75 15.71 -20.66 -15.84
N ARG B 76 15.86 -21.43 -14.78
CA ARG B 76 15.66 -22.88 -14.83
C ARG B 76 14.45 -23.13 -13.94
N PRO B 77 13.24 -22.91 -14.48
CA PRO B 77 11.98 -23.09 -13.75
C PRO B 77 11.63 -24.51 -13.35
N VAL B 78 11.28 -24.66 -12.06
CA VAL B 78 10.86 -25.93 -11.51
C VAL B 78 9.50 -25.63 -10.89
N PRO B 79 8.49 -25.42 -11.74
CA PRO B 79 7.15 -25.14 -11.24
C PRO B 79 6.49 -26.38 -10.69
N GLU B 80 5.39 -26.18 -9.96
CA GLU B 80 4.66 -27.31 -9.42
C GLU B 80 3.18 -27.22 -9.76
N ILE B 81 2.60 -28.37 -10.09
CA ILE B 81 1.18 -28.50 -10.37
C ILE B 81 0.78 -29.32 -9.13
N GLN B 82 -0.04 -28.72 -8.28
CA GLN B 82 -0.42 -29.34 -7.02
C GLN B 82 -0.81 -30.81 -7.05
N PHE B 83 -1.56 -31.22 -8.07
CA PHE B 83 -1.94 -32.62 -8.24
C PHE B 83 -2.00 -32.79 -9.74
N PHE B 84 -1.46 -33.89 -10.26
CA PHE B 84 -1.44 -34.07 -11.70
C PHE B 84 -2.81 -34.11 -12.36
N GLY B 85 -3.84 -34.32 -11.56
CA GLY B 85 -5.19 -34.34 -12.11
C GLY B 85 -5.53 -32.96 -12.65
N PHE B 86 -4.77 -31.95 -12.24
CA PHE B 86 -5.04 -30.60 -12.70
C PHE B 86 -4.18 -30.27 -13.91
N VAL B 87 -3.62 -31.28 -14.55
CA VAL B 87 -2.75 -31.02 -15.69
C VAL B 87 -3.57 -30.54 -16.89
N TYR B 88 -4.87 -30.82 -16.87
CA TYR B 88 -5.73 -30.44 -17.99
C TYR B 88 -5.82 -28.94 -18.22
N GLU B 89 -5.64 -28.16 -17.17
CA GLU B 89 -5.70 -26.72 -17.30
C GLU B 89 -4.44 -26.17 -17.95
N VAL B 90 -3.36 -26.92 -17.86
CA VAL B 90 -2.07 -26.50 -18.39
C VAL B 90 -1.53 -27.43 -19.49
N MET B 91 -2.42 -28.16 -20.15
CA MET B 91 -1.99 -29.08 -21.20
C MET B 91 -1.34 -28.40 -22.40
N ASP B 92 -1.72 -27.17 -22.71
CA ASP B 92 -1.12 -26.50 -23.86
C ASP B 92 0.27 -25.97 -23.57
N SER B 93 0.51 -25.49 -22.35
CA SER B 93 1.82 -24.95 -22.01
C SER B 93 2.87 -26.04 -22.03
N ILE B 94 2.49 -27.22 -21.57
CA ILE B 94 3.39 -28.35 -21.53
C ILE B 94 3.55 -29.02 -22.90
N CYS B 95 2.44 -29.53 -23.44
CA CYS B 95 2.48 -30.27 -24.70
C CYS B 95 2.37 -29.44 -25.96
N GLY B 96 1.72 -28.28 -25.89
CA GLY B 96 1.58 -27.46 -27.07
C GLY B 96 2.64 -26.39 -27.13
N GLN B 97 3.35 -26.18 -26.01
CA GLN B 97 4.37 -25.14 -25.97
C GLN B 97 5.81 -25.55 -25.61
N MET B 98 6.09 -25.67 -24.32
CA MET B 98 7.45 -25.97 -23.88
C MET B 98 8.08 -27.20 -24.50
N ALA B 99 7.34 -28.29 -24.61
CA ALA B 99 7.88 -29.49 -25.21
C ALA B 99 8.32 -29.23 -26.65
N ARG B 100 7.83 -28.15 -27.25
CA ARG B 100 8.14 -27.85 -28.64
C ARG B 100 9.02 -26.62 -28.86
N ILE B 101 9.44 -25.94 -27.81
CA ILE B 101 10.22 -24.76 -28.05
C ILE B 101 11.58 -24.95 -28.75
N ARG B 102 12.35 -25.97 -28.37
CA ARG B 102 13.65 -26.15 -29.04
C ARG B 102 13.47 -26.43 -30.51
N TYR B 103 12.50 -27.28 -30.82
CA TYR B 103 12.20 -27.66 -32.19
C TYR B 103 11.58 -26.50 -32.97
N ARG B 104 10.60 -25.85 -32.35
CA ARG B 104 9.93 -24.73 -32.98
C ARG B 104 10.87 -23.58 -33.33
N THR B 105 11.93 -23.42 -32.55
CA THR B 105 12.89 -22.33 -32.77
C THR B 105 14.22 -22.84 -33.31
N GLY B 106 14.26 -24.11 -33.71
CA GLY B 106 15.49 -24.67 -34.25
C GLY B 106 16.68 -24.52 -33.33
N GLY B 107 16.45 -24.59 -32.03
CA GLY B 107 17.53 -24.48 -31.07
C GLY B 107 17.85 -23.09 -30.56
N ARG B 108 17.25 -22.07 -31.15
CA ARG B 108 17.51 -20.71 -30.71
C ARG B 108 17.09 -20.49 -29.26
N TYR B 109 16.06 -21.21 -28.84
CA TYR B 109 15.55 -21.12 -27.47
C TYR B 109 15.33 -22.54 -27.01
N HIS B 110 15.21 -22.72 -25.70
CA HIS B 110 14.97 -24.05 -25.14
C HIS B 110 14.30 -23.93 -23.79
N MET B 111 13.78 -25.05 -23.29
CA MET B 111 13.08 -25.02 -22.02
C MET B 111 13.63 -25.94 -20.94
N PRO B 112 14.54 -25.43 -20.11
CA PRO B 112 15.11 -26.24 -19.04
C PRO B 112 14.10 -26.17 -17.87
N ILE B 113 12.90 -26.69 -18.12
CA ILE B 113 11.83 -26.67 -17.12
C ILE B 113 11.56 -28.05 -16.51
N THR B 114 11.36 -28.11 -15.19
CA THR B 114 11.02 -29.38 -14.54
C THR B 114 9.69 -29.21 -13.85
N ILE B 115 8.67 -29.95 -14.28
CA ILE B 115 7.37 -29.82 -13.65
C ILE B 115 7.18 -30.97 -12.67
N ARG B 116 7.07 -30.61 -11.39
CA ARG B 116 6.86 -31.59 -10.34
C ARG B 116 5.37 -31.70 -10.09
N SER B 117 4.90 -32.92 -9.84
CA SER B 117 3.49 -33.09 -9.54
C SER B 117 3.24 -34.46 -8.94
N PRO B 118 2.49 -34.49 -7.83
CA PRO B 118 2.17 -35.74 -7.16
C PRO B 118 0.95 -36.42 -7.77
N PHE B 119 0.90 -37.73 -7.64
CA PHE B 119 -0.22 -38.53 -8.14
C PHE B 119 -0.22 -39.82 -7.34
N GLY B 120 -1.06 -40.76 -7.74
CA GLY B 120 -1.08 -42.05 -7.06
C GLY B 120 -2.20 -42.32 -6.09
N GLY B 121 -2.61 -43.59 -6.02
CA GLY B 121 -3.67 -43.97 -5.12
C GLY B 121 -3.21 -44.74 -3.89
N GLY B 122 -4.15 -45.02 -3.00
CA GLY B 122 -3.83 -45.75 -1.78
C GLY B 122 -3.87 -44.87 -0.55
N VAL B 123 -4.26 -43.62 -0.72
CA VAL B 123 -4.34 -42.68 0.40
C VAL B 123 -5.68 -41.97 0.53
N HIS B 124 -6.72 -42.55 -0.09
CA HIS B 124 -8.08 -42.01 -0.05
C HIS B 124 -8.26 -40.52 -0.35
N THR B 125 -7.60 -40.04 -1.40
CA THR B 125 -7.73 -38.64 -1.77
C THR B 125 -9.08 -38.46 -2.44
N PRO B 126 -9.55 -37.21 -2.52
CA PRO B 126 -10.84 -36.94 -3.17
C PRO B 126 -10.64 -36.95 -4.69
N GLU B 127 -11.71 -36.70 -5.44
CA GLU B 127 -11.67 -36.74 -6.89
C GLU B 127 -10.53 -36.03 -7.64
N LEU B 128 -10.06 -36.69 -8.69
CA LEU B 128 -9.01 -36.13 -9.53
C LEU B 128 -7.68 -35.76 -8.88
N HIS B 129 -7.29 -36.47 -7.84
CA HIS B 129 -6.01 -36.21 -7.17
C HIS B 129 -5.00 -37.32 -7.47
N SER B 130 -5.50 -38.54 -7.47
CA SER B 130 -4.66 -39.72 -7.65
C SER B 130 -4.62 -40.30 -9.05
N ASP B 131 -5.28 -39.66 -10.00
CA ASP B 131 -5.26 -40.18 -11.36
C ASP B 131 -3.85 -40.30 -11.94
N SER B 132 -3.60 -41.43 -12.60
CA SER B 132 -2.31 -41.68 -13.25
C SER B 132 -2.46 -41.22 -14.69
N LEU B 133 -1.84 -40.10 -15.03
CA LEU B 133 -1.95 -39.57 -16.38
C LEU B 133 -0.60 -39.45 -17.09
N GLU B 134 0.39 -40.24 -16.65
CA GLU B 134 1.69 -40.18 -17.27
C GLU B 134 1.54 -40.56 -18.74
N GLY B 135 0.52 -41.38 -19.02
CA GLY B 135 0.26 -41.81 -20.37
C GLY B 135 0.03 -40.70 -21.38
N LEU B 136 -0.61 -39.61 -20.93
CA LEU B 136 -0.86 -38.50 -21.83
C LEU B 136 0.45 -37.84 -22.26
N VAL B 137 1.29 -37.43 -21.30
CA VAL B 137 2.55 -36.77 -21.63
C VAL B 137 3.63 -37.67 -22.21
N ALA B 138 3.53 -38.97 -21.99
CA ALA B 138 4.50 -39.90 -22.54
C ALA B 138 4.40 -39.84 -24.06
N GLN B 139 3.27 -39.34 -24.55
CA GLN B 139 3.00 -39.26 -25.97
C GLN B 139 3.38 -37.98 -26.69
N GLN B 140 3.99 -37.04 -25.98
CA GLN B 140 4.36 -35.79 -26.61
C GLN B 140 5.86 -35.64 -26.88
N PRO B 141 6.25 -35.63 -28.16
CA PRO B 141 7.67 -35.48 -28.50
C PRO B 141 8.14 -34.19 -27.84
N GLY B 142 9.34 -34.21 -27.25
CA GLY B 142 9.86 -33.02 -26.62
C GLY B 142 9.85 -33.05 -25.09
N LEU B 143 9.33 -34.13 -24.52
CA LEU B 143 9.29 -34.27 -23.07
C LEU B 143 9.91 -35.58 -22.64
N LYS B 144 10.24 -35.65 -21.36
CA LYS B 144 10.79 -36.87 -20.78
C LYS B 144 9.99 -36.97 -19.50
N VAL B 145 9.49 -38.16 -19.19
CA VAL B 145 8.68 -38.34 -18.00
C VAL B 145 9.36 -39.27 -17.02
N VAL B 146 9.64 -38.77 -15.84
CA VAL B 146 10.31 -39.54 -14.81
C VAL B 146 9.40 -39.87 -13.62
N ILE B 147 9.44 -41.12 -13.18
CA ILE B 147 8.62 -41.57 -12.06
C ILE B 147 9.43 -42.46 -11.11
N PRO B 148 9.95 -41.89 -10.01
CA PRO B 148 10.75 -42.67 -9.07
C PRO B 148 9.88 -43.41 -8.07
N SER B 149 10.46 -44.46 -7.48
CA SER B 149 9.78 -45.28 -6.49
C SER B 149 10.55 -45.38 -5.17
N THR B 150 11.74 -44.80 -5.13
CA THR B 150 12.55 -44.84 -3.92
C THR B 150 13.20 -43.49 -3.69
N PRO B 151 13.51 -43.19 -2.42
CA PRO B 151 14.14 -41.91 -2.10
C PRO B 151 15.43 -41.75 -2.90
N TYR B 152 16.24 -42.81 -2.95
CA TYR B 152 17.50 -42.77 -3.68
C TYR B 152 17.31 -42.41 -5.15
N ASP B 153 16.35 -43.06 -5.80
CA ASP B 153 16.07 -42.80 -7.20
C ASP B 153 15.50 -41.40 -7.35
N ALA B 154 14.64 -41.01 -6.42
CA ALA B 154 14.01 -39.70 -6.50
C ALA B 154 15.00 -38.56 -6.57
N LYS B 155 15.88 -38.49 -5.58
CA LYS B 155 16.89 -37.44 -5.53
C LYS B 155 17.80 -37.36 -6.75
N GLY B 156 18.39 -38.49 -7.12
CA GLY B 156 19.30 -38.51 -8.24
C GLY B 156 18.65 -38.17 -9.57
N LEU B 157 17.40 -38.57 -9.74
CA LEU B 157 16.66 -38.31 -10.96
C LEU B 157 16.18 -36.87 -11.02
N LEU B 158 15.84 -36.31 -9.86
CA LEU B 158 15.36 -34.94 -9.82
C LEU B 158 16.52 -33.98 -10.09
N ILE B 159 17.69 -34.27 -9.53
CA ILE B 159 18.84 -33.41 -9.79
C ILE B 159 19.10 -33.49 -11.30
N SER B 160 19.07 -34.70 -11.86
CA SER B 160 19.27 -34.86 -13.29
C SER B 160 18.14 -34.11 -14.01
N ALA B 161 16.91 -34.43 -13.63
CA ALA B 161 15.75 -33.79 -14.21
C ALA B 161 16.03 -32.30 -14.29
N ILE B 162 16.14 -31.66 -13.13
CA ILE B 162 16.40 -30.22 -13.08
C ILE B 162 17.55 -29.76 -13.97
N ARG B 163 18.65 -30.51 -14.04
CA ARG B 163 19.80 -30.10 -14.87
C ARG B 163 19.57 -30.25 -16.37
N ASP B 164 18.69 -31.17 -16.76
CA ASP B 164 18.41 -31.40 -18.16
C ASP B 164 17.98 -30.06 -18.75
N ASN B 165 18.30 -29.79 -20.01
CA ASN B 165 17.94 -28.52 -20.61
C ASN B 165 16.69 -28.56 -21.49
N ASP B 166 15.97 -29.67 -21.40
CA ASP B 166 14.72 -29.82 -22.14
C ASP B 166 13.66 -30.11 -21.08
N PRO B 167 12.39 -29.78 -21.37
CA PRO B 167 11.34 -30.04 -20.37
C PRO B 167 11.24 -31.47 -19.85
N VAL B 168 11.19 -31.60 -18.54
CA VAL B 168 11.06 -32.90 -17.89
C VAL B 168 9.84 -32.90 -16.97
N ILE B 169 9.10 -33.99 -16.96
CA ILE B 169 7.95 -34.07 -16.09
C ILE B 169 8.28 -35.06 -14.98
N PHE B 170 8.29 -34.56 -13.75
CA PHE B 170 8.62 -35.37 -12.57
C PHE B 170 7.35 -35.64 -11.75
N LEU B 171 6.83 -36.87 -11.87
CA LEU B 171 5.64 -37.28 -11.17
C LEU B 171 6.01 -37.97 -9.87
N GLU B 172 5.40 -37.54 -8.77
CA GLU B 172 5.70 -38.08 -7.44
C GLU B 172 4.51 -38.82 -6.81
N HIS B 173 4.68 -40.10 -6.54
CA HIS B 173 3.59 -40.88 -5.97
C HIS B 173 3.29 -40.56 -4.50
N LEU B 174 2.04 -40.22 -4.23
CA LEU B 174 1.58 -39.89 -2.89
C LEU B 174 1.86 -40.96 -1.85
N LYS B 175 1.65 -42.21 -2.25
CA LYS B 175 1.83 -43.33 -1.35
C LYS B 175 3.29 -43.67 -1.10
N LEU B 176 4.20 -43.09 -1.88
CA LEU B 176 5.61 -43.35 -1.70
C LEU B 176 6.31 -42.16 -1.05
N TYR B 177 5.57 -41.09 -0.82
CA TYR B 177 6.17 -39.90 -0.22
C TYR B 177 6.91 -40.20 1.07
N ARG B 178 6.19 -40.77 2.04
CA ARG B 178 6.81 -41.11 3.32
C ARG B 178 6.31 -42.43 3.87
N SER B 179 6.27 -43.46 3.03
CA SER B 179 5.80 -44.77 3.44
C SER B 179 6.94 -45.69 3.87
N PHE B 180 8.17 -45.21 3.75
CA PHE B 180 9.35 -45.99 4.12
C PHE B 180 10.59 -45.12 4.01
N ARG B 181 11.65 -45.49 4.72
CA ARG B 181 12.89 -44.73 4.69
C ARG B 181 13.99 -45.53 4.00
N GLN B 182 14.96 -44.82 3.44
CA GLN B 182 16.06 -45.47 2.74
C GLN B 182 17.32 -44.64 2.84
N GLU B 183 18.45 -45.31 2.73
CA GLU B 183 19.75 -44.68 2.80
C GLU B 183 19.98 -43.83 1.55
N VAL B 184 19.93 -42.52 1.72
CA VAL B 184 20.15 -41.62 0.60
C VAL B 184 21.43 -40.86 0.85
N PRO B 185 22.37 -40.88 -0.11
CA PRO B 185 23.65 -40.19 0.00
C PRO B 185 23.50 -38.68 0.10
N GLU B 186 24.27 -38.08 1.00
CA GLU B 186 24.25 -36.64 1.18
C GLU B 186 25.03 -36.05 0.01
N GLY B 187 24.84 -34.78 -0.28
CA GLY B 187 25.57 -34.19 -1.39
C GLY B 187 24.90 -34.52 -2.71
N GLU B 188 25.33 -33.85 -3.77
CA GLU B 188 24.73 -34.05 -5.08
C GLU B 188 25.28 -35.18 -5.92
N TYR B 189 24.35 -36.00 -6.43
CA TYR B 189 24.70 -37.10 -7.30
C TYR B 189 23.62 -37.13 -8.37
N THR B 190 23.77 -38.01 -9.37
CA THR B 190 22.78 -38.06 -10.43
C THR B 190 22.54 -39.46 -10.96
N ILE B 191 21.36 -39.67 -11.51
CA ILE B 191 20.99 -40.93 -12.13
C ILE B 191 20.57 -40.55 -13.53
N PRO B 192 21.18 -41.15 -14.54
CA PRO B 192 20.81 -40.80 -15.92
C PRO B 192 19.32 -41.04 -16.21
N ILE B 193 18.72 -40.15 -16.98
CA ILE B 193 17.32 -40.27 -17.33
C ILE B 193 17.22 -41.21 -18.51
N GLY B 194 16.16 -42.02 -18.52
CA GLY B 194 15.99 -42.96 -19.61
C GLY B 194 16.65 -44.27 -19.27
N LYS B 195 17.10 -44.37 -18.03
CA LYS B 195 17.78 -45.56 -17.53
C LYS B 195 16.94 -46.38 -16.55
N ALA B 196 16.68 -47.62 -16.91
CA ALA B 196 15.90 -48.52 -16.07
C ALA B 196 16.75 -48.95 -14.89
N ASP B 197 16.18 -49.74 -14.00
CA ASP B 197 16.88 -50.20 -12.82
C ASP B 197 16.37 -51.58 -12.39
N ILE B 198 17.26 -52.57 -12.37
CA ILE B 198 16.87 -53.91 -11.98
C ILE B 198 16.93 -54.03 -10.47
N LYS B 199 15.75 -54.03 -9.85
CA LYS B 199 15.62 -54.12 -8.40
C LYS B 199 15.79 -55.54 -7.87
N ARG B 200 15.57 -56.52 -8.74
CA ARG B 200 15.73 -57.91 -8.35
C ARG B 200 16.08 -58.80 -9.54
N GLU B 201 17.26 -59.41 -9.48
CA GLU B 201 17.70 -60.29 -10.54
C GLU B 201 16.84 -61.54 -10.55
N GLY B 202 16.38 -61.95 -11.74
CA GLY B 202 15.54 -63.13 -11.87
C GLY B 202 15.89 -63.92 -13.12
N LYS B 203 15.36 -65.13 -13.26
CA LYS B 203 15.69 -65.96 -14.42
C LYS B 203 14.50 -66.59 -15.11
N ASP B 204 13.36 -66.60 -14.43
CA ASP B 204 12.15 -67.20 -14.98
C ASP B 204 11.22 -66.25 -15.73
N ILE B 205 10.98 -65.07 -15.17
CA ILE B 205 10.07 -64.11 -15.80
C ILE B 205 10.48 -62.69 -15.48
N THR B 206 10.28 -61.78 -16.43
CA THR B 206 10.64 -60.38 -16.19
C THR B 206 9.38 -59.57 -15.86
N ILE B 207 9.38 -58.94 -14.70
CA ILE B 207 8.24 -58.13 -14.25
C ILE B 207 8.61 -56.66 -14.32
N ILE B 208 8.08 -55.94 -15.32
CA ILE B 208 8.37 -54.52 -15.48
C ILE B 208 7.28 -53.67 -14.83
N ALA B 209 7.70 -52.67 -14.07
CA ALA B 209 6.77 -51.80 -13.37
C ALA B 209 7.41 -50.44 -13.05
N TYR B 210 6.60 -49.55 -12.49
CA TYR B 210 7.07 -48.23 -12.09
C TYR B 210 6.13 -47.66 -11.05
N GLY B 211 6.60 -46.68 -10.29
CA GLY B 211 5.79 -46.08 -9.26
C GLY B 211 5.47 -47.05 -8.13
N ALA B 212 4.31 -46.91 -7.51
CA ALA B 212 3.91 -47.79 -6.41
C ALA B 212 3.87 -49.26 -6.85
N MET B 213 3.72 -49.50 -8.16
CA MET B 213 3.68 -50.85 -8.67
C MET B 213 5.02 -51.58 -8.60
N VAL B 214 6.12 -50.86 -8.35
CA VAL B 214 7.44 -51.49 -8.27
C VAL B 214 7.53 -52.30 -6.98
N HIS B 215 7.15 -51.68 -5.87
CA HIS B 215 7.19 -52.35 -4.57
C HIS B 215 6.18 -53.52 -4.56
N GLU B 216 5.08 -53.37 -5.28
CA GLU B 216 4.08 -54.44 -5.35
C GLU B 216 4.64 -55.61 -6.17
N SER B 217 5.55 -55.30 -7.10
CA SER B 217 6.17 -56.33 -7.93
C SER B 217 7.23 -57.05 -7.11
N LEU B 218 7.89 -56.32 -6.23
CA LEU B 218 8.91 -56.89 -5.36
C LEU B 218 8.22 -57.79 -4.32
N LYS B 219 7.13 -57.31 -3.74
CA LYS B 219 6.38 -58.08 -2.75
C LYS B 219 5.88 -59.36 -3.41
N ALA B 220 5.51 -59.26 -4.69
CA ALA B 220 5.02 -60.42 -5.42
C ALA B 220 6.17 -61.36 -5.79
N ALA B 221 7.34 -60.78 -6.05
CA ALA B 221 8.52 -61.58 -6.40
C ALA B 221 8.85 -62.47 -5.22
N ALA B 222 8.79 -61.90 -4.02
CA ALA B 222 9.09 -62.66 -2.82
C ALA B 222 8.18 -63.88 -2.70
N GLU B 223 6.89 -63.68 -2.95
CA GLU B 223 5.94 -64.78 -2.87
C GLU B 223 6.19 -65.77 -4.00
N LEU B 224 6.45 -65.24 -5.19
CA LEU B 224 6.70 -66.09 -6.35
C LEU B 224 7.90 -67.00 -6.14
N GLU B 225 8.85 -66.57 -5.33
CA GLU B 225 10.04 -67.38 -5.07
C GLU B 225 9.64 -68.58 -4.21
N LYS B 226 8.85 -68.31 -3.18
CA LYS B 226 8.38 -69.36 -2.29
C LYS B 226 7.70 -70.43 -3.11
N GLU B 227 7.30 -70.09 -4.34
CA GLU B 227 6.61 -71.03 -5.21
C GLU B 227 7.44 -71.59 -6.36
N GLY B 228 8.74 -71.31 -6.35
CA GLY B 228 9.61 -71.82 -7.40
C GLY B 228 9.75 -70.98 -8.66
N ILE B 229 9.30 -69.73 -8.60
CA ILE B 229 9.38 -68.83 -9.74
C ILE B 229 10.32 -67.67 -9.39
N SER B 230 11.41 -67.51 -10.14
CA SER B 230 12.36 -66.43 -9.90
C SER B 230 12.00 -65.28 -10.83
N ALA B 231 11.61 -64.15 -10.26
CA ALA B 231 11.22 -62.99 -11.04
C ALA B 231 12.25 -61.89 -11.06
N GLU B 232 12.57 -61.39 -12.25
CA GLU B 232 13.51 -60.29 -12.38
C GLU B 232 12.63 -59.03 -12.45
N VAL B 233 12.67 -58.21 -11.41
CA VAL B 233 11.85 -57.00 -11.37
C VAL B 233 12.59 -55.78 -11.91
N VAL B 234 12.12 -55.26 -13.04
CA VAL B 234 12.73 -54.10 -13.65
C VAL B 234 11.89 -52.85 -13.37
N ASP B 235 12.52 -51.84 -12.78
CA ASP B 235 11.87 -50.57 -12.46
C ASP B 235 12.27 -49.61 -13.59
N LEU B 236 11.29 -49.19 -14.39
CA LEU B 236 11.59 -48.31 -15.51
C LEU B 236 12.26 -47.01 -15.11
N ARG B 237 11.75 -46.38 -14.05
CA ARG B 237 12.25 -45.11 -13.55
C ARG B 237 12.18 -43.93 -14.53
N THR B 238 11.83 -44.19 -15.77
CA THR B 238 11.70 -43.14 -16.77
C THR B 238 10.73 -43.83 -17.72
N VAL B 239 9.50 -43.32 -17.82
CA VAL B 239 8.52 -43.94 -18.72
C VAL B 239 8.60 -43.40 -20.13
N GLN B 240 9.51 -42.46 -20.35
CA GLN B 240 9.72 -41.87 -21.67
C GLN B 240 10.95 -40.96 -21.62
N PRO B 241 12.02 -41.33 -22.33
CA PRO B 241 12.09 -42.53 -23.16
C PRO B 241 12.28 -43.78 -22.31
N LEU B 242 11.91 -44.93 -22.87
CA LEU B 242 12.06 -46.20 -22.17
C LEU B 242 13.50 -46.69 -22.35
N ASP B 243 13.99 -47.45 -21.39
CA ASP B 243 15.32 -48.01 -21.45
C ASP B 243 15.20 -49.36 -22.14
N ILE B 244 15.06 -49.34 -23.47
CA ILE B 244 14.93 -50.54 -24.26
C ILE B 244 15.98 -51.57 -23.96
N GLU B 245 17.24 -51.13 -23.95
CA GLU B 245 18.37 -52.02 -23.70
C GLU B 245 18.17 -52.89 -22.45
N THR B 246 17.88 -52.28 -21.32
CA THR B 246 17.68 -53.03 -20.09
C THR B 246 16.44 -53.92 -20.19
N ILE B 247 15.38 -53.42 -20.83
CA ILE B 247 14.14 -54.19 -20.98
C ILE B 247 14.33 -55.49 -21.77
N ILE B 248 14.77 -55.36 -23.02
CA ILE B 248 14.96 -56.52 -23.89
C ILE B 248 16.04 -57.47 -23.36
N GLY B 249 17.07 -56.92 -22.73
CA GLY B 249 18.12 -57.76 -22.18
C GLY B 249 17.57 -58.71 -21.13
N SER B 250 16.70 -58.20 -20.26
CA SER B 250 16.08 -59.03 -19.22
C SER B 250 15.16 -60.04 -19.87
N VAL B 251 14.47 -59.61 -20.93
CA VAL B 251 13.54 -60.46 -21.64
C VAL B 251 14.23 -61.57 -22.43
N GLU B 252 15.29 -61.22 -23.16
CA GLU B 252 16.03 -62.20 -23.95
C GLU B 252 16.56 -63.31 -23.06
N LYS B 253 16.70 -62.99 -21.78
CA LYS B 253 17.20 -63.92 -20.78
C LYS B 253 16.10 -64.75 -20.12
N THR B 254 14.97 -64.12 -19.79
CA THR B 254 13.87 -64.82 -19.15
C THR B 254 12.97 -65.54 -20.13
N GLY B 255 12.72 -64.92 -21.27
CA GLY B 255 11.86 -65.52 -22.27
C GLY B 255 10.38 -65.29 -21.99
N ARG B 256 10.08 -64.75 -20.81
CA ARG B 256 8.70 -64.46 -20.41
C ARG B 256 8.64 -63.10 -19.72
N ALA B 257 7.49 -62.41 -19.83
CA ALA B 257 7.36 -61.09 -19.21
C ALA B 257 5.93 -60.56 -19.01
N ILE B 258 5.81 -59.55 -18.15
CA ILE B 258 4.56 -58.85 -17.87
C ILE B 258 4.86 -57.41 -17.50
N VAL B 259 4.01 -56.48 -17.91
CA VAL B 259 4.19 -55.09 -17.57
C VAL B 259 3.11 -54.76 -16.53
N VAL B 260 3.49 -54.04 -15.49
CA VAL B 260 2.58 -53.72 -14.39
C VAL B 260 2.46 -52.23 -14.10
N GLN B 261 1.26 -51.68 -14.26
CA GLN B 261 1.03 -50.26 -13.99
C GLN B 261 -0.21 -50.03 -13.15
N GLU B 262 -0.32 -48.84 -12.58
CA GLU B 262 -1.45 -48.46 -11.72
C GLU B 262 -2.57 -47.82 -12.55
N ALA B 263 -2.20 -47.31 -13.70
CA ALA B 263 -3.16 -46.66 -14.60
C ALA B 263 -4.12 -47.69 -15.17
N GLN B 264 -5.16 -47.19 -15.82
CA GLN B 264 -6.14 -48.08 -16.43
C GLN B 264 -5.44 -48.74 -17.61
N ARG B 265 -5.88 -49.95 -17.95
CA ARG B 265 -5.28 -50.69 -19.05
C ARG B 265 -5.18 -49.84 -20.32
N GLN B 266 -6.24 -49.12 -20.62
CA GLN B 266 -6.27 -48.30 -21.82
C GLN B 266 -5.42 -47.06 -21.71
N ALA B 267 -4.77 -46.88 -20.56
CA ALA B 267 -3.92 -45.73 -20.33
C ALA B 267 -2.51 -46.15 -19.99
N GLY B 268 -1.82 -45.32 -19.21
CA GLY B 268 -0.45 -45.65 -18.81
C GLY B 268 0.47 -45.84 -20.00
N ILE B 269 1.53 -46.62 -19.81
CA ILE B 269 2.49 -46.88 -20.88
C ILE B 269 2.81 -48.36 -21.02
N ALA B 270 1.99 -49.22 -20.42
CA ALA B 270 2.23 -50.66 -20.52
C ALA B 270 2.14 -51.14 -21.95
N ALA B 271 1.19 -50.60 -22.70
CA ALA B 271 0.99 -51.00 -24.08
C ALA B 271 2.20 -50.72 -24.96
N ASN B 272 2.94 -49.66 -24.66
CA ASN B 272 4.11 -49.33 -25.46
C ASN B 272 5.28 -50.25 -25.17
N VAL B 273 5.41 -50.65 -23.91
CA VAL B 273 6.49 -51.55 -23.52
C VAL B 273 6.26 -52.89 -24.22
N VAL B 274 5.03 -53.38 -24.16
CA VAL B 274 4.69 -54.64 -24.80
C VAL B 274 5.07 -54.58 -26.27
N ALA B 275 4.65 -53.52 -26.95
CA ALA B 275 4.96 -53.34 -28.36
C ALA B 275 6.48 -53.39 -28.65
N GLU B 276 7.27 -52.68 -27.84
CA GLU B 276 8.73 -52.67 -28.02
C GLU B 276 9.31 -54.06 -27.85
N ILE B 277 8.78 -54.83 -26.91
CA ILE B 277 9.27 -56.18 -26.69
C ILE B 277 8.87 -57.04 -27.89
N ASN B 278 7.62 -56.89 -28.33
CA ASN B 278 7.14 -57.68 -29.45
C ASN B 278 7.91 -57.49 -30.74
N GLU B 279 8.54 -56.32 -30.93
CA GLU B 279 9.29 -56.11 -32.15
C GLU B 279 10.79 -56.28 -32.03
N ARG B 280 11.29 -56.44 -30.80
CA ARG B 280 12.73 -56.61 -30.59
C ARG B 280 13.12 -57.97 -30.03
N ALA B 281 12.18 -58.65 -29.37
CA ALA B 281 12.49 -59.95 -28.77
C ALA B 281 11.37 -60.98 -28.89
N ILE B 282 10.62 -60.93 -29.99
CA ILE B 282 9.54 -61.88 -30.18
C ILE B 282 10.14 -63.28 -30.30
N LEU B 283 11.35 -63.35 -30.83
CA LEU B 283 12.02 -64.63 -31.02
C LEU B 283 12.58 -65.22 -29.72
N SER B 284 12.22 -64.65 -28.59
CA SER B 284 12.69 -65.15 -27.31
C SER B 284 11.53 -65.45 -26.38
N LEU B 285 10.35 -64.94 -26.73
CA LEU B 285 9.17 -65.11 -25.89
C LEU B 285 8.49 -66.46 -25.93
N GLU B 286 8.43 -67.11 -24.77
CA GLU B 286 7.80 -68.42 -24.63
C GLU B 286 6.28 -68.22 -24.57
N ALA B 287 5.87 -67.07 -24.06
CA ALA B 287 4.45 -66.75 -23.95
C ALA B 287 4.23 -65.27 -24.22
N PRO B 288 2.96 -64.86 -24.37
CA PRO B 288 2.68 -63.45 -24.63
C PRO B 288 3.00 -62.61 -23.41
N VAL B 289 3.30 -61.33 -23.64
CA VAL B 289 3.58 -60.42 -22.54
C VAL B 289 2.21 -59.90 -22.07
N LEU B 290 1.84 -60.22 -20.84
CA LEU B 290 0.56 -59.77 -20.29
C LEU B 290 0.71 -58.53 -19.44
N ARG B 291 -0.34 -57.73 -19.37
CA ARG B 291 -0.30 -56.49 -18.61
C ARG B 291 -1.14 -56.50 -17.35
N VAL B 292 -0.60 -55.90 -16.28
CA VAL B 292 -1.33 -55.79 -15.02
C VAL B 292 -1.68 -54.32 -14.95
N ALA B 293 -2.98 -54.05 -14.99
CA ALA B 293 -3.45 -52.67 -14.95
C ALA B 293 -4.83 -52.59 -14.37
N ALA B 294 -5.25 -51.36 -14.08
CA ALA B 294 -6.55 -51.10 -13.50
C ALA B 294 -7.66 -51.20 -14.53
N PRO B 295 -8.89 -51.46 -14.06
CA PRO B 295 -10.05 -51.56 -14.94
C PRO B 295 -10.20 -50.25 -15.71
N ASP B 296 -10.84 -50.30 -16.86
CA ASP B 296 -11.03 -49.10 -17.65
C ASP B 296 -12.22 -48.25 -17.20
N THR B 297 -12.17 -47.77 -15.95
CA THR B 297 -13.22 -46.90 -15.43
C THR B 297 -12.52 -45.65 -14.91
N VAL B 298 -13.29 -44.60 -14.67
CA VAL B 298 -12.72 -43.37 -14.13
C VAL B 298 -12.06 -43.75 -12.81
N TYR B 299 -11.03 -43.00 -12.38
CA TYR B 299 -10.38 -43.35 -11.13
C TYR B 299 -11.47 -43.55 -10.07
N PRO B 300 -11.34 -44.61 -9.27
CA PRO B 300 -12.28 -45.00 -8.20
C PRO B 300 -12.60 -44.02 -7.11
N PHE B 301 -13.86 -44.01 -6.67
CA PHE B 301 -14.28 -43.17 -5.55
C PHE B 301 -13.39 -43.70 -4.42
N ALA B 302 -13.02 -42.83 -3.49
CA ALA B 302 -12.11 -43.22 -2.40
C ALA B 302 -12.27 -44.64 -1.85
N GLN B 303 -13.46 -44.94 -1.35
CA GLN B 303 -13.77 -46.24 -0.76
C GLN B 303 -13.48 -47.47 -1.60
N ALA B 304 -13.47 -47.31 -2.91
CA ALA B 304 -13.25 -48.43 -3.81
C ALA B 304 -11.81 -48.63 -4.27
N GLU B 305 -10.87 -47.90 -3.69
CA GLU B 305 -9.48 -48.03 -4.11
C GLU B 305 -8.95 -49.43 -3.88
N SER B 306 -9.33 -49.99 -2.73
CA SER B 306 -8.87 -51.31 -2.34
C SER B 306 -9.17 -52.39 -3.36
N VAL B 307 -10.43 -52.50 -3.76
CA VAL B 307 -10.83 -53.52 -4.73
C VAL B 307 -10.52 -53.15 -6.18
N TRP B 308 -10.13 -51.90 -6.42
CA TRP B 308 -9.86 -51.42 -7.77
C TRP B 308 -8.37 -51.31 -8.16
N LEU B 309 -7.53 -50.76 -7.28
CA LEU B 309 -6.11 -50.61 -7.58
C LEU B 309 -5.35 -51.94 -7.66
N PRO B 310 -4.50 -52.10 -8.69
CA PRO B 310 -3.75 -53.35 -8.78
C PRO B 310 -2.74 -53.48 -7.65
N ASN B 311 -2.60 -54.70 -7.13
CA ASN B 311 -1.68 -54.97 -6.02
C ASN B 311 -0.85 -56.24 -6.28
N PHE B 312 0.04 -56.57 -5.34
CA PHE B 312 0.90 -57.73 -5.49
C PHE B 312 0.16 -59.01 -5.87
N LYS B 313 -1.04 -59.19 -5.31
CA LYS B 313 -1.86 -60.36 -5.60
C LYS B 313 -2.18 -60.47 -7.08
N ASP B 314 -2.42 -59.32 -7.72
CA ASP B 314 -2.73 -59.30 -9.14
C ASP B 314 -1.47 -59.52 -9.96
N VAL B 315 -0.31 -59.15 -9.41
CA VAL B 315 0.95 -59.35 -10.12
C VAL B 315 1.29 -60.83 -10.02
N ILE B 316 1.02 -61.41 -8.86
CA ILE B 316 1.27 -62.83 -8.61
C ILE B 316 0.48 -63.64 -9.64
N GLU B 317 -0.83 -63.46 -9.60
CA GLU B 317 -1.76 -64.15 -10.47
C GLU B 317 -1.42 -64.05 -11.97
N THR B 318 -1.00 -62.88 -12.41
CA THR B 318 -0.65 -62.68 -13.82
C THR B 318 0.70 -63.31 -14.17
N ALA B 319 1.64 -63.26 -13.23
CA ALA B 319 2.95 -63.84 -13.43
C ALA B 319 2.75 -65.34 -13.61
N LYS B 320 1.85 -65.92 -12.83
CA LYS B 320 1.57 -67.34 -12.95
C LYS B 320 0.95 -67.68 -14.30
N LYS B 321 -0.07 -66.91 -14.69
CA LYS B 321 -0.76 -67.15 -15.95
C LYS B 321 0.23 -67.24 -17.11
N VAL B 322 1.21 -66.34 -17.12
CA VAL B 322 2.22 -66.32 -18.17
C VAL B 322 3.14 -67.52 -18.02
N MET B 323 3.39 -67.90 -16.77
CA MET B 323 4.26 -69.02 -16.44
C MET B 323 3.69 -70.35 -16.90
N ASN B 324 2.36 -70.48 -16.85
CA ASN B 324 1.70 -71.72 -17.25
C ASN B 324 0.98 -71.59 -18.58
N PHE B 325 1.51 -70.77 -19.47
CA PHE B 325 0.91 -70.58 -20.78
C PHE B 325 1.20 -71.79 -21.66
N THR C 5 6.60 15.28 -20.78
CA THR C 5 5.93 14.03 -21.21
C THR C 5 4.46 14.02 -20.77
N PHE C 6 3.62 13.28 -21.49
CA PHE C 6 2.20 13.18 -21.17
C PHE C 6 1.93 12.04 -20.19
N GLN C 7 0.89 12.21 -19.39
CA GLN C 7 0.53 11.21 -18.39
C GLN C 7 -0.97 10.88 -18.42
N PHE C 8 -1.29 9.58 -18.44
CA PHE C 8 -2.68 9.14 -18.45
C PHE C 8 -3.19 9.04 -17.01
N PRO C 9 -4.50 9.20 -16.81
CA PRO C 9 -5.07 9.12 -15.46
C PRO C 9 -5.25 7.66 -15.02
N PHE C 10 -4.15 6.94 -14.86
CA PHE C 10 -4.17 5.55 -14.45
C PHE C 10 -4.64 5.32 -13.02
N ALA C 11 -4.21 6.18 -12.11
CA ALA C 11 -4.60 6.04 -10.71
C ALA C 11 -6.07 6.39 -10.52
N GLU C 12 -6.57 7.33 -11.31
CA GLU C 12 -7.96 7.75 -11.22
C GLU C 12 -8.85 6.62 -11.69
N GLN C 13 -8.46 6.00 -12.80
CA GLN C 13 -9.21 4.90 -13.39
C GLN C 13 -9.40 3.77 -12.38
N LEU C 14 -8.30 3.40 -11.72
CA LEU C 14 -8.33 2.33 -10.74
C LEU C 14 -9.30 2.64 -9.59
N GLU C 15 -9.24 3.87 -9.09
CA GLU C 15 -10.10 4.30 -7.99
C GLU C 15 -11.54 4.42 -8.44
N LYS C 16 -11.77 5.21 -9.49
CA LYS C 16 -13.12 5.41 -9.99
C LYS C 16 -13.88 4.11 -10.27
N VAL C 17 -13.25 3.18 -10.97
CA VAL C 17 -13.91 1.92 -11.25
C VAL C 17 -14.23 1.17 -9.95
N ALA C 18 -13.24 1.01 -9.09
CA ALA C 18 -13.44 0.30 -7.83
C ALA C 18 -14.55 0.94 -7.01
N GLU C 19 -14.66 2.26 -7.10
CA GLU C 19 -15.68 2.99 -6.38
C GLU C 19 -17.07 2.50 -6.76
N GLN C 20 -17.17 1.89 -7.94
CA GLN C 20 -18.47 1.39 -8.40
C GLN C 20 -18.87 0.08 -7.74
N PHE C 21 -18.05 -0.40 -6.80
CA PHE C 21 -18.35 -1.64 -6.11
C PHE C 21 -18.18 -1.51 -4.60
N PRO C 22 -18.93 -0.59 -3.98
CA PRO C 22 -18.87 -0.38 -2.54
C PRO C 22 -19.52 -1.59 -1.87
N THR C 23 -19.12 -1.89 -0.63
CA THR C 23 -19.68 -3.04 0.07
C THR C 23 -21.14 -2.82 0.51
N PHE C 24 -22.02 -3.60 -0.09
CA PHE C 24 -23.46 -3.56 0.20
C PHE C 24 -23.72 -4.25 1.53
N GLN C 25 -24.39 -3.55 2.45
CA GLN C 25 -24.70 -4.12 3.77
C GLN C 25 -26.07 -3.72 4.26
N ILE C 26 -26.64 -4.52 5.15
CA ILE C 26 -27.95 -4.23 5.71
C ILE C 26 -27.95 -4.36 7.23
N LEU C 27 -27.31 -5.42 7.71
CA LEU C 27 -27.22 -5.67 9.14
C LEU C 27 -25.76 -5.60 9.58
N ASN C 28 -25.46 -4.74 10.55
CA ASN C 28 -24.09 -4.62 11.04
C ASN C 28 -23.86 -5.59 12.19
N GLU C 29 -22.63 -5.65 12.67
CA GLU C 29 -22.23 -6.54 13.76
C GLU C 29 -23.19 -6.64 14.96
N GLU C 30 -23.81 -5.53 15.34
CA GLU C 30 -24.72 -5.54 16.49
C GLU C 30 -26.16 -5.90 16.13
N GLY C 31 -26.42 -6.20 14.87
CA GLY C 31 -27.77 -6.55 14.46
C GLY C 31 -28.63 -5.32 14.23
N GLU C 32 -27.98 -4.21 13.91
CA GLU C 32 -28.69 -2.95 13.67
C GLU C 32 -28.88 -2.74 12.18
N VAL C 33 -30.12 -2.51 11.77
CA VAL C 33 -30.39 -2.26 10.36
C VAL C 33 -29.70 -0.95 9.99
N VAL C 34 -29.01 -0.92 8.85
CA VAL C 34 -28.33 0.28 8.41
C VAL C 34 -28.72 0.67 7.00
N ASN C 35 -29.43 -0.21 6.30
CA ASN C 35 -29.89 0.05 4.94
C ASN C 35 -31.39 -0.28 4.89
N GLU C 36 -32.20 0.55 5.53
CA GLU C 36 -33.64 0.37 5.60
C GLU C 36 -34.30 0.10 4.25
N GLU C 37 -34.01 0.95 3.27
CA GLU C 37 -34.60 0.80 1.94
C GLU C 37 -34.27 -0.52 1.26
N ALA C 38 -33.08 -1.06 1.53
CA ALA C 38 -32.68 -2.33 0.91
C ALA C 38 -33.33 -3.52 1.60
N MET C 39 -33.76 -3.31 2.84
CA MET C 39 -34.40 -4.35 3.63
C MET C 39 -35.27 -5.27 2.79
N PRO C 40 -34.84 -6.53 2.61
CA PRO C 40 -35.63 -7.48 1.82
C PRO C 40 -36.97 -7.75 2.49
N GLU C 41 -37.95 -8.17 1.72
CA GLU C 41 -39.26 -8.43 2.29
C GLU C 41 -39.42 -9.89 2.66
N LEU C 42 -39.23 -10.18 3.95
CA LEU C 42 -39.33 -11.53 4.46
C LEU C 42 -40.25 -11.56 5.68
N SER C 43 -41.08 -12.59 5.75
CA SER C 43 -42.01 -12.76 6.87
C SER C 43 -41.28 -13.24 8.12
N ASP C 44 -41.95 -13.15 9.28
CA ASP C 44 -41.34 -13.59 10.53
C ASP C 44 -40.95 -15.05 10.43
N GLU C 45 -41.85 -15.86 9.86
CA GLU C 45 -41.57 -17.29 9.74
C GLU C 45 -40.39 -17.52 8.81
N GLN C 46 -40.26 -16.70 7.77
CA GLN C 46 -39.14 -16.86 6.85
C GLN C 46 -37.82 -16.49 7.52
N LEU C 47 -37.82 -15.42 8.30
CA LEU C 47 -36.59 -15.01 8.97
C LEU C 47 -36.15 -16.07 9.97
N LYS C 48 -37.12 -16.70 10.63
CA LYS C 48 -36.83 -17.73 11.62
C LYS C 48 -36.26 -18.97 10.98
N GLU C 49 -36.76 -19.33 9.80
CA GLU C 49 -36.29 -20.50 9.07
C GLU C 49 -34.86 -20.26 8.63
N LEU C 50 -34.57 -19.04 8.20
CA LEU C 50 -33.24 -18.66 7.75
C LEU C 50 -32.26 -18.81 8.91
N MET C 51 -32.67 -18.40 10.10
CA MET C 51 -31.82 -18.54 11.27
C MET C 51 -31.65 -20.03 11.54
N ARG C 52 -32.78 -20.75 11.57
CA ARG C 52 -32.75 -22.17 11.82
C ARG C 52 -31.73 -22.90 10.95
N ARG C 53 -31.74 -22.61 9.64
CA ARG C 53 -30.81 -23.26 8.72
C ARG C 53 -29.35 -22.89 8.98
N MET C 54 -29.08 -21.63 9.30
CA MET C 54 -27.71 -21.22 9.57
C MET C 54 -27.16 -21.86 10.85
N VAL C 55 -27.99 -21.94 11.88
CA VAL C 55 -27.60 -22.54 13.14
C VAL C 55 -27.35 -24.03 12.88
N TYR C 56 -28.22 -24.62 12.09
CA TYR C 56 -28.14 -26.04 11.73
C TYR C 56 -26.85 -26.34 10.94
N THR C 57 -26.47 -25.44 10.04
CA THR C 57 -25.27 -25.62 9.24
C THR C 57 -24.01 -25.53 10.10
N ARG C 58 -24.07 -24.68 11.12
CA ARG C 58 -22.95 -24.50 12.03
C ARG C 58 -22.67 -25.81 12.74
N ILE C 59 -23.73 -26.41 13.27
CA ILE C 59 -23.60 -27.67 13.98
C ILE C 59 -23.10 -28.76 13.03
N LEU C 60 -23.53 -28.69 11.77
CA LEU C 60 -23.11 -29.68 10.77
C LEU C 60 -21.61 -29.59 10.54
N ASP C 61 -21.09 -28.37 10.51
CA ASP C 61 -19.65 -28.20 10.31
C ASP C 61 -18.93 -28.71 11.54
N GLN C 62 -19.46 -28.37 12.71
CA GLN C 62 -18.86 -28.80 13.97
C GLN C 62 -18.85 -30.33 14.09
N ARG C 63 -19.93 -30.97 13.65
CA ARG C 63 -19.99 -32.42 13.71
C ARG C 63 -19.11 -33.03 12.62
N SER C 64 -19.20 -32.48 11.41
CA SER C 64 -18.39 -32.97 10.28
C SER C 64 -16.90 -33.00 10.60
N ILE C 65 -16.39 -31.90 11.12
CA ILE C 65 -14.98 -31.83 11.47
C ILE C 65 -14.66 -32.97 12.42
N SER C 66 -15.57 -33.18 13.36
CA SER C 66 -15.43 -34.24 14.35
C SER C 66 -15.39 -35.64 13.74
N LEU C 67 -16.41 -35.98 12.95
CA LEU C 67 -16.47 -37.30 12.32
C LEU C 67 -15.26 -37.51 11.41
N ASN C 68 -14.80 -36.45 10.76
CA ASN C 68 -13.65 -36.55 9.89
C ASN C 68 -12.40 -36.95 10.67
N ARG C 69 -12.33 -36.56 11.94
CA ARG C 69 -11.18 -36.90 12.78
C ARG C 69 -11.24 -38.35 13.23
N GLN C 70 -12.46 -38.85 13.41
CA GLN C 70 -12.66 -40.23 13.85
C GLN C 70 -12.52 -41.18 12.66
N GLY C 71 -12.34 -40.61 11.47
CA GLY C 71 -12.21 -41.43 10.27
C GLY C 71 -13.55 -41.83 9.69
N ARG C 72 -14.64 -41.42 10.32
CA ARG C 72 -15.98 -41.76 9.84
C ARG C 72 -16.42 -40.88 8.67
N LEU C 73 -15.56 -39.94 8.31
CA LEU C 73 -15.80 -39.03 7.20
C LEU C 73 -14.47 -38.85 6.49
N GLY C 74 -14.51 -38.66 5.18
CA GLY C 74 -13.27 -38.47 4.44
C GLY C 74 -13.06 -37.00 4.12
N PHE C 75 -12.81 -36.72 2.86
CA PHE C 75 -12.57 -35.35 2.43
C PHE C 75 -13.69 -34.47 2.97
N TYR C 76 -13.32 -33.32 3.51
CA TYR C 76 -14.29 -32.37 4.05
C TYR C 76 -13.70 -30.98 4.13
N ALA C 77 -14.44 -30.01 3.60
CA ALA C 77 -13.99 -28.63 3.64
C ALA C 77 -14.90 -27.86 4.59
N PRO C 78 -14.34 -27.39 5.73
CA PRO C 78 -15.13 -26.64 6.73
C PRO C 78 -15.92 -25.47 6.15
N THR C 79 -17.04 -25.15 6.80
CA THR C 79 -17.90 -24.09 6.32
C THR C 79 -18.30 -23.10 7.40
N ALA C 80 -17.82 -23.33 8.62
CA ALA C 80 -18.14 -22.46 9.75
C ALA C 80 -17.73 -21.03 9.48
N GLY C 81 -18.69 -20.12 9.58
CA GLY C 81 -18.39 -18.72 9.34
C GLY C 81 -18.97 -18.22 8.02
N GLN C 82 -19.29 -19.14 7.13
CA GLN C 82 -19.83 -18.76 5.82
C GLN C 82 -21.32 -18.99 5.70
N GLU C 83 -22.01 -19.22 6.82
CA GLU C 83 -23.44 -19.48 6.78
C GLU C 83 -24.25 -18.48 5.97
N ALA C 84 -24.07 -17.19 6.25
CA ALA C 84 -24.79 -16.16 5.52
C ALA C 84 -24.51 -16.21 4.02
N SER C 85 -23.26 -16.43 3.64
CA SER C 85 -22.88 -16.48 2.24
C SER C 85 -23.50 -17.70 1.56
N GLN C 86 -23.36 -18.86 2.21
CA GLN C 86 -23.88 -20.10 1.66
C GLN C 86 -25.39 -20.30 1.84
N ILE C 87 -25.89 -20.09 3.05
CA ILE C 87 -27.31 -20.31 3.35
C ILE C 87 -28.29 -19.24 2.92
N ALA C 88 -27.93 -17.99 3.17
CA ALA C 88 -28.81 -16.88 2.82
C ALA C 88 -28.96 -16.76 1.31
N SER C 89 -27.89 -17.05 0.58
CA SER C 89 -27.96 -16.96 -0.87
C SER C 89 -28.85 -18.08 -1.38
N HIS C 90 -28.75 -19.27 -0.79
CA HIS C 90 -29.59 -20.38 -1.23
C HIS C 90 -31.06 -20.13 -0.89
N PHE C 91 -31.29 -19.36 0.17
CA PHE C 91 -32.64 -19.05 0.60
C PHE C 91 -33.37 -18.21 -0.43
N ALA C 92 -32.62 -17.63 -1.36
CA ALA C 92 -33.21 -16.78 -2.40
C ALA C 92 -33.61 -17.57 -3.62
N LEU C 93 -33.22 -18.84 -3.65
CA LEU C 93 -33.54 -19.68 -4.80
C LEU C 93 -34.86 -20.38 -4.72
N GLU C 94 -35.28 -20.90 -5.87
CA GLU C 94 -36.51 -21.65 -6.00
C GLU C 94 -36.08 -23.06 -6.34
N LYS C 95 -36.95 -24.04 -6.09
CA LYS C 95 -36.64 -25.44 -6.36
C LYS C 95 -36.23 -25.65 -7.83
N GLU C 96 -36.80 -24.85 -8.72
CA GLU C 96 -36.50 -24.97 -10.14
C GLU C 96 -35.08 -24.56 -10.50
N ASP C 97 -34.44 -23.76 -9.67
CA ASP C 97 -33.07 -23.32 -9.94
C ASP C 97 -32.05 -24.45 -9.89
N PHE C 98 -31.01 -24.36 -10.72
CA PHE C 98 -29.95 -25.37 -10.80
C PHE C 98 -28.70 -24.85 -10.12
N ILE C 99 -28.13 -25.65 -9.21
CA ILE C 99 -26.94 -25.26 -8.46
C ILE C 99 -25.70 -26.09 -8.85
N LEU C 100 -24.57 -25.42 -9.08
CA LEU C 100 -23.32 -26.11 -9.40
C LEU C 100 -22.30 -25.67 -8.36
N PRO C 101 -22.23 -26.42 -7.25
CA PRO C 101 -21.33 -26.18 -6.11
C PRO C 101 -19.86 -26.48 -6.32
N GLY C 102 -19.07 -26.00 -5.37
CA GLY C 102 -17.64 -26.23 -5.34
C GLY C 102 -17.43 -27.23 -4.23
N TYR C 103 -16.21 -27.72 -4.06
CA TYR C 103 -15.92 -28.72 -3.03
C TYR C 103 -16.33 -28.31 -1.60
N ARG C 104 -16.61 -27.03 -1.39
CA ARG C 104 -16.99 -26.53 -0.07
C ARG C 104 -18.47 -26.18 0.05
N ASP C 105 -19.22 -26.30 -1.04
CA ASP C 105 -20.63 -25.93 -1.02
C ASP C 105 -21.63 -27.07 -0.91
N VAL C 106 -21.34 -28.02 -0.03
CA VAL C 106 -22.21 -29.15 0.21
C VAL C 106 -23.52 -28.65 0.84
N PRO C 107 -23.43 -27.73 1.83
CA PRO C 107 -24.62 -27.20 2.49
C PRO C 107 -25.71 -26.75 1.53
N GLN C 108 -25.33 -25.92 0.55
CA GLN C 108 -26.28 -25.42 -0.45
C GLN C 108 -27.04 -26.53 -1.15
N ILE C 109 -26.32 -27.52 -1.66
CA ILE C 109 -26.98 -28.61 -2.36
C ILE C 109 -27.76 -29.47 -1.38
N ILE C 110 -27.37 -29.46 -0.10
CA ILE C 110 -28.09 -30.23 0.92
C ILE C 110 -29.47 -29.61 1.13
N TRP C 111 -29.49 -28.30 1.35
CA TRP C 111 -30.74 -27.58 1.56
C TRP C 111 -31.60 -27.53 0.31
N HIS C 112 -31.01 -27.78 -0.84
CA HIS C 112 -31.75 -27.77 -2.10
C HIS C 112 -32.43 -29.10 -2.37
N GLY C 113 -32.16 -30.08 -1.49
CA GLY C 113 -32.79 -31.38 -1.66
C GLY C 113 -31.91 -32.62 -1.53
N LEU C 114 -30.58 -32.46 -1.52
CA LEU C 114 -29.72 -33.62 -1.41
C LEU C 114 -29.74 -34.14 0.03
N PRO C 115 -30.10 -35.43 0.22
CA PRO C 115 -30.15 -36.02 1.55
C PRO C 115 -28.81 -35.89 2.28
N LEU C 116 -28.88 -35.63 3.57
CA LEU C 116 -27.67 -35.48 4.36
C LEU C 116 -26.73 -36.67 4.24
N TYR C 117 -27.27 -37.88 4.30
CA TYR C 117 -26.44 -39.07 4.24
C TYR C 117 -25.68 -39.23 2.91
N GLN C 118 -26.22 -38.68 1.82
CA GLN C 118 -25.53 -38.79 0.54
C GLN C 118 -24.40 -37.76 0.55
N ALA C 119 -24.60 -36.66 1.27
CA ALA C 119 -23.57 -35.65 1.38
C ALA C 119 -22.39 -36.28 2.14
N PHE C 120 -22.69 -37.12 3.13
CA PHE C 120 -21.64 -37.78 3.88
C PHE C 120 -20.98 -38.85 3.01
N LEU C 121 -21.79 -39.51 2.18
CA LEU C 121 -21.25 -40.53 1.28
C LEU C 121 -20.29 -39.85 0.31
N PHE C 122 -20.60 -38.60 -0.02
CA PHE C 122 -19.75 -37.86 -0.94
C PHE C 122 -18.38 -37.70 -0.32
N SER C 123 -18.36 -37.39 0.97
CA SER C 123 -17.13 -37.21 1.72
C SER C 123 -16.32 -38.50 1.75
N ARG C 124 -17.01 -39.60 2.05
CA ARG C 124 -16.39 -40.92 2.14
C ARG C 124 -15.82 -41.40 0.81
N GLY C 125 -16.38 -40.88 -0.28
CA GLY C 125 -15.92 -41.28 -1.59
C GLY C 125 -16.66 -42.52 -2.03
N HIS C 126 -17.97 -42.39 -2.25
CA HIS C 126 -18.82 -43.49 -2.69
C HIS C 126 -19.79 -42.97 -3.75
N PHE C 127 -19.89 -43.69 -4.86
CA PHE C 127 -20.74 -43.22 -5.94
C PHE C 127 -22.20 -42.91 -5.58
N HIS C 128 -22.82 -43.66 -4.68
CA HIS C 128 -24.21 -43.37 -4.33
C HIS C 128 -24.35 -41.97 -3.70
N GLY C 129 -23.22 -41.41 -3.29
CA GLY C 129 -23.25 -40.09 -2.70
C GLY C 129 -23.61 -39.04 -3.74
N ASN C 130 -23.35 -39.34 -5.00
CA ASN C 130 -23.62 -38.39 -6.08
C ASN C 130 -24.84 -38.72 -6.93
N GLN C 131 -25.62 -39.69 -6.51
CA GLN C 131 -26.82 -40.02 -7.27
C GLN C 131 -27.92 -39.10 -6.77
N ILE C 132 -27.83 -37.85 -7.22
CA ILE C 132 -28.79 -36.82 -6.83
C ILE C 132 -30.20 -37.27 -7.13
N PRO C 133 -31.14 -37.04 -6.20
CA PRO C 133 -32.52 -37.47 -6.45
C PRO C 133 -33.03 -36.75 -7.68
N GLU C 134 -33.77 -37.45 -8.52
CA GLU C 134 -34.33 -36.81 -9.71
C GLU C 134 -35.21 -35.65 -9.24
N GLY C 135 -35.15 -34.54 -9.95
CA GLY C 135 -35.93 -33.38 -9.56
C GLY C 135 -35.14 -32.42 -8.71
N VAL C 136 -34.11 -32.91 -8.03
CA VAL C 136 -33.28 -32.05 -7.22
C VAL C 136 -32.20 -31.53 -8.18
N ASN C 137 -32.27 -30.24 -8.50
CA ASN C 137 -31.37 -29.65 -9.47
C ASN C 137 -30.01 -29.21 -8.99
N VAL C 138 -29.14 -30.19 -8.77
CA VAL C 138 -27.80 -29.93 -8.31
C VAL C 138 -26.84 -30.94 -8.94
N LEU C 139 -25.55 -30.64 -8.88
CA LEU C 139 -24.50 -31.51 -9.39
C LEU C 139 -23.64 -31.82 -8.17
N PRO C 140 -22.79 -32.85 -8.26
CA PRO C 140 -21.93 -33.16 -7.12
C PRO C 140 -20.92 -32.02 -6.98
N PRO C 141 -20.42 -31.78 -5.77
CA PRO C 141 -19.44 -30.70 -5.59
C PRO C 141 -18.29 -30.81 -6.60
N GLN C 142 -17.95 -29.70 -7.25
CA GLN C 142 -16.88 -29.71 -8.25
C GLN C 142 -15.49 -29.56 -7.64
N ILE C 143 -14.60 -30.49 -7.97
CA ILE C 143 -13.26 -30.47 -7.43
C ILE C 143 -12.27 -29.62 -8.26
N ILE C 144 -12.48 -29.55 -9.56
CA ILE C 144 -11.59 -28.75 -10.40
C ILE C 144 -12.01 -27.29 -10.32
N ILE C 145 -11.30 -26.52 -9.49
CA ILE C 145 -11.61 -25.11 -9.32
C ILE C 145 -11.77 -24.35 -10.62
N GLY C 146 -12.98 -23.90 -10.88
CA GLY C 146 -13.23 -23.13 -12.10
C GLY C 146 -14.14 -23.80 -13.10
N ALA C 147 -14.19 -25.13 -13.08
CA ALA C 147 -15.00 -25.87 -14.03
C ALA C 147 -16.49 -25.60 -13.86
N GLN C 148 -16.94 -25.38 -12.63
CA GLN C 148 -18.36 -25.15 -12.39
C GLN C 148 -18.85 -23.85 -13.05
N TYR C 149 -17.92 -22.92 -13.30
CA TYR C 149 -18.27 -21.66 -13.93
C TYR C 149 -18.64 -21.77 -15.39
N ILE C 150 -17.79 -22.40 -16.21
CA ILE C 150 -18.11 -22.52 -17.61
C ILE C 150 -19.30 -23.46 -17.79
N GLN C 151 -19.47 -24.39 -16.85
CA GLN C 151 -20.59 -25.32 -16.90
C GLN C 151 -21.90 -24.57 -16.57
N ALA C 152 -21.82 -23.64 -15.62
CA ALA C 152 -22.98 -22.85 -15.21
C ALA C 152 -23.53 -22.08 -16.38
N ALA C 153 -22.65 -21.50 -17.18
CA ALA C 153 -23.10 -20.75 -18.34
C ALA C 153 -23.96 -21.63 -19.23
N GLY C 154 -23.55 -22.89 -19.39
CA GLY C 154 -24.29 -23.81 -20.22
C GLY C 154 -25.66 -24.10 -19.64
N VAL C 155 -25.70 -24.41 -18.35
CA VAL C 155 -26.96 -24.70 -17.70
C VAL C 155 -27.91 -23.53 -17.93
N ALA C 156 -27.42 -22.33 -17.69
CA ALA C 156 -28.22 -21.13 -17.88
C ALA C 156 -28.75 -21.01 -19.30
N LEU C 157 -27.86 -21.09 -20.29
CA LEU C 157 -28.29 -21.02 -21.69
C LEU C 157 -29.36 -22.08 -21.92
N GLY C 158 -29.17 -23.25 -21.30
CA GLY C 158 -30.13 -24.33 -21.44
C GLY C 158 -31.51 -23.96 -20.92
N LEU C 159 -31.56 -23.32 -19.75
CA LEU C 159 -32.82 -22.90 -19.15
C LEU C 159 -33.51 -21.84 -20.02
N LYS C 160 -32.71 -20.90 -20.51
CA LYS C 160 -33.22 -19.84 -21.37
C LYS C 160 -33.85 -20.49 -22.57
N MET C 161 -33.10 -21.40 -23.18
CA MET C 161 -33.54 -22.09 -24.37
C MET C 161 -34.87 -22.80 -24.18
N ARG C 162 -35.10 -23.38 -23.00
CA ARG C 162 -36.36 -24.07 -22.76
C ARG C 162 -37.41 -23.13 -22.20
N GLY C 163 -37.06 -21.86 -22.10
CA GLY C 163 -38.00 -20.86 -21.61
C GLY C 163 -38.39 -20.97 -20.14
N LYS C 164 -37.64 -21.74 -19.37
CA LYS C 164 -37.94 -21.88 -17.95
C LYS C 164 -37.57 -20.61 -17.20
N LYS C 165 -38.44 -20.18 -16.29
CA LYS C 165 -38.17 -18.98 -15.52
C LYS C 165 -37.40 -19.34 -14.26
N ALA C 166 -36.17 -19.82 -14.44
CA ALA C 166 -35.30 -20.20 -13.34
C ALA C 166 -33.88 -19.75 -13.62
N VAL C 167 -32.97 -20.01 -12.68
CA VAL C 167 -31.58 -19.61 -12.88
C VAL C 167 -30.61 -20.72 -12.56
N ALA C 168 -29.34 -20.46 -12.84
CA ALA C 168 -28.27 -21.41 -12.54
C ALA C 168 -27.37 -20.65 -11.61
N ILE C 169 -27.12 -21.22 -10.42
CA ILE C 169 -26.27 -20.57 -9.44
C ILE C 169 -25.06 -21.43 -9.16
N THR C 170 -23.89 -20.81 -9.15
CA THR C 170 -22.64 -21.53 -8.92
C THR C 170 -21.74 -20.75 -7.98
N TYR C 171 -20.86 -21.44 -7.27
CA TYR C 171 -19.95 -20.79 -6.33
C TYR C 171 -18.48 -21.18 -6.50
N THR C 172 -17.60 -20.26 -6.10
CA THR C 172 -16.15 -20.47 -6.11
C THR C 172 -15.54 -19.52 -5.08
N GLY C 173 -14.27 -19.74 -4.72
CA GLY C 173 -13.63 -18.89 -3.74
C GLY C 173 -12.83 -17.74 -4.32
N ASP C 174 -12.10 -17.04 -3.47
CA ASP C 174 -11.30 -15.93 -3.94
C ASP C 174 -10.19 -16.39 -4.87
N GLY C 175 -9.51 -17.47 -4.52
CA GLY C 175 -8.44 -17.95 -5.39
C GLY C 175 -8.96 -18.40 -6.75
N GLY C 176 -10.18 -18.94 -6.75
CA GLY C 176 -10.77 -19.43 -7.99
C GLY C 176 -11.00 -18.36 -9.03
N THR C 177 -11.04 -17.10 -8.59
CA THR C 177 -11.26 -16.01 -9.52
C THR C 177 -10.04 -15.79 -10.43
N SER C 178 -8.96 -16.54 -10.21
CA SER C 178 -7.75 -16.36 -11.04
C SER C 178 -7.72 -17.35 -12.18
N GLN C 179 -8.67 -18.28 -12.16
CA GLN C 179 -8.77 -19.30 -13.19
C GLN C 179 -9.37 -18.82 -14.50
N GLY C 180 -8.89 -19.38 -15.60
CA GLY C 180 -9.40 -19.00 -16.91
C GLY C 180 -10.85 -19.40 -17.04
N ASP C 181 -11.20 -20.54 -16.47
CA ASP C 181 -12.57 -21.02 -16.56
C ASP C 181 -13.50 -20.07 -15.81
N PHE C 182 -12.97 -19.38 -14.81
CA PHE C 182 -13.76 -18.42 -14.05
C PHE C 182 -14.20 -17.30 -14.97
N TYR C 183 -13.24 -16.76 -15.71
CA TYR C 183 -13.48 -15.67 -16.64
C TYR C 183 -14.30 -16.11 -17.84
N GLU C 184 -13.96 -17.25 -18.43
CA GLU C 184 -14.71 -17.72 -19.59
C GLU C 184 -16.18 -17.96 -19.26
N GLY C 185 -16.42 -18.44 -18.03
CA GLY C 185 -17.78 -18.73 -17.60
C GLY C 185 -18.67 -17.51 -17.52
N ILE C 186 -18.17 -16.41 -16.96
CA ILE C 186 -19.01 -15.22 -16.85
C ILE C 186 -19.06 -14.45 -18.15
N ASN C 187 -18.03 -14.59 -19.00
CA ASN C 187 -18.03 -13.88 -20.29
C ASN C 187 -19.01 -14.53 -21.25
N PHE C 188 -19.12 -15.86 -21.18
CA PHE C 188 -20.05 -16.61 -22.02
C PHE C 188 -21.49 -16.31 -21.62
N ALA C 189 -21.79 -16.46 -20.32
CA ALA C 189 -23.14 -16.19 -19.81
C ALA C 189 -23.57 -14.80 -20.23
N GLY C 190 -22.65 -13.84 -20.04
CA GLY C 190 -22.96 -12.47 -20.43
C GLY C 190 -23.14 -12.38 -21.93
N ALA C 191 -22.25 -12.98 -22.70
CA ALA C 191 -22.36 -12.93 -24.16
C ALA C 191 -23.68 -13.56 -24.66
N PHE C 192 -24.16 -14.57 -23.93
CA PHE C 192 -25.41 -15.23 -24.29
C PHE C 192 -26.58 -14.67 -23.48
N LYS C 193 -26.32 -13.68 -22.64
CA LYS C 193 -27.38 -13.08 -21.85
C LYS C 193 -28.15 -14.19 -21.12
N ALA C 194 -27.42 -15.16 -20.59
CA ALA C 194 -28.01 -16.30 -19.90
C ALA C 194 -28.29 -16.06 -18.42
N PRO C 195 -29.39 -16.64 -17.90
CA PRO C 195 -29.79 -16.51 -16.50
C PRO C 195 -28.89 -17.24 -15.52
N ALA C 196 -27.73 -16.66 -15.23
CA ALA C 196 -26.80 -17.27 -14.28
C ALA C 196 -26.45 -16.28 -13.17
N ILE C 197 -26.23 -16.81 -11.98
CA ILE C 197 -25.83 -15.99 -10.83
C ILE C 197 -24.53 -16.59 -10.38
N PHE C 198 -23.44 -15.84 -10.55
CA PHE C 198 -22.12 -16.30 -10.17
C PHE C 198 -21.74 -15.70 -8.81
N VAL C 199 -21.44 -16.56 -7.85
CA VAL C 199 -21.06 -16.08 -6.54
C VAL C 199 -19.60 -16.36 -6.26
N VAL C 200 -18.93 -15.42 -5.60
CA VAL C 200 -17.54 -15.60 -5.22
C VAL C 200 -17.49 -15.36 -3.72
N GLN C 201 -17.11 -16.40 -2.98
CA GLN C 201 -17.03 -16.27 -1.54
C GLN C 201 -15.59 -15.98 -1.20
N ASN C 202 -15.35 -14.76 -0.75
CA ASN C 202 -14.02 -14.29 -0.41
C ASN C 202 -13.74 -14.46 1.07
N ASN C 203 -12.89 -15.42 1.41
CA ASN C 203 -12.52 -15.65 2.79
C ASN C 203 -11.08 -15.19 3.01
N ARG C 204 -10.58 -14.43 2.04
CA ARG C 204 -9.23 -13.86 2.06
C ARG C 204 -8.14 -14.90 1.83
N PHE C 205 -8.54 -16.15 1.65
CA PHE C 205 -7.55 -17.21 1.46
C PHE C 205 -7.89 -18.31 0.49
N ALA C 206 -6.81 -18.86 -0.07
CA ALA C 206 -6.81 -19.99 -1.00
C ALA C 206 -5.75 -20.89 -0.35
N ILE C 207 -6.22 -21.76 0.54
CA ILE C 207 -5.36 -22.64 1.32
C ILE C 207 -4.52 -21.48 1.83
N SER C 208 -3.20 -21.62 1.81
CA SER C 208 -2.28 -20.73 2.51
C SER C 208 -1.99 -19.43 1.76
N THR C 209 -2.70 -19.17 0.68
CA THR C 209 -2.42 -17.97 -0.11
C THR C 209 -3.42 -16.82 0.04
N PRO C 210 -2.96 -15.69 0.60
CA PRO C 210 -3.81 -14.51 0.79
C PRO C 210 -4.27 -13.92 -0.54
N VAL C 211 -5.52 -13.49 -0.57
CA VAL C 211 -6.13 -12.93 -1.77
C VAL C 211 -5.31 -11.83 -2.45
N GLU C 212 -4.40 -11.20 -1.71
CA GLU C 212 -3.59 -10.14 -2.29
C GLU C 212 -2.62 -10.71 -3.31
N LYS C 213 -2.23 -11.97 -3.10
CA LYS C 213 -1.32 -12.68 -3.98
C LYS C 213 -2.02 -13.17 -5.26
N GLN C 214 -3.35 -13.20 -5.23
CA GLN C 214 -4.14 -13.65 -6.38
C GLN C 214 -4.25 -12.61 -7.48
N THR C 215 -4.45 -11.36 -7.08
CA THR C 215 -4.64 -10.28 -8.05
C THR C 215 -4.38 -8.96 -7.34
N VAL C 216 -4.29 -7.87 -8.11
CA VAL C 216 -4.09 -6.55 -7.51
C VAL C 216 -5.40 -5.79 -7.63
N ALA C 217 -6.38 -6.40 -8.29
CA ALA C 217 -7.69 -5.77 -8.41
C ALA C 217 -8.15 -5.41 -7.00
N LYS C 218 -8.61 -4.18 -6.82
CA LYS C 218 -9.06 -3.67 -5.53
C LYS C 218 -10.19 -4.55 -4.97
N THR C 219 -11.06 -5.01 -5.86
CA THR C 219 -12.17 -5.83 -5.43
C THR C 219 -12.27 -7.03 -6.37
N LEU C 220 -13.05 -8.03 -5.99
CA LEU C 220 -13.21 -9.21 -6.82
C LEU C 220 -14.43 -9.06 -7.72
N ALA C 221 -15.47 -8.41 -7.19
CA ALA C 221 -16.70 -8.21 -7.94
C ALA C 221 -16.48 -7.40 -9.22
N GLN C 222 -15.47 -6.55 -9.22
CA GLN C 222 -15.19 -5.73 -10.40
C GLN C 222 -14.76 -6.59 -11.59
N LYS C 223 -14.35 -7.83 -11.33
CA LYS C 223 -13.93 -8.73 -12.41
C LYS C 223 -15.09 -8.95 -13.37
N ALA C 224 -16.30 -8.79 -12.89
CA ALA C 224 -17.48 -8.95 -13.73
C ALA C 224 -17.38 -7.97 -14.90
N VAL C 225 -16.68 -6.86 -14.68
CA VAL C 225 -16.51 -5.83 -15.68
C VAL C 225 -15.82 -6.35 -16.93
N ALA C 226 -15.02 -7.40 -16.79
CA ALA C 226 -14.32 -7.97 -17.94
C ALA C 226 -15.35 -8.70 -18.81
N ALA C 227 -16.44 -9.16 -18.20
CA ALA C 227 -17.49 -9.85 -18.96
C ALA C 227 -18.58 -8.83 -19.32
N GLY C 228 -18.43 -7.60 -18.85
CA GLY C 228 -19.41 -6.58 -19.15
C GLY C 228 -20.76 -6.79 -18.45
N ILE C 229 -20.78 -7.64 -17.43
CA ILE C 229 -21.99 -7.91 -16.68
C ILE C 229 -21.91 -7.19 -15.33
N PRO C 230 -23.06 -7.03 -14.65
CA PRO C 230 -23.10 -6.35 -13.35
C PRO C 230 -22.39 -7.11 -12.25
N GLY C 231 -21.87 -6.38 -11.26
CA GLY C 231 -21.18 -6.99 -10.14
C GLY C 231 -21.58 -6.30 -8.85
N ILE C 232 -21.55 -7.04 -7.74
CA ILE C 232 -21.93 -6.51 -6.45
C ILE C 232 -21.06 -7.03 -5.32
N GLN C 233 -20.58 -6.15 -4.45
CA GLN C 233 -19.78 -6.60 -3.32
C GLN C 233 -20.70 -6.52 -2.09
N VAL C 234 -20.85 -7.65 -1.40
CA VAL C 234 -21.72 -7.69 -0.22
C VAL C 234 -21.01 -8.17 1.03
N ASP C 235 -21.59 -7.83 2.19
CA ASP C 235 -21.03 -8.25 3.46
C ASP C 235 -21.35 -9.71 3.57
N GLY C 236 -20.36 -10.55 3.33
CA GLY C 236 -20.54 -11.99 3.40
C GLY C 236 -21.01 -12.49 4.75
N MET C 237 -20.90 -11.63 5.76
CA MET C 237 -21.32 -12.00 7.10
C MET C 237 -22.72 -11.49 7.37
N ASP C 238 -23.36 -10.93 6.34
CA ASP C 238 -24.70 -10.39 6.52
C ASP C 238 -25.78 -11.19 5.77
N PRO C 239 -26.65 -11.89 6.51
CA PRO C 239 -27.72 -12.71 5.93
C PRO C 239 -28.61 -11.91 5.01
N LEU C 240 -29.15 -10.82 5.52
CA LEU C 240 -30.04 -9.97 4.74
C LEU C 240 -29.40 -9.39 3.49
N ALA C 241 -28.14 -8.98 3.58
CA ALA C 241 -27.46 -8.41 2.41
C ALA C 241 -27.31 -9.46 1.34
N VAL C 242 -26.90 -10.66 1.74
CA VAL C 242 -26.74 -11.73 0.78
C VAL C 242 -28.07 -12.16 0.18
N TYR C 243 -29.10 -12.30 1.00
CA TYR C 243 -30.38 -12.71 0.49
C TYR C 243 -30.86 -11.74 -0.58
N ALA C 244 -30.80 -10.46 -0.25
CA ALA C 244 -31.24 -9.40 -1.17
C ALA C 244 -30.45 -9.36 -2.48
N ALA C 245 -29.12 -9.38 -2.37
CA ALA C 245 -28.26 -9.32 -3.55
C ALA C 245 -28.55 -10.45 -4.53
N VAL C 246 -28.67 -11.67 -3.99
CA VAL C 246 -28.97 -12.83 -4.81
C VAL C 246 -30.38 -12.73 -5.40
N LYS C 247 -31.31 -12.20 -4.60
CA LYS C 247 -32.70 -12.06 -5.03
C LYS C 247 -32.81 -11.07 -6.19
N ALA C 248 -32.03 -9.99 -6.11
CA ALA C 248 -32.05 -8.99 -7.17
C ALA C 248 -31.47 -9.61 -8.44
N ALA C 249 -30.42 -10.40 -8.28
CA ALA C 249 -29.77 -11.06 -9.41
C ALA C 249 -30.67 -12.10 -10.05
N ARG C 250 -31.46 -12.79 -9.23
CA ARG C 250 -32.37 -13.81 -9.74
C ARG C 250 -33.46 -13.11 -10.52
N GLU C 251 -33.95 -12.03 -9.95
CA GLU C 251 -35.01 -11.22 -10.53
C GLU C 251 -34.56 -10.75 -11.91
N ARG C 252 -33.38 -10.13 -11.94
CA ARG C 252 -32.81 -9.62 -13.18
C ARG C 252 -32.71 -10.76 -14.20
N ALA C 253 -32.30 -11.93 -13.73
CA ALA C 253 -32.10 -13.09 -14.58
C ALA C 253 -33.36 -13.68 -15.20
N ILE C 254 -34.39 -13.88 -14.39
CA ILE C 254 -35.62 -14.45 -14.92
C ILE C 254 -36.30 -13.51 -15.90
N ASN C 255 -36.00 -12.23 -15.81
CA ASN C 255 -36.58 -11.26 -16.73
C ASN C 255 -35.72 -11.14 -17.99
N GLY C 256 -34.77 -12.07 -18.13
CA GLY C 256 -33.91 -12.10 -19.30
C GLY C 256 -32.88 -11.01 -19.47
N GLU C 257 -32.47 -10.38 -18.38
CA GLU C 257 -31.50 -9.30 -18.45
C GLU C 257 -30.05 -9.74 -18.31
N GLY C 258 -29.83 -11.04 -18.19
CA GLY C 258 -28.46 -11.53 -18.07
C GLY C 258 -28.02 -12.01 -16.72
N PRO C 259 -26.73 -12.38 -16.60
CA PRO C 259 -26.14 -12.88 -15.35
C PRO C 259 -25.62 -11.75 -14.48
N THR C 260 -25.18 -12.10 -13.29
CA THR C 260 -24.66 -11.14 -12.33
C THR C 260 -23.58 -11.83 -11.53
N LEU C 261 -22.57 -11.07 -11.11
CA LEU C 261 -21.49 -11.63 -10.30
C LEU C 261 -21.65 -11.00 -8.92
N ILE C 262 -21.54 -11.82 -7.88
CA ILE C 262 -21.70 -11.32 -6.51
C ILE C 262 -20.54 -11.78 -5.65
N GLU C 263 -19.87 -10.82 -5.03
CA GLU C 263 -18.74 -11.14 -4.15
C GLU C 263 -19.12 -10.97 -2.70
N THR C 264 -18.94 -12.03 -1.91
CA THR C 264 -19.27 -11.98 -0.51
C THR C 264 -18.01 -11.92 0.34
N LEU C 265 -17.92 -10.91 1.20
CA LEU C 265 -16.77 -10.75 2.07
C LEU C 265 -17.03 -11.51 3.35
N CYS C 266 -16.38 -12.65 3.51
CA CYS C 266 -16.58 -13.46 4.69
C CYS C 266 -15.30 -14.05 5.21
N PHE C 267 -15.41 -15.08 6.04
CA PHE C 267 -14.24 -15.72 6.61
C PHE C 267 -14.65 -17.06 7.22
N ARG C 268 -13.91 -18.10 6.89
CA ARG C 268 -14.20 -19.42 7.46
C ARG C 268 -13.31 -19.49 8.70
N TYR C 269 -13.84 -20.07 9.77
CA TYR C 269 -13.07 -20.18 11.00
C TYR C 269 -12.06 -21.34 10.97
N GLY C 270 -11.54 -21.61 9.78
CA GLY C 270 -10.54 -22.67 9.60
C GLY C 270 -10.99 -24.09 9.89
N PRO C 271 -10.27 -25.10 9.36
CA PRO C 271 -9.08 -24.95 8.52
C PRO C 271 -9.42 -24.96 7.02
N HIS C 272 -8.53 -25.51 6.20
CA HIS C 272 -8.78 -25.60 4.76
C HIS C 272 -9.73 -26.75 4.48
N THR C 273 -9.24 -27.98 4.73
CA THR C 273 -10.04 -29.18 4.53
C THR C 273 -9.75 -30.24 5.59
N GLU C 288 -7.77 -13.74 16.05
CA GLU C 288 -8.92 -14.02 15.20
C GLU C 288 -10.22 -13.69 15.94
N ASN C 289 -10.11 -13.55 17.26
CA ASN C 289 -11.28 -13.23 18.09
C ASN C 289 -11.97 -11.99 17.56
N GLU C 290 -11.28 -11.27 16.69
CA GLU C 290 -11.81 -10.06 16.09
C GLU C 290 -13.05 -10.39 15.27
N TRP C 291 -12.90 -11.33 14.35
CA TRP C 291 -14.01 -11.76 13.50
C TRP C 291 -15.10 -12.46 14.30
N ALA C 292 -14.75 -12.92 15.49
CA ALA C 292 -15.71 -13.61 16.35
C ALA C 292 -16.97 -12.76 16.54
N LYS C 293 -16.81 -11.45 16.47
CA LYS C 293 -17.94 -10.53 16.64
C LYS C 293 -18.63 -10.30 15.30
N LYS C 294 -17.91 -10.56 14.20
CA LYS C 294 -18.45 -10.39 12.87
C LYS C 294 -19.20 -11.64 12.39
N ASP C 295 -19.32 -12.62 13.28
CA ASP C 295 -20.01 -13.87 12.99
C ASP C 295 -21.45 -13.57 12.51
N PRO C 296 -21.91 -14.29 11.48
CA PRO C 296 -23.26 -14.08 10.96
C PRO C 296 -24.37 -14.49 11.93
N LEU C 297 -24.13 -15.55 12.69
CA LEU C 297 -25.15 -16.00 13.64
C LEU C 297 -25.39 -14.96 14.72
N VAL C 298 -24.33 -14.32 15.17
CA VAL C 298 -24.43 -13.32 16.23
C VAL C 298 -25.30 -12.12 15.86
N ARG C 299 -24.97 -11.45 14.77
CA ARG C 299 -25.75 -10.29 14.39
C ARG C 299 -27.19 -10.67 14.05
N PHE C 300 -27.39 -11.84 13.46
CA PHE C 300 -28.75 -12.23 13.11
C PHE C 300 -29.56 -12.60 14.34
N ARG C 301 -28.90 -13.15 15.36
CA ARG C 301 -29.59 -13.51 16.58
C ARG C 301 -30.15 -12.24 17.21
N LYS C 302 -29.28 -11.26 17.44
CA LYS C 302 -29.71 -10.00 18.02
C LYS C 302 -30.86 -9.40 17.22
N PHE C 303 -30.75 -9.45 15.91
CA PHE C 303 -31.77 -8.91 15.03
C PHE C 303 -33.14 -9.50 15.31
N LEU C 304 -33.21 -10.82 15.40
CA LEU C 304 -34.48 -11.50 15.63
C LEU C 304 -35.01 -11.37 17.05
N GLU C 305 -34.11 -11.37 18.04
CA GLU C 305 -34.50 -11.25 19.43
C GLU C 305 -35.16 -9.91 19.73
N ALA C 306 -34.63 -8.84 19.14
CA ALA C 306 -35.19 -7.50 19.35
C ALA C 306 -36.57 -7.42 18.71
N LYS C 307 -36.92 -8.44 17.93
CA LYS C 307 -38.21 -8.53 17.26
C LYS C 307 -39.05 -9.62 17.93
N GLY C 308 -38.52 -10.18 19.00
CA GLY C 308 -39.21 -11.24 19.72
C GLY C 308 -39.45 -12.44 18.84
N LEU C 309 -38.57 -12.63 17.86
CA LEU C 309 -38.68 -13.73 16.92
C LEU C 309 -37.76 -14.91 17.18
N TRP C 310 -36.84 -14.79 18.12
CA TRP C 310 -35.90 -15.87 18.41
C TRP C 310 -35.78 -16.10 19.92
N SER C 311 -35.23 -17.25 20.31
CA SER C 311 -35.06 -17.59 21.71
C SER C 311 -34.16 -18.81 21.89
N GLU C 312 -33.47 -18.89 23.03
CA GLU C 312 -32.58 -20.01 23.30
C GLU C 312 -33.31 -21.34 23.15
N GLU C 313 -34.55 -21.40 23.62
CA GLU C 313 -35.30 -22.64 23.50
C GLU C 313 -35.34 -23.07 22.04
N GLU C 314 -35.66 -22.14 21.14
CA GLU C 314 -35.71 -22.46 19.72
C GLU C 314 -34.37 -22.89 19.17
N GLU C 315 -33.30 -22.18 19.54
CA GLU C 315 -31.97 -22.51 19.06
C GLU C 315 -31.49 -23.85 19.58
N ASN C 316 -31.84 -24.19 20.83
CA ASN C 316 -31.44 -25.48 21.38
C ASN C 316 -32.21 -26.60 20.70
N ASN C 317 -33.42 -26.28 20.23
CA ASN C 317 -34.24 -27.27 19.53
C ASN C 317 -33.56 -27.63 18.22
N VAL C 318 -33.25 -26.62 17.43
CA VAL C 318 -32.60 -26.82 16.14
C VAL C 318 -31.26 -27.54 16.32
N ILE C 319 -30.47 -27.11 17.31
CA ILE C 319 -29.18 -27.72 17.55
C ILE C 319 -29.31 -29.22 17.80
N GLU C 320 -30.24 -29.60 18.66
CA GLU C 320 -30.45 -31.02 18.95
C GLU C 320 -30.97 -31.71 17.70
N GLN C 321 -31.87 -31.04 16.99
CA GLN C 321 -32.46 -31.59 15.78
C GLN C 321 -31.36 -31.92 14.77
N ALA C 322 -30.40 -31.00 14.65
CA ALA C 322 -29.28 -31.19 13.73
C ALA C 322 -28.47 -32.41 14.14
N LYS C 323 -28.10 -32.48 15.42
CA LYS C 323 -27.30 -33.60 15.91
C LYS C 323 -27.95 -34.96 15.68
N GLU C 324 -29.26 -35.03 15.94
CA GLU C 324 -29.99 -36.28 15.75
C GLU C 324 -29.95 -36.74 14.30
N GLU C 325 -30.29 -35.84 13.39
CA GLU C 325 -30.30 -36.17 11.96
C GLU C 325 -28.90 -36.49 11.45
N ILE C 326 -27.89 -35.80 11.98
CA ILE C 326 -26.52 -36.04 11.56
C ILE C 326 -26.10 -37.44 12.00
N LYS C 327 -26.49 -37.81 13.21
CA LYS C 327 -26.16 -39.13 13.73
C LYS C 327 -26.82 -40.22 12.89
N GLU C 328 -28.07 -39.98 12.52
CA GLU C 328 -28.81 -40.95 11.71
C GLU C 328 -28.27 -41.05 10.30
N ALA C 329 -27.86 -39.91 9.75
CA ALA C 329 -27.32 -39.88 8.39
C ALA C 329 -26.00 -40.61 8.32
N ILE C 330 -25.17 -40.46 9.35
CA ILE C 330 -23.88 -41.13 9.34
C ILE C 330 -24.08 -42.64 9.44
N LYS C 331 -25.24 -43.05 9.94
CA LYS C 331 -25.56 -44.46 10.09
C LYS C 331 -25.97 -45.03 8.73
N LYS C 332 -26.81 -44.30 8.02
CA LYS C 332 -27.27 -44.71 6.69
C LYS C 332 -26.10 -44.86 5.72
N ALA C 333 -25.15 -43.93 5.81
CA ALA C 333 -23.99 -43.97 4.94
C ALA C 333 -23.23 -45.27 5.21
N ASP C 334 -23.23 -45.71 6.46
CA ASP C 334 -22.54 -46.94 6.86
C ASP C 334 -23.28 -48.18 6.38
N GLU C 335 -24.58 -48.07 6.22
CA GLU C 335 -25.38 -49.21 5.78
C GLU C 335 -25.52 -49.27 4.27
N THR C 336 -24.73 -48.46 3.58
CA THR C 336 -24.74 -48.44 2.12
C THR C 336 -23.80 -49.58 1.69
N PRO C 337 -24.27 -50.47 0.81
CA PRO C 337 -23.45 -51.60 0.35
C PRO C 337 -22.13 -51.15 -0.26
N LYS C 338 -21.05 -51.79 0.15
CA LYS C 338 -19.74 -51.43 -0.36
C LYS C 338 -19.67 -51.56 -1.88
N GLN C 339 -19.02 -50.59 -2.51
CA GLN C 339 -18.87 -50.56 -3.95
C GLN C 339 -18.06 -51.72 -4.48
N LYS C 340 -18.42 -52.19 -5.67
CA LYS C 340 -17.74 -53.28 -6.34
C LYS C 340 -17.29 -52.76 -7.72
N VAL C 341 -16.25 -53.34 -8.29
CA VAL C 341 -15.79 -52.90 -9.61
C VAL C 341 -16.89 -53.04 -10.64
N THR C 342 -17.69 -54.10 -10.55
CA THR C 342 -18.80 -54.28 -11.49
C THR C 342 -19.73 -53.08 -11.46
N ASP C 343 -19.92 -52.49 -10.28
CA ASP C 343 -20.78 -51.33 -10.14
C ASP C 343 -20.13 -50.17 -10.90
N LEU C 344 -18.84 -49.95 -10.65
CA LEU C 344 -18.11 -48.88 -11.31
C LEU C 344 -18.08 -49.02 -12.83
N ILE C 345 -17.94 -50.25 -13.32
CA ILE C 345 -17.90 -50.47 -14.75
C ILE C 345 -19.26 -50.21 -15.40
N SER C 346 -20.33 -50.60 -14.72
CA SER C 346 -21.68 -50.46 -15.25
C SER C 346 -22.15 -49.01 -15.41
N ILE C 347 -21.67 -48.11 -14.56
CA ILE C 347 -22.08 -46.71 -14.66
C ILE C 347 -21.16 -45.87 -15.56
N MET C 348 -20.26 -46.51 -16.30
CA MET C 348 -19.34 -45.81 -17.19
C MET C 348 -20.02 -45.34 -18.47
N PHE C 349 -20.86 -46.19 -19.05
CA PHE C 349 -21.60 -45.89 -20.30
C PHE C 349 -23.02 -46.45 -20.20
N GLU C 350 -23.87 -46.10 -21.15
CA GLU C 350 -25.22 -46.65 -21.20
C GLU C 350 -25.02 -48.02 -21.85
N GLU C 351 -24.24 -48.00 -22.93
CA GLU C 351 -23.92 -49.21 -23.68
C GLU C 351 -22.43 -49.47 -23.53
N LEU C 352 -22.09 -50.38 -22.63
CA LEU C 352 -20.69 -50.71 -22.36
C LEU C 352 -19.88 -51.08 -23.59
N PRO C 353 -18.70 -50.48 -23.74
CA PRO C 353 -17.86 -50.80 -24.90
C PRO C 353 -17.24 -52.18 -24.68
N PHE C 354 -16.85 -52.83 -25.78
CA PHE C 354 -16.27 -54.17 -25.74
C PHE C 354 -15.30 -54.41 -24.57
N ASN C 355 -14.27 -53.57 -24.47
CA ASN C 355 -13.30 -53.73 -23.39
C ASN C 355 -13.96 -53.83 -22.01
N LEU C 356 -14.96 -52.99 -21.75
CA LEU C 356 -15.62 -53.03 -20.45
C LEU C 356 -16.53 -54.24 -20.30
N LYS C 357 -17.02 -54.79 -21.41
CA LYS C 357 -17.84 -55.98 -21.34
C LYS C 357 -16.94 -57.13 -20.86
N GLU C 358 -15.74 -57.22 -21.46
CA GLU C 358 -14.78 -58.26 -21.09
C GLU C 358 -14.44 -58.14 -19.62
N GLN C 359 -13.97 -56.96 -19.23
CA GLN C 359 -13.59 -56.70 -17.85
C GLN C 359 -14.74 -56.90 -16.86
N TYR C 360 -15.97 -56.64 -17.29
CA TYR C 360 -17.11 -56.84 -16.41
C TYR C 360 -17.22 -58.30 -15.98
N GLU C 361 -17.00 -59.22 -16.92
CA GLU C 361 -17.10 -60.65 -16.60
C GLU C 361 -15.94 -61.06 -15.69
N ILE C 362 -14.74 -60.58 -16.00
CA ILE C 362 -13.57 -60.88 -15.19
C ILE C 362 -13.87 -60.59 -13.72
N TYR C 363 -14.38 -59.40 -13.44
CA TYR C 363 -14.68 -59.02 -12.07
C TYR C 363 -15.95 -59.67 -11.51
N LYS C 364 -16.93 -59.91 -12.36
CA LYS C 364 -18.16 -60.54 -11.91
C LYS C 364 -17.77 -61.92 -11.39
N GLU C 365 -16.81 -62.52 -12.07
CA GLU C 365 -16.31 -63.84 -11.70
C GLU C 365 -15.58 -63.70 -10.36
N LYS C 366 -14.61 -62.80 -10.32
CA LYS C 366 -13.83 -62.56 -9.10
C LYS C 366 -14.72 -62.24 -7.91
N GLU C 367 -15.90 -61.69 -8.18
CA GLU C 367 -16.85 -61.34 -7.12
C GLU C 367 -17.73 -62.51 -6.68
N SER C 368 -17.67 -63.61 -7.42
CA SER C 368 -18.47 -64.80 -7.10
C SER C 368 -18.19 -65.33 -5.70
N LYS C 369 -16.91 -65.44 -5.35
CA LYS C 369 -16.54 -65.94 -4.02
C LYS C 369 -15.55 -65.01 -3.34
N ALA D 2 -26.26 -41.24 -53.32
CA ALA D 2 -25.75 -40.06 -54.06
C ALA D 2 -24.24 -39.95 -53.88
N GLN D 3 -23.52 -39.60 -54.94
CA GLN D 3 -22.08 -39.46 -54.87
C GLN D 3 -21.75 -38.26 -53.98
N MET D 4 -21.10 -38.50 -52.84
CA MET D 4 -20.76 -37.42 -51.91
C MET D 4 -19.28 -37.37 -51.55
N THR D 5 -18.82 -36.23 -51.05
CA THR D 5 -17.44 -36.10 -50.56
C THR D 5 -17.60 -36.39 -49.07
N MET D 6 -16.50 -36.54 -48.33
CA MET D 6 -16.67 -36.84 -46.93
C MET D 6 -17.30 -35.68 -46.15
N VAL D 7 -16.94 -34.45 -46.50
CA VAL D 7 -17.51 -33.31 -45.80
C VAL D 7 -19.01 -33.18 -46.10
N GLN D 8 -19.39 -33.56 -47.32
CA GLN D 8 -20.79 -33.49 -47.71
C GLN D 8 -21.62 -34.47 -46.92
N ALA D 9 -21.08 -35.67 -46.69
CA ALA D 9 -21.76 -36.70 -45.93
C ALA D 9 -21.86 -36.31 -44.45
N ILE D 10 -20.83 -35.65 -43.95
CA ILE D 10 -20.83 -35.21 -42.55
C ILE D 10 -21.97 -34.22 -42.37
N THR D 11 -22.10 -33.29 -43.31
CA THR D 11 -23.16 -32.28 -43.27
C THR D 11 -24.55 -32.91 -43.35
N ASP D 12 -24.71 -33.80 -44.31
CA ASP D 12 -25.98 -34.50 -44.51
C ASP D 12 -26.40 -35.15 -43.20
N ALA D 13 -25.44 -35.80 -42.55
CA ALA D 13 -25.71 -36.48 -41.27
C ALA D 13 -26.13 -35.51 -40.18
N LEU D 14 -25.51 -34.34 -40.14
CA LEU D 14 -25.88 -33.37 -39.12
C LEU D 14 -27.30 -32.90 -39.42
N ARG D 15 -27.55 -32.56 -40.68
CA ARG D 15 -28.85 -32.11 -41.11
C ARG D 15 -29.92 -33.11 -40.69
N ILE D 16 -29.66 -34.38 -40.96
CA ILE D 16 -30.58 -35.44 -40.59
C ILE D 16 -30.84 -35.41 -39.09
N GLU D 17 -29.78 -35.32 -38.29
CA GLU D 17 -29.95 -35.30 -36.85
C GLU D 17 -30.66 -34.05 -36.34
N LEU D 18 -30.40 -32.92 -36.97
CA LEU D 18 -31.04 -31.68 -36.56
C LEU D 18 -32.55 -31.79 -36.77
N LYS D 19 -32.94 -32.44 -37.86
CA LYS D 19 -34.36 -32.59 -38.18
C LYS D 19 -35.00 -33.70 -37.36
N ASN D 20 -34.25 -34.77 -37.15
CA ASN D 20 -34.75 -35.91 -36.39
C ASN D 20 -34.90 -35.68 -34.89
N ASP D 21 -34.04 -34.86 -34.31
CA ASP D 21 -34.07 -34.60 -32.86
C ASP D 21 -33.94 -33.13 -32.53
N PRO D 22 -35.02 -32.51 -32.03
CA PRO D 22 -35.04 -31.08 -31.67
C PRO D 22 -33.98 -30.70 -30.64
N ASN D 23 -33.50 -31.67 -29.87
CA ASN D 23 -32.50 -31.38 -28.86
C ASN D 23 -31.09 -31.23 -29.43
N VAL D 24 -30.84 -31.74 -30.61
CA VAL D 24 -29.52 -31.61 -31.20
C VAL D 24 -29.20 -30.14 -31.40
N LEU D 25 -27.98 -29.75 -31.04
CA LEU D 25 -27.51 -28.39 -31.17
C LEU D 25 -26.09 -28.38 -31.72
N ILE D 26 -25.84 -27.52 -32.71
CA ILE D 26 -24.49 -27.41 -33.26
C ILE D 26 -23.95 -26.05 -32.86
N PHE D 27 -22.78 -26.01 -32.24
CA PHE D 27 -22.18 -24.74 -31.88
C PHE D 27 -20.65 -24.79 -31.83
N GLY D 28 -20.03 -23.62 -31.97
CA GLY D 28 -18.58 -23.55 -31.95
C GLY D 28 -18.10 -22.30 -32.67
N GLU D 29 -16.79 -22.23 -32.93
CA GLU D 29 -16.23 -21.08 -33.60
C GLU D 29 -16.49 -21.05 -35.10
N ASP D 30 -17.24 -20.05 -35.54
CA ASP D 30 -17.54 -19.83 -36.95
C ASP D 30 -18.33 -20.93 -37.66
N VAL D 31 -19.16 -21.65 -36.91
CA VAL D 31 -19.97 -22.73 -37.48
C VAL D 31 -21.36 -22.28 -37.93
N GLY D 32 -21.81 -21.14 -37.39
CA GLY D 32 -23.14 -20.64 -37.70
C GLY D 32 -23.38 -20.02 -39.07
N VAL D 33 -23.44 -18.70 -39.09
CA VAL D 33 -23.69 -18.01 -40.34
C VAL D 33 -22.67 -18.41 -41.39
N ASN D 34 -21.42 -18.53 -40.96
CA ASN D 34 -20.31 -18.87 -41.84
C ASN D 34 -20.36 -20.29 -42.39
N GLY D 35 -21.02 -21.19 -41.66
CA GLY D 35 -21.13 -22.57 -42.10
C GLY D 35 -19.90 -23.43 -41.86
N GLY D 36 -18.97 -22.94 -41.06
CA GLY D 36 -17.76 -23.71 -40.76
C GLY D 36 -16.56 -23.38 -41.64
N VAL D 37 -15.37 -23.44 -41.07
CA VAL D 37 -14.15 -23.15 -41.80
C VAL D 37 -13.97 -24.07 -43.00
N PHE D 38 -14.53 -25.27 -42.92
CA PHE D 38 -14.46 -26.23 -44.01
C PHE D 38 -15.83 -26.48 -44.64
N ARG D 39 -16.78 -25.60 -44.36
CA ARG D 39 -18.15 -25.74 -44.89
C ARG D 39 -18.87 -26.97 -44.37
N ALA D 40 -18.44 -27.49 -43.22
CA ALA D 40 -19.06 -28.66 -42.64
C ALA D 40 -20.45 -28.39 -42.11
N THR D 41 -20.72 -27.15 -41.68
CA THR D 41 -22.05 -26.82 -41.16
C THR D 41 -22.85 -25.93 -42.13
N GLU D 42 -22.36 -25.88 -43.37
CA GLU D 42 -22.97 -25.10 -44.44
C GLU D 42 -24.48 -25.27 -44.58
N GLY D 43 -25.21 -24.16 -44.47
CA GLY D 43 -26.65 -24.17 -44.62
C GLY D 43 -27.48 -24.70 -43.46
N LEU D 44 -26.82 -25.31 -42.48
CA LEU D 44 -27.54 -25.85 -41.34
C LEU D 44 -28.26 -24.76 -40.54
N GLN D 45 -27.59 -23.62 -40.34
CA GLN D 45 -28.22 -22.54 -39.59
C GLN D 45 -29.41 -21.97 -40.37
N ALA D 46 -29.21 -21.78 -41.68
CA ALA D 46 -30.26 -21.24 -42.53
C ALA D 46 -31.54 -22.07 -42.45
N GLU D 47 -31.41 -23.38 -42.40
CA GLU D 47 -32.56 -24.25 -42.37
C GLU D 47 -33.20 -24.48 -41.01
N PHE D 48 -32.39 -24.46 -39.96
CA PHE D 48 -32.90 -24.75 -38.62
C PHE D 48 -32.95 -23.58 -37.64
N GLY D 49 -32.28 -22.49 -37.98
CA GLY D 49 -32.30 -21.33 -37.10
C GLY D 49 -31.08 -21.13 -36.23
N GLU D 50 -30.96 -19.92 -35.70
CA GLU D 50 -29.85 -19.54 -34.85
C GLU D 50 -29.91 -20.19 -33.47
N ASP D 51 -31.07 -20.74 -33.11
CA ASP D 51 -31.22 -21.39 -31.81
C ASP D 51 -30.67 -22.79 -31.85
N ARG D 52 -30.61 -23.37 -33.05
CA ARG D 52 -30.10 -24.73 -33.21
C ARG D 52 -28.63 -24.78 -33.66
N VAL D 53 -28.22 -23.83 -34.49
CA VAL D 53 -26.84 -23.81 -34.98
C VAL D 53 -26.32 -22.42 -34.76
N PHE D 54 -25.40 -22.28 -33.81
CA PHE D 54 -24.87 -20.96 -33.46
C PHE D 54 -23.37 -20.84 -33.22
N ASP D 55 -22.87 -19.61 -33.28
CA ASP D 55 -21.46 -19.32 -33.04
C ASP D 55 -21.24 -19.01 -31.58
N THR D 56 -20.02 -19.24 -31.11
CA THR D 56 -19.66 -18.95 -29.73
C THR D 56 -18.44 -18.05 -29.63
N PRO D 57 -18.17 -17.53 -28.43
CA PRO D 57 -17.01 -16.66 -28.21
C PRO D 57 -15.77 -17.51 -28.52
N LEU D 58 -14.63 -16.87 -28.78
CA LEU D 58 -13.42 -17.64 -29.12
C LEU D 58 -12.74 -18.22 -27.90
N ALA D 59 -13.16 -19.41 -27.48
CA ALA D 59 -12.59 -20.06 -26.30
C ALA D 59 -13.09 -21.50 -26.17
N GLU D 60 -12.22 -22.44 -26.53
CA GLU D 60 -12.57 -23.87 -26.50
C GLU D 60 -13.07 -24.40 -25.16
N SER D 61 -12.47 -23.93 -24.06
CA SER D 61 -12.85 -24.38 -22.74
C SER D 61 -14.29 -24.00 -22.44
N GLY D 62 -14.67 -22.79 -22.81
CA GLY D 62 -16.03 -22.35 -22.59
C GLY D 62 -16.97 -23.15 -23.47
N ILE D 63 -16.52 -23.52 -24.67
CA ILE D 63 -17.36 -24.29 -25.58
C ILE D 63 -17.66 -25.65 -24.94
N GLY D 64 -16.65 -26.24 -24.31
CA GLY D 64 -16.84 -27.52 -23.67
C GLY D 64 -17.74 -27.40 -22.45
N GLY D 65 -17.54 -26.34 -21.69
CA GLY D 65 -18.35 -26.14 -20.51
C GLY D 65 -19.79 -25.92 -20.90
N LEU D 66 -19.99 -25.26 -22.04
CA LEU D 66 -21.32 -24.97 -22.53
C LEU D 66 -22.03 -26.27 -22.88
N ALA D 67 -21.33 -27.12 -23.62
CA ALA D 67 -21.89 -28.39 -24.04
C ALA D 67 -22.30 -29.21 -22.82
N ILE D 68 -21.46 -29.21 -21.78
CA ILE D 68 -21.77 -29.96 -20.56
C ILE D 68 -23.05 -29.40 -19.94
N GLY D 69 -23.08 -28.09 -19.75
CA GLY D 69 -24.24 -27.46 -19.16
C GLY D 69 -25.49 -27.73 -19.98
N LEU D 70 -25.40 -27.48 -21.27
CA LEU D 70 -26.54 -27.70 -22.16
C LEU D 70 -27.04 -29.14 -22.04
N ALA D 71 -26.13 -30.09 -21.92
CA ALA D 71 -26.50 -31.50 -21.79
C ALA D 71 -27.22 -31.78 -20.48
N LEU D 72 -26.88 -31.02 -19.43
CA LEU D 72 -27.54 -31.18 -18.14
C LEU D 72 -28.99 -30.71 -18.24
N GLN D 73 -29.26 -29.83 -19.20
CA GLN D 73 -30.60 -29.30 -19.41
C GLN D 73 -31.38 -30.01 -20.52
N GLY D 74 -31.00 -31.26 -20.82
CA GLY D 74 -31.71 -32.03 -21.81
C GLY D 74 -31.33 -31.97 -23.28
N PHE D 75 -30.32 -31.18 -23.62
CA PHE D 75 -29.92 -31.09 -25.01
C PHE D 75 -28.93 -32.18 -25.41
N ARG D 76 -28.73 -32.33 -26.71
CA ARG D 76 -27.82 -33.33 -27.26
C ARG D 76 -26.75 -32.50 -28.00
N PRO D 77 -25.80 -31.93 -27.25
CA PRO D 77 -24.71 -31.12 -27.76
C PRO D 77 -23.80 -31.71 -28.81
N VAL D 78 -23.68 -31.01 -29.94
CA VAL D 78 -22.76 -31.45 -30.97
C VAL D 78 -21.86 -30.23 -31.26
N PRO D 79 -20.93 -29.93 -30.33
CA PRO D 79 -19.98 -28.82 -30.41
C PRO D 79 -18.83 -29.09 -31.37
N GLU D 80 -18.12 -28.03 -31.77
CA GLU D 80 -16.99 -28.21 -32.68
C GLU D 80 -15.72 -27.54 -32.15
N ILE D 81 -14.58 -28.17 -32.43
CA ILE D 81 -13.29 -27.61 -32.06
C ILE D 81 -12.62 -27.45 -33.41
N GLN D 82 -12.37 -26.21 -33.79
CA GLN D 82 -11.82 -25.91 -35.12
C GLN D 82 -10.68 -26.77 -35.66
N PHE D 83 -9.74 -27.13 -34.80
CA PHE D 83 -8.63 -27.99 -35.19
C PHE D 83 -8.34 -28.70 -33.91
N PHE D 84 -8.11 -30.01 -33.96
CA PHE D 84 -7.87 -30.76 -32.73
C PHE D 84 -6.59 -30.37 -32.04
N GLY D 85 -5.70 -29.69 -32.75
CA GLY D 85 -4.47 -29.23 -32.13
C GLY D 85 -4.86 -28.33 -30.94
N PHE D 86 -6.10 -27.83 -30.96
CA PHE D 86 -6.61 -26.97 -29.90
C PHE D 86 -7.31 -27.72 -28.78
N VAL D 87 -7.24 -29.05 -28.79
CA VAL D 87 -7.90 -29.79 -27.74
C VAL D 87 -7.29 -29.45 -26.38
N TYR D 88 -6.02 -29.06 -26.36
CA TYR D 88 -5.34 -28.71 -25.12
C TYR D 88 -6.09 -27.68 -24.29
N GLU D 89 -6.76 -26.73 -24.96
CA GLU D 89 -7.50 -25.70 -24.26
C GLU D 89 -8.70 -26.28 -23.50
N VAL D 90 -9.26 -27.38 -24.01
CA VAL D 90 -10.45 -27.97 -23.43
C VAL D 90 -10.31 -29.42 -22.96
N MET D 91 -9.14 -29.79 -22.47
CA MET D 91 -8.91 -31.14 -21.99
C MET D 91 -9.70 -31.49 -20.73
N ASP D 92 -9.92 -30.51 -19.86
CA ASP D 92 -10.66 -30.77 -18.65
C ASP D 92 -12.13 -31.04 -18.94
N SER D 93 -12.76 -30.22 -19.75
CA SER D 93 -14.17 -30.43 -20.07
C SER D 93 -14.39 -31.78 -20.76
N ILE D 94 -13.42 -32.22 -21.55
CA ILE D 94 -13.55 -33.50 -22.24
C ILE D 94 -13.21 -34.70 -21.36
N CYS D 95 -11.95 -34.79 -20.96
CA CYS D 95 -11.45 -35.91 -20.15
C CYS D 95 -11.71 -35.81 -18.67
N GLY D 96 -11.75 -34.58 -18.15
CA GLY D 96 -11.96 -34.42 -16.73
C GLY D 96 -13.40 -34.22 -16.32
N GLN D 97 -14.30 -33.98 -17.29
CA GLN D 97 -15.69 -33.74 -16.96
C GLN D 97 -16.72 -34.61 -17.67
N MET D 98 -17.01 -34.28 -18.93
CA MET D 98 -18.03 -35.03 -19.70
C MET D 98 -17.80 -36.51 -19.76
N ALA D 99 -16.56 -36.92 -19.98
CA ALA D 99 -16.23 -38.33 -20.04
C ALA D 99 -16.49 -39.04 -18.71
N ARG D 100 -16.65 -38.25 -17.64
CA ARG D 100 -16.84 -38.82 -16.31
C ARG D 100 -18.20 -38.57 -15.65
N ILE D 101 -19.02 -37.73 -16.25
CA ILE D 101 -20.31 -37.40 -15.65
C ILE D 101 -21.17 -38.60 -15.23
N ARG D 102 -21.49 -39.48 -16.18
CA ARG D 102 -22.32 -40.64 -15.86
C ARG D 102 -21.73 -41.40 -14.69
N TYR D 103 -20.42 -41.67 -14.76
CA TYR D 103 -19.72 -42.38 -13.72
C TYR D 103 -19.77 -41.59 -12.43
N ARG D 104 -19.46 -40.30 -12.52
CA ARG D 104 -19.45 -39.44 -11.34
C ARG D 104 -20.80 -39.33 -10.66
N THR D 105 -21.87 -39.32 -11.46
CA THR D 105 -23.20 -39.19 -10.89
C THR D 105 -23.89 -40.53 -10.81
N GLY D 106 -23.15 -41.60 -11.06
CA GLY D 106 -23.72 -42.94 -11.01
C GLY D 106 -24.97 -43.07 -11.84
N GLY D 107 -24.96 -42.52 -13.05
CA GLY D 107 -26.12 -42.62 -13.93
C GLY D 107 -27.15 -41.52 -13.88
N ARG D 108 -27.27 -40.81 -12.77
CA ARG D 108 -28.26 -39.73 -12.65
C ARG D 108 -28.17 -38.72 -13.78
N TYR D 109 -26.97 -38.42 -14.24
CA TYR D 109 -26.78 -37.48 -15.34
C TYR D 109 -25.93 -38.15 -16.41
N HIS D 110 -26.10 -37.74 -17.66
CA HIS D 110 -25.29 -38.30 -18.72
C HIS D 110 -24.94 -37.22 -19.75
N MET D 111 -24.02 -37.53 -20.63
CA MET D 111 -23.59 -36.53 -21.59
C MET D 111 -23.71 -36.96 -23.04
N PRO D 112 -24.88 -36.73 -23.65
CA PRO D 112 -25.07 -37.10 -25.05
C PRO D 112 -24.34 -36.07 -25.93
N ILE D 113 -23.02 -35.99 -25.77
CA ILE D 113 -22.21 -35.04 -26.50
C ILE D 113 -21.31 -35.62 -27.60
N THR D 114 -21.40 -35.07 -28.80
CA THR D 114 -20.52 -35.51 -29.88
C THR D 114 -19.64 -34.30 -30.22
N ILE D 115 -18.34 -34.43 -30.00
CA ILE D 115 -17.41 -33.35 -30.34
C ILE D 115 -16.77 -33.64 -31.72
N ARG D 116 -16.92 -32.70 -32.64
CA ARG D 116 -16.35 -32.82 -33.98
C ARG D 116 -15.06 -32.02 -34.08
N SER D 117 -14.05 -32.55 -34.76
CA SER D 117 -12.80 -31.81 -34.90
C SER D 117 -11.92 -32.32 -36.01
N PRO D 118 -11.48 -31.42 -36.90
CA PRO D 118 -10.60 -31.83 -38.00
C PRO D 118 -9.17 -32.00 -37.55
N PHE D 119 -8.40 -32.74 -38.35
CA PHE D 119 -6.99 -32.98 -38.07
C PHE D 119 -6.44 -33.64 -39.32
N GLY D 120 -5.12 -33.83 -39.38
CA GLY D 120 -4.55 -34.50 -40.54
C GLY D 120 -3.55 -33.73 -41.39
N GLY D 121 -2.54 -34.46 -41.89
CA GLY D 121 -1.52 -33.85 -42.71
C GLY D 121 -1.68 -34.02 -44.20
N GLY D 122 -0.78 -33.38 -44.96
CA GLY D 122 -0.79 -33.45 -46.40
C GLY D 122 -1.44 -32.25 -47.08
N VAL D 123 -1.74 -31.20 -46.32
CA VAL D 123 -2.35 -30.02 -46.92
C VAL D 123 -1.67 -28.72 -46.50
N HIS D 124 -0.37 -28.82 -46.18
CA HIS D 124 0.44 -27.66 -45.81
C HIS D 124 -0.26 -26.65 -44.88
N THR D 125 -0.85 -27.11 -43.80
CA THR D 125 -1.51 -26.21 -42.86
C THR D 125 -0.42 -25.71 -41.92
N PRO D 126 -0.68 -24.61 -41.20
CA PRO D 126 0.34 -24.08 -40.27
C PRO D 126 0.34 -24.90 -38.97
N GLU D 127 1.19 -24.51 -38.02
CA GLU D 127 1.34 -25.19 -36.74
C GLU D 127 0.06 -25.64 -36.00
N LEU D 128 0.20 -26.71 -35.22
CA LEU D 128 -0.89 -27.30 -34.44
C LEU D 128 -2.25 -27.41 -35.12
N HIS D 129 -2.27 -27.51 -36.44
CA HIS D 129 -3.53 -27.64 -37.18
C HIS D 129 -3.79 -29.09 -37.61
N SER D 130 -2.72 -29.84 -37.85
CA SER D 130 -2.82 -31.22 -38.33
C SER D 130 -2.33 -32.30 -37.41
N ASP D 131 -1.95 -31.94 -36.20
CA ASP D 131 -1.46 -32.95 -35.27
C ASP D 131 -2.48 -34.06 -35.03
N SER D 132 -2.00 -35.27 -34.81
CA SER D 132 -2.85 -36.41 -34.54
C SER D 132 -2.78 -36.65 -33.06
N LEU D 133 -3.83 -36.23 -32.36
CA LEU D 133 -3.85 -36.35 -30.93
C LEU D 133 -4.86 -37.38 -30.43
N GLU D 134 -5.41 -38.18 -31.34
CA GLU D 134 -6.40 -39.18 -30.95
C GLU D 134 -5.84 -40.02 -29.82
N GLY D 135 -4.51 -40.14 -29.77
CA GLY D 135 -3.87 -40.92 -28.73
C GLY D 135 -4.14 -40.44 -27.31
N LEU D 136 -4.37 -39.15 -27.15
CA LEU D 136 -4.64 -38.60 -25.83
C LEU D 136 -6.02 -38.98 -25.36
N VAL D 137 -7.03 -38.73 -26.19
CA VAL D 137 -8.41 -39.04 -25.82
C VAL D 137 -8.77 -40.52 -25.77
N ALA D 138 -8.00 -41.33 -26.47
CA ALA D 138 -8.26 -42.76 -26.49
C ALA D 138 -7.99 -43.37 -25.10
N GLN D 139 -7.21 -42.64 -24.29
CA GLN D 139 -6.80 -43.09 -22.95
C GLN D 139 -7.75 -42.70 -21.85
N GLN D 140 -8.77 -41.92 -22.17
CA GLN D 140 -9.69 -41.50 -21.12
C GLN D 140 -10.95 -42.34 -21.04
N PRO D 141 -11.12 -43.08 -19.94
CA PRO D 141 -12.32 -43.89 -19.79
C PRO D 141 -13.53 -42.98 -19.87
N GLY D 142 -14.58 -43.42 -20.57
CA GLY D 142 -15.79 -42.63 -20.68
C GLY D 142 -16.03 -42.02 -22.04
N LEU D 143 -15.00 -42.05 -22.88
CA LEU D 143 -15.07 -41.50 -24.23
C LEU D 143 -14.99 -42.61 -25.28
N LYS D 144 -15.45 -42.28 -26.49
CA LYS D 144 -15.39 -43.18 -27.62
C LYS D 144 -14.77 -42.30 -28.72
N VAL D 145 -13.66 -42.75 -29.32
CA VAL D 145 -13.01 -41.97 -30.35
C VAL D 145 -13.24 -42.60 -31.72
N VAL D 146 -13.82 -41.82 -32.63
CA VAL D 146 -14.17 -42.29 -33.97
C VAL D 146 -13.44 -41.51 -35.07
N ILE D 147 -12.83 -42.23 -36.01
CA ILE D 147 -12.09 -41.61 -37.12
C ILE D 147 -12.38 -42.26 -38.48
N PRO D 148 -13.37 -41.74 -39.21
CA PRO D 148 -13.77 -42.25 -40.54
C PRO D 148 -12.75 -41.97 -41.66
N SER D 149 -12.78 -42.82 -42.69
CA SER D 149 -11.87 -42.69 -43.83
C SER D 149 -12.62 -42.55 -45.14
N THR D 150 -13.94 -42.67 -45.11
CA THR D 150 -14.74 -42.54 -46.32
C THR D 150 -16.07 -41.83 -46.07
N PRO D 151 -16.69 -41.32 -47.14
CA PRO D 151 -17.97 -40.62 -47.06
C PRO D 151 -19.03 -41.52 -46.40
N TYR D 152 -19.10 -42.75 -46.88
CA TYR D 152 -20.05 -43.73 -46.36
C TYR D 152 -19.94 -43.91 -44.86
N ASP D 153 -18.70 -44.11 -44.39
CA ASP D 153 -18.43 -44.33 -42.98
C ASP D 153 -18.63 -43.09 -42.10
N ALA D 154 -18.27 -41.93 -42.63
CA ALA D 154 -18.42 -40.71 -41.87
C ALA D 154 -19.90 -40.47 -41.56
N LYS D 155 -20.75 -40.60 -42.55
CA LYS D 155 -22.17 -40.38 -42.35
C LYS D 155 -22.82 -41.35 -41.38
N GLY D 156 -22.50 -42.63 -41.52
CA GLY D 156 -23.10 -43.64 -40.66
C GLY D 156 -22.66 -43.56 -39.22
N LEU D 157 -21.37 -43.35 -39.01
CA LEU D 157 -20.85 -43.25 -37.66
C LEU D 157 -21.26 -41.97 -36.95
N LEU D 158 -21.35 -40.87 -37.70
CA LEU D 158 -21.73 -39.59 -37.11
C LEU D 158 -23.16 -39.62 -36.62
N ILE D 159 -24.03 -40.33 -37.36
CA ILE D 159 -25.41 -40.42 -36.93
C ILE D 159 -25.36 -41.30 -35.66
N SER D 160 -24.58 -42.37 -35.70
CA SER D 160 -24.44 -43.22 -34.53
C SER D 160 -23.80 -42.41 -33.41
N ALA D 161 -22.76 -41.66 -33.75
CA ALA D 161 -22.04 -40.85 -32.77
C ALA D 161 -22.97 -39.88 -32.04
N ILE D 162 -23.79 -39.15 -32.77
CA ILE D 162 -24.71 -38.20 -32.18
C ILE D 162 -25.79 -38.85 -31.32
N ARG D 163 -26.32 -39.99 -31.77
CA ARG D 163 -27.36 -40.69 -31.03
C ARG D 163 -26.86 -41.35 -29.75
N ASP D 164 -25.58 -41.67 -29.73
CA ASP D 164 -24.97 -42.31 -28.56
C ASP D 164 -25.22 -41.39 -27.37
N ASN D 165 -25.51 -41.94 -26.20
CA ASN D 165 -25.78 -41.08 -25.05
C ASN D 165 -24.60 -40.76 -24.14
N ASP D 166 -23.39 -41.08 -24.58
CA ASP D 166 -22.18 -40.78 -23.82
C ASP D 166 -21.23 -40.00 -24.74
N PRO D 167 -20.23 -39.31 -24.18
CA PRO D 167 -19.32 -38.53 -25.04
C PRO D 167 -18.58 -39.26 -26.17
N VAL D 168 -18.64 -38.71 -27.37
CA VAL D 168 -17.93 -39.28 -28.51
C VAL D 168 -17.10 -38.21 -29.22
N ILE D 169 -15.81 -38.49 -29.45
CA ILE D 169 -14.94 -37.56 -30.17
C ILE D 169 -14.93 -38.00 -31.63
N PHE D 170 -15.30 -37.09 -32.53
CA PHE D 170 -15.37 -37.41 -33.94
C PHE D 170 -14.27 -36.67 -34.70
N LEU D 171 -13.18 -37.37 -35.01
CA LEU D 171 -12.06 -36.74 -35.71
C LEU D 171 -12.14 -36.81 -37.24
N GLU D 172 -12.26 -35.64 -37.86
CA GLU D 172 -12.39 -35.53 -39.30
C GLU D 172 -11.06 -35.16 -40.01
N HIS D 173 -10.50 -36.10 -40.76
CA HIS D 173 -9.23 -35.86 -41.45
C HIS D 173 -9.36 -34.88 -42.60
N LEU D 174 -8.54 -33.82 -42.55
CA LEU D 174 -8.54 -32.78 -43.56
C LEU D 174 -8.35 -33.26 -44.99
N LYS D 175 -7.32 -34.07 -45.20
CA LYS D 175 -7.04 -34.55 -46.54
C LYS D 175 -8.18 -35.36 -47.14
N LEU D 176 -9.04 -35.91 -46.29
CA LEU D 176 -10.14 -36.74 -46.75
C LEU D 176 -11.47 -36.03 -46.95
N TYR D 177 -11.53 -34.75 -46.60
CA TYR D 177 -12.76 -34.01 -46.75
C TYR D 177 -13.32 -34.01 -48.17
N ARG D 178 -12.46 -33.68 -49.13
CA ARG D 178 -12.89 -33.59 -50.52
C ARG D 178 -11.98 -34.34 -51.47
N SER D 179 -11.09 -35.15 -50.92
CA SER D 179 -10.15 -35.91 -51.74
C SER D 179 -10.88 -36.75 -52.79
N PHE D 180 -12.04 -37.28 -52.43
CA PHE D 180 -12.80 -38.12 -53.34
C PHE D 180 -14.29 -38.19 -53.03
N ARG D 181 -15.03 -38.82 -53.93
CA ARG D 181 -16.46 -39.01 -53.78
C ARG D 181 -16.76 -40.50 -53.76
N GLN D 182 -17.88 -40.87 -53.15
CA GLN D 182 -18.30 -42.25 -53.06
C GLN D 182 -19.82 -42.27 -52.95
N GLU D 183 -20.44 -43.35 -53.38
CA GLU D 183 -21.89 -43.44 -53.30
C GLU D 183 -22.29 -43.55 -51.83
N VAL D 184 -23.23 -42.70 -51.43
CA VAL D 184 -23.75 -42.69 -50.06
C VAL D 184 -25.28 -42.70 -50.08
N PRO D 185 -25.88 -43.66 -49.38
CA PRO D 185 -27.34 -43.79 -49.29
C PRO D 185 -28.01 -42.53 -48.74
N GLU D 186 -29.12 -42.11 -49.35
CA GLU D 186 -29.83 -40.93 -48.86
C GLU D 186 -30.60 -41.32 -47.59
N GLY D 187 -31.08 -40.34 -46.86
CA GLY D 187 -31.81 -40.65 -45.65
C GLY D 187 -30.88 -41.08 -44.54
N GLU D 188 -31.44 -41.54 -43.43
CA GLU D 188 -30.62 -41.94 -42.29
C GLU D 188 -30.27 -43.40 -42.21
N TYR D 189 -29.08 -43.68 -41.71
CA TYR D 189 -28.59 -45.04 -41.51
C TYR D 189 -27.46 -44.97 -40.50
N THR D 190 -27.16 -46.10 -39.85
CA THR D 190 -26.13 -46.13 -38.82
C THR D 190 -25.05 -47.19 -39.05
N ILE D 191 -23.86 -46.91 -38.52
CA ILE D 191 -22.74 -47.82 -38.58
C ILE D 191 -22.36 -47.94 -37.10
N PRO D 192 -22.36 -49.15 -36.54
CA PRO D 192 -22.02 -49.26 -35.13
C PRO D 192 -20.64 -48.74 -34.73
N ILE D 193 -20.56 -48.19 -33.53
CA ILE D 193 -19.30 -47.68 -33.02
C ILE D 193 -18.54 -48.86 -32.41
N GLY D 194 -17.23 -48.89 -32.60
CA GLY D 194 -16.44 -49.99 -32.06
C GLY D 194 -16.38 -51.15 -33.02
N LYS D 195 -16.76 -50.89 -34.26
CA LYS D 195 -16.78 -51.90 -35.32
C LYS D 195 -15.90 -51.49 -36.50
N ALA D 196 -14.98 -52.36 -36.89
CA ALA D 196 -14.11 -52.07 -38.03
C ALA D 196 -14.70 -52.76 -39.25
N ASP D 197 -13.99 -52.69 -40.37
CA ASP D 197 -14.44 -53.34 -41.58
C ASP D 197 -13.25 -53.59 -42.52
N ILE D 198 -13.36 -54.62 -43.35
CA ILE D 198 -12.30 -54.99 -44.27
C ILE D 198 -12.44 -54.22 -45.57
N LYS D 199 -11.62 -53.19 -45.77
CA LYS D 199 -11.68 -52.42 -47.00
C LYS D 199 -11.09 -53.23 -48.16
N ARG D 200 -10.31 -54.28 -47.82
CA ARG D 200 -9.74 -55.17 -48.82
C ARG D 200 -9.43 -56.53 -48.21
N GLU D 201 -9.91 -57.58 -48.86
CA GLU D 201 -9.69 -58.94 -48.37
C GLU D 201 -8.31 -59.43 -48.80
N GLY D 202 -7.63 -60.15 -47.90
CA GLY D 202 -6.30 -60.63 -48.21
C GLY D 202 -5.92 -61.87 -47.41
N LYS D 203 -4.81 -62.51 -47.77
CA LYS D 203 -4.43 -63.73 -47.07
C LYS D 203 -2.99 -63.84 -46.61
N ASP D 204 -2.12 -62.96 -47.08
CA ASP D 204 -0.72 -63.03 -46.69
C ASP D 204 -0.29 -62.15 -45.55
N ILE D 205 -0.93 -60.99 -45.40
CA ILE D 205 -0.59 -60.08 -44.33
C ILE D 205 -1.74 -59.15 -44.03
N THR D 206 -1.93 -58.84 -42.75
CA THR D 206 -2.98 -57.95 -42.29
C THR D 206 -2.42 -56.55 -42.06
N ILE D 207 -3.03 -55.55 -42.70
CA ILE D 207 -2.58 -54.17 -42.53
C ILE D 207 -3.69 -53.38 -41.83
N ILE D 208 -3.46 -53.07 -40.56
CA ILE D 208 -4.42 -52.31 -39.75
C ILE D 208 -4.13 -50.80 -39.82
N ALA D 209 -5.15 -50.01 -40.13
CA ALA D 209 -4.99 -48.57 -40.26
C ALA D 209 -6.26 -47.77 -39.99
N TYR D 210 -6.09 -46.46 -39.82
CA TYR D 210 -7.22 -45.54 -39.62
C TYR D 210 -6.84 -44.17 -40.19
N GLY D 211 -7.85 -43.36 -40.48
CA GLY D 211 -7.58 -42.04 -41.04
C GLY D 211 -7.08 -42.13 -42.46
N ALA D 212 -6.31 -41.14 -42.89
CA ALA D 212 -5.76 -41.10 -44.24
C ALA D 212 -4.88 -42.30 -44.53
N MET D 213 -4.47 -43.01 -43.49
CA MET D 213 -3.60 -44.16 -43.66
C MET D 213 -4.29 -45.36 -44.29
N VAL D 214 -5.61 -45.39 -44.25
CA VAL D 214 -6.36 -46.49 -44.85
C VAL D 214 -6.09 -46.45 -46.36
N HIS D 215 -6.18 -45.27 -46.94
CA HIS D 215 -5.96 -45.09 -48.37
C HIS D 215 -4.52 -45.49 -48.71
N GLU D 216 -3.56 -45.03 -47.92
CA GLU D 216 -2.17 -45.35 -48.14
C GLU D 216 -1.97 -46.85 -48.06
N SER D 217 -2.73 -47.49 -47.18
CA SER D 217 -2.62 -48.93 -47.02
C SER D 217 -3.27 -49.65 -48.19
N LEU D 218 -4.36 -49.09 -48.71
CA LEU D 218 -5.00 -49.69 -49.86
C LEU D 218 -4.04 -49.58 -51.04
N LYS D 219 -3.32 -48.45 -51.11
CA LYS D 219 -2.35 -48.23 -52.18
C LYS D 219 -1.20 -49.20 -52.13
N ALA D 220 -0.70 -49.49 -50.93
CA ALA D 220 0.41 -50.41 -50.78
C ALA D 220 -0.06 -51.83 -51.14
N ALA D 221 -1.30 -52.14 -50.79
CA ALA D 221 -1.90 -53.43 -51.06
C ALA D 221 -1.93 -53.74 -52.56
N ALA D 222 -2.33 -52.75 -53.35
CA ALA D 222 -2.41 -52.93 -54.80
C ALA D 222 -1.01 -53.09 -55.42
N GLU D 223 -0.01 -52.48 -54.80
CA GLU D 223 1.35 -52.60 -55.31
C GLU D 223 1.89 -53.96 -54.91
N LEU D 224 1.52 -54.38 -53.70
CA LEU D 224 1.95 -55.67 -53.20
C LEU D 224 1.34 -56.80 -54.04
N GLU D 225 0.07 -56.67 -54.41
CA GLU D 225 -0.60 -57.70 -55.19
C GLU D 225 0.08 -57.97 -56.52
N LYS D 226 0.78 -56.95 -57.03
CA LYS D 226 1.49 -57.11 -58.29
C LYS D 226 2.68 -58.04 -58.11
N GLU D 227 3.06 -58.30 -56.86
CA GLU D 227 4.18 -59.19 -56.54
C GLU D 227 3.69 -60.46 -55.82
N GLY D 228 2.40 -60.76 -55.96
CA GLY D 228 1.85 -61.94 -55.33
C GLY D 228 1.71 -61.92 -53.81
N ILE D 229 1.71 -60.72 -53.22
CA ILE D 229 1.56 -60.57 -51.78
C ILE D 229 0.14 -60.01 -51.55
N SER D 230 -0.77 -60.88 -51.14
CA SER D 230 -2.15 -60.51 -50.89
C SER D 230 -2.38 -59.91 -49.50
N ALA D 231 -2.54 -58.60 -49.44
CA ALA D 231 -2.73 -57.91 -48.17
C ALA D 231 -4.19 -57.59 -47.85
N GLU D 232 -4.56 -57.84 -46.59
CA GLU D 232 -5.90 -57.57 -46.10
C GLU D 232 -5.87 -56.26 -45.32
N VAL D 233 -6.57 -55.24 -45.81
CA VAL D 233 -6.59 -53.96 -45.15
C VAL D 233 -7.81 -53.78 -44.25
N VAL D 234 -7.55 -53.63 -42.96
CA VAL D 234 -8.59 -53.46 -41.96
C VAL D 234 -8.64 -52.01 -41.49
N ASP D 235 -9.80 -51.37 -41.67
CA ASP D 235 -10.01 -49.99 -41.26
C ASP D 235 -10.63 -49.99 -39.87
N LEU D 236 -9.91 -49.49 -38.88
CA LEU D 236 -10.43 -49.51 -37.52
C LEU D 236 -11.77 -48.83 -37.36
N ARG D 237 -11.94 -47.69 -38.05
CA ARG D 237 -13.14 -46.96 -38.03
C ARG D 237 -13.59 -46.48 -36.65
N THR D 238 -12.96 -47.01 -35.60
CA THR D 238 -13.26 -46.60 -34.23
C THR D 238 -11.96 -46.91 -33.55
N VAL D 239 -11.24 -45.92 -33.02
CA VAL D 239 -9.95 -46.23 -32.42
C VAL D 239 -10.01 -46.52 -30.93
N GLN D 240 -11.18 -46.33 -30.35
CA GLN D 240 -11.40 -46.62 -28.93
C GLN D 240 -12.90 -46.61 -28.67
N PRO D 241 -13.50 -47.78 -28.39
CA PRO D 241 -12.91 -49.11 -28.30
C PRO D 241 -12.43 -49.74 -29.61
N LEU D 242 -11.42 -50.59 -29.52
CA LEU D 242 -10.92 -51.29 -30.68
C LEU D 242 -11.85 -52.47 -30.95
N ASP D 243 -12.06 -52.78 -32.22
CA ASP D 243 -12.89 -53.91 -32.60
C ASP D 243 -11.96 -55.13 -32.61
N ILE D 244 -11.78 -55.74 -31.45
CA ILE D 244 -10.90 -56.88 -31.31
C ILE D 244 -11.19 -58.09 -32.19
N GLU D 245 -12.43 -58.56 -32.20
CA GLU D 245 -12.79 -59.71 -33.01
C GLU D 245 -12.39 -59.56 -34.46
N THR D 246 -12.73 -58.43 -35.07
CA THR D 246 -12.38 -58.20 -36.46
C THR D 246 -10.88 -58.22 -36.65
N ILE D 247 -10.16 -57.49 -35.79
CA ILE D 247 -8.71 -57.42 -35.87
C ILE D 247 -8.05 -58.79 -35.68
N ILE D 248 -8.36 -59.44 -34.58
CA ILE D 248 -7.77 -60.73 -34.29
C ILE D 248 -8.18 -61.75 -35.33
N GLY D 249 -9.45 -61.74 -35.71
CA GLY D 249 -9.94 -62.69 -36.70
C GLY D 249 -9.09 -62.66 -37.96
N SER D 250 -8.65 -61.48 -38.35
CA SER D 250 -7.82 -61.31 -39.55
C SER D 250 -6.39 -61.81 -39.36
N VAL D 251 -5.79 -61.50 -38.23
CA VAL D 251 -4.41 -61.92 -37.96
C VAL D 251 -4.33 -63.45 -37.90
N GLU D 252 -5.30 -64.07 -37.24
CA GLU D 252 -5.33 -65.53 -37.12
C GLU D 252 -5.37 -66.15 -38.52
N LYS D 253 -5.98 -65.45 -39.46
CA LYS D 253 -6.04 -65.95 -40.83
C LYS D 253 -4.75 -65.69 -41.59
N THR D 254 -4.17 -64.52 -41.41
CA THR D 254 -2.95 -64.16 -42.13
C THR D 254 -1.62 -64.60 -41.53
N GLY D 255 -1.53 -64.62 -40.21
CA GLY D 255 -0.29 -65.02 -39.57
C GLY D 255 0.68 -63.88 -39.42
N ARG D 256 0.46 -62.83 -40.19
CA ARG D 256 1.33 -61.66 -40.16
C ARG D 256 0.52 -60.37 -40.16
N ALA D 257 1.04 -59.33 -39.51
CA ALA D 257 0.33 -58.05 -39.45
C ALA D 257 1.24 -56.87 -39.17
N ILE D 258 0.76 -55.68 -39.55
CA ILE D 258 1.45 -54.42 -39.31
C ILE D 258 0.39 -53.36 -39.05
N VAL D 259 0.63 -52.48 -38.09
CA VAL D 259 -0.31 -51.42 -37.76
C VAL D 259 0.25 -50.12 -38.32
N VAL D 260 -0.59 -49.36 -39.02
CA VAL D 260 -0.16 -48.11 -39.64
C VAL D 260 -0.88 -46.87 -39.12
N GLN D 261 -0.11 -45.83 -38.78
CA GLN D 261 -0.69 -44.58 -38.30
C GLN D 261 0.10 -43.35 -38.75
N GLU D 262 -0.61 -42.23 -38.86
CA GLU D 262 -0.03 -40.97 -39.26
C GLU D 262 0.70 -40.33 -38.07
N ALA D 263 0.16 -40.58 -36.88
CA ALA D 263 0.73 -40.06 -35.65
C ALA D 263 2.16 -40.55 -35.46
N GLN D 264 2.87 -39.91 -34.53
CA GLN D 264 4.24 -40.29 -34.22
C GLN D 264 4.26 -41.64 -33.51
N ARG D 265 5.38 -42.36 -33.62
CA ARG D 265 5.53 -43.66 -32.99
C ARG D 265 5.18 -43.67 -31.52
N GLN D 266 5.49 -42.60 -30.81
CA GLN D 266 5.19 -42.58 -29.38
C GLN D 266 3.75 -42.12 -29.11
N ALA D 267 2.99 -41.87 -30.17
CA ALA D 267 1.61 -41.42 -30.01
C ALA D 267 0.66 -42.35 -30.75
N GLY D 268 -0.47 -41.81 -31.17
CA GLY D 268 -1.46 -42.62 -31.87
C GLY D 268 -1.92 -43.78 -31.00
N ILE D 269 -2.56 -44.77 -31.60
CA ILE D 269 -3.02 -45.93 -30.84
C ILE D 269 -2.42 -47.25 -31.33
N ALA D 270 -1.42 -47.15 -32.21
CA ALA D 270 -0.78 -48.34 -32.77
C ALA D 270 -0.30 -49.29 -31.70
N ALA D 271 0.40 -48.77 -30.69
CA ALA D 271 0.90 -49.61 -29.62
C ALA D 271 -0.21 -50.43 -28.94
N ASN D 272 -1.42 -49.87 -28.82
CA ASN D 272 -2.51 -50.62 -28.19
C ASN D 272 -2.88 -51.80 -29.06
N VAL D 273 -3.04 -51.56 -30.36
CA VAL D 273 -3.37 -52.61 -31.30
C VAL D 273 -2.36 -53.76 -31.18
N VAL D 274 -1.09 -53.42 -31.14
CA VAL D 274 -0.02 -54.41 -31.05
C VAL D 274 -0.14 -55.27 -29.79
N ALA D 275 -0.19 -54.62 -28.63
CA ALA D 275 -0.34 -55.36 -27.36
C ALA D 275 -1.57 -56.28 -27.37
N GLU D 276 -2.66 -55.85 -27.99
CA GLU D 276 -3.86 -56.67 -28.02
C GLU D 276 -3.69 -57.90 -28.91
N ILE D 277 -2.98 -57.73 -30.03
CA ILE D 277 -2.73 -58.84 -30.93
C ILE D 277 -1.80 -59.81 -30.21
N ASN D 278 -0.72 -59.28 -29.66
CA ASN D 278 0.27 -60.08 -28.93
C ASN D 278 -0.41 -60.83 -27.79
N GLU D 279 -1.43 -60.22 -27.23
CA GLU D 279 -2.15 -60.80 -26.12
C GLU D 279 -3.14 -61.89 -26.53
N ARG D 280 -3.80 -61.72 -27.68
CA ARG D 280 -4.81 -62.69 -28.09
C ARG D 280 -4.50 -63.65 -29.23
N ALA D 281 -3.39 -63.43 -29.94
CA ALA D 281 -3.05 -64.31 -31.05
C ALA D 281 -1.56 -64.44 -31.31
N ILE D 282 -0.76 -64.34 -30.26
CA ILE D 282 0.68 -64.45 -30.42
C ILE D 282 1.04 -65.79 -31.06
N LEU D 283 0.19 -66.79 -30.81
CA LEU D 283 0.43 -68.12 -31.34
C LEU D 283 0.13 -68.27 -32.83
N SER D 284 -0.32 -67.20 -33.49
CA SER D 284 -0.61 -67.28 -34.91
C SER D 284 0.40 -66.46 -35.69
N LEU D 285 1.29 -65.80 -34.96
CA LEU D 285 2.28 -64.95 -35.61
C LEU D 285 3.50 -65.65 -36.16
N GLU D 286 3.81 -65.36 -37.41
CA GLU D 286 4.98 -65.93 -38.07
C GLU D 286 6.06 -64.85 -38.14
N ALA D 287 5.71 -63.66 -37.63
CA ALA D 287 6.61 -62.52 -37.62
C ALA D 287 6.11 -61.48 -36.61
N PRO D 288 7.01 -60.65 -36.07
CA PRO D 288 6.56 -59.64 -35.11
C PRO D 288 5.54 -58.70 -35.74
N VAL D 289 4.67 -58.10 -34.93
CA VAL D 289 3.70 -57.15 -35.45
C VAL D 289 4.47 -55.84 -35.49
N LEU D 290 4.77 -55.38 -36.70
CA LEU D 290 5.52 -54.15 -36.87
C LEU D 290 4.64 -52.95 -37.06
N ARG D 291 5.20 -51.77 -36.77
CA ARG D 291 4.46 -50.53 -36.91
C ARG D 291 5.03 -49.51 -37.89
N VAL D 292 4.13 -48.85 -38.60
CA VAL D 292 4.49 -47.80 -39.54
C VAL D 292 3.95 -46.52 -38.93
N ALA D 293 4.86 -45.66 -38.47
CA ALA D 293 4.49 -44.40 -37.87
C ALA D 293 5.50 -43.29 -38.15
N ALA D 294 5.10 -42.07 -37.86
CA ALA D 294 5.93 -40.89 -38.07
C ALA D 294 7.06 -40.79 -37.05
N PRO D 295 8.17 -40.14 -37.43
CA PRO D 295 9.31 -39.97 -36.53
C PRO D 295 8.84 -39.37 -35.20
N ASP D 296 9.54 -39.65 -34.13
CA ASP D 296 9.14 -39.10 -32.84
C ASP D 296 9.54 -37.65 -32.62
N THR D 297 9.20 -36.77 -33.56
CA THR D 297 9.50 -35.35 -33.41
C THR D 297 8.18 -34.57 -33.45
N VAL D 298 8.24 -33.28 -33.14
CA VAL D 298 7.05 -32.46 -33.19
C VAL D 298 6.53 -32.49 -34.64
N TYR D 299 5.22 -32.37 -34.82
CA TYR D 299 4.67 -32.39 -36.16
C TYR D 299 5.51 -31.47 -37.04
N PRO D 300 5.87 -31.93 -38.24
CA PRO D 300 6.68 -31.21 -39.23
C PRO D 300 6.20 -29.87 -39.75
N PHE D 301 7.17 -28.99 -40.01
CA PHE D 301 6.89 -27.68 -40.59
C PHE D 301 6.33 -28.06 -41.96
N ALA D 302 5.34 -27.31 -42.42
CA ALA D 302 4.69 -27.62 -43.70
C ALA D 302 5.55 -28.17 -44.83
N GLN D 303 6.66 -27.51 -45.19
CA GLN D 303 7.49 -28.00 -46.30
C GLN D 303 8.12 -29.38 -46.08
N ALA D 304 8.18 -29.82 -44.83
CA ALA D 304 8.75 -31.12 -44.50
C ALA D 304 7.73 -32.27 -44.47
N GLU D 305 6.46 -31.95 -44.64
CA GLU D 305 5.41 -32.98 -44.59
C GLU D 305 5.64 -34.24 -45.43
N SER D 306 5.90 -34.07 -46.71
CA SER D 306 6.08 -35.21 -47.61
C SER D 306 7.25 -36.15 -47.33
N VAL D 307 8.21 -35.73 -46.50
CA VAL D 307 9.33 -36.60 -46.18
C VAL D 307 9.22 -37.11 -44.76
N TRP D 308 8.24 -36.59 -44.04
CA TRP D 308 8.02 -36.97 -42.65
C TRP D 308 6.81 -37.88 -42.49
N LEU D 309 5.72 -37.53 -43.16
CA LEU D 309 4.48 -38.29 -43.10
C LEU D 309 4.55 -39.68 -43.74
N PRO D 310 4.10 -40.73 -43.02
CA PRO D 310 4.12 -42.08 -43.55
C PRO D 310 3.23 -42.14 -44.79
N ASN D 311 3.64 -42.90 -45.80
CA ASN D 311 2.85 -43.03 -47.03
C ASN D 311 2.82 -44.51 -47.45
N PHE D 312 2.26 -44.79 -48.62
CA PHE D 312 2.20 -46.17 -49.08
C PHE D 312 3.57 -46.80 -49.26
N LYS D 313 4.55 -46.03 -49.70
CA LYS D 313 5.89 -46.58 -49.88
C LYS D 313 6.47 -47.10 -48.58
N ASP D 314 6.16 -46.43 -47.47
CA ASP D 314 6.65 -46.86 -46.16
C ASP D 314 5.94 -48.15 -45.74
N VAL D 315 4.66 -48.25 -46.05
CA VAL D 315 3.86 -49.43 -45.70
C VAL D 315 4.34 -50.67 -46.45
N ILE D 316 4.56 -50.53 -47.75
CA ILE D 316 5.04 -51.65 -48.56
C ILE D 316 6.33 -52.21 -47.96
N GLU D 317 7.27 -51.30 -47.72
CA GLU D 317 8.55 -51.65 -47.18
C GLU D 317 8.44 -52.39 -45.84
N THR D 318 7.57 -51.88 -44.97
CA THR D 318 7.39 -52.50 -43.66
C THR D 318 6.68 -53.84 -43.82
N ALA D 319 5.80 -53.93 -44.80
CA ALA D 319 5.11 -55.19 -45.03
C ALA D 319 6.15 -56.19 -45.53
N LYS D 320 7.01 -55.76 -46.45
CA LYS D 320 8.03 -56.65 -46.95
C LYS D 320 8.96 -57.11 -45.83
N LYS D 321 9.32 -56.20 -44.93
CA LYS D 321 10.19 -56.57 -43.82
C LYS D 321 9.54 -57.74 -43.09
N VAL D 322 8.22 -57.65 -42.92
CA VAL D 322 7.46 -58.67 -42.22
C VAL D 322 7.38 -59.98 -42.99
N MET D 323 7.17 -59.89 -44.30
CA MET D 323 7.09 -61.08 -45.13
C MET D 323 8.42 -61.82 -45.09
N ASN D 324 9.50 -61.06 -45.28
CA ASN D 324 10.85 -61.61 -45.30
C ASN D 324 11.47 -61.91 -43.95
N PHE D 325 10.72 -61.70 -42.87
CA PHE D 325 11.25 -61.94 -41.53
C PHE D 325 11.86 -63.32 -41.44
N THR E 5 2.56 70.11 1.23
CA THR E 5 2.12 68.92 0.43
C THR E 5 0.81 68.33 0.96
N PHE E 6 0.32 67.29 0.28
CA PHE E 6 -0.93 66.63 0.67
C PHE E 6 -0.65 65.69 1.84
N GLN E 7 -1.60 65.65 2.78
CA GLN E 7 -1.46 64.79 3.96
C GLN E 7 -2.72 63.97 4.21
N PHE E 8 -2.55 62.81 4.85
CA PHE E 8 -3.68 61.94 5.18
C PHE E 8 -4.26 62.40 6.51
N PRO E 9 -5.59 62.29 6.68
CA PRO E 9 -6.29 62.69 7.91
C PRO E 9 -6.21 61.67 9.04
N PHE E 10 -5.01 61.45 9.57
CA PHE E 10 -4.82 60.50 10.66
C PHE E 10 -5.32 61.03 12.00
N ALA E 11 -4.93 62.25 12.34
CA ALA E 11 -5.35 62.87 13.60
C ALA E 11 -6.85 62.70 13.72
N GLU E 12 -7.56 62.92 12.61
CA GLU E 12 -9.01 62.80 12.57
C GLU E 12 -9.42 61.32 12.66
N GLN E 13 -8.58 60.43 12.13
CA GLN E 13 -8.85 58.99 12.17
C GLN E 13 -8.98 58.52 13.61
N LEU E 14 -8.09 59.00 14.46
CA LEU E 14 -8.08 58.64 15.87
C LEU E 14 -9.29 59.21 16.61
N GLU E 15 -9.66 60.44 16.27
CA GLU E 15 -10.79 61.11 16.89
C GLU E 15 -12.11 60.43 16.60
N LYS E 16 -12.35 60.11 15.33
CA LYS E 16 -13.59 59.46 14.93
C LYS E 16 -13.74 58.10 15.60
N VAL E 17 -12.67 57.32 15.61
CA VAL E 17 -12.72 56.01 16.24
C VAL E 17 -12.86 56.18 17.75
N ALA E 18 -12.15 57.16 18.30
CA ALA E 18 -12.20 57.44 19.72
C ALA E 18 -13.62 57.75 20.15
N GLU E 19 -14.30 58.59 19.37
CA GLU E 19 -15.67 58.98 19.69
C GLU E 19 -16.70 57.87 19.51
N GLN E 20 -16.33 56.81 18.79
CA GLN E 20 -17.22 55.68 18.59
C GLN E 20 -17.20 54.76 19.80
N PHE E 21 -16.35 55.09 20.76
CA PHE E 21 -16.20 54.28 21.98
C PHE E 21 -16.31 55.13 23.24
N PRO E 22 -17.53 55.66 23.50
CA PRO E 22 -17.82 56.50 24.66
C PRO E 22 -17.92 55.67 25.94
N THR E 23 -17.63 56.29 27.09
CA THR E 23 -17.67 55.60 28.38
C THR E 23 -19.11 55.40 28.88
N PHE E 24 -19.61 54.17 28.76
CA PHE E 24 -20.95 53.84 29.20
C PHE E 24 -21.09 54.00 30.71
N GLN E 25 -21.95 54.93 31.12
CA GLN E 25 -22.18 55.17 32.55
C GLN E 25 -23.67 55.30 32.88
N ILE E 26 -24.08 54.67 33.97
CA ILE E 26 -25.46 54.71 34.43
C ILE E 26 -25.52 55.56 35.70
N LEU E 27 -24.88 55.08 36.77
CA LEU E 27 -24.84 55.79 38.04
C LEU E 27 -23.59 56.68 38.12
N ASN E 28 -23.53 57.52 39.15
CA ASN E 28 -22.38 58.42 39.33
C ASN E 28 -21.81 58.30 40.74
N GLU E 29 -20.76 59.05 41.02
CA GLU E 29 -20.11 59.02 42.31
C GLU E 29 -21.01 59.50 43.44
N GLU E 30 -22.26 59.81 43.11
CA GLU E 30 -23.22 60.27 44.10
C GLU E 30 -24.34 59.25 44.30
N GLY E 31 -24.46 58.31 43.37
CA GLY E 31 -25.50 57.30 43.48
C GLY E 31 -26.79 57.72 42.82
N GLU E 32 -26.70 58.61 41.84
CA GLU E 32 -27.86 59.10 41.11
C GLU E 32 -27.86 58.54 39.69
N VAL E 33 -29.04 58.40 39.10
CA VAL E 33 -29.14 57.89 37.73
C VAL E 33 -28.89 59.02 36.72
N VAL E 34 -27.75 58.95 36.03
CA VAL E 34 -27.36 59.96 35.06
C VAL E 34 -27.74 59.56 33.63
N ASN E 35 -28.43 58.43 33.51
CA ASN E 35 -28.83 57.94 32.21
C ASN E 35 -30.01 56.99 32.37
N GLU E 36 -31.10 57.51 32.93
CA GLU E 36 -32.31 56.72 33.15
C GLU E 36 -32.76 56.14 31.81
N GLU E 37 -32.32 56.78 30.74
CA GLU E 37 -32.66 56.37 29.39
C GLU E 37 -32.27 54.92 29.13
N ALA E 38 -31.23 54.46 29.82
CA ALA E 38 -30.76 53.08 29.67
C ALA E 38 -30.72 52.39 31.03
N MET E 39 -31.90 52.11 31.58
CA MET E 39 -32.00 51.47 32.89
C MET E 39 -32.35 49.99 32.76
N PRO E 40 -31.53 49.11 33.35
CA PRO E 40 -31.76 47.67 33.29
C PRO E 40 -32.85 47.28 34.29
N GLU E 41 -33.89 46.61 33.81
CA GLU E 41 -34.99 46.22 34.68
C GLU E 41 -34.58 45.16 35.70
N LEU E 42 -34.22 45.63 36.89
CA LEU E 42 -33.81 44.75 37.99
C LEU E 42 -34.78 44.94 39.14
N SER E 43 -35.35 43.83 39.61
CA SER E 43 -36.30 43.89 40.72
C SER E 43 -35.60 44.40 41.98
N ASP E 44 -36.39 44.79 42.98
CA ASP E 44 -35.83 45.30 44.22
C ASP E 44 -35.05 44.19 44.93
N GLU E 45 -35.50 42.95 44.72
CA GLU E 45 -34.85 41.80 45.34
C GLU E 45 -33.51 41.51 44.66
N GLN E 46 -33.42 41.85 43.38
CA GLN E 46 -32.19 41.63 42.62
C GLN E 46 -31.18 42.73 42.91
N LEU E 47 -31.66 43.95 43.13
CA LEU E 47 -30.77 45.06 43.45
C LEU E 47 -30.14 44.81 44.82
N LYS E 48 -30.86 44.09 45.67
CA LYS E 48 -30.38 43.75 47.00
C LYS E 48 -29.28 42.69 46.86
N GLU E 49 -29.63 41.57 46.25
CA GLU E 49 -28.69 40.49 46.05
C GLU E 49 -27.38 41.01 45.47
N LEU E 50 -27.46 41.87 44.46
CA LEU E 50 -26.28 42.44 43.82
C LEU E 50 -25.40 43.18 44.83
N MET E 51 -26.04 43.97 45.69
CA MET E 51 -25.30 44.72 46.70
C MET E 51 -24.66 43.80 47.73
N ARG E 52 -25.40 42.79 48.18
CA ARG E 52 -24.89 41.84 49.16
C ARG E 52 -23.70 41.05 48.64
N ARG E 53 -23.71 40.75 47.34
CA ARG E 53 -22.61 39.99 46.74
C ARG E 53 -21.33 40.81 46.68
N MET E 54 -21.45 42.10 46.41
CA MET E 54 -20.29 42.98 46.34
C MET E 54 -19.71 43.24 47.73
N VAL E 55 -20.58 43.38 48.73
CA VAL E 55 -20.13 43.61 50.09
C VAL E 55 -19.36 42.36 50.52
N TYR E 56 -19.97 41.21 50.22
CA TYR E 56 -19.38 39.93 50.55
C TYR E 56 -17.98 39.74 49.97
N THR E 57 -17.78 40.19 48.72
CA THR E 57 -16.48 40.06 48.06
C THR E 57 -15.43 40.97 48.68
N ARG E 58 -15.85 42.16 49.10
CA ARG E 58 -14.93 43.12 49.71
C ARG E 58 -14.38 42.56 51.02
N ILE E 59 -15.24 41.90 51.80
CA ILE E 59 -14.83 41.32 53.07
C ILE E 59 -13.92 40.12 52.79
N LEU E 60 -14.31 39.30 51.81
CA LEU E 60 -13.52 38.13 51.45
C LEU E 60 -12.14 38.60 51.04
N ASP E 61 -12.07 39.80 50.44
CA ASP E 61 -10.81 40.36 50.02
C ASP E 61 -9.93 40.58 51.24
N GLN E 62 -10.29 41.55 52.07
CA GLN E 62 -9.51 41.83 53.28
C GLN E 62 -9.20 40.56 54.06
N ARG E 63 -10.20 39.69 54.20
CA ARG E 63 -10.04 38.44 54.93
C ARG E 63 -8.93 37.59 54.29
N SER E 64 -8.99 37.44 52.97
CA SER E 64 -7.99 36.66 52.22
C SER E 64 -6.60 37.28 52.33
N ILE E 65 -6.56 38.61 52.43
CA ILE E 65 -5.31 39.33 52.53
C ILE E 65 -4.67 39.14 53.90
N SER E 66 -5.47 39.19 54.95
CA SER E 66 -4.95 39.00 56.30
C SER E 66 -4.47 37.57 56.45
N LEU E 67 -5.20 36.63 55.85
CA LEU E 67 -4.86 35.22 55.90
C LEU E 67 -3.54 34.93 55.19
N ASN E 68 -3.39 35.47 53.98
CA ASN E 68 -2.16 35.29 53.24
C ASN E 68 -0.97 35.74 54.07
N ARG E 69 -1.05 36.95 54.63
CA ARG E 69 0.01 37.48 55.46
C ARG E 69 0.19 36.66 56.75
N GLN E 70 -0.86 35.96 57.13
CA GLN E 70 -0.82 35.10 58.31
C GLN E 70 -0.19 33.77 57.90
N GLY E 71 0.17 33.68 56.63
CA GLY E 71 0.77 32.48 56.10
C GLY E 71 -0.22 31.35 55.95
N ARG E 72 -1.51 31.69 56.03
CA ARG E 72 -2.58 30.69 55.94
C ARG E 72 -3.20 30.59 54.55
N LEU E 73 -2.63 31.29 53.58
CA LEU E 73 -3.08 31.26 52.19
C LEU E 73 -1.88 31.43 51.27
N GLY E 74 -1.92 30.79 50.10
CA GLY E 74 -0.83 30.91 49.17
C GLY E 74 -1.03 32.07 48.22
N PHE E 75 -0.83 31.83 46.92
CA PHE E 75 -1.00 32.87 45.92
C PHE E 75 -2.37 33.53 46.01
N TYR E 76 -2.40 34.85 45.90
CA TYR E 76 -3.65 35.59 45.98
C TYR E 76 -3.54 36.98 45.35
N ALA E 77 -4.46 37.28 44.45
CA ALA E 77 -4.47 38.59 43.80
C ALA E 77 -5.70 39.38 44.24
N PRO E 78 -5.50 40.43 45.05
CA PRO E 78 -6.56 41.30 45.57
C PRO E 78 -7.65 41.66 44.54
N THR E 79 -8.89 41.73 45.03
CA THR E 79 -10.02 42.06 44.17
C THR E 79 -10.74 43.33 44.62
N ALA E 80 -10.27 43.92 45.71
CA ALA E 80 -10.88 45.13 46.24
C ALA E 80 -10.86 46.27 45.24
N GLY E 81 -12.05 46.79 44.92
CA GLY E 81 -12.15 47.89 43.97
C GLY E 81 -12.57 47.44 42.59
N GLN E 82 -13.05 46.20 42.48
CA GLN E 82 -13.49 45.64 41.20
C GLN E 82 -14.74 44.80 41.37
N GLU E 83 -15.44 45.00 42.48
CA GLU E 83 -16.66 44.25 42.77
C GLU E 83 -17.69 44.40 41.68
N ALA E 84 -17.79 45.59 41.11
CA ALA E 84 -18.75 45.86 40.05
C ALA E 84 -18.41 45.09 38.78
N SER E 85 -17.28 45.42 38.16
CA SER E 85 -16.87 44.75 36.94
C SER E 85 -16.85 43.23 37.08
N GLN E 86 -16.57 42.74 38.28
CA GLN E 86 -16.50 41.30 38.52
C GLN E 86 -17.84 40.62 38.88
N ILE E 87 -18.50 41.13 39.91
CA ILE E 87 -19.76 40.54 40.37
C ILE E 87 -21.00 40.90 39.55
N ALA E 88 -21.13 42.18 39.22
CA ALA E 88 -22.27 42.63 38.44
C ALA E 88 -22.24 42.00 37.06
N SER E 89 -21.04 41.71 36.57
CA SER E 89 -20.88 41.10 35.26
C SER E 89 -21.36 39.65 35.34
N HIS E 90 -20.95 38.95 36.38
CA HIS E 90 -21.35 37.57 36.56
C HIS E 90 -22.83 37.49 36.88
N PHE E 91 -23.36 38.54 37.51
CA PHE E 91 -24.76 38.58 37.88
C PHE E 91 -25.65 38.44 36.64
N ALA E 92 -25.21 39.03 35.53
CA ALA E 92 -25.97 38.99 34.29
C ALA E 92 -25.89 37.63 33.60
N LEU E 93 -25.09 36.72 34.16
CA LEU E 93 -24.93 35.39 33.58
C LEU E 93 -25.97 34.38 34.04
N GLU E 94 -25.93 33.21 33.41
CA GLU E 94 -26.84 32.11 33.70
C GLU E 94 -26.01 30.87 34.04
N LYS E 95 -26.62 29.91 34.72
CA LYS E 95 -25.93 28.69 35.10
C LYS E 95 -25.32 27.98 33.88
N GLU E 96 -25.96 28.12 32.73
CA GLU E 96 -25.49 27.49 31.50
C GLU E 96 -24.23 28.16 30.95
N ASP E 97 -23.97 29.39 31.36
CA ASP E 97 -22.81 30.12 30.88
C ASP E 97 -21.50 29.58 31.43
N PHE E 98 -20.50 29.53 30.57
CA PHE E 98 -19.19 29.02 30.95
C PHE E 98 -18.24 30.19 31.24
N ILE E 99 -17.50 30.10 32.36
CA ILE E 99 -16.55 31.15 32.73
C ILE E 99 -15.09 30.67 32.65
N LEU E 100 -14.23 31.46 32.02
CA LEU E 100 -12.81 31.14 31.93
C LEU E 100 -12.11 32.26 32.69
N PRO E 101 -11.90 32.06 33.99
CA PRO E 101 -11.26 33.04 34.88
C PRO E 101 -9.76 33.24 34.72
N GLY E 102 -9.32 34.42 35.14
CA GLY E 102 -7.91 34.73 35.12
C GLY E 102 -7.45 34.47 36.54
N TYR E 103 -6.17 34.69 36.82
CA TYR E 103 -5.65 34.45 38.15
C TYR E 103 -6.38 35.29 39.21
N ARG E 104 -6.70 36.53 38.88
CA ARG E 104 -7.38 37.41 39.82
C ARG E 104 -8.89 37.23 39.84
N ASP E 105 -9.43 36.52 38.85
CA ASP E 105 -10.87 36.32 38.76
C ASP E 105 -11.44 35.14 39.53
N VAL E 106 -10.98 34.95 40.76
CA VAL E 106 -11.46 33.87 41.60
C VAL E 106 -12.91 34.12 42.07
N PRO E 107 -13.27 35.37 42.43
CA PRO E 107 -14.63 35.70 42.88
C PRO E 107 -15.75 35.29 41.93
N GLN E 108 -15.53 35.45 40.63
CA GLN E 108 -16.55 35.10 39.64
C GLN E 108 -16.91 33.62 39.71
N ILE E 109 -15.89 32.76 39.72
CA ILE E 109 -16.10 31.30 39.78
C ILE E 109 -16.64 30.85 41.15
N ILE E 110 -16.47 31.69 42.17
CA ILE E 110 -16.99 31.34 43.49
C ILE E 110 -18.50 31.57 43.43
N TRP E 111 -18.89 32.77 43.04
CA TRP E 111 -20.30 33.10 42.94
C TRP E 111 -21.01 32.28 41.86
N HIS E 112 -20.24 31.49 41.12
CA HIS E 112 -20.82 30.66 40.07
C HIS E 112 -20.94 29.21 40.50
N GLY E 113 -20.61 28.92 41.76
CA GLY E 113 -20.73 27.56 42.26
C GLY E 113 -19.52 26.95 42.93
N LEU E 114 -18.31 27.42 42.61
CA LEU E 114 -17.11 26.86 43.21
C LEU E 114 -17.11 27.08 44.73
N PRO E 115 -17.13 25.98 45.50
CA PRO E 115 -17.14 26.09 46.97
C PRO E 115 -15.94 26.89 47.46
N LEU E 116 -16.20 27.83 48.36
CA LEU E 116 -15.15 28.70 48.91
C LEU E 116 -13.91 27.96 49.41
N TYR E 117 -14.12 26.88 50.15
CA TYR E 117 -12.98 26.14 50.69
C TYR E 117 -12.08 25.63 49.57
N GLN E 118 -12.65 25.37 48.40
CA GLN E 118 -11.86 24.89 47.27
C GLN E 118 -11.08 26.03 46.63
N ALA E 119 -11.63 27.23 46.73
CA ALA E 119 -10.97 28.41 46.18
C ALA E 119 -9.73 28.68 47.03
N PHE E 120 -9.85 28.46 48.34
CA PHE E 120 -8.72 28.66 49.24
C PHE E 120 -7.67 27.57 48.97
N LEU E 121 -8.13 26.36 48.70
CA LEU E 121 -7.18 25.29 48.40
C LEU E 121 -6.40 25.68 47.13
N PHE E 122 -7.09 26.36 46.21
CA PHE E 122 -6.46 26.81 44.98
C PHE E 122 -5.31 27.72 45.36
N SER E 123 -5.58 28.62 46.29
CA SER E 123 -4.60 29.60 46.77
C SER E 123 -3.33 28.94 47.34
N ARG E 124 -3.51 27.83 48.06
CA ARG E 124 -2.38 27.12 48.65
C ARG E 124 -1.67 26.24 47.63
N GLY E 125 -2.40 25.87 46.58
CA GLY E 125 -1.82 25.01 45.56
C GLY E 125 -2.12 23.56 45.87
N HIS E 126 -3.39 23.20 45.76
CA HIS E 126 -3.86 21.84 46.02
C HIS E 126 -4.84 21.47 44.90
N PHE E 127 -4.53 20.40 44.16
CA PHE E 127 -5.37 19.99 43.03
C PHE E 127 -6.87 19.92 43.32
N HIS E 128 -7.25 19.45 44.50
CA HIS E 128 -8.68 19.36 44.84
C HIS E 128 -9.31 20.74 44.77
N GLY E 129 -8.48 21.77 44.88
CA GLY E 129 -8.98 23.13 44.82
C GLY E 129 -9.44 23.47 43.41
N ASN E 130 -9.05 22.63 42.46
CA ASN E 130 -9.41 22.83 41.06
C ASN E 130 -10.32 21.72 40.54
N GLN E 131 -10.80 20.88 41.44
CA GLN E 131 -11.69 19.78 41.05
C GLN E 131 -13.13 20.29 40.98
N ILE E 132 -13.31 21.32 40.17
CA ILE E 132 -14.60 21.96 39.95
C ILE E 132 -15.79 21.02 40.03
N PRO E 133 -16.81 21.37 40.83
CA PRO E 133 -18.00 20.54 41.00
C PRO E 133 -18.68 20.32 39.65
N GLU E 134 -18.91 19.05 39.30
CA GLU E 134 -19.54 18.73 38.03
C GLU E 134 -20.97 19.26 38.03
N GLY E 135 -21.08 20.56 37.76
CA GLY E 135 -22.34 21.25 37.72
C GLY E 135 -22.02 22.71 37.45
N VAL E 136 -20.86 23.13 37.95
CA VAL E 136 -20.38 24.48 37.76
C VAL E 136 -19.54 24.52 36.49
N ASN E 137 -19.99 25.27 35.50
CA ASN E 137 -19.30 25.38 34.22
C ASN E 137 -18.22 26.46 34.24
N VAL E 138 -17.08 26.11 34.86
CA VAL E 138 -15.96 27.04 34.96
C VAL E 138 -14.64 26.30 34.90
N LEU E 139 -13.56 27.06 34.82
CA LEU E 139 -12.22 26.51 34.79
C LEU E 139 -11.45 27.15 35.94
N PRO E 140 -10.33 26.54 36.34
CA PRO E 140 -9.57 27.15 37.43
C PRO E 140 -8.98 28.44 36.88
N PRO E 141 -8.47 29.32 37.75
CA PRO E 141 -7.88 30.58 37.26
C PRO E 141 -6.70 30.37 36.31
N GLN E 142 -6.70 31.07 35.17
CA GLN E 142 -5.63 30.96 34.20
C GLN E 142 -4.43 31.85 34.55
N ILE E 143 -3.27 31.24 34.72
CA ILE E 143 -2.07 31.97 35.07
C ILE E 143 -1.38 32.55 33.83
N ILE E 144 -1.50 31.87 32.69
CA ILE E 144 -0.87 32.35 31.45
C ILE E 144 -1.74 33.42 30.80
N ILE E 145 -1.31 34.68 30.90
CA ILE E 145 -2.05 35.82 30.34
C ILE E 145 -2.46 35.74 28.87
N GLY E 146 -3.76 35.63 28.62
CA GLY E 146 -4.24 35.59 27.25
C GLY E 146 -4.61 34.23 26.70
N ALA E 147 -4.19 33.17 27.39
CA ALA E 147 -4.50 31.83 26.95
C ALA E 147 -5.99 31.55 27.09
N GLN E 148 -6.62 32.19 28.08
CA GLN E 148 -8.05 32.00 28.34
C GLN E 148 -8.93 32.58 27.24
N TYR E 149 -8.41 33.55 26.51
CA TYR E 149 -9.15 34.17 25.43
C TYR E 149 -9.32 33.16 24.29
N ILE E 150 -8.22 32.74 23.68
CA ILE E 150 -8.33 31.77 22.60
C ILE E 150 -9.07 30.51 23.08
N GLN E 151 -9.04 30.23 24.38
CA GLN E 151 -9.75 29.05 24.90
C GLN E 151 -11.24 29.35 24.96
N ALA E 152 -11.57 30.59 25.29
CA ALA E 152 -12.96 31.01 25.36
C ALA E 152 -13.57 30.89 23.96
N ALA E 153 -12.77 31.26 22.95
CA ALA E 153 -13.20 31.22 21.55
C ALA E 153 -13.64 29.82 21.17
N GLY E 154 -12.95 28.83 21.71
CA GLY E 154 -13.29 27.44 21.43
C GLY E 154 -14.51 27.03 22.23
N VAL E 155 -14.60 27.54 23.46
CA VAL E 155 -15.71 27.23 24.35
C VAL E 155 -17.02 27.73 23.73
N ALA E 156 -17.00 28.95 23.22
CA ALA E 156 -18.19 29.54 22.59
C ALA E 156 -18.57 28.78 21.32
N LEU E 157 -17.58 28.49 20.49
CA LEU E 157 -17.80 27.76 19.24
C LEU E 157 -18.40 26.38 19.52
N GLY E 158 -18.19 25.89 20.75
CA GLY E 158 -18.73 24.59 21.11
C GLY E 158 -20.19 24.71 21.50
N LEU E 159 -20.50 25.76 22.25
CA LEU E 159 -21.87 26.03 22.69
C LEU E 159 -22.72 26.43 21.48
N LYS E 160 -22.05 26.79 20.39
CA LYS E 160 -22.72 27.18 19.16
C LYS E 160 -23.13 25.93 18.38
N MET E 161 -22.18 25.01 18.20
CA MET E 161 -22.46 23.77 17.48
C MET E 161 -23.48 22.93 18.23
N ARG E 162 -23.36 22.90 19.57
CA ARG E 162 -24.28 22.15 20.40
C ARG E 162 -25.65 22.84 20.41
N GLY E 163 -25.72 23.98 19.74
CA GLY E 163 -26.96 24.74 19.67
C GLY E 163 -27.50 25.11 21.04
N LYS E 164 -26.60 25.45 21.96
CA LYS E 164 -26.98 25.82 23.32
C LYS E 164 -27.11 27.32 23.47
N LYS E 165 -28.22 27.77 24.04
CA LYS E 165 -28.43 29.19 24.27
C LYS E 165 -27.73 29.64 25.54
N ALA E 166 -26.41 29.69 25.45
CA ALA E 166 -25.56 30.10 26.55
C ALA E 166 -24.34 30.79 25.95
N VAL E 167 -23.48 31.33 26.80
CA VAL E 167 -22.30 32.03 26.31
C VAL E 167 -21.04 31.67 27.08
N ALA E 168 -19.91 32.00 26.47
CA ALA E 168 -18.61 31.76 27.08
C ALA E 168 -18.09 33.14 27.45
N ILE E 169 -17.72 33.32 28.71
CA ILE E 169 -17.19 34.60 29.16
C ILE E 169 -15.82 34.38 29.82
N THR E 170 -14.90 35.28 29.52
CA THR E 170 -13.55 35.20 30.07
C THR E 170 -13.03 36.61 30.36
N TYR E 171 -12.21 36.73 31.40
CA TYR E 171 -11.68 38.03 31.78
C TYR E 171 -10.16 38.06 31.72
N THR E 172 -9.62 39.27 31.56
CA THR E 172 -8.17 39.50 31.53
C THR E 172 -7.95 40.96 31.93
N GLY E 173 -6.72 41.31 32.26
CA GLY E 173 -6.46 42.68 32.67
C GLY E 173 -6.04 43.57 31.52
N ASP E 174 -5.76 44.84 31.82
CA ASP E 174 -5.36 45.79 30.80
C ASP E 174 -4.04 45.39 30.15
N GLY E 175 -3.12 44.84 30.95
CA GLY E 175 -1.84 44.41 30.44
C GLY E 175 -2.01 43.23 29.49
N GLY E 176 -3.00 42.39 29.79
CA GLY E 176 -3.27 41.22 28.96
C GLY E 176 -3.68 41.52 27.53
N THR E 177 -4.20 42.72 27.28
CA THR E 177 -4.64 43.08 25.94
C THR E 177 -3.49 43.19 24.94
N SER E 178 -2.25 43.13 25.44
CA SER E 178 -1.08 43.24 24.59
C SER E 178 -0.56 41.89 24.09
N GLN E 179 -1.19 40.81 24.57
CA GLN E 179 -0.81 39.44 24.20
C GLN E 179 -1.30 39.06 22.81
N GLY E 180 -0.52 38.24 22.11
CA GLY E 180 -0.93 37.80 20.79
C GLY E 180 -2.17 36.92 20.91
N ASP E 181 -2.20 36.10 21.95
CA ASP E 181 -3.32 35.20 22.21
C ASP E 181 -4.60 35.95 22.56
N PHE E 182 -4.44 37.20 23.00
CA PHE E 182 -5.59 38.04 23.34
C PHE E 182 -6.30 38.43 22.04
N TYR E 183 -5.51 38.92 21.09
CA TYR E 183 -6.05 39.31 19.79
C TYR E 183 -6.55 38.09 19.03
N GLU E 184 -5.74 37.03 19.01
CA GLU E 184 -6.10 35.80 18.30
C GLU E 184 -7.42 35.22 18.79
N GLY E 185 -7.69 35.38 20.09
CA GLY E 185 -8.92 34.85 20.65
C GLY E 185 -10.16 35.53 20.09
N ILE E 186 -10.27 36.84 20.31
CA ILE E 186 -11.42 37.60 19.83
C ILE E 186 -11.61 37.49 18.31
N ASN E 187 -10.51 37.45 17.56
CA ASN E 187 -10.61 37.35 16.10
C ASN E 187 -11.23 36.01 15.70
N PHE E 188 -10.94 34.98 16.49
CA PHE E 188 -11.48 33.65 16.24
C PHE E 188 -12.97 33.61 16.60
N ALA E 189 -13.33 34.29 17.68
CA ALA E 189 -14.73 34.32 18.11
C ALA E 189 -15.56 35.15 17.15
N GLY E 190 -14.89 36.02 16.39
CA GLY E 190 -15.59 36.89 15.45
C GLY E 190 -15.69 36.27 14.08
N ALA E 191 -14.69 35.46 13.74
CA ALA E 191 -14.64 34.82 12.45
C ALA E 191 -15.64 33.66 12.42
N PHE E 192 -15.73 32.93 13.53
CA PHE E 192 -16.65 31.80 13.64
C PHE E 192 -18.00 32.25 14.19
N LYS E 193 -18.15 33.54 14.42
CA LYS E 193 -19.38 34.10 14.98
C LYS E 193 -19.80 33.29 16.21
N ALA E 194 -18.87 33.13 17.13
CA ALA E 194 -19.11 32.39 18.36
C ALA E 194 -19.63 33.27 19.49
N PRO E 195 -20.53 32.73 20.33
CA PRO E 195 -21.14 33.42 21.46
C PRO E 195 -20.18 33.57 22.64
N ALA E 196 -19.27 34.52 22.55
CA ALA E 196 -18.30 34.72 23.61
C ALA E 196 -18.29 36.16 24.14
N ILE E 197 -18.10 36.32 25.45
CA ILE E 197 -18.06 37.65 26.05
C ILE E 197 -16.63 37.94 26.56
N PHE E 198 -15.91 38.81 25.85
CA PHE E 198 -14.56 39.17 26.23
C PHE E 198 -14.56 40.43 27.11
N VAL E 199 -14.16 40.27 28.37
CA VAL E 199 -14.12 41.40 29.29
C VAL E 199 -12.69 41.80 29.62
N VAL E 200 -12.44 43.09 29.60
CA VAL E 200 -11.11 43.62 29.88
C VAL E 200 -11.21 44.56 31.07
N GLN E 201 -10.79 44.06 32.23
CA GLN E 201 -10.80 44.86 33.46
C GLN E 201 -9.52 45.68 33.47
N ASN E 202 -9.66 46.99 33.33
CA ASN E 202 -8.52 47.87 33.29
C ASN E 202 -8.33 48.68 34.57
N ASN E 203 -7.29 48.32 35.33
CA ASN E 203 -6.97 49.01 36.57
C ASN E 203 -5.76 49.93 36.36
N ARG E 204 -5.50 50.25 35.10
CA ARG E 204 -4.41 51.14 34.71
C ARG E 204 -3.01 50.58 34.92
N PHE E 205 -2.93 49.38 35.47
CA PHE E 205 -1.62 48.79 35.73
C PHE E 205 -1.47 47.31 35.45
N ALA E 206 -0.25 46.94 35.09
CA ALA E 206 0.16 45.58 34.81
C ALA E 206 1.40 45.48 35.70
N ILE E 207 1.17 45.03 36.93
CA ILE E 207 2.22 44.92 37.93
C ILE E 207 2.56 46.41 37.94
N SER E 208 3.81 46.76 37.63
CA SER E 208 4.33 48.11 37.85
C SER E 208 4.23 48.96 36.59
N THR E 209 3.84 48.32 35.48
CA THR E 209 3.72 48.98 34.20
C THR E 209 2.31 49.54 33.95
N PRO E 210 2.20 50.86 33.77
CA PRO E 210 0.89 51.49 33.52
C PRO E 210 0.40 51.18 32.10
N VAL E 211 -0.92 51.14 31.93
CA VAL E 211 -1.51 50.87 30.63
C VAL E 211 -0.92 51.75 29.52
N GLU E 212 -0.54 52.98 29.86
CA GLU E 212 0.03 53.88 28.86
C GLU E 212 1.24 53.27 28.15
N LYS E 213 1.98 52.42 28.84
CA LYS E 213 3.16 51.80 28.25
C LYS E 213 2.81 50.51 27.53
N GLN E 214 1.53 50.13 27.56
CA GLN E 214 1.08 48.92 26.89
C GLN E 214 0.85 49.19 25.41
N THR E 215 0.02 50.18 25.14
CA THR E 215 -0.34 50.54 23.78
C THR E 215 -0.52 52.05 23.65
N VAL E 216 -0.65 52.53 22.41
CA VAL E 216 -0.85 53.95 22.18
C VAL E 216 -2.33 54.15 21.87
N ALA E 217 -3.10 53.08 22.01
CA ALA E 217 -4.54 53.11 21.76
C ALA E 217 -5.21 53.84 22.91
N LYS E 218 -6.00 54.86 22.59
CA LYS E 218 -6.66 55.66 23.60
C LYS E 218 -7.63 54.89 24.50
N THR E 219 -8.32 53.90 23.95
CA THR E 219 -9.23 53.09 24.75
C THR E 219 -8.77 51.65 24.54
N LEU E 220 -9.30 50.73 25.36
CA LEU E 220 -8.93 49.34 25.21
C LEU E 220 -10.06 48.60 24.49
N ALA E 221 -11.25 49.19 24.54
CA ALA E 221 -12.43 48.61 23.88
C ALA E 221 -12.30 48.72 22.37
N GLN E 222 -11.59 49.75 21.91
CA GLN E 222 -11.40 49.98 20.49
C GLN E 222 -10.61 48.87 19.82
N LYS E 223 -9.97 48.00 20.61
CA LYS E 223 -9.18 46.90 20.04
C LYS E 223 -10.10 45.86 19.38
N ALA E 224 -11.37 45.84 19.79
CA ALA E 224 -12.33 44.89 19.23
C ALA E 224 -12.58 45.21 17.77
N VAL E 225 -12.05 46.35 17.33
CA VAL E 225 -12.18 46.79 15.94
C VAL E 225 -11.26 45.99 15.01
N ALA E 226 -10.13 45.55 15.56
CA ALA E 226 -9.16 44.80 14.79
C ALA E 226 -9.69 43.39 14.51
N ALA E 227 -10.69 42.99 15.29
CA ALA E 227 -11.32 41.67 15.16
C ALA E 227 -12.66 41.76 14.44
N GLY E 228 -13.16 42.97 14.25
CA GLY E 228 -14.43 43.14 13.57
C GLY E 228 -15.66 42.95 14.44
N ILE E 229 -15.48 43.02 15.76
CA ILE E 229 -16.62 42.86 16.66
C ILE E 229 -16.88 44.14 17.45
N PRO E 230 -18.06 44.25 18.06
CA PRO E 230 -18.41 45.44 18.84
C PRO E 230 -17.62 45.55 20.15
N GLY E 231 -17.40 46.80 20.59
CA GLY E 231 -16.67 47.05 21.82
C GLY E 231 -17.31 48.14 22.64
N ILE E 232 -17.27 47.98 23.97
CA ILE E 232 -17.89 48.97 24.85
C ILE E 232 -17.00 49.31 26.03
N GLN E 233 -16.74 50.60 26.21
CA GLN E 233 -15.94 51.04 27.34
C GLN E 233 -16.97 51.40 28.43
N VAL E 234 -17.01 50.60 29.48
CA VAL E 234 -17.97 50.80 30.56
C VAL E 234 -17.30 51.38 31.80
N ASP E 235 -18.11 52.00 32.67
CA ASP E 235 -17.58 52.56 33.92
C ASP E 235 -17.46 51.35 34.83
N GLY E 236 -16.22 50.93 35.09
CA GLY E 236 -15.97 49.76 35.91
C GLY E 236 -16.48 49.84 37.33
N MET E 237 -16.48 51.03 37.90
CA MET E 237 -16.92 51.23 39.29
C MET E 237 -18.44 51.30 39.45
N ASP E 238 -19.17 51.27 38.34
CA ASP E 238 -20.63 51.34 38.38
C ASP E 238 -21.27 49.97 38.10
N PRO E 239 -21.98 49.42 39.11
CA PRO E 239 -22.67 48.12 39.05
C PRO E 239 -23.70 47.98 37.93
N LEU E 240 -24.49 49.03 37.71
CA LEU E 240 -25.53 49.00 36.68
C LEU E 240 -24.96 48.97 35.26
N ALA E 241 -24.05 49.89 34.95
CA ALA E 241 -23.44 49.96 33.63
C ALA E 241 -22.85 48.61 33.21
N VAL E 242 -22.12 47.99 34.14
CA VAL E 242 -21.50 46.70 33.86
C VAL E 242 -22.55 45.63 33.61
N TYR E 243 -23.53 45.53 34.49
CA TYR E 243 -24.59 44.53 34.34
C TYR E 243 -25.29 44.66 33.00
N ALA E 244 -25.48 45.90 32.55
CA ALA E 244 -26.15 46.17 31.29
C ALA E 244 -25.28 45.78 30.10
N ALA E 245 -24.02 46.19 30.12
CA ALA E 245 -23.10 45.88 29.04
C ALA E 245 -23.03 44.37 28.81
N VAL E 246 -22.99 43.61 29.91
CA VAL E 246 -22.93 42.16 29.82
C VAL E 246 -24.26 41.57 29.37
N LYS E 247 -25.35 42.09 29.93
CA LYS E 247 -26.69 41.62 29.59
C LYS E 247 -26.92 41.73 28.09
N ALA E 248 -26.61 42.90 27.54
CA ALA E 248 -26.78 43.16 26.12
C ALA E 248 -25.91 42.22 25.28
N ALA E 249 -24.66 42.08 25.70
CA ALA E 249 -23.71 41.22 24.99
C ALA E 249 -24.08 39.74 25.08
N ARG E 250 -24.78 39.36 26.15
CA ARG E 250 -25.17 37.98 26.32
C ARG E 250 -26.33 37.63 25.39
N GLU E 251 -27.29 38.55 25.29
CA GLU E 251 -28.45 38.36 24.44
C GLU E 251 -28.07 38.45 22.97
N ARG E 252 -27.10 39.32 22.67
CA ARG E 252 -26.62 39.48 21.31
C ARG E 252 -25.88 38.20 20.89
N ALA E 253 -25.33 37.50 21.88
CA ALA E 253 -24.58 36.28 21.61
C ALA E 253 -25.48 35.05 21.47
N ILE E 254 -26.55 34.98 22.26
CA ILE E 254 -27.46 33.84 22.17
C ILE E 254 -28.25 33.89 20.86
N ASN E 255 -28.44 35.09 20.33
CA ASN E 255 -29.17 35.28 19.09
C ASN E 255 -28.29 34.96 17.88
N GLY E 256 -27.00 34.72 18.14
CA GLY E 256 -26.08 34.37 17.08
C GLY E 256 -25.40 35.51 16.35
N GLU E 257 -25.48 36.72 16.90
CA GLU E 257 -24.87 37.88 16.26
C GLU E 257 -23.36 37.96 16.44
N GLY E 258 -22.83 37.19 17.39
CA GLY E 258 -21.39 37.19 17.63
C GLY E 258 -20.98 37.69 19.00
N PRO E 259 -19.67 37.82 19.24
CA PRO E 259 -19.12 38.28 20.52
C PRO E 259 -19.06 39.81 20.67
N THR E 260 -18.86 40.25 21.90
CA THR E 260 -18.79 41.67 22.24
C THR E 260 -17.69 41.92 23.27
N LEU E 261 -16.72 42.75 22.92
CA LEU E 261 -15.63 43.07 23.84
C LEU E 261 -15.99 44.23 24.77
N ILE E 262 -15.94 43.98 26.07
CA ILE E 262 -16.27 44.99 27.08
C ILE E 262 -15.05 45.39 27.90
N GLU E 263 -14.85 46.69 28.08
CA GLU E 263 -13.74 47.21 28.85
C GLU E 263 -14.28 47.89 30.10
N THR E 264 -13.91 47.41 31.27
CA THR E 264 -14.38 48.05 32.50
C THR E 264 -13.28 48.91 33.13
N LEU E 265 -13.56 50.21 33.28
CA LEU E 265 -12.58 51.12 33.88
C LEU E 265 -12.76 51.14 35.40
N CYS E 266 -11.79 50.57 36.11
CA CYS E 266 -11.82 50.52 37.57
C CYS E 266 -10.41 50.64 38.12
N PHE E 267 -10.26 50.41 39.41
CA PHE E 267 -8.95 50.46 40.07
C PHE E 267 -8.98 49.73 41.40
N ARG E 268 -8.06 48.78 41.58
CA ARG E 268 -7.99 48.00 42.81
C ARG E 268 -7.23 48.76 43.90
N TYR E 269 -7.72 48.62 45.12
CA TYR E 269 -7.10 49.29 46.26
C TYR E 269 -5.99 48.46 46.87
N GLU E 290 -7.54 60.03 47.52
CA GLU E 290 -7.41 59.12 46.40
C GLU E 290 -8.72 58.90 45.68
N TRP E 291 -8.82 57.78 44.96
CA TRP E 291 -10.03 57.46 44.21
C TRP E 291 -10.98 56.64 45.08
N ALA E 292 -11.25 57.15 46.29
CA ALA E 292 -12.13 56.46 47.21
C ALA E 292 -13.59 56.75 46.99
N LYS E 293 -13.91 58.03 46.76
CA LYS E 293 -15.30 58.41 46.52
C LYS E 293 -15.92 57.66 45.36
N LYS E 294 -15.06 57.08 44.52
CA LYS E 294 -15.49 56.33 43.34
C LYS E 294 -15.53 54.82 43.64
N ASP E 295 -15.77 54.47 44.90
CA ASP E 295 -15.83 53.07 45.30
C ASP E 295 -17.17 52.48 44.90
N PRO E 296 -17.14 51.32 44.24
CA PRO E 296 -18.36 50.63 43.78
C PRO E 296 -19.43 50.55 44.87
N LEU E 297 -18.98 50.29 46.10
CA LEU E 297 -19.89 50.18 47.22
C LEU E 297 -20.53 51.47 47.71
N VAL E 298 -19.82 52.58 47.57
CA VAL E 298 -20.34 53.87 48.01
C VAL E 298 -21.54 54.34 47.19
N ARG E 299 -21.33 54.54 45.89
CA ARG E 299 -22.38 55.01 44.99
C ARG E 299 -23.61 54.11 44.91
N PHE E 300 -23.39 52.80 45.04
CA PHE E 300 -24.51 51.88 44.95
C PHE E 300 -25.32 51.84 46.24
N ARG E 301 -24.69 52.27 47.35
CA ARG E 301 -25.39 52.28 48.62
C ARG E 301 -26.26 53.52 48.65
N LYS E 302 -25.68 54.64 48.23
CA LYS E 302 -26.40 55.92 48.19
C LYS E 302 -27.56 55.86 47.20
N PHE E 303 -27.56 54.82 46.36
CA PHE E 303 -28.61 54.61 45.37
C PHE E 303 -29.71 53.71 45.94
N LEU E 304 -29.31 52.70 46.70
CA LEU E 304 -30.25 51.77 47.30
C LEU E 304 -30.84 52.35 48.59
N GLU E 305 -30.16 53.34 49.15
CA GLU E 305 -30.64 53.98 50.36
C GLU E 305 -31.73 54.97 49.97
N ALA E 306 -31.53 55.62 48.82
CA ALA E 306 -32.51 56.59 48.31
C ALA E 306 -33.82 55.88 48.02
N LYS E 307 -33.73 54.62 47.58
CA LYS E 307 -34.92 53.83 47.28
C LYS E 307 -35.34 53.05 48.52
N GLY E 308 -34.80 53.42 49.66
CA GLY E 308 -35.12 52.76 50.91
C GLY E 308 -35.03 51.25 50.78
N LEU E 309 -33.94 50.79 50.19
CA LEU E 309 -33.73 49.36 49.98
C LEU E 309 -32.52 48.82 50.74
N TRP E 310 -31.67 49.71 51.24
CA TRP E 310 -30.49 49.26 51.97
C TRP E 310 -30.20 50.08 53.22
N SER E 311 -29.91 49.37 54.31
CA SER E 311 -29.61 49.99 55.59
C SER E 311 -28.35 49.35 56.20
N GLU E 312 -27.83 49.97 57.25
CA GLU E 312 -26.63 49.46 57.91
C GLU E 312 -26.84 48.14 58.64
N GLU E 313 -28.09 47.71 58.76
CA GLU E 313 -28.40 46.44 59.43
C GLU E 313 -28.32 45.29 58.44
N GLU E 314 -28.65 45.57 57.18
CA GLU E 314 -28.60 44.55 56.13
C GLU E 314 -27.15 44.25 55.76
N GLU E 315 -26.31 45.27 55.81
CA GLU E 315 -24.90 45.10 55.47
C GLU E 315 -24.14 44.33 56.54
N ASN E 316 -24.19 44.82 57.78
CA ASN E 316 -23.50 44.14 58.87
C ASN E 316 -23.91 42.68 58.94
N ASN E 317 -25.10 42.37 58.45
CA ASN E 317 -25.58 40.99 58.44
C ASN E 317 -24.77 40.22 57.40
N VAL E 318 -24.53 40.88 56.27
CA VAL E 318 -23.76 40.27 55.19
C VAL E 318 -22.30 40.11 55.60
N ILE E 319 -21.73 41.17 56.15
CA ILE E 319 -20.35 41.17 56.59
C ILE E 319 -20.08 40.03 57.56
N GLU E 320 -20.98 39.84 58.52
CA GLU E 320 -20.80 38.76 59.50
C GLU E 320 -20.89 37.39 58.85
N GLN E 321 -21.90 37.18 58.02
CA GLN E 321 -22.08 35.90 57.34
C GLN E 321 -20.85 35.59 56.49
N ALA E 322 -20.23 36.63 55.95
CA ALA E 322 -19.04 36.48 55.14
C ALA E 322 -17.85 36.13 56.05
N LYS E 323 -17.86 36.66 57.27
CA LYS E 323 -16.80 36.41 58.23
C LYS E 323 -17.02 35.08 58.95
N GLU E 324 -18.14 34.44 58.66
CA GLU E 324 -18.47 33.15 59.25
C GLU E 324 -18.24 32.05 58.22
N GLU E 325 -18.73 32.27 56.99
CA GLU E 325 -18.55 31.30 55.92
C GLU E 325 -17.08 31.21 55.53
N ILE E 326 -16.31 32.22 55.95
CA ILE E 326 -14.88 32.25 55.67
C ILE E 326 -14.16 31.44 56.76
N LYS E 327 -14.64 31.55 57.99
CA LYS E 327 -14.07 30.80 59.10
C LYS E 327 -14.20 29.31 58.77
N GLU E 328 -15.43 28.88 58.61
CA GLU E 328 -15.75 27.48 58.31
C GLU E 328 -14.99 26.97 57.09
N ALA E 329 -15.06 27.71 55.99
CA ALA E 329 -14.40 27.30 54.75
C ALA E 329 -12.89 27.14 54.88
N ILE E 330 -12.24 28.06 55.56
CA ILE E 330 -10.79 28.00 55.72
C ILE E 330 -10.43 26.78 56.57
N LYS E 331 -11.37 26.38 57.42
CA LYS E 331 -11.17 25.23 58.31
C LYS E 331 -11.35 23.93 57.51
N LYS E 332 -12.28 23.93 56.56
CA LYS E 332 -12.54 22.75 55.74
C LYS E 332 -11.40 22.56 54.74
N ALA E 333 -10.51 23.55 54.68
CA ALA E 333 -9.37 23.48 53.77
C ALA E 333 -8.21 22.78 54.47
N ASP E 334 -8.11 22.98 55.78
CA ASP E 334 -7.06 22.35 56.57
C ASP E 334 -7.38 20.88 56.76
N GLU E 335 -8.67 20.55 56.72
CA GLU E 335 -9.15 19.19 56.90
C GLU E 335 -8.89 18.27 55.70
N THR E 336 -8.81 18.82 54.50
CA THR E 336 -8.56 18.02 53.31
C THR E 336 -7.10 17.53 53.34
N PRO E 337 -6.88 16.21 53.21
CA PRO E 337 -5.59 15.51 53.22
C PRO E 337 -4.50 16.07 52.32
N LYS E 338 -3.27 16.00 52.80
CA LYS E 338 -2.09 16.46 52.05
C LYS E 338 -1.97 15.66 50.75
N GLN E 339 -1.46 16.30 49.71
CA GLN E 339 -1.30 15.63 48.42
C GLN E 339 -0.12 14.64 48.45
N LYS E 340 -0.17 13.64 47.59
CA LYS E 340 0.89 12.65 47.50
C LYS E 340 1.35 12.59 46.05
N VAL E 341 2.53 11.99 45.83
CA VAL E 341 3.03 11.88 44.48
C VAL E 341 2.14 10.94 43.66
N THR E 342 1.63 9.90 44.31
CA THR E 342 0.76 8.94 43.62
C THR E 342 -0.52 9.64 43.16
N ASP E 343 -0.92 10.70 43.86
CA ASP E 343 -2.11 11.45 43.47
C ASP E 343 -1.85 12.19 42.17
N LEU E 344 -0.72 12.89 42.13
CA LEU E 344 -0.34 13.67 40.96
C LEU E 344 -0.16 12.78 39.73
N ILE E 345 0.23 11.52 39.95
CA ILE E 345 0.42 10.58 38.84
C ILE E 345 -0.92 10.04 38.34
N SER E 346 -1.81 9.69 39.26
CA SER E 346 -3.11 9.14 38.91
C SER E 346 -3.96 10.09 38.06
N ILE E 347 -3.75 11.40 38.23
CA ILE E 347 -4.52 12.38 37.46
C ILE E 347 -3.82 12.90 36.20
N MET E 348 -2.72 12.25 35.80
CA MET E 348 -1.99 12.67 34.61
C MET E 348 -2.69 12.18 33.34
N PHE E 349 -3.06 10.91 33.34
CA PHE E 349 -3.74 10.29 32.21
C PHE E 349 -4.90 9.44 32.73
N GLU E 350 -5.61 8.81 31.80
CA GLU E 350 -6.72 7.92 32.12
C GLU E 350 -6.12 6.52 32.11
N GLU E 351 -5.17 6.33 31.19
CA GLU E 351 -4.45 5.08 31.01
C GLU E 351 -2.99 5.53 31.09
N LEU E 352 -2.50 5.74 32.31
CA LEU E 352 -1.14 6.23 32.51
C LEU E 352 -0.05 5.45 31.77
N PRO E 353 0.95 6.17 31.22
CA PRO E 353 2.07 5.61 30.46
C PRO E 353 2.93 4.63 31.25
N PHE E 354 3.71 3.83 30.53
CA PHE E 354 4.59 2.86 31.15
C PHE E 354 5.57 3.49 32.14
N ASN E 355 6.10 4.66 31.80
CA ASN E 355 7.02 5.33 32.71
C ASN E 355 6.29 5.69 34.00
N LEU E 356 5.10 6.27 33.87
CA LEU E 356 4.31 6.65 35.04
C LEU E 356 3.79 5.46 35.84
N LYS E 357 3.70 4.29 35.21
CA LYS E 357 3.26 3.09 35.92
C LYS E 357 4.34 2.61 36.88
N GLU E 358 5.61 2.66 36.43
CA GLU E 358 6.72 2.25 37.28
C GLU E 358 6.86 3.19 38.46
N GLN E 359 6.93 4.48 38.17
CA GLN E 359 7.07 5.50 39.20
C GLN E 359 5.97 5.40 40.24
N TYR E 360 4.73 5.23 39.79
CA TYR E 360 3.61 5.12 40.72
C TYR E 360 3.91 4.01 41.72
N GLU E 361 4.52 2.92 41.24
CA GLU E 361 4.87 1.80 42.11
C GLU E 361 6.01 2.19 43.04
N ILE E 362 6.94 3.00 42.52
CA ILE E 362 8.07 3.45 43.32
C ILE E 362 7.53 4.26 44.51
N TYR E 363 6.68 5.23 44.21
CA TYR E 363 6.11 6.11 45.22
C TYR E 363 5.00 5.49 46.06
N LYS E 364 4.43 4.38 45.59
CA LYS E 364 3.38 3.70 46.34
C LYS E 364 4.03 3.00 47.53
N GLU E 365 5.28 2.60 47.34
CA GLU E 365 6.03 1.91 48.39
C GLU E 365 6.63 2.91 49.37
N LYS E 366 7.11 4.03 48.85
CA LYS E 366 7.72 5.06 49.70
C LYS E 366 6.68 5.68 50.61
N GLU E 367 5.43 5.68 50.16
CA GLU E 367 4.33 6.25 50.93
C GLU E 367 3.81 5.31 52.00
N SER E 368 4.07 4.01 51.85
CA SER E 368 3.61 3.01 52.81
C SER E 368 4.38 3.07 54.13
N ALA F 2 -6.29 -3.67 1.25
CA ALA F 2 -6.17 -2.69 0.14
C ALA F 2 -4.79 -2.04 0.12
N GLN F 3 -4.22 -1.87 -1.06
CA GLN F 3 -2.91 -1.24 -1.19
C GLN F 3 -3.05 0.27 -0.95
N MET F 4 -2.66 0.73 0.23
CA MET F 4 -2.75 2.16 0.53
C MET F 4 -1.37 2.77 0.78
N THR F 5 -1.26 4.07 0.52
CA THR F 5 -0.03 4.80 0.80
C THR F 5 -0.29 5.27 2.21
N MET F 6 0.75 5.68 2.93
CA MET F 6 0.53 6.11 4.30
C MET F 6 -0.52 7.21 4.41
N VAL F 7 -0.40 8.22 3.55
CA VAL F 7 -1.34 9.34 3.59
C VAL F 7 -2.77 8.83 3.40
N GLN F 8 -2.95 7.84 2.52
CA GLN F 8 -4.28 7.28 2.31
C GLN F 8 -4.74 6.60 3.59
N ALA F 9 -3.86 5.77 4.17
CA ALA F 9 -4.18 5.07 5.40
C ALA F 9 -4.64 6.08 6.46
N ILE F 10 -3.98 7.25 6.47
CA ILE F 10 -4.30 8.31 7.40
C ILE F 10 -5.71 8.82 7.09
N THR F 11 -5.91 9.19 5.83
CA THR F 11 -7.19 9.71 5.36
C THR F 11 -8.31 8.75 5.74
N ASP F 12 -8.05 7.46 5.51
CA ASP F 12 -9.01 6.43 5.83
C ASP F 12 -9.28 6.38 7.33
N ALA F 13 -8.24 6.60 8.13
CA ALA F 13 -8.38 6.58 9.58
C ALA F 13 -9.34 7.66 10.04
N LEU F 14 -9.20 8.84 9.44
CA LEU F 14 -10.06 9.97 9.80
C LEU F 14 -11.50 9.72 9.40
N ARG F 15 -11.70 9.15 8.22
CA ARG F 15 -13.05 8.85 7.74
C ARG F 15 -13.75 7.94 8.73
N ILE F 16 -13.07 6.86 9.10
CA ILE F 16 -13.60 5.89 10.05
C ILE F 16 -14.05 6.55 11.34
N GLU F 17 -13.24 7.48 11.85
CA GLU F 17 -13.55 8.17 13.08
C GLU F 17 -14.66 9.21 12.94
N LEU F 18 -14.80 9.77 11.75
CA LEU F 18 -15.86 10.74 11.52
C LEU F 18 -17.20 10.01 11.44
N LYS F 19 -17.16 8.77 10.95
CA LYS F 19 -18.36 7.95 10.82
C LYS F 19 -18.80 7.28 12.13
N ASN F 20 -17.84 6.71 12.86
CA ASN F 20 -18.17 6.01 14.11
C ASN F 20 -18.25 6.89 15.35
N ASP F 21 -17.73 8.12 15.28
CA ASP F 21 -17.77 9.02 16.43
C ASP F 21 -18.25 10.40 16.00
N PRO F 22 -19.48 10.77 16.39
CA PRO F 22 -20.06 12.07 16.04
C PRO F 22 -19.32 13.26 16.67
N ASN F 23 -18.61 12.99 17.77
CA ASN F 23 -17.88 14.02 18.49
C ASN F 23 -16.67 14.56 17.71
N VAL F 24 -16.04 13.70 16.92
CA VAL F 24 -14.86 14.10 16.14
C VAL F 24 -15.04 15.35 15.27
N LEU F 25 -14.05 16.23 15.33
CA LEU F 25 -14.04 17.46 14.54
C LEU F 25 -12.63 17.60 13.98
N ILE F 26 -12.53 17.99 12.71
CA ILE F 26 -11.24 18.15 12.08
C ILE F 26 -11.10 19.57 11.55
N PHE F 27 -10.05 20.28 11.95
CA PHE F 27 -9.85 21.64 11.49
C PHE F 27 -8.39 22.08 11.46
N GLY F 28 -8.15 23.19 10.80
CA GLY F 28 -6.81 23.73 10.68
C GLY F 28 -6.73 24.58 9.43
N GLU F 29 -5.53 24.91 9.00
CA GLU F 29 -5.38 25.72 7.80
C GLU F 29 -5.55 24.87 6.54
N ASP F 30 -6.46 25.31 5.66
CA ASP F 30 -6.73 24.65 4.38
C ASP F 30 -7.06 23.16 4.43
N VAL F 31 -7.75 22.73 5.48
CA VAL F 31 -8.11 21.31 5.62
C VAL F 31 -9.56 21.01 5.24
N GLY F 32 -10.25 22.00 4.68
CA GLY F 32 -11.65 21.81 4.29
C GLY F 32 -11.87 21.47 2.82
N VAL F 33 -12.17 22.48 2.02
CA VAL F 33 -12.41 22.27 0.60
C VAL F 33 -11.16 21.78 -0.12
N ASN F 34 -10.03 22.37 0.21
CA ASN F 34 -8.76 22.00 -0.41
C ASN F 34 -8.33 20.58 -0.04
N GLY F 35 -8.90 20.05 1.04
CA GLY F 35 -8.55 18.72 1.48
C GLY F 35 -7.15 18.57 2.06
N GLY F 36 -6.54 19.70 2.43
CA GLY F 36 -5.19 19.67 2.98
C GLY F 36 -4.13 19.89 1.91
N VAL F 37 -2.99 20.46 2.27
CA VAL F 37 -1.93 20.71 1.30
C VAL F 37 -1.27 19.39 0.85
N PHE F 38 -1.74 18.29 1.40
CA PHE F 38 -1.23 16.97 1.06
C PHE F 38 -2.38 15.99 0.82
N ARG F 39 -3.56 16.55 0.63
CA ARG F 39 -4.78 15.78 0.38
C ARG F 39 -4.99 14.77 1.49
N ALA F 40 -4.46 15.08 2.67
CA ALA F 40 -4.58 14.19 3.82
C ALA F 40 -6.01 14.18 4.33
N THR F 41 -6.73 15.27 4.12
CA THR F 41 -8.12 15.39 4.56
C THR F 41 -9.04 15.58 3.36
N GLU F 42 -8.63 15.00 2.23
CA GLU F 42 -9.36 15.09 0.98
C GLU F 42 -10.73 14.40 0.99
N GLY F 43 -11.75 15.11 0.56
CA GLY F 43 -13.09 14.56 0.51
C GLY F 43 -13.77 14.40 1.86
N LEU F 44 -13.03 14.62 2.94
CA LEU F 44 -13.59 14.50 4.28
C LEU F 44 -14.75 15.45 4.49
N GLN F 45 -14.55 16.72 4.12
CA GLN F 45 -15.57 17.74 4.29
C GLN F 45 -16.83 17.44 3.47
N ALA F 46 -16.64 17.09 2.20
CA ALA F 46 -17.76 16.81 1.29
C ALA F 46 -18.63 15.64 1.76
N GLU F 47 -18.11 14.81 2.66
CA GLU F 47 -18.83 13.65 3.16
C GLU F 47 -19.39 13.82 4.57
N PHE F 48 -18.98 14.88 5.27
CA PHE F 48 -19.44 15.08 6.64
C PHE F 48 -19.90 16.49 6.98
N GLY F 49 -19.83 17.40 6.02
CA GLY F 49 -20.27 18.77 6.27
C GLY F 49 -19.15 19.67 6.76
N GLU F 50 -19.20 20.94 6.38
CA GLU F 50 -18.17 21.89 6.78
C GLU F 50 -18.32 22.26 8.25
N ASP F 51 -19.28 21.62 8.91
CA ASP F 51 -19.52 21.84 10.33
C ASP F 51 -18.73 20.82 11.15
N ARG F 52 -18.07 19.90 10.45
CA ARG F 52 -17.27 18.87 11.11
C ARG F 52 -15.82 18.96 10.64
N VAL F 53 -15.64 19.31 9.38
CA VAL F 53 -14.31 19.47 8.79
C VAL F 53 -14.29 20.91 8.26
N PHE F 54 -13.49 21.76 8.90
CA PHE F 54 -13.46 23.16 8.49
C PHE F 54 -12.12 23.88 8.53
N ASP F 55 -12.10 25.05 7.92
CA ASP F 55 -10.91 25.89 7.89
C ASP F 55 -10.95 26.86 9.06
N THR F 56 -9.80 27.38 9.45
CA THR F 56 -9.72 28.31 10.55
C THR F 56 -8.84 29.48 10.11
N PRO F 57 -8.79 30.54 10.92
CA PRO F 57 -7.95 31.67 10.52
C PRO F 57 -6.49 31.19 10.53
N LEU F 58 -5.56 32.01 10.05
CA LEU F 58 -4.15 31.62 10.00
C LEU F 58 -3.43 31.94 11.32
N ALA F 59 -3.72 31.14 12.35
CA ALA F 59 -3.10 31.31 13.66
C ALA F 59 -3.01 29.98 14.41
N GLU F 60 -1.83 29.35 14.37
CA GLU F 60 -1.64 28.07 15.05
C GLU F 60 -2.13 28.13 16.49
N SER F 61 -1.69 29.15 17.22
CA SER F 61 -2.07 29.32 18.63
C SER F 61 -3.58 29.28 18.82
N GLY F 62 -4.28 30.14 18.08
CA GLY F 62 -5.72 30.21 18.19
C GLY F 62 -6.36 28.87 17.84
N ILE F 63 -5.65 28.07 17.05
CA ILE F 63 -6.15 26.76 16.65
C ILE F 63 -6.07 25.82 17.85
N GLY F 64 -5.05 26.02 18.68
CA GLY F 64 -4.89 25.20 19.85
C GLY F 64 -5.96 25.55 20.86
N GLY F 65 -6.16 26.84 21.05
CA GLY F 65 -7.17 27.29 21.99
C GLY F 65 -8.55 26.83 21.54
N LEU F 66 -8.78 26.85 20.24
CA LEU F 66 -10.06 26.42 19.70
C LEU F 66 -10.31 24.99 20.15
N ALA F 67 -9.34 24.13 19.87
CA ALA F 67 -9.41 22.72 20.23
C ALA F 67 -9.64 22.49 21.72
N ILE F 68 -8.99 23.27 22.57
CA ILE F 68 -9.15 23.10 24.01
C ILE F 68 -10.58 23.42 24.41
N GLY F 69 -11.06 24.57 23.95
CA GLY F 69 -12.42 24.98 24.25
C GLY F 69 -13.41 23.96 23.74
N LEU F 70 -13.20 23.47 22.52
CA LEU F 70 -14.09 22.48 21.92
C LEU F 70 -14.10 21.17 22.70
N ALA F 71 -12.98 20.87 23.35
CA ALA F 71 -12.88 19.66 24.15
C ALA F 71 -13.73 19.83 25.41
N LEU F 72 -13.78 21.07 25.91
CA LEU F 72 -14.56 21.41 27.09
C LEU F 72 -16.05 21.40 26.79
N GLN F 73 -16.40 20.97 25.58
CA GLN F 73 -17.79 20.89 25.18
C GLN F 73 -18.07 19.48 24.70
N GLY F 74 -17.25 18.54 25.13
CA GLY F 74 -17.43 17.15 24.78
C GLY F 74 -16.99 16.72 23.39
N PHE F 75 -16.31 17.60 22.68
CA PHE F 75 -15.86 17.25 21.33
C PHE F 75 -14.51 16.53 21.34
N ARG F 76 -14.27 15.76 20.28
CA ARG F 76 -13.03 15.01 20.12
C ARG F 76 -12.25 15.67 18.97
N PRO F 77 -11.62 16.83 19.24
CA PRO F 77 -10.85 17.59 18.27
C PRO F 77 -9.56 16.99 17.76
N VAL F 78 -9.47 16.90 16.44
CA VAL F 78 -8.28 16.37 15.77
C VAL F 78 -7.76 17.50 14.88
N PRO F 79 -7.12 18.51 15.50
CA PRO F 79 -6.56 19.66 14.78
C PRO F 79 -5.31 19.33 13.97
N GLU F 80 -4.97 20.22 13.04
CA GLU F 80 -3.77 20.04 12.21
C GLU F 80 -2.89 21.29 12.18
N ILE F 81 -1.59 21.07 12.07
CA ILE F 81 -0.63 22.17 11.97
C ILE F 81 0.19 21.83 10.72
N GLN F 82 -0.14 22.51 9.62
CA GLN F 82 0.49 22.28 8.32
C GLN F 82 1.91 21.75 8.27
N PHE F 83 2.74 22.20 9.19
CA PHE F 83 4.12 21.76 9.28
C PHE F 83 4.50 21.92 10.74
N PHE F 84 5.07 20.88 11.34
CA PHE F 84 5.41 20.95 12.76
C PHE F 84 6.37 22.07 13.10
N GLY F 85 7.14 22.52 12.11
CA GLY F 85 8.07 23.60 12.35
C GLY F 85 7.33 24.84 12.83
N PHE F 86 6.00 24.78 12.86
CA PHE F 86 5.19 25.89 13.31
C PHE F 86 4.67 25.61 14.73
N VAL F 87 5.17 24.54 15.34
CA VAL F 87 4.73 24.21 16.68
C VAL F 87 5.06 25.34 17.66
N TYR F 88 6.09 26.10 17.35
CA TYR F 88 6.50 27.20 18.22
C TYR F 88 5.40 28.21 18.50
N GLU F 89 4.49 28.43 17.56
CA GLU F 89 3.43 29.40 17.76
C GLU F 89 2.34 28.95 18.72
N VAL F 90 2.23 27.63 18.89
CA VAL F 90 1.21 27.07 19.77
C VAL F 90 1.82 26.14 20.81
N MET F 91 2.99 26.51 21.31
CA MET F 91 3.65 25.71 22.33
C MET F 91 2.94 25.75 23.68
N ASP F 92 2.32 26.88 24.01
CA ASP F 92 1.64 26.98 25.28
C ASP F 92 0.39 26.10 25.35
N SER F 93 -0.49 26.23 24.36
CA SER F 93 -1.71 25.42 24.33
C SER F 93 -1.43 23.93 24.41
N ILE F 94 -0.40 23.50 23.69
CA ILE F 94 -0.01 22.09 23.67
C ILE F 94 0.68 21.63 24.94
N CYS F 95 1.82 22.23 25.25
CA CYS F 95 2.62 21.86 26.42
C CYS F 95 2.27 22.53 27.76
N GLY F 96 1.69 23.72 27.71
CA GLY F 96 1.35 24.40 28.94
C GLY F 96 -0.14 24.39 29.24
N GLN F 97 -0.91 23.85 28.31
CA GLN F 97 -2.36 23.83 28.48
C GLN F 97 -3.02 22.44 28.42
N MET F 98 -3.31 21.96 27.21
CA MET F 98 -4.00 20.67 27.06
C MET F 98 -3.33 19.48 27.73
N ALA F 99 -2.00 19.48 27.77
CA ALA F 99 -1.25 18.39 28.38
C ALA F 99 -1.39 18.36 29.90
N ARG F 100 -1.84 19.48 30.47
CA ARG F 100 -1.94 19.60 31.92
C ARG F 100 -3.34 19.69 32.50
N ILE F 101 -4.32 20.02 31.66
CA ILE F 101 -5.70 20.19 32.12
C ILE F 101 -6.31 19.06 32.92
N ARG F 102 -6.07 17.80 32.55
CA ARG F 102 -6.63 16.70 33.32
C ARG F 102 -6.02 16.77 34.72
N TYR F 103 -4.72 17.03 34.77
CA TYR F 103 -3.98 17.13 36.02
C TYR F 103 -4.38 18.39 36.76
N ARG F 104 -4.52 19.47 36.01
CA ARG F 104 -4.88 20.77 36.56
C ARG F 104 -6.26 20.79 37.20
N THR F 105 -7.18 20.02 36.64
CA THR F 105 -8.54 19.97 37.18
C THR F 105 -8.84 18.70 37.99
N GLY F 106 -7.79 17.95 38.31
CA GLY F 106 -7.96 16.74 39.08
C GLY F 106 -8.80 15.67 38.42
N GLY F 107 -9.00 15.79 37.11
CA GLY F 107 -9.80 14.82 36.39
C GLY F 107 -11.16 15.34 35.97
N ARG F 108 -11.63 16.39 36.64
CA ARG F 108 -12.93 16.97 36.32
C ARG F 108 -13.06 17.25 34.81
N TYR F 109 -11.94 17.53 34.16
CA TYR F 109 -11.92 17.80 32.72
C TYR F 109 -10.85 16.97 32.03
N HIS F 110 -11.01 16.74 30.73
CA HIS F 110 -10.02 15.98 29.97
C HIS F 110 -9.77 16.63 28.60
N MET F 111 -8.75 16.15 27.89
CA MET F 111 -8.42 16.70 26.59
C MET F 111 -8.19 15.64 25.53
N PRO F 112 -9.27 15.05 24.98
CA PRO F 112 -9.11 14.01 23.96
C PRO F 112 -8.77 14.65 22.62
N ILE F 113 -7.53 15.14 22.51
CA ILE F 113 -7.06 15.81 21.30
C ILE F 113 -5.89 15.11 20.62
N THR F 114 -5.97 15.00 19.29
CA THR F 114 -4.92 14.35 18.52
C THR F 114 -4.43 15.37 17.48
N ILE F 115 -3.27 15.97 17.73
CA ILE F 115 -2.73 16.95 16.78
C ILE F 115 -1.94 16.25 15.69
N ARG F 116 -2.34 16.48 14.44
CA ARG F 116 -1.64 15.88 13.32
C ARG F 116 -0.74 16.95 12.73
N SER F 117 0.43 16.54 12.25
CA SER F 117 1.38 17.47 11.66
C SER F 117 2.53 16.76 10.97
N PRO F 118 2.79 17.08 9.70
CA PRO F 118 3.87 16.47 8.93
C PRO F 118 5.24 17.11 9.20
N PHE F 119 6.29 16.36 8.89
CA PHE F 119 7.66 16.82 9.09
C PHE F 119 8.55 15.89 8.27
N GLY F 120 9.87 16.06 8.37
CA GLY F 120 10.78 15.19 7.66
C GLY F 120 11.40 15.76 6.40
N GLY F 121 12.70 15.49 6.22
CA GLY F 121 13.41 15.98 5.05
C GLY F 121 13.54 14.97 3.92
N GLY F 122 14.31 15.34 2.89
CA GLY F 122 14.51 14.45 1.76
C GLY F 122 13.62 14.76 0.57
N VAL F 123 12.79 15.79 0.69
CA VAL F 123 11.88 16.20 -0.39
C VAL F 123 12.09 17.67 -0.79
N HIS F 124 13.20 18.25 -0.31
CA HIS F 124 13.57 19.62 -0.61
C HIS F 124 12.53 20.68 -0.27
N THR F 125 11.86 20.53 0.86
CA THR F 125 10.85 21.50 1.29
C THR F 125 11.54 22.74 1.82
N PRO F 126 10.79 23.85 1.92
CA PRO F 126 11.32 25.13 2.41
C PRO F 126 11.70 25.09 3.90
N GLU F 127 12.43 26.12 4.33
CA GLU F 127 12.87 26.26 5.70
C GLU F 127 11.73 26.03 6.71
N LEU F 128 12.08 25.38 7.82
CA LEU F 128 11.13 25.09 8.89
C LEU F 128 9.92 24.26 8.50
N HIS F 129 10.09 23.39 7.51
CA HIS F 129 9.01 22.51 7.07
C HIS F 129 9.38 21.08 7.45
N SER F 130 10.65 20.75 7.27
CA SER F 130 11.17 19.41 7.54
C SER F 130 12.01 19.29 8.80
N ASP F 131 11.64 19.98 9.87
CA ASP F 131 12.40 19.90 11.11
C ASP F 131 11.85 18.86 12.07
N SER F 132 12.75 18.10 12.70
CA SER F 132 12.35 17.08 13.66
C SER F 132 12.34 17.72 15.03
N LEU F 133 11.13 17.98 15.55
CA LEU F 133 11.00 18.61 16.86
C LEU F 133 10.27 17.72 17.86
N GLU F 134 10.19 16.43 17.54
CA GLU F 134 9.53 15.46 18.44
C GLU F 134 10.20 15.52 19.81
N GLY F 135 11.49 15.80 19.81
CA GLY F 135 12.24 15.87 21.04
C GLY F 135 11.69 16.88 22.01
N LEU F 136 11.06 17.94 21.50
CA LEU F 136 10.50 18.96 22.38
C LEU F 136 9.22 18.47 23.07
N VAL F 137 8.27 17.94 22.31
CA VAL F 137 7.02 17.48 22.93
C VAL F 137 7.21 16.25 23.80
N ALA F 138 8.18 15.42 23.46
CA ALA F 138 8.46 14.22 24.24
C ALA F 138 8.87 14.56 25.67
N GLN F 139 9.30 15.80 25.89
CA GLN F 139 9.74 16.25 27.21
C GLN F 139 8.62 16.82 28.07
N GLN F 140 7.41 16.89 27.53
CA GLN F 140 6.29 17.44 28.28
C GLN F 140 5.34 16.39 28.85
N PRO F 141 5.35 16.20 30.18
CA PRO F 141 4.47 15.21 30.81
C PRO F 141 3.01 15.49 30.47
N GLY F 142 2.25 14.45 30.15
CA GLY F 142 0.85 14.65 29.81
C GLY F 142 0.57 14.46 28.33
N LEU F 143 1.62 14.22 27.56
CA LEU F 143 1.48 14.01 26.14
C LEU F 143 1.98 12.65 25.75
N LYS F 144 1.60 12.23 24.54
CA LYS F 144 2.04 10.97 23.98
C LYS F 144 2.41 11.32 22.55
N VAL F 145 3.59 10.89 22.12
CA VAL F 145 4.06 11.20 20.79
C VAL F 145 4.23 9.94 19.97
N VAL F 146 3.44 9.83 18.91
CA VAL F 146 3.49 8.69 18.01
C VAL F 146 4.04 9.11 16.66
N ILE F 147 4.91 8.28 16.09
CA ILE F 147 5.49 8.58 14.78
C ILE F 147 5.50 7.30 13.93
N PRO F 148 4.51 7.14 13.04
CA PRO F 148 4.39 5.97 12.17
C PRO F 148 5.36 6.00 10.99
N SER F 149 5.77 4.82 10.53
CA SER F 149 6.68 4.71 9.40
C SER F 149 6.09 3.87 8.28
N THR F 150 4.89 3.34 8.50
CA THR F 150 4.20 2.52 7.50
C THR F 150 2.69 2.72 7.54
N PRO F 151 2.02 2.60 6.38
CA PRO F 151 0.58 2.78 6.26
C PRO F 151 -0.24 1.92 7.23
N TYR F 152 0.15 0.66 7.41
CA TYR F 152 -0.57 -0.21 8.33
C TYR F 152 -0.50 0.36 9.74
N ASP F 153 0.68 0.86 10.10
CA ASP F 153 0.88 1.45 11.43
C ASP F 153 0.17 2.79 11.56
N ALA F 154 0.30 3.62 10.53
CA ALA F 154 -0.33 4.93 10.53
C ALA F 154 -1.82 4.86 10.81
N LYS F 155 -2.53 3.94 10.13
CA LYS F 155 -3.97 3.82 10.34
C LYS F 155 -4.26 3.29 11.74
N GLY F 156 -3.55 2.24 12.13
CA GLY F 156 -3.76 1.69 13.45
C GLY F 156 -3.54 2.72 14.54
N LEU F 157 -2.35 3.29 14.59
CA LEU F 157 -1.99 4.28 15.60
C LEU F 157 -2.96 5.47 15.63
N LEU F 158 -3.19 6.11 14.48
CA LEU F 158 -4.08 7.26 14.42
C LEU F 158 -5.47 7.02 15.01
N ILE F 159 -6.00 5.82 14.86
CA ILE F 159 -7.32 5.50 15.40
C ILE F 159 -7.23 5.42 16.92
N SER F 160 -6.27 4.64 17.42
CA SER F 160 -6.09 4.52 18.86
C SER F 160 -5.73 5.89 19.41
N ALA F 161 -5.06 6.69 18.60
CA ALA F 161 -4.67 8.04 19.01
C ALA F 161 -5.93 8.84 19.27
N ILE F 162 -6.77 9.01 18.25
CA ILE F 162 -8.01 9.77 18.37
C ILE F 162 -8.95 9.28 19.47
N ARG F 163 -8.95 7.99 19.74
CA ARG F 163 -9.83 7.46 20.78
C ARG F 163 -9.33 7.70 22.19
N ASP F 164 -8.01 7.78 22.33
CA ASP F 164 -7.34 8.04 23.60
C ASP F 164 -8.01 9.27 24.20
N ASN F 165 -8.20 9.32 25.51
CA ASN F 165 -8.87 10.50 26.05
C ASN F 165 -7.97 11.64 26.52
N ASP F 166 -6.65 11.48 26.33
CA ASP F 166 -5.67 12.50 26.69
C ASP F 166 -4.92 12.92 25.44
N PRO F 167 -4.35 14.12 25.43
CA PRO F 167 -3.60 14.61 24.26
C PRO F 167 -2.59 13.64 23.67
N VAL F 168 -2.50 13.64 22.34
CA VAL F 168 -1.56 12.81 21.62
C VAL F 168 -1.08 13.59 20.40
N ILE F 169 0.21 13.53 20.13
CA ILE F 169 0.80 14.21 18.99
C ILE F 169 1.11 13.14 17.96
N PHE F 170 0.58 13.32 16.75
CA PHE F 170 0.77 12.37 15.65
C PHE F 170 1.62 13.02 14.56
N LEU F 171 2.89 12.68 14.48
CA LEU F 171 3.77 13.25 13.46
C LEU F 171 3.95 12.31 12.27
N GLU F 172 3.45 12.73 11.12
CA GLU F 172 3.51 11.95 9.88
C GLU F 172 4.61 12.46 8.96
N HIS F 173 5.57 11.58 8.67
CA HIS F 173 6.74 11.92 7.83
C HIS F 173 6.45 12.18 6.36
N LEU F 174 6.74 13.41 5.92
CA LEU F 174 6.54 13.84 4.53
C LEU F 174 6.98 12.82 3.48
N LYS F 175 8.24 12.39 3.59
CA LYS F 175 8.82 11.44 2.65
C LYS F 175 8.13 10.07 2.72
N LEU F 176 7.25 9.89 3.69
CA LEU F 176 6.54 8.62 3.84
C LEU F 176 5.06 8.71 3.54
N TYR F 177 4.61 9.81 2.95
CA TYR F 177 3.20 9.95 2.65
C TYR F 177 2.77 9.05 1.49
N ARG F 178 3.50 9.12 0.38
CA ARG F 178 3.21 8.31 -0.81
C ARG F 178 4.51 7.89 -1.49
N SER F 179 5.27 7.02 -0.81
CA SER F 179 6.53 6.50 -1.33
C SER F 179 6.41 5.01 -1.64
N PHE F 180 5.73 4.29 -0.76
CA PHE F 180 5.53 2.87 -0.95
C PHE F 180 4.15 2.40 -0.51
N ARG F 181 3.56 1.48 -1.26
CA ARG F 181 2.21 1.01 -1.00
C ARG F 181 2.24 -0.29 -0.19
N GLN F 182 1.36 -0.42 0.78
CA GLN F 182 1.32 -1.55 1.70
C GLN F 182 -0.09 -2.06 1.98
N GLU F 183 -0.22 -3.37 2.09
CA GLU F 183 -1.52 -3.99 2.37
C GLU F 183 -2.10 -3.42 3.66
N VAL F 184 -3.12 -2.59 3.51
CA VAL F 184 -3.78 -1.97 4.66
C VAL F 184 -5.24 -2.39 4.77
N PRO F 185 -5.59 -3.11 5.83
CA PRO F 185 -6.98 -3.56 6.04
C PRO F 185 -7.91 -2.36 6.02
N GLU F 186 -9.14 -2.57 5.58
CA GLU F 186 -10.13 -1.51 5.55
C GLU F 186 -10.99 -1.72 6.79
N GLY F 187 -11.62 -0.66 7.28
CA GLY F 187 -12.44 -0.79 8.47
C GLY F 187 -11.63 -0.58 9.73
N GLU F 188 -12.34 -0.37 10.84
CA GLU F 188 -11.72 -0.13 12.14
C GLU F 188 -10.72 -1.19 12.60
N TYR F 189 -9.72 -0.72 13.35
CA TYR F 189 -8.69 -1.56 13.95
C TYR F 189 -7.64 -0.68 14.62
N THR F 190 -7.19 -1.09 15.80
CA THR F 190 -6.23 -0.30 16.55
C THR F 190 -4.90 -0.99 16.87
N ILE F 191 -3.88 -0.16 17.06
CA ILE F 191 -2.54 -0.62 17.42
C ILE F 191 -2.27 0.07 18.76
N PRO F 192 -1.79 -0.67 19.76
CA PRO F 192 -1.52 -0.01 21.05
C PRO F 192 -0.52 1.13 20.92
N ILE F 193 -0.68 2.16 21.75
CA ILE F 193 0.24 3.29 21.75
C ILE F 193 1.30 2.96 22.79
N GLY F 194 2.54 3.33 22.52
CA GLY F 194 3.60 3.02 23.47
C GLY F 194 4.09 1.61 23.26
N LYS F 195 3.65 1.00 22.16
CA LYS F 195 4.04 -0.36 21.81
C LYS F 195 4.87 -0.29 20.53
N ALA F 196 5.95 -1.06 20.48
CA ALA F 196 6.82 -1.07 19.31
C ALA F 196 6.82 -2.47 18.70
N ASP F 197 7.36 -2.62 17.50
CA ASP F 197 7.40 -3.94 16.88
C ASP F 197 8.73 -4.19 16.17
N ILE F 198 9.07 -5.46 16.01
CA ILE F 198 10.32 -5.82 15.34
C ILE F 198 10.08 -5.91 13.84
N LYS F 199 10.67 -4.98 13.08
CA LYS F 199 10.52 -4.97 11.63
C LYS F 199 11.29 -6.15 11.05
N ARG F 200 12.52 -6.32 11.52
CA ARG F 200 13.38 -7.41 11.08
C ARG F 200 13.98 -8.04 12.33
N GLU F 201 13.99 -9.36 12.38
CA GLU F 201 14.54 -10.07 13.53
C GLU F 201 16.02 -10.35 13.30
N GLY F 202 16.86 -10.05 14.28
CA GLY F 202 18.28 -10.28 14.17
C GLY F 202 18.86 -10.79 15.48
N LYS F 203 20.14 -11.13 15.51
CA LYS F 203 20.74 -11.65 16.73
C LYS F 203 22.07 -11.04 17.22
N ASP F 204 22.84 -10.42 16.31
CA ASP F 204 24.11 -9.83 16.71
C ASP F 204 24.05 -8.36 17.14
N ILE F 205 23.06 -7.63 16.66
CA ILE F 205 22.95 -6.22 16.99
C ILE F 205 21.50 -5.73 16.96
N THR F 206 21.21 -4.71 17.76
CA THR F 206 19.88 -4.14 17.79
C THR F 206 19.90 -2.73 17.22
N ILE F 207 19.00 -2.47 16.29
CA ILE F 207 18.90 -1.15 15.67
C ILE F 207 17.51 -0.55 15.95
N ILE F 208 17.47 0.41 16.86
CA ILE F 208 16.23 1.09 17.22
C ILE F 208 16.06 2.32 16.33
N ALA F 209 14.84 2.55 15.84
CA ALA F 209 14.60 3.70 14.97
C ALA F 209 13.13 4.02 14.80
N TYR F 210 12.85 5.13 14.12
CA TYR F 210 11.48 5.57 13.86
C TYR F 210 11.45 6.51 12.66
N GLY F 211 10.29 6.63 12.03
CA GLY F 211 10.17 7.50 10.88
C GLY F 211 10.88 6.98 9.65
N ALA F 212 11.44 7.88 8.87
CA ALA F 212 12.16 7.52 7.65
C ALA F 212 13.40 6.68 7.96
N MET F 213 13.78 6.64 9.23
CA MET F 213 14.96 5.89 9.62
C MET F 213 14.69 4.38 9.73
N VAL F 214 13.44 3.99 9.89
CA VAL F 214 13.12 2.57 9.95
C VAL F 214 13.49 1.93 8.61
N HIS F 215 13.16 2.62 7.51
CA HIS F 215 13.48 2.12 6.17
C HIS F 215 14.99 2.11 5.94
N GLU F 216 15.66 3.21 6.25
CA GLU F 216 17.11 3.30 6.08
C GLU F 216 17.78 2.21 6.90
N SER F 217 17.12 1.80 7.98
CA SER F 217 17.68 0.77 8.85
C SER F 217 17.53 -0.61 8.23
N LEU F 218 16.30 -0.93 7.81
CA LEU F 218 16.02 -2.21 7.17
C LEU F 218 16.90 -2.38 5.94
N LYS F 219 17.38 -1.26 5.41
CA LYS F 219 18.24 -1.28 4.23
C LYS F 219 19.66 -1.60 4.63
N ALA F 220 20.10 -1.01 5.73
CA ALA F 220 21.46 -1.25 6.23
C ALA F 220 21.53 -2.69 6.72
N ALA F 221 20.44 -3.14 7.34
CA ALA F 221 20.34 -4.50 7.88
C ALA F 221 20.54 -5.54 6.78
N ALA F 222 20.00 -5.26 5.60
CA ALA F 222 20.12 -6.18 4.47
C ALA F 222 21.57 -6.27 4.02
N GLU F 223 22.21 -5.12 3.85
CA GLU F 223 23.61 -5.11 3.44
C GLU F 223 24.51 -5.69 4.53
N LEU F 224 24.04 -5.62 5.77
CA LEU F 224 24.81 -6.16 6.90
C LEU F 224 24.82 -7.68 6.82
N GLU F 225 23.66 -8.24 6.48
CA GLU F 225 23.51 -9.68 6.35
C GLU F 225 24.58 -10.18 5.37
N LYS F 226 24.67 -9.49 4.23
CA LYS F 226 25.65 -9.84 3.20
C LYS F 226 27.08 -9.64 3.72
N GLU F 227 27.21 -9.31 5.00
CA GLU F 227 28.51 -9.11 5.60
C GLU F 227 28.61 -9.94 6.88
N GLY F 228 27.63 -10.81 7.08
CA GLY F 228 27.62 -11.66 8.26
C GLY F 228 27.23 -10.95 9.55
N ILE F 229 26.26 -10.04 9.44
CA ILE F 229 25.80 -9.29 10.60
C ILE F 229 24.27 -9.38 10.61
N SER F 230 23.72 -10.00 11.65
CA SER F 230 22.27 -10.14 11.78
C SER F 230 21.76 -8.96 12.59
N ALA F 231 21.05 -8.04 11.93
CA ALA F 231 20.54 -6.85 12.61
C ALA F 231 19.06 -6.84 12.93
N GLU F 232 18.72 -6.95 14.21
CA GLU F 232 17.32 -6.91 14.65
C GLU F 232 16.91 -5.44 14.68
N VAL F 233 16.06 -5.03 13.73
CA VAL F 233 15.63 -3.65 13.65
C VAL F 233 14.31 -3.41 14.38
N VAL F 234 14.34 -2.46 15.33
CA VAL F 234 13.16 -2.15 16.12
C VAL F 234 12.56 -0.79 15.79
N ASP F 235 11.26 -0.79 15.48
CA ASP F 235 10.54 0.44 15.17
C ASP F 235 9.83 0.84 16.44
N LEU F 236 10.16 2.02 16.96
CA LEU F 236 9.55 2.51 18.18
C LEU F 236 8.05 2.77 18.02
N ARG F 237 7.68 3.42 16.92
CA ARG F 237 6.28 3.75 16.62
C ARG F 237 5.64 4.68 17.65
N THR F 238 6.27 4.80 18.81
CA THR F 238 5.82 5.69 19.87
C THR F 238 7.11 6.10 20.56
N VAL F 239 7.56 7.33 20.28
CA VAL F 239 8.81 7.84 20.86
C VAL F 239 8.61 8.36 22.28
N GLN F 240 7.36 8.32 22.75
CA GLN F 240 7.02 8.79 24.08
C GLN F 240 5.55 8.52 24.36
N PRO F 241 5.25 7.58 25.27
CA PRO F 241 6.17 6.77 26.07
C PRO F 241 6.89 5.71 25.23
N LEU F 242 7.94 5.13 25.81
CA LEU F 242 8.72 4.10 25.15
C LEU F 242 8.24 2.70 25.55
N ASP F 243 8.44 1.74 24.64
CA ASP F 243 8.09 0.34 24.87
C ASP F 243 9.38 -0.29 25.42
N ILE F 244 9.70 0.01 26.67
CA ILE F 244 10.90 -0.50 27.32
C ILE F 244 11.10 -2.01 27.19
N GLU F 245 10.12 -2.78 27.66
CA GLU F 245 10.21 -4.23 27.60
C GLU F 245 10.65 -4.76 26.23
N THR F 246 10.08 -4.21 25.17
CA THR F 246 10.45 -4.65 23.83
C THR F 246 11.84 -4.15 23.46
N ILE F 247 12.29 -3.07 24.08
CA ILE F 247 13.62 -2.53 23.78
C ILE F 247 14.71 -3.31 24.49
N ILE F 248 14.55 -3.50 25.80
CA ILE F 248 15.54 -4.22 26.58
C ILE F 248 15.71 -5.64 26.09
N GLY F 249 14.58 -6.35 25.97
CA GLY F 249 14.63 -7.74 25.50
C GLY F 249 15.53 -7.93 24.30
N SER F 250 15.38 -7.05 23.32
CA SER F 250 16.17 -7.11 22.09
C SER F 250 17.65 -6.89 22.35
N VAL F 251 17.97 -6.12 23.39
CA VAL F 251 19.35 -5.83 23.75
C VAL F 251 19.94 -6.97 24.57
N GLU F 252 19.16 -7.47 25.52
CA GLU F 252 19.60 -8.57 26.38
C GLU F 252 19.82 -9.83 25.55
N LYS F 253 19.22 -9.85 24.37
CA LYS F 253 19.31 -10.98 23.46
C LYS F 253 20.39 -10.80 22.39
N THR F 254 20.79 -9.55 22.16
CA THR F 254 21.81 -9.28 21.15
C THR F 254 23.11 -8.81 21.78
N GLY F 255 22.98 -8.07 22.88
CA GLY F 255 24.15 -7.56 23.59
C GLY F 255 24.79 -6.33 22.97
N ARG F 256 24.28 -5.90 21.82
CA ARG F 256 24.81 -4.73 21.14
C ARG F 256 23.66 -3.92 20.54
N ALA F 257 23.76 -2.60 20.59
CA ALA F 257 22.68 -1.78 20.05
C ALA F 257 23.12 -0.39 19.60
N ILE F 258 22.29 0.20 18.74
CA ILE F 258 22.51 1.54 18.23
C ILE F 258 21.14 2.17 18.01
N VAL F 259 21.04 3.48 18.23
CA VAL F 259 19.78 4.18 18.04
C VAL F 259 19.91 5.14 16.86
N VAL F 260 18.95 5.06 15.94
CA VAL F 260 18.96 5.90 14.75
C VAL F 260 17.80 6.89 14.69
N GLN F 261 18.13 8.15 14.40
CA GLN F 261 17.13 9.19 14.30
C GLN F 261 17.57 10.20 13.23
N GLU F 262 16.60 10.86 12.61
CA GLU F 262 16.87 11.84 11.58
C GLU F 262 17.25 13.20 12.18
N ALA F 263 16.67 13.51 13.34
CA ALA F 263 16.92 14.78 14.03
C ALA F 263 18.40 14.97 14.39
N GLN F 264 18.77 16.19 14.77
CA GLN F 264 20.14 16.45 15.15
C GLN F 264 20.50 15.60 16.37
N ARG F 265 21.78 15.44 16.61
CA ARG F 265 22.26 14.66 17.74
C ARG F 265 21.79 15.24 19.07
N GLN F 266 21.67 16.56 19.16
CA GLN F 266 21.24 17.18 20.40
C GLN F 266 19.72 17.22 20.60
N ALA F 267 18.98 16.66 19.65
CA ALA F 267 17.53 16.64 19.73
C ALA F 267 16.99 15.22 19.59
N GLY F 268 15.71 15.09 19.24
CA GLY F 268 15.11 13.78 19.09
C GLY F 268 14.93 13.10 20.44
N ILE F 269 14.94 11.77 20.44
CA ILE F 269 14.78 11.03 21.68
C ILE F 269 15.83 9.92 21.83
N ALA F 270 16.82 9.91 20.94
CA ALA F 270 17.89 8.91 21.00
C ALA F 270 18.57 8.85 22.36
N ALA F 271 18.89 10.01 22.93
CA ALA F 271 19.56 10.07 24.22
C ALA F 271 18.77 9.33 25.30
N ASN F 272 17.45 9.52 25.33
CA ASN F 272 16.57 8.84 26.30
C ASN F 272 16.71 7.33 26.16
N VAL F 273 16.70 6.87 24.92
CA VAL F 273 16.81 5.46 24.63
C VAL F 273 18.10 4.90 25.25
N VAL F 274 19.23 5.48 24.86
CA VAL F 274 20.53 5.05 25.35
C VAL F 274 20.59 5.02 26.87
N ALA F 275 19.99 6.01 27.52
CA ALA F 275 19.98 6.08 28.97
C ALA F 275 19.17 4.93 29.59
N GLU F 276 18.01 4.64 29.02
CA GLU F 276 17.19 3.55 29.55
C GLU F 276 17.96 2.23 29.39
N ILE F 277 18.72 2.12 28.30
CA ILE F 277 19.52 0.91 28.06
C ILE F 277 20.53 0.82 29.17
N ASN F 278 21.43 1.80 29.23
CA ASN F 278 22.48 1.84 30.26
C ASN F 278 21.95 1.54 31.66
N GLU F 279 20.77 2.08 31.96
CA GLU F 279 20.18 1.90 33.25
C GLU F 279 19.64 0.50 33.51
N ARG F 280 18.96 -0.08 32.52
CA ARG F 280 18.35 -1.39 32.65
C ARG F 280 19.10 -2.62 32.16
N ALA F 281 20.12 -2.44 31.31
CA ALA F 281 20.86 -3.60 30.81
C ALA F 281 22.32 -3.30 30.47
N ILE F 282 23.03 -2.67 31.38
CA ILE F 282 24.43 -2.37 31.13
C ILE F 282 25.24 -3.66 31.18
N LEU F 283 24.74 -4.64 31.94
CA LEU F 283 25.43 -5.93 32.08
C LEU F 283 25.20 -6.87 30.90
N SER F 284 24.56 -6.38 29.86
CA SER F 284 24.28 -7.18 28.67
C SER F 284 25.03 -6.66 27.46
N LEU F 285 25.50 -5.42 27.57
CA LEU F 285 26.20 -4.79 26.46
C LEU F 285 27.63 -5.25 26.26
N GLU F 286 27.97 -5.59 25.02
CA GLU F 286 29.31 -6.00 24.65
C GLU F 286 30.08 -4.74 24.31
N ALA F 287 29.33 -3.70 23.92
CA ALA F 287 29.90 -2.40 23.54
C ALA F 287 28.96 -1.25 23.89
N PRO F 288 29.44 -0.01 23.79
CA PRO F 288 28.56 1.12 24.11
C PRO F 288 27.45 1.24 23.08
N VAL F 289 26.32 1.83 23.48
CA VAL F 289 25.20 2.01 22.56
C VAL F 289 25.41 3.33 21.82
N LEU F 290 25.76 3.24 20.53
CA LEU F 290 26.02 4.42 19.72
C LEU F 290 24.80 4.95 18.99
N ARG F 291 24.82 6.23 18.64
CA ARG F 291 23.69 6.85 17.97
C ARG F 291 23.99 7.37 16.58
N VAL F 292 22.99 7.26 15.71
CA VAL F 292 23.09 7.76 14.34
C VAL F 292 22.14 8.93 14.28
N ALA F 293 22.70 10.13 14.14
CA ALA F 293 21.88 11.32 14.09
C ALA F 293 22.55 12.36 13.23
N ALA F 294 21.78 13.37 12.84
CA ALA F 294 22.25 14.46 12.01
C ALA F 294 23.16 15.38 12.81
N PRO F 295 24.10 16.06 12.12
CA PRO F 295 25.04 16.97 12.79
C PRO F 295 24.25 18.04 13.54
N ASP F 296 24.85 18.63 14.56
CA ASP F 296 24.18 19.65 15.35
C ASP F 296 24.18 21.06 14.75
N THR F 297 23.54 21.21 13.59
CA THR F 297 23.42 22.52 12.93
C THR F 297 21.92 22.73 12.74
N VAL F 298 21.55 23.91 12.24
CA VAL F 298 20.15 24.18 11.98
C VAL F 298 19.79 23.24 10.85
N TYR F 299 18.52 22.86 10.72
CA TYR F 299 18.15 21.96 9.63
C TYR F 299 18.82 22.53 8.37
N PRO F 300 19.30 21.66 7.47
CA PRO F 300 19.96 22.14 6.25
C PRO F 300 19.11 22.77 5.18
N PHE F 301 19.78 23.59 4.36
CA PHE F 301 19.18 24.26 3.22
C PHE F 301 18.88 23.11 2.27
N ALA F 302 17.66 23.07 1.76
CA ALA F 302 17.23 22.00 0.84
C ALA F 302 18.33 21.34 0.01
N GLN F 303 19.20 22.17 -0.58
CA GLN F 303 20.30 21.69 -1.43
C GLN F 303 21.33 20.80 -0.73
N ALA F 304 21.45 20.92 0.59
CA ALA F 304 22.42 20.13 1.34
C ALA F 304 21.80 18.96 2.12
N GLU F 305 20.57 18.60 1.80
CA GLU F 305 19.90 17.49 2.49
C GLU F 305 20.65 16.17 2.31
N SER F 306 21.08 15.90 1.08
CA SER F 306 21.80 14.67 0.74
C SER F 306 23.09 14.41 1.54
N VAL F 307 23.79 15.47 1.92
CA VAL F 307 25.03 15.29 2.68
C VAL F 307 24.86 15.51 4.17
N TRP F 308 23.66 15.86 4.59
CA TRP F 308 23.37 16.14 5.99
C TRP F 308 22.48 15.09 6.65
N LEU F 309 21.38 14.77 5.98
CA LEU F 309 20.44 13.78 6.51
C LEU F 309 21.07 12.39 6.63
N PRO F 310 20.82 11.70 7.75
CA PRO F 310 21.37 10.36 7.94
C PRO F 310 20.68 9.39 6.97
N ASN F 311 21.39 8.32 6.59
CA ASN F 311 20.84 7.30 5.68
C ASN F 311 21.42 5.93 6.04
N PHE F 312 21.01 4.89 5.31
CA PHE F 312 21.49 3.53 5.58
C PHE F 312 23.01 3.42 5.70
N LYS F 313 23.73 4.09 4.80
CA LYS F 313 25.19 4.05 4.84
C LYS F 313 25.70 4.40 6.23
N ASP F 314 24.99 5.33 6.89
CA ASP F 314 25.38 5.74 8.23
C ASP F 314 25.06 4.64 9.23
N VAL F 315 23.85 4.09 9.14
CA VAL F 315 23.42 3.03 10.04
C VAL F 315 24.28 1.80 9.82
N ILE F 316 24.88 1.67 8.64
CA ILE F 316 25.74 0.53 8.35
C ILE F 316 27.08 0.77 9.01
N GLU F 317 27.70 1.89 8.69
CA GLU F 317 28.98 2.27 9.26
C GLU F 317 28.97 2.15 10.79
N THR F 318 28.06 2.87 11.43
CA THR F 318 27.94 2.88 12.87
C THR F 318 27.64 1.51 13.48
N ALA F 319 26.65 0.81 12.92
CA ALA F 319 26.30 -0.52 13.41
C ALA F 319 27.53 -1.40 13.27
N LYS F 320 28.27 -1.18 12.20
CA LYS F 320 29.49 -1.94 11.95
C LYS F 320 30.51 -1.60 13.02
N LYS F 321 30.59 -0.31 13.39
CA LYS F 321 31.54 0.13 14.41
C LYS F 321 31.29 -0.53 15.75
N VAL F 322 30.02 -0.74 16.09
CA VAL F 322 29.66 -1.37 17.35
C VAL F 322 29.97 -2.87 17.34
N MET F 323 30.14 -3.44 16.14
CA MET F 323 30.46 -4.85 16.02
C MET F 323 31.97 -5.09 16.14
N ASN F 324 32.76 -4.20 15.56
CA ASN F 324 34.22 -4.34 15.61
C ASN F 324 34.80 -3.52 16.76
N PHE F 325 34.00 -3.26 17.78
CA PHE F 325 34.44 -2.47 18.92
C PHE F 325 35.75 -3.00 19.49
N THR G 5 -35.46 46.06 25.92
CA THR G 5 -34.10 46.43 26.42
C THR G 5 -33.45 47.47 25.52
N PHE G 6 -32.62 48.32 26.11
CA PHE G 6 -31.92 49.36 25.35
C PHE G 6 -30.71 48.77 24.65
N GLN G 7 -30.74 48.77 23.32
CA GLN G 7 -29.65 48.23 22.52
C GLN G 7 -28.54 49.28 22.32
N PHE G 8 -27.32 48.81 22.11
CA PHE G 8 -26.20 49.72 21.86
C PHE G 8 -26.06 49.88 20.35
N PRO G 9 -25.56 51.04 19.90
CA PRO G 9 -25.39 51.28 18.46
C PRO G 9 -24.23 50.50 17.85
N PHE G 10 -24.26 49.17 18.00
CA PHE G 10 -23.22 48.30 17.48
C PHE G 10 -23.12 48.31 15.96
N ALA G 11 -24.26 48.15 15.30
CA ALA G 11 -24.30 48.14 13.84
C ALA G 11 -23.70 49.45 13.34
N GLU G 12 -23.91 50.52 14.09
CA GLU G 12 -23.39 51.83 13.72
C GLU G 12 -21.89 51.92 13.97
N GLN G 13 -21.48 51.51 15.16
CA GLN G 13 -20.06 51.54 15.54
C GLN G 13 -19.17 50.90 14.49
N LEU G 14 -19.32 49.60 14.30
CA LEU G 14 -18.51 48.86 13.33
C LEU G 14 -18.72 49.37 11.91
N GLU G 15 -19.76 50.17 11.74
CA GLU G 15 -20.08 50.74 10.44
C GLU G 15 -19.33 52.05 10.25
N LYS G 16 -19.41 52.93 11.24
CA LYS G 16 -18.75 54.23 11.19
C LYS G 16 -17.24 54.10 11.27
N VAL G 17 -16.79 53.10 12.04
CA VAL G 17 -15.35 52.88 12.19
C VAL G 17 -14.74 52.40 10.89
N ALA G 18 -15.41 51.48 10.21
CA ALA G 18 -14.92 50.96 8.94
C ALA G 18 -14.98 52.09 7.92
N GLU G 19 -15.86 53.04 8.19
CA GLU G 19 -16.05 54.21 7.34
C GLU G 19 -14.81 55.10 7.35
N GLN G 20 -13.96 54.91 8.35
CA GLN G 20 -12.72 55.68 8.48
C GLN G 20 -11.59 55.16 7.60
N PHE G 21 -11.79 54.01 6.95
CA PHE G 21 -10.77 53.44 6.10
C PHE G 21 -11.23 53.22 4.67
N PRO G 22 -11.40 54.31 3.91
CA PRO G 22 -11.82 54.25 2.51
C PRO G 22 -10.64 53.97 1.59
N THR G 23 -10.86 53.17 0.56
CA THR G 23 -9.80 52.82 -0.38
C THR G 23 -9.17 54.04 -1.05
N PHE G 24 -7.90 54.26 -0.76
CA PHE G 24 -7.15 55.37 -1.34
C PHE G 24 -6.74 54.99 -2.77
N GLN G 25 -7.11 55.82 -3.75
CA GLN G 25 -6.79 55.56 -5.15
C GLN G 25 -6.39 56.84 -5.89
N ILE G 26 -5.41 56.73 -6.77
CA ILE G 26 -4.96 57.88 -7.55
C ILE G 26 -5.15 57.62 -9.04
N LEU G 27 -5.01 56.36 -9.44
CA LEU G 27 -5.18 55.95 -10.83
C LEU G 27 -6.26 54.89 -10.91
N ASN G 28 -7.12 54.97 -11.92
CA ASN G 28 -8.16 53.97 -12.09
C ASN G 28 -7.76 52.98 -13.18
N GLU G 29 -8.62 51.99 -13.40
CA GLU G 29 -8.39 50.95 -14.40
C GLU G 29 -8.00 51.53 -15.75
N GLU G 30 -8.74 52.52 -16.20
CA GLU G 30 -8.48 53.15 -17.49
C GLU G 30 -7.18 53.97 -17.51
N GLY G 31 -6.61 54.21 -16.35
CA GLY G 31 -5.37 54.96 -16.28
C GLY G 31 -5.54 56.46 -16.07
N GLU G 32 -6.71 56.85 -15.59
CA GLU G 32 -6.99 58.26 -15.35
C GLU G 32 -6.67 58.64 -13.90
N VAL G 33 -6.28 59.89 -13.69
CA VAL G 33 -5.96 60.39 -12.35
C VAL G 33 -7.28 60.81 -11.73
N VAL G 34 -7.65 60.18 -10.61
CA VAL G 34 -8.90 60.49 -9.94
C VAL G 34 -8.72 61.17 -8.58
N ASN G 35 -7.47 61.46 -8.24
CA ASN G 35 -7.16 62.13 -6.98
C ASN G 35 -5.93 63.01 -7.20
N GLU G 36 -6.12 64.08 -7.97
CA GLU G 36 -5.05 65.01 -8.31
C GLU G 36 -4.27 65.55 -7.11
N GLU G 37 -4.98 65.96 -6.07
CA GLU G 37 -4.34 66.53 -4.88
C GLU G 37 -3.42 65.51 -4.22
N ALA G 38 -3.62 64.24 -4.53
CA ALA G 38 -2.82 63.17 -3.94
C ALA G 38 -1.72 62.67 -4.86
N MET G 39 -1.78 63.03 -6.13
CA MET G 39 -0.76 62.58 -7.07
C MET G 39 0.60 62.99 -6.55
N PRO G 40 1.49 62.01 -6.31
CA PRO G 40 2.84 62.24 -5.81
C PRO G 40 3.75 62.92 -6.83
N GLU G 41 4.73 63.66 -6.33
CA GLU G 41 5.68 64.36 -7.19
C GLU G 41 6.80 63.42 -7.60
N LEU G 42 6.70 62.89 -8.82
CA LEU G 42 7.72 61.98 -9.36
C LEU G 42 8.17 62.50 -10.71
N SER G 43 9.48 62.59 -10.92
CA SER G 43 10.03 63.08 -12.18
C SER G 43 9.75 62.09 -13.29
N ASP G 44 9.96 62.52 -14.53
CA ASP G 44 9.71 61.66 -15.67
C ASP G 44 10.65 60.46 -15.65
N GLU G 45 11.89 60.70 -15.24
CA GLU G 45 12.85 59.60 -15.20
C GLU G 45 12.41 58.58 -14.16
N GLN G 46 11.91 59.09 -13.04
CA GLN G 46 11.46 58.21 -11.97
C GLN G 46 10.26 57.36 -12.42
N LEU G 47 9.28 58.00 -13.06
CA LEU G 47 8.10 57.29 -13.53
C LEU G 47 8.44 56.19 -14.54
N LYS G 48 9.45 56.43 -15.36
CA LYS G 48 9.88 55.43 -16.35
C LYS G 48 10.60 54.29 -15.64
N GLU G 49 11.37 54.64 -14.62
CA GLU G 49 12.14 53.66 -13.84
C GLU G 49 11.16 52.74 -13.10
N LEU G 50 10.07 53.31 -12.61
CA LEU G 50 9.08 52.53 -11.89
C LEU G 50 8.44 51.53 -12.85
N MET G 51 8.23 51.97 -14.08
CA MET G 51 7.64 51.11 -15.10
C MET G 51 8.63 50.01 -15.48
N ARG G 52 9.87 50.39 -15.73
CA ARG G 52 10.90 49.43 -16.11
C ARG G 52 10.99 48.29 -15.08
N ARG G 53 11.01 48.65 -13.81
CA ARG G 53 11.10 47.67 -12.73
C ARG G 53 9.87 46.75 -12.62
N MET G 54 8.68 47.30 -12.79
CA MET G 54 7.50 46.45 -12.71
C MET G 54 7.51 45.46 -13.84
N VAL G 55 7.73 45.95 -15.05
CA VAL G 55 7.77 45.09 -16.23
C VAL G 55 8.85 44.02 -16.04
N TYR G 56 9.94 44.41 -15.41
CA TYR G 56 11.05 43.49 -15.15
C TYR G 56 10.56 42.42 -14.18
N THR G 57 9.88 42.84 -13.11
CA THR G 57 9.37 41.92 -12.12
C THR G 57 8.34 40.96 -12.71
N ARG G 58 7.59 41.44 -13.69
CA ARG G 58 6.58 40.61 -14.35
C ARG G 58 7.28 39.46 -15.08
N ILE G 59 8.34 39.78 -15.80
CA ILE G 59 9.10 38.78 -16.54
C ILE G 59 9.77 37.84 -15.55
N LEU G 60 10.33 38.41 -14.49
CA LEU G 60 11.01 37.64 -13.46
C LEU G 60 10.10 36.52 -12.98
N ASP G 61 8.82 36.86 -12.78
CA ASP G 61 7.85 35.90 -12.33
C ASP G 61 7.69 34.81 -13.40
N GLN G 62 7.39 35.23 -14.62
CA GLN G 62 7.19 34.31 -15.73
C GLN G 62 8.34 33.31 -15.91
N ARG G 63 9.56 33.83 -15.94
CA ARG G 63 10.76 33.03 -16.12
C ARG G 63 11.06 32.15 -14.90
N SER G 64 10.72 32.65 -13.72
CA SER G 64 10.97 31.87 -12.51
C SER G 64 10.02 30.68 -12.52
N ILE G 65 8.75 30.93 -12.85
CA ILE G 65 7.78 29.87 -12.90
C ILE G 65 8.24 28.86 -13.95
N SER G 66 8.74 29.38 -15.06
CA SER G 66 9.24 28.56 -16.16
C SER G 66 10.44 27.72 -15.68
N LEU G 67 11.40 28.38 -15.03
CA LEU G 67 12.58 27.68 -14.52
C LEU G 67 12.20 26.67 -13.45
N ASN G 68 11.15 26.97 -12.69
CA ASN G 68 10.68 26.08 -11.64
C ASN G 68 10.16 24.78 -12.22
N ARG G 69 9.43 24.87 -13.32
CA ARG G 69 8.90 23.69 -14.00
C ARG G 69 10.05 22.80 -14.43
N GLN G 70 11.10 23.44 -14.92
CA GLN G 70 12.28 22.73 -15.39
C GLN G 70 13.17 22.25 -14.26
N GLY G 71 12.70 22.43 -13.02
CA GLY G 71 13.49 22.00 -11.88
C GLY G 71 14.83 22.69 -11.83
N ARG G 72 14.86 23.93 -12.29
CA ARG G 72 16.09 24.72 -12.29
C ARG G 72 16.01 25.77 -11.17
N LEU G 73 14.90 25.71 -10.43
CA LEU G 73 14.64 26.57 -9.29
C LEU G 73 13.84 25.73 -8.32
N GLY G 74 14.02 25.98 -7.04
CA GLY G 74 13.29 25.22 -6.04
C GLY G 74 12.07 26.01 -5.62
N PHE G 75 11.99 26.34 -4.33
CA PHE G 75 10.87 27.10 -3.79
C PHE G 75 10.70 28.43 -4.51
N TYR G 76 9.46 28.86 -4.67
CA TYR G 76 9.15 30.11 -5.33
C TYR G 76 7.67 30.44 -5.16
N ALA G 77 7.38 31.69 -4.78
CA ALA G 77 6.02 32.14 -4.60
C ALA G 77 5.69 33.15 -5.70
N PRO G 78 4.90 32.75 -6.70
CA PRO G 78 4.55 33.64 -7.81
C PRO G 78 4.14 35.04 -7.32
N THR G 79 4.55 36.06 -8.05
CA THR G 79 4.25 37.44 -7.67
C THR G 79 3.49 38.25 -8.71
N ALA G 80 3.14 37.61 -9.84
CA ALA G 80 2.42 38.30 -10.92
C ALA G 80 1.11 38.92 -10.42
N GLY G 81 0.98 40.23 -10.63
CA GLY G 81 -0.22 40.92 -10.20
C GLY G 81 -0.02 41.78 -8.97
N GLN G 82 1.18 41.75 -8.41
CA GLN G 82 1.48 42.55 -7.22
C GLN G 82 2.59 43.57 -7.49
N GLU G 83 3.06 43.63 -8.73
CA GLU G 83 4.12 44.56 -9.11
C GLU G 83 3.95 45.93 -8.47
N ALA G 84 2.70 46.37 -8.32
CA ALA G 84 2.43 47.66 -7.75
C ALA G 84 2.75 47.74 -6.27
N SER G 85 2.03 46.99 -5.44
CA SER G 85 2.26 47.04 -4.01
C SER G 85 3.67 46.60 -3.60
N GLN G 86 4.37 45.90 -4.48
CA GLN G 86 5.72 45.45 -4.15
C GLN G 86 6.79 46.42 -4.65
N ILE G 87 6.82 46.62 -5.96
CA ILE G 87 7.81 47.49 -6.58
C ILE G 87 7.64 48.97 -6.28
N ALA G 88 6.39 49.44 -6.27
CA ALA G 88 6.12 50.84 -6.00
C ALA G 88 6.30 51.19 -4.52
N SER G 89 5.99 50.23 -3.64
CA SER G 89 6.16 50.46 -2.21
C SER G 89 7.66 50.53 -1.93
N HIS G 90 8.43 49.71 -2.64
CA HIS G 90 9.87 49.71 -2.46
C HIS G 90 10.44 51.02 -3.02
N PHE G 91 9.81 51.53 -4.06
CA PHE G 91 10.26 52.76 -4.70
C PHE G 91 10.25 53.98 -3.77
N ALA G 92 9.40 53.93 -2.74
CA ALA G 92 9.29 55.04 -1.78
C ALA G 92 10.33 54.96 -0.65
N LEU G 93 11.20 53.96 -0.70
CA LEU G 93 12.22 53.78 0.32
C LEU G 93 13.58 54.34 -0.06
N GLU G 94 14.47 54.43 0.93
CA GLU G 94 15.82 54.93 0.73
C GLU G 94 16.81 53.81 1.07
N LYS G 95 18.05 54.01 0.67
CA LYS G 95 19.12 53.04 0.88
C LYS G 95 19.26 52.57 2.32
N GLU G 96 19.09 53.48 3.28
CA GLU G 96 19.23 53.11 4.68
C GLU G 96 17.98 52.48 5.26
N ASP G 97 16.92 52.37 4.47
CA ASP G 97 15.70 51.74 4.97
C ASP G 97 15.96 50.24 5.05
N PHE G 98 15.46 49.62 6.10
CA PHE G 98 15.66 48.18 6.28
C PHE G 98 14.39 47.41 5.92
N ILE G 99 14.55 46.36 5.12
CA ILE G 99 13.44 45.55 4.66
C ILE G 99 13.38 44.14 5.26
N LEU G 100 12.24 43.79 5.87
CA LEU G 100 12.04 42.46 6.45
C LEU G 100 10.92 41.81 5.66
N PRO G 101 11.27 41.12 4.57
CA PRO G 101 10.35 40.43 3.67
C PRO G 101 9.74 39.12 4.12
N GLY G 102 8.70 38.72 3.39
CA GLY G 102 8.05 37.45 3.63
C GLY G 102 8.57 36.55 2.52
N TYR G 103 8.10 35.31 2.45
CA TYR G 103 8.55 34.36 1.44
C TYR G 103 8.25 34.77 -0.01
N ARG G 104 7.21 35.57 -0.20
CA ARG G 104 6.78 36.01 -1.54
C ARG G 104 7.40 37.34 -1.97
N ASP G 105 8.02 38.03 -1.03
CA ASP G 105 8.60 39.34 -1.30
C ASP G 105 10.07 39.36 -1.72
N VAL G 106 10.45 38.44 -2.59
CA VAL G 106 11.82 38.37 -3.08
C VAL G 106 12.16 39.56 -3.97
N PRO G 107 11.21 40.02 -4.80
CA PRO G 107 11.47 41.17 -5.68
C PRO G 107 11.99 42.38 -4.90
N GLN G 108 11.28 42.74 -3.83
CA GLN G 108 11.66 43.88 -3.01
C GLN G 108 13.12 43.93 -2.59
N ILE G 109 13.67 42.81 -2.12
CA ILE G 109 15.07 42.85 -1.70
C ILE G 109 16.03 42.81 -2.88
N ILE G 110 15.58 42.26 -4.00
CA ILE G 110 16.41 42.19 -5.19
C ILE G 110 16.62 43.65 -5.60
N TRP G 111 15.53 44.41 -5.57
CA TRP G 111 15.58 45.82 -5.94
C TRP G 111 16.35 46.64 -4.91
N HIS G 112 16.67 46.05 -3.76
CA HIS G 112 17.40 46.75 -2.73
C HIS G 112 18.91 46.52 -2.84
N GLY G 113 19.28 45.54 -3.65
CA GLY G 113 20.69 45.26 -3.83
C GLY G 113 21.06 43.80 -3.85
N LEU G 114 20.09 42.92 -3.65
CA LEU G 114 20.38 41.49 -3.66
C LEU G 114 20.58 40.99 -5.09
N PRO G 115 21.80 40.52 -5.42
CA PRO G 115 22.08 40.03 -6.77
C PRO G 115 21.04 38.98 -7.15
N LEU G 116 20.79 38.83 -8.44
CA LEU G 116 19.79 37.88 -8.89
C LEU G 116 20.12 36.42 -8.64
N TYR G 117 21.40 36.06 -8.73
CA TYR G 117 21.79 34.67 -8.52
C TYR G 117 21.58 34.22 -7.08
N GLN G 118 21.76 35.15 -6.15
CA GLN G 118 21.56 34.84 -4.72
C GLN G 118 20.09 34.68 -4.41
N ALA G 119 19.25 35.29 -5.24
CA ALA G 119 17.80 35.17 -5.08
C ALA G 119 17.46 33.78 -5.56
N PHE G 120 18.11 33.38 -6.65
CA PHE G 120 17.88 32.07 -7.22
C PHE G 120 18.43 30.98 -6.31
N LEU G 121 19.54 31.26 -5.63
CA LEU G 121 20.13 30.28 -4.73
C LEU G 121 19.20 30.09 -3.53
N PHE G 122 18.49 31.14 -3.16
CA PHE G 122 17.55 31.08 -2.05
C PHE G 122 16.48 30.02 -2.34
N SER G 123 15.84 30.14 -3.49
CA SER G 123 14.78 29.22 -3.91
C SER G 123 15.28 27.78 -3.93
N ARG G 124 16.51 27.58 -4.39
CA ARG G 124 17.08 26.24 -4.46
C ARG G 124 17.39 25.66 -3.08
N GLY G 125 17.83 26.51 -2.16
CA GLY G 125 18.15 26.05 -0.82
C GLY G 125 19.65 25.94 -0.62
N HIS G 126 20.34 27.05 -0.84
CA HIS G 126 21.80 27.10 -0.68
C HIS G 126 22.10 28.24 0.29
N PHE G 127 23.07 28.02 1.17
CA PHE G 127 23.40 29.03 2.17
C PHE G 127 23.96 30.34 1.60
N HIS G 128 24.73 30.26 0.52
CA HIS G 128 25.30 31.48 -0.06
C HIS G 128 24.19 32.38 -0.56
N GLY G 129 23.01 31.82 -0.78
CA GLY G 129 21.89 32.61 -1.26
C GLY G 129 21.41 33.65 -0.25
N ASN G 130 21.75 33.47 1.02
CA ASN G 130 21.34 34.40 2.07
C ASN G 130 22.46 35.26 2.62
N GLN G 131 23.66 35.10 2.07
CA GLN G 131 24.81 35.90 2.52
C GLN G 131 24.69 37.28 1.90
N ILE G 132 23.69 38.01 2.38
CA ILE G 132 23.38 39.36 1.93
C ILE G 132 24.61 40.24 1.85
N PRO G 133 24.70 41.03 0.76
CA PRO G 133 25.82 41.96 0.52
C PRO G 133 25.86 43.10 1.53
N GLU G 134 27.05 43.63 1.78
CA GLU G 134 27.21 44.74 2.71
C GLU G 134 26.59 45.97 2.06
N GLY G 135 25.89 46.77 2.86
CA GLY G 135 25.24 47.94 2.32
C GLY G 135 23.76 47.65 2.09
N VAL G 136 23.47 46.44 1.63
CA VAL G 136 22.11 46.02 1.36
C VAL G 136 21.45 45.66 2.69
N ASN G 137 20.52 46.51 3.11
CA ASN G 137 19.84 46.31 4.37
C ASN G 137 18.53 45.54 4.33
N VAL G 138 18.65 44.22 4.16
CA VAL G 138 17.48 43.36 4.12
C VAL G 138 17.77 42.04 4.81
N LEU G 139 16.70 41.30 5.11
CA LEU G 139 16.81 39.99 5.74
C LEU G 139 16.26 38.96 4.74
N PRO G 140 16.80 37.74 4.77
CA PRO G 140 16.30 36.72 3.84
C PRO G 140 14.79 36.56 4.10
N PRO G 141 14.03 36.08 3.09
CA PRO G 141 12.58 35.89 3.22
C PRO G 141 12.11 35.07 4.43
N GLN G 142 11.29 35.70 5.27
CA GLN G 142 10.76 35.02 6.47
C GLN G 142 9.70 34.00 6.09
N ILE G 143 9.89 32.75 6.50
CA ILE G 143 8.94 31.73 6.17
C ILE G 143 7.84 31.61 7.22
N ILE G 144 8.15 32.03 8.45
CA ILE G 144 7.16 31.98 9.53
C ILE G 144 6.27 33.21 9.48
N ILE G 145 5.04 33.06 9.00
CA ILE G 145 4.12 34.18 8.89
C ILE G 145 3.88 34.91 10.21
N GLY G 146 4.24 36.20 10.22
CA GLY G 146 4.06 37.01 11.41
C GLY G 146 5.35 37.34 12.14
N ALA G 147 6.30 36.41 12.11
CA ALA G 147 7.58 36.61 12.78
C ALA G 147 8.30 37.87 12.30
N GLN G 148 8.12 38.25 11.04
CA GLN G 148 8.80 39.43 10.53
C GLN G 148 8.20 40.74 11.10
N TYR G 149 6.96 40.67 11.58
CA TYR G 149 6.33 41.86 12.15
C TYR G 149 6.91 42.27 13.50
N ILE G 150 7.00 41.33 14.44
CA ILE G 150 7.56 41.67 15.74
C ILE G 150 9.04 41.99 15.60
N GLN G 151 9.67 41.38 14.62
CA GLN G 151 11.07 41.65 14.36
C GLN G 151 11.20 43.08 13.84
N ALA G 152 10.24 43.47 13.02
CA ALA G 152 10.21 44.81 12.42
C ALA G 152 10.16 45.90 13.48
N ALA G 153 9.29 45.73 14.46
CA ALA G 153 9.17 46.72 15.51
C ALA G 153 10.56 46.90 16.12
N GLY G 154 11.28 45.80 16.26
CA GLY G 154 12.61 45.84 16.84
C GLY G 154 13.64 46.60 16.03
N VAL G 155 13.60 46.45 14.71
CA VAL G 155 14.57 47.14 13.85
C VAL G 155 14.24 48.63 13.81
N ALA G 156 12.95 48.95 13.88
CA ALA G 156 12.53 50.35 13.86
C ALA G 156 13.04 51.03 15.13
N LEU G 157 12.85 50.37 16.28
CA LEU G 157 13.30 50.91 17.55
C LEU G 157 14.82 51.12 17.49
N GLY G 158 15.53 50.13 16.98
CA GLY G 158 16.97 50.24 16.87
C GLY G 158 17.38 51.50 16.12
N LEU G 159 16.77 51.69 14.95
CA LEU G 159 17.03 52.86 14.14
C LEU G 159 16.73 54.13 14.93
N LYS G 160 15.62 54.14 15.67
CA LYS G 160 15.25 55.31 16.45
C LYS G 160 16.35 55.67 17.45
N MET G 161 16.87 54.66 18.14
CA MET G 161 17.91 54.85 19.13
C MET G 161 19.23 55.30 18.53
N ARG G 162 19.58 54.77 17.37
CA ARG G 162 20.81 55.18 16.71
C ARG G 162 20.64 56.61 16.21
N GLY G 163 19.39 57.04 16.13
CA GLY G 163 19.08 58.38 15.67
C GLY G 163 19.04 58.50 14.16
N LYS G 164 19.15 57.37 13.47
CA LYS G 164 19.13 57.38 12.01
C LYS G 164 17.79 57.84 11.47
N LYS G 165 17.83 58.45 10.28
CA LYS G 165 16.63 58.95 9.63
C LYS G 165 16.18 57.90 8.62
N ALA G 166 15.88 56.71 9.13
CA ALA G 166 15.46 55.60 8.28
C ALA G 166 14.22 54.92 8.85
N VAL G 167 13.73 53.91 8.14
CA VAL G 167 12.55 53.18 8.57
C VAL G 167 12.75 51.69 8.40
N ALA G 168 11.82 50.95 8.98
CA ALA G 168 11.82 49.50 8.89
C ALA G 168 10.52 49.17 8.16
N ILE G 169 10.64 48.48 7.04
CA ILE G 169 9.47 48.14 6.26
C ILE G 169 9.33 46.62 6.20
N THR G 170 8.14 46.12 6.51
CA THR G 170 7.91 44.68 6.47
C THR G 170 6.59 44.40 5.75
N TYR G 171 6.45 43.18 5.22
CA TYR G 171 5.25 42.79 4.49
C TYR G 171 4.64 41.45 4.95
N THR G 172 3.35 41.30 4.69
CA THR G 172 2.63 40.06 5.01
C THR G 172 1.28 40.05 4.29
N GLY G 173 0.79 38.86 3.95
CA GLY G 173 -0.48 38.74 3.26
C GLY G 173 -1.67 38.87 4.18
N ASP G 174 -2.88 38.74 3.63
CA ASP G 174 -4.10 38.85 4.42
C ASP G 174 -4.16 37.76 5.49
N GLY G 175 -3.81 36.53 5.12
CA GLY G 175 -3.82 35.43 6.08
C GLY G 175 -2.92 35.76 7.26
N GLY G 176 -1.86 36.52 6.96
CA GLY G 176 -0.92 36.92 7.99
C GLY G 176 -1.53 37.78 9.08
N THR G 177 -2.61 38.50 8.78
CA THR G 177 -3.24 39.37 9.78
C THR G 177 -3.83 38.62 10.97
N SER G 178 -4.03 37.31 10.85
CA SER G 178 -4.59 36.52 11.94
C SER G 178 -3.56 36.14 13.00
N GLN G 179 -2.29 36.08 12.61
CA GLN G 179 -1.22 35.73 13.53
C GLN G 179 -1.10 36.69 14.71
N GLY G 180 -0.64 36.15 15.84
CA GLY G 180 -0.50 36.94 17.04
C GLY G 180 0.68 37.88 16.94
N ASP G 181 1.73 37.44 16.24
CA ASP G 181 2.92 38.27 16.08
C ASP G 181 2.60 39.50 15.25
N PHE G 182 1.57 39.38 14.41
CA PHE G 182 1.13 40.50 13.59
C PHE G 182 0.64 41.61 14.51
N TYR G 183 -0.29 41.25 15.40
CA TYR G 183 -0.86 42.20 16.35
C TYR G 183 0.17 42.73 17.33
N GLU G 184 0.94 41.83 17.94
CA GLU G 184 1.98 42.23 18.89
C GLU G 184 3.00 43.12 18.17
N GLY G 185 3.19 42.85 16.88
CA GLY G 185 4.16 43.62 16.11
C GLY G 185 3.82 45.09 15.96
N ILE G 186 2.58 45.36 15.53
CA ILE G 186 2.15 46.73 15.36
C ILE G 186 1.89 47.43 16.70
N ASN G 187 1.51 46.67 17.73
CA ASN G 187 1.26 47.28 19.02
C ASN G 187 2.58 47.70 19.63
N PHE G 188 3.57 46.81 19.56
CA PHE G 188 4.89 47.12 20.11
C PHE G 188 5.49 48.36 19.42
N ALA G 189 5.25 48.48 18.13
CA ALA G 189 5.77 49.61 17.37
C ALA G 189 5.06 50.91 17.76
N GLY G 190 3.76 50.81 18.02
CA GLY G 190 3.00 51.99 18.41
C GLY G 190 3.42 52.45 19.78
N ALA G 191 3.53 51.50 20.71
CA ALA G 191 3.92 51.81 22.08
C ALA G 191 5.25 52.54 22.15
N PHE G 192 6.24 52.08 21.39
CA PHE G 192 7.55 52.71 21.40
C PHE G 192 7.66 53.82 20.37
N LYS G 193 6.57 54.11 19.65
CA LYS G 193 6.58 55.14 18.62
C LYS G 193 7.78 54.91 17.70
N ALA G 194 7.88 53.71 17.16
CA ALA G 194 8.97 53.34 16.27
C ALA G 194 8.67 53.63 14.80
N PRO G 195 9.70 53.97 14.02
CA PRO G 195 9.64 54.28 12.58
C PRO G 195 9.49 53.05 11.72
N ALA G 196 8.39 52.33 11.89
CA ALA G 196 8.15 51.11 11.13
C ALA G 196 6.95 51.24 10.20
N ILE G 197 7.09 50.72 8.99
CA ILE G 197 6.01 50.74 8.02
C ILE G 197 5.56 49.31 7.77
N PHE G 198 4.43 48.96 8.38
CA PHE G 198 3.87 47.64 8.23
C PHE G 198 2.99 47.63 6.99
N VAL G 199 3.19 46.64 6.13
CA VAL G 199 2.39 46.53 4.93
C VAL G 199 1.72 45.17 4.86
N VAL G 200 0.42 45.18 4.57
CA VAL G 200 -0.33 43.94 4.43
C VAL G 200 -0.89 43.95 3.01
N GLN G 201 -0.44 42.98 2.23
CA GLN G 201 -0.86 42.84 0.85
C GLN G 201 -2.00 41.85 0.81
N ASN G 202 -3.20 42.35 0.59
CA ASN G 202 -4.40 41.53 0.57
C ASN G 202 -4.80 41.13 -0.84
N ASN G 203 -4.43 39.91 -1.24
CA ASN G 203 -4.81 39.44 -2.57
C ASN G 203 -6.02 38.50 -2.45
N ARG G 204 -6.77 38.66 -1.35
CA ARG G 204 -8.00 37.90 -1.10
C ARG G 204 -7.92 36.44 -0.64
N PHE G 205 -6.74 35.83 -0.71
CA PHE G 205 -6.59 34.44 -0.30
C PHE G 205 -5.37 34.13 0.55
N ALA G 206 -5.44 33.03 1.28
CA ALA G 206 -4.34 32.53 2.11
C ALA G 206 -4.23 31.06 1.67
N ILE G 207 -3.45 30.85 0.61
CA ILE G 207 -3.31 29.54 -0.01
C ILE G 207 -4.78 29.66 -0.40
N SER G 208 -5.60 28.71 0.06
CA SER G 208 -6.94 28.46 -0.48
C SER G 208 -8.01 29.06 0.41
N THR G 209 -7.60 29.69 1.50
CA THR G 209 -8.55 30.29 2.42
C THR G 209 -8.86 31.73 2.08
N PRO G 210 -10.16 32.03 1.87
CA PRO G 210 -10.61 33.38 1.54
C PRO G 210 -10.44 34.34 2.73
N VAL G 211 -10.08 35.58 2.42
CA VAL G 211 -9.88 36.61 3.44
C VAL G 211 -11.13 36.87 4.28
N GLU G 212 -12.23 36.21 3.94
CA GLU G 212 -13.48 36.37 4.68
C GLU G 212 -13.57 35.39 5.83
N LYS G 213 -12.91 34.25 5.70
CA LYS G 213 -12.90 33.23 6.76
C LYS G 213 -11.80 33.58 7.76
N GLN G 214 -10.95 34.51 7.33
CA GLN G 214 -9.83 34.97 8.14
C GLN G 214 -10.35 35.83 9.30
N THR G 215 -11.11 36.88 8.97
CA THR G 215 -11.67 37.77 9.99
C THR G 215 -12.96 38.42 9.48
N VAL G 216 -13.85 38.81 10.40
CA VAL G 216 -15.11 39.45 9.99
C VAL G 216 -14.99 40.97 10.04
N ALA G 217 -13.76 41.48 9.99
CA ALA G 217 -13.51 42.92 9.99
C ALA G 217 -13.67 43.42 8.56
N LYS G 218 -14.49 44.45 8.39
CA LYS G 218 -14.76 45.03 7.06
C LYS G 218 -13.47 45.28 6.27
N THR G 219 -12.43 45.70 6.98
CA THR G 219 -11.14 45.97 6.36
C THR G 219 -10.04 45.36 7.22
N LEU G 220 -8.85 45.19 6.64
CA LEU G 220 -7.73 44.65 7.39
C LEU G 220 -7.02 45.85 8.02
N ALA G 221 -6.97 46.95 7.27
CA ALA G 221 -6.33 48.17 7.72
C ALA G 221 -6.89 48.66 9.06
N GLN G 222 -8.15 48.38 9.33
CA GLN G 222 -8.77 48.82 10.58
C GLN G 222 -8.22 48.07 11.79
N LYS G 223 -7.35 47.09 11.53
CA LYS G 223 -6.76 46.34 12.62
C LYS G 223 -5.75 47.23 13.35
N ALA G 224 -5.35 48.32 12.69
CA ALA G 224 -4.42 49.28 13.26
C ALA G 224 -5.03 49.99 14.48
N VAL G 225 -6.35 49.91 14.62
CA VAL G 225 -7.04 50.55 15.74
C VAL G 225 -6.69 49.89 17.06
N ALA G 226 -6.52 48.58 17.06
CA ALA G 226 -6.15 47.84 18.26
C ALA G 226 -4.77 48.35 18.71
N ALA G 227 -3.92 48.63 17.73
CA ALA G 227 -2.57 49.13 18.01
C ALA G 227 -2.65 50.61 18.34
N GLY G 228 -3.71 51.26 17.86
CA GLY G 228 -3.89 52.67 18.11
C GLY G 228 -3.05 53.54 17.18
N ILE G 229 -2.61 52.96 16.08
CA ILE G 229 -1.79 53.67 15.10
C ILE G 229 -2.55 53.94 13.80
N PRO G 230 -2.05 54.88 12.97
CA PRO G 230 -2.66 55.25 11.68
C PRO G 230 -2.78 54.08 10.71
N GLY G 231 -3.95 53.95 10.08
CA GLY G 231 -4.18 52.89 9.11
C GLY G 231 -4.55 53.48 7.76
N ILE G 232 -4.21 52.77 6.68
CA ILE G 232 -4.51 53.25 5.32
C ILE G 232 -4.75 52.12 4.34
N GLN G 233 -5.95 52.07 3.77
CA GLN G 233 -6.28 51.07 2.77
C GLN G 233 -6.01 51.68 1.40
N VAL G 234 -5.30 50.96 0.53
CA VAL G 234 -4.99 51.50 -0.79
C VAL G 234 -5.21 50.50 -1.93
N ASP G 235 -5.41 51.05 -3.12
CA ASP G 235 -5.60 50.22 -4.30
C ASP G 235 -4.22 49.62 -4.55
N GLY G 236 -4.07 48.34 -4.22
CA GLY G 236 -2.81 47.65 -4.39
C GLY G 236 -2.39 47.41 -5.82
N MET G 237 -3.21 47.85 -6.77
CA MET G 237 -2.91 47.67 -8.19
C MET G 237 -2.53 49.04 -8.77
N ASP G 238 -2.66 50.06 -7.93
CA ASP G 238 -2.34 51.43 -8.32
C ASP G 238 -0.93 51.82 -7.85
N PRO G 239 0.07 51.74 -8.75
CA PRO G 239 1.45 52.07 -8.44
C PRO G 239 1.61 53.41 -7.71
N LEU G 240 0.88 54.42 -8.16
CA LEU G 240 0.96 55.75 -7.57
C LEU G 240 0.41 55.84 -6.15
N ALA G 241 -0.77 55.24 -5.93
CA ALA G 241 -1.39 55.25 -4.61
C ALA G 241 -0.46 54.59 -3.61
N VAL G 242 -0.10 53.34 -3.91
CA VAL G 242 0.80 52.59 -3.03
C VAL G 242 2.04 53.42 -2.69
N TYR G 243 2.64 54.04 -3.70
CA TYR G 243 3.83 54.85 -3.49
C TYR G 243 3.54 56.02 -2.57
N ALA G 244 2.44 56.72 -2.84
CA ALA G 244 2.05 57.87 -2.04
C ALA G 244 1.76 57.50 -0.59
N ALA G 245 1.15 56.34 -0.38
CA ALA G 245 0.83 55.89 0.97
C ALA G 245 2.13 55.57 1.72
N VAL G 246 3.03 54.86 1.06
CA VAL G 246 4.30 54.49 1.67
C VAL G 246 5.20 55.70 1.88
N LYS G 247 5.17 56.64 0.94
CA LYS G 247 5.99 57.84 1.05
C LYS G 247 5.50 58.65 2.26
N ALA G 248 4.19 58.68 2.44
CA ALA G 248 3.57 59.38 3.55
C ALA G 248 3.91 58.71 4.87
N ALA G 249 3.93 57.38 4.87
CA ALA G 249 4.26 56.62 6.07
C ALA G 249 5.70 56.84 6.49
N ARG G 250 6.60 56.92 5.51
CA ARG G 250 8.03 57.14 5.79
C ARG G 250 8.25 58.54 6.35
N GLU G 251 7.51 59.50 5.81
CA GLU G 251 7.58 60.89 6.26
C GLU G 251 7.15 60.97 7.73
N ARG G 252 5.94 60.47 8.01
CA ARG G 252 5.39 60.46 9.36
C ARG G 252 6.34 59.73 10.32
N ALA G 253 7.01 58.71 9.79
CA ALA G 253 7.93 57.91 10.58
C ALA G 253 9.26 58.59 10.87
N ILE G 254 9.97 59.01 9.83
CA ILE G 254 11.26 59.67 10.01
C ILE G 254 11.15 60.94 10.86
N ASN G 255 9.93 61.41 11.09
CA ASN G 255 9.73 62.61 11.91
C ASN G 255 9.39 62.22 13.34
N GLY G 256 9.58 60.94 13.66
CA GLY G 256 9.31 60.46 15.00
C GLY G 256 7.84 60.34 15.36
N GLU G 257 6.95 60.53 14.39
CA GLU G 257 5.53 60.43 14.67
C GLU G 257 5.05 58.99 14.81
N GLY G 258 5.94 58.04 14.56
CA GLY G 258 5.56 56.64 14.70
C GLY G 258 5.38 55.82 13.43
N PRO G 259 4.73 54.65 13.54
CA PRO G 259 4.46 53.71 12.46
C PRO G 259 3.07 53.82 11.85
N THR G 260 2.93 53.26 10.65
CA THR G 260 1.65 53.26 9.95
C THR G 260 1.38 51.88 9.39
N LEU G 261 0.10 51.52 9.31
CA LEU G 261 -0.30 50.24 8.76
C LEU G 261 -0.84 50.56 7.37
N ILE G 262 -0.38 49.82 6.35
CA ILE G 262 -0.83 50.06 4.98
C ILE G 262 -1.36 48.78 4.35
N GLU G 263 -2.66 48.68 4.16
CA GLU G 263 -3.24 47.51 3.50
C GLU G 263 -3.39 47.78 2.01
N THR G 264 -2.93 46.84 1.19
CA THR G 264 -3.03 46.98 -0.25
C THR G 264 -3.96 45.90 -0.78
N LEU G 265 -4.95 46.31 -1.56
CA LEU G 265 -5.93 45.40 -2.15
C LEU G 265 -5.45 45.00 -3.54
N CYS G 266 -4.83 43.83 -3.65
CA CYS G 266 -4.31 43.36 -4.93
C CYS G 266 -4.80 41.98 -5.36
N PHE G 267 -4.24 41.46 -6.44
CA PHE G 267 -4.63 40.15 -6.94
C PHE G 267 -3.50 39.51 -7.75
N ARG G 268 -3.26 38.23 -7.52
CA ARG G 268 -2.21 37.50 -8.23
C ARG G 268 -2.82 36.72 -9.40
N TYR G 269 -1.97 36.23 -10.30
CA TYR G 269 -2.44 35.47 -11.45
C TYR G 269 -1.85 34.06 -11.50
N GLY G 270 -1.59 33.48 -10.32
CA GLY G 270 -1.02 32.15 -10.29
C GLY G 270 -1.61 31.22 -9.24
N PRO G 271 -0.96 30.07 -9.06
CA PRO G 271 -1.41 29.09 -8.09
C PRO G 271 -1.19 29.59 -6.67
N HIS G 272 0.04 29.49 -6.19
CA HIS G 272 0.38 29.94 -4.84
C HIS G 272 1.88 29.96 -4.61
N THR G 273 2.45 28.79 -4.32
CA THR G 273 3.88 28.70 -4.08
C THR G 273 4.21 28.16 -2.71
N ASP G 278 -2.87 24.77 -8.06
CA ASP G 278 -3.89 25.16 -9.02
C ASP G 278 -5.11 25.74 -8.31
N PRO G 279 -5.47 26.99 -8.62
CA PRO G 279 -6.62 27.66 -8.01
C PRO G 279 -7.97 27.13 -8.49
N THR G 280 -7.99 25.86 -8.89
CA THR G 280 -9.21 25.22 -9.37
C THR G 280 -9.78 24.27 -8.32
N ASN G 289 -11.31 36.11 -17.11
CA ASN G 289 -10.37 37.04 -16.52
C ASN G 289 -11.09 38.30 -16.07
N GLU G 290 -11.46 38.35 -14.80
CA GLU G 290 -12.15 39.51 -14.25
C GLU G 290 -11.15 40.63 -13.93
N TRP G 291 -10.40 40.43 -12.85
CA TRP G 291 -9.41 41.41 -12.41
C TRP G 291 -8.17 41.44 -13.30
N ALA G 292 -8.35 41.31 -14.61
CA ALA G 292 -7.23 41.34 -15.54
C ALA G 292 -7.01 42.76 -16.03
N LYS G 293 -8.10 43.46 -16.33
CA LYS G 293 -8.02 44.85 -16.79
C LYS G 293 -7.56 45.68 -15.62
N LYS G 294 -7.62 45.09 -14.43
CA LYS G 294 -7.20 45.77 -13.21
C LYS G 294 -5.68 45.71 -13.03
N ASP G 295 -5.01 44.88 -13.83
CA ASP G 295 -3.55 44.73 -13.80
C ASP G 295 -2.90 46.11 -13.76
N PRO G 296 -2.01 46.35 -12.77
CA PRO G 296 -1.30 47.62 -12.59
C PRO G 296 -0.48 48.09 -13.79
N LEU G 297 0.04 47.16 -14.58
CA LEU G 297 0.82 47.53 -15.76
C LEU G 297 -0.13 48.11 -16.81
N VAL G 298 -1.34 47.57 -16.86
CA VAL G 298 -2.34 48.03 -17.81
C VAL G 298 -2.57 49.53 -17.67
N ARG G 299 -3.08 49.94 -16.50
CA ARG G 299 -3.38 51.35 -16.23
C ARG G 299 -2.14 52.24 -16.21
N PHE G 300 -1.02 51.70 -15.77
CA PHE G 300 0.19 52.50 -15.70
C PHE G 300 0.79 52.75 -17.10
N ARG G 301 0.66 51.78 -18.00
CA ARG G 301 1.18 51.96 -19.34
C ARG G 301 0.36 53.07 -19.97
N LYS G 302 -0.96 53.00 -19.81
CA LYS G 302 -1.84 54.02 -20.37
C LYS G 302 -1.49 55.40 -19.79
N PHE G 303 -1.42 55.48 -18.46
CA PHE G 303 -1.09 56.73 -17.77
C PHE G 303 0.14 57.41 -18.40
N LEU G 304 1.23 56.66 -18.55
CA LEU G 304 2.45 57.22 -19.12
C LEU G 304 2.29 57.52 -20.60
N GLU G 305 1.48 56.74 -21.28
CA GLU G 305 1.26 56.97 -22.71
C GLU G 305 0.44 58.25 -22.89
N ALA G 306 -0.34 58.61 -21.88
CA ALA G 306 -1.12 59.84 -21.94
C ALA G 306 -0.15 61.00 -21.75
N LYS G 307 1.07 60.68 -21.30
CA LYS G 307 2.11 61.66 -21.06
C LYS G 307 3.22 61.55 -22.09
N GLY G 308 3.10 60.55 -22.96
CA GLY G 308 4.12 60.34 -23.97
C GLY G 308 5.42 59.90 -23.31
N LEU G 309 5.31 59.19 -22.19
CA LEU G 309 6.47 58.73 -21.44
C LEU G 309 6.78 57.26 -21.58
N TRP G 310 6.06 56.57 -22.46
CA TRP G 310 6.30 55.15 -22.65
C TRP G 310 6.10 54.69 -24.09
N SER G 311 7.15 54.13 -24.67
CA SER G 311 7.10 53.61 -26.03
C SER G 311 7.29 52.11 -25.96
N GLU G 312 6.45 51.36 -26.65
CA GLU G 312 6.56 49.91 -26.60
C GLU G 312 7.93 49.39 -27.01
N GLU G 313 8.80 50.26 -27.51
CA GLU G 313 10.14 49.83 -27.89
C GLU G 313 10.94 49.68 -26.59
N GLU G 314 10.65 50.56 -25.63
CA GLU G 314 11.31 50.54 -24.33
C GLU G 314 10.89 49.30 -23.54
N GLU G 315 9.58 49.06 -23.49
CA GLU G 315 9.06 47.91 -22.77
C GLU G 315 9.76 46.65 -23.26
N ASN G 316 9.95 46.55 -24.59
CA ASN G 316 10.61 45.39 -25.17
C ASN G 316 12.08 45.34 -24.77
N ASN G 317 12.69 46.50 -24.59
CA ASN G 317 14.09 46.55 -24.19
C ASN G 317 14.23 46.09 -22.76
N VAL G 318 13.26 46.45 -21.93
CA VAL G 318 13.28 46.08 -20.53
C VAL G 318 13.12 44.56 -20.42
N ILE G 319 12.21 44.00 -21.20
CA ILE G 319 11.97 42.56 -21.20
C ILE G 319 13.22 41.83 -21.70
N GLU G 320 13.74 42.29 -22.84
CA GLU G 320 14.93 41.68 -23.42
C GLU G 320 16.08 41.66 -22.40
N GLN G 321 16.26 42.77 -21.70
CA GLN G 321 17.31 42.87 -20.70
C GLN G 321 17.04 41.92 -19.53
N ALA G 322 15.78 41.91 -19.07
CA ALA G 322 15.38 41.05 -17.97
C ALA G 322 15.71 39.60 -18.30
N LYS G 323 15.13 39.10 -19.38
CA LYS G 323 15.35 37.72 -19.82
C LYS G 323 16.83 37.41 -19.99
N GLU G 324 17.63 38.44 -20.24
CA GLU G 324 19.07 38.30 -20.44
C GLU G 324 19.80 38.03 -19.11
N GLU G 325 19.56 38.90 -18.14
CA GLU G 325 20.22 38.75 -16.83
C GLU G 325 19.73 37.52 -16.10
N ILE G 326 18.46 37.18 -16.27
CA ILE G 326 17.92 36.00 -15.62
C ILE G 326 18.74 34.80 -16.06
N LYS G 327 19.14 34.80 -17.33
CA LYS G 327 19.94 33.72 -17.87
C LYS G 327 21.34 33.77 -17.28
N GLU G 328 21.87 34.97 -17.12
CA GLU G 328 23.21 35.10 -16.55
C GLU G 328 23.18 34.72 -15.07
N ALA G 329 22.10 35.11 -14.39
CA ALA G 329 21.94 34.84 -12.97
C ALA G 329 21.84 33.34 -12.70
N ILE G 330 20.93 32.67 -13.39
CA ILE G 330 20.74 31.23 -13.22
C ILE G 330 22.05 30.50 -13.49
N LYS G 331 22.94 31.15 -14.24
CA LYS G 331 24.24 30.58 -14.58
C LYS G 331 25.15 30.62 -13.35
N LYS G 332 25.32 31.81 -12.77
CA LYS G 332 26.14 31.97 -11.58
C LYS G 332 25.58 31.07 -10.49
N ALA G 333 24.26 30.94 -10.45
CA ALA G 333 23.59 30.10 -9.47
C ALA G 333 24.04 28.64 -9.64
N ASP G 334 24.36 28.25 -10.86
CA ASP G 334 24.80 26.89 -11.16
C ASP G 334 26.28 26.70 -10.85
N GLU G 335 27.05 27.76 -11.05
CA GLU G 335 28.48 27.70 -10.82
C GLU G 335 28.86 27.91 -9.35
N THR G 336 27.86 27.92 -8.47
CA THR G 336 28.10 28.10 -7.04
C THR G 336 28.48 26.77 -6.41
N PRO G 337 29.67 26.70 -5.78
CA PRO G 337 30.19 25.49 -5.13
C PRO G 337 29.18 24.82 -4.20
N LYS G 338 29.03 23.51 -4.33
CA LYS G 338 28.08 22.77 -3.51
C LYS G 338 28.32 23.02 -2.01
N GLN G 339 27.32 22.67 -1.20
CA GLN G 339 27.42 22.87 0.25
C GLN G 339 27.93 21.63 0.97
N LYS G 340 28.90 21.83 1.84
CA LYS G 340 29.48 20.74 2.62
C LYS G 340 28.90 20.83 4.03
N VAL G 341 29.01 19.75 4.79
CA VAL G 341 28.49 19.79 6.16
C VAL G 341 29.41 20.69 6.99
N THR G 342 30.66 20.83 6.56
CA THR G 342 31.62 21.67 7.27
C THR G 342 31.26 23.14 7.09
N ASP G 343 30.52 23.43 6.04
CA ASP G 343 30.09 24.80 5.79
C ASP G 343 28.97 25.09 6.78
N LEU G 344 27.92 24.27 6.75
CA LEU G 344 26.79 24.43 7.66
C LEU G 344 27.24 24.58 9.12
N ILE G 345 28.17 23.72 9.54
CA ILE G 345 28.66 23.77 10.91
C ILE G 345 29.38 25.07 11.20
N SER G 346 30.19 25.50 10.23
CA SER G 346 30.99 26.71 10.35
C SER G 346 30.18 27.99 10.58
N ILE G 347 28.93 28.02 10.11
CA ILE G 347 28.10 29.21 10.25
C ILE G 347 27.11 29.18 11.41
N MET G 348 27.30 28.28 12.38
CA MET G 348 26.38 28.19 13.51
C MET G 348 26.77 29.11 14.67
N PHE G 349 28.06 29.33 14.85
CA PHE G 349 28.56 30.18 15.94
C PHE G 349 29.86 30.86 15.53
N GLU G 350 30.24 31.92 16.26
CA GLU G 350 31.49 32.61 15.96
C GLU G 350 32.58 31.64 16.39
N GLU G 351 32.36 30.97 17.51
CA GLU G 351 33.28 29.98 18.04
C GLU G 351 32.46 28.71 18.31
N LEU G 352 32.74 27.70 17.49
CA LEU G 352 32.05 26.41 17.57
C LEU G 352 32.15 25.73 18.93
N PRO G 353 30.99 25.38 19.52
CA PRO G 353 30.95 24.72 20.83
C PRO G 353 31.68 23.38 20.73
N PHE G 354 32.02 22.78 21.87
CA PHE G 354 32.74 21.52 21.85
C PHE G 354 32.21 20.47 20.86
N ASN G 355 30.90 20.26 20.87
CA ASN G 355 30.28 19.28 19.98
C ASN G 355 30.48 19.56 18.50
N LEU G 356 30.48 20.84 18.12
CA LEU G 356 30.67 21.18 16.71
C LEU G 356 32.12 21.04 16.23
N LYS G 357 33.09 21.42 17.05
CA LYS G 357 34.50 21.30 16.64
C LYS G 357 34.77 19.83 16.37
N GLU G 358 34.13 18.99 17.19
CA GLU G 358 34.24 17.55 17.13
C GLU G 358 33.57 17.00 15.87
N GLN G 359 32.37 17.49 15.57
CA GLN G 359 31.64 17.06 14.38
C GLN G 359 32.27 17.64 13.14
N TYR G 360 32.93 18.77 13.28
CA TYR G 360 33.59 19.40 12.16
C TYR G 360 34.73 18.51 11.68
N GLU G 361 35.49 17.96 12.63
CA GLU G 361 36.62 17.07 12.33
C GLU G 361 36.13 15.79 11.67
N ILE G 362 35.01 15.29 12.16
CA ILE G 362 34.43 14.06 11.63
C ILE G 362 33.99 14.26 10.18
N TYR G 363 33.42 15.42 9.88
CA TYR G 363 32.98 15.70 8.52
C TYR G 363 34.06 16.28 7.64
N LYS G 364 34.98 17.04 8.23
CA LYS G 364 36.09 17.61 7.47
C LYS G 364 36.90 16.44 6.93
N GLU G 365 36.86 15.34 7.68
CA GLU G 365 37.54 14.11 7.32
C GLU G 365 36.80 13.39 6.20
N LYS G 366 35.59 12.92 6.51
CA LYS G 366 34.75 12.21 5.56
C LYS G 366 34.71 12.87 4.18
N GLU G 367 35.01 14.16 4.14
CA GLU G 367 35.00 14.92 2.88
C GLU G 367 36.29 14.72 2.09
N SER G 368 37.38 14.44 2.78
CA SER G 368 38.68 14.23 2.13
C SER G 368 38.67 12.96 1.29
N ALA H 2 33.30 41.16 47.18
CA ALA H 2 32.47 41.34 48.41
C ALA H 2 31.43 40.23 48.52
N GLN H 3 30.88 40.08 49.72
CA GLN H 3 29.85 39.07 49.96
C GLN H 3 28.59 39.44 49.17
N MET H 4 28.34 38.71 48.10
CA MET H 4 27.16 38.96 47.26
C MET H 4 26.19 37.78 47.21
N THR H 5 24.90 38.07 47.08
CA THR H 5 23.93 37.01 46.93
C THR H 5 24.04 36.69 45.45
N MET H 6 23.22 35.79 44.93
CA MET H 6 23.33 35.52 43.50
C MET H 6 22.67 36.63 42.69
N VAL H 7 21.54 37.11 43.18
CA VAL H 7 20.83 38.17 42.49
C VAL H 7 21.70 39.41 42.42
N GLN H 8 22.50 39.66 43.47
CA GLN H 8 23.41 40.81 43.48
C GLN H 8 24.51 40.61 42.45
N ALA H 9 25.09 39.41 42.43
CA ALA H 9 26.16 39.11 41.48
C ALA H 9 25.67 39.37 40.06
N ILE H 10 24.44 38.95 39.80
CA ILE H 10 23.81 39.13 38.51
C ILE H 10 23.68 40.63 38.19
N THR H 11 23.14 41.38 39.14
CA THR H 11 22.97 42.81 38.97
C THR H 11 24.31 43.45 38.71
N ASP H 12 25.31 43.02 39.46
CA ASP H 12 26.65 43.56 39.30
C ASP H 12 27.21 43.26 37.92
N ALA H 13 26.84 42.11 37.36
CA ALA H 13 27.34 41.73 36.04
C ALA H 13 26.70 42.62 34.98
N LEU H 14 25.38 42.80 35.10
CA LEU H 14 24.63 43.63 34.17
C LEU H 14 25.18 45.05 34.15
N ARG H 15 25.31 45.65 35.33
CA ARG H 15 25.83 47.01 35.44
C ARG H 15 27.23 47.11 34.87
N ILE H 16 28.01 46.07 35.02
CA ILE H 16 29.35 46.10 34.48
C ILE H 16 29.32 46.16 32.94
N GLU H 17 28.47 45.34 32.33
CA GLU H 17 28.39 45.33 30.87
C GLU H 17 27.72 46.57 30.31
N LEU H 18 26.71 47.08 31.00
CA LEU H 18 26.01 48.28 30.55
C LEU H 18 26.99 49.44 30.46
N LYS H 19 28.04 49.38 31.27
CA LYS H 19 29.05 50.43 31.30
C LYS H 19 30.18 50.22 30.32
N ASN H 20 30.56 48.97 30.11
CA ASN H 20 31.65 48.65 29.22
C ASN H 20 31.26 48.63 27.76
N ASP H 21 30.01 48.28 27.48
CA ASP H 21 29.53 48.23 26.10
C ASP H 21 28.23 48.99 25.96
N PRO H 22 28.29 50.18 25.34
CA PRO H 22 27.08 50.99 25.15
C PRO H 22 25.96 50.29 24.39
N ASN H 23 26.32 49.29 23.57
CA ASN H 23 25.32 48.54 22.80
C ASN H 23 24.45 47.66 23.68
N VAL H 24 24.92 47.35 24.87
CA VAL H 24 24.16 46.50 25.77
C VAL H 24 22.84 47.15 26.19
N LEU H 25 21.75 46.39 26.07
CA LEU H 25 20.42 46.87 26.46
C LEU H 25 19.69 45.82 27.30
N ILE H 26 18.94 46.30 28.28
CA ILE H 26 18.18 45.42 29.16
C ILE H 26 16.72 45.84 29.09
N PHE H 27 15.84 44.90 28.77
CA PHE H 27 14.42 45.22 28.70
C PHE H 27 13.53 44.02 28.97
N GLY H 28 12.30 44.30 29.35
CA GLY H 28 11.34 43.25 29.64
C GLY H 28 10.19 43.79 30.46
N GLU H 29 9.27 42.92 30.84
CA GLU H 29 8.13 43.31 31.64
C GLU H 29 8.58 43.72 33.05
N ASP H 30 8.32 44.97 33.43
CA ASP H 30 8.64 45.45 34.76
C ASP H 30 10.12 45.42 35.20
N VAL H 31 11.05 45.50 34.25
CA VAL H 31 12.46 45.46 34.61
C VAL H 31 13.14 46.82 34.76
N GLY H 32 12.45 47.89 34.38
CA GLY H 32 13.02 49.23 34.48
C GLY H 32 12.82 49.96 35.81
N VAL H 33 11.80 50.82 35.86
CA VAL H 33 11.51 51.60 37.05
C VAL H 33 11.41 50.69 38.26
N ASN H 34 10.66 49.60 38.11
CA ASN H 34 10.45 48.63 39.18
C ASN H 34 11.72 47.88 39.58
N GLY H 35 12.73 47.94 38.71
CA GLY H 35 13.99 47.28 38.99
C GLY H 35 13.96 45.76 38.95
N GLY H 36 12.85 45.17 38.51
CA GLY H 36 12.75 43.73 38.45
C GLY H 36 11.83 43.15 39.50
N VAL H 37 11.17 42.03 39.18
CA VAL H 37 10.25 41.38 40.12
C VAL H 37 11.06 40.76 41.26
N PHE H 38 12.34 40.55 41.01
CA PHE H 38 13.25 39.98 41.98
C PHE H 38 14.41 40.93 42.22
N ARG H 39 14.23 42.16 41.77
CA ARG H 39 15.21 43.22 41.95
C ARG H 39 16.52 42.97 41.20
N ALA H 40 16.50 42.01 40.28
CA ALA H 40 17.69 41.68 39.50
C ALA H 40 18.22 42.85 38.69
N THR H 41 17.39 43.86 38.45
CA THR H 41 17.81 45.03 37.68
C THR H 41 17.63 46.34 38.46
N GLU H 42 17.62 46.25 39.78
CA GLU H 42 17.45 47.44 40.62
C GLU H 42 18.58 48.45 40.49
N GLY H 43 18.20 49.69 40.23
CA GLY H 43 19.16 50.78 40.09
C GLY H 43 19.83 50.87 38.73
N LEU H 44 19.53 49.94 37.85
CA LEU H 44 20.12 49.95 36.53
C LEU H 44 19.61 51.08 35.65
N GLN H 45 18.28 51.26 35.61
CA GLN H 45 17.68 52.32 34.80
C GLN H 45 18.07 53.70 35.30
N ALA H 46 18.17 53.84 36.62
CA ALA H 46 18.54 55.10 37.23
C ALA H 46 19.98 55.51 36.92
N GLU H 47 20.83 54.56 36.59
CA GLU H 47 22.21 54.90 36.30
C GLU H 47 22.47 55.11 34.82
N PHE H 48 21.74 54.39 33.98
CA PHE H 48 21.94 54.48 32.54
C PHE H 48 20.79 55.10 31.75
N GLY H 49 19.61 55.16 32.37
CA GLY H 49 18.48 55.76 31.69
C GLY H 49 17.52 54.80 31.01
N GLU H 50 16.34 55.33 30.68
CA GLU H 50 15.28 54.58 30.03
C GLU H 50 15.71 54.06 28.65
N ASP H 51 16.68 54.75 28.04
CA ASP H 51 17.16 54.35 26.73
C ASP H 51 17.99 53.07 26.80
N ARG H 52 18.49 52.74 27.99
CA ARG H 52 19.33 51.55 28.17
C ARG H 52 18.62 50.41 28.90
N VAL H 53 17.71 50.76 29.79
CA VAL H 53 16.97 49.78 30.55
C VAL H 53 15.51 50.24 30.58
N PHE H 54 14.65 49.54 29.85
CA PHE H 54 13.27 49.93 29.76
C PHE H 54 12.27 48.80 29.89
N ASP H 55 11.01 49.15 30.13
CA ASP H 55 9.95 48.15 30.25
C ASP H 55 9.31 48.04 28.87
N THR H 56 8.75 46.87 28.59
CA THR H 56 8.11 46.62 27.32
C THR H 56 6.66 46.22 27.59
N PRO H 57 5.81 46.22 26.55
CA PRO H 57 4.41 45.82 26.76
C PRO H 57 4.37 44.36 27.26
N LEU H 58 3.21 43.89 27.69
CA LEU H 58 3.08 42.54 28.24
C LEU H 58 2.90 41.46 27.17
N ALA H 59 3.98 41.15 26.46
CA ALA H 59 3.97 40.13 25.40
C ALA H 59 5.36 39.53 25.24
N GLU H 60 5.53 38.29 25.69
CA GLU H 60 6.82 37.61 25.59
C GLU H 60 7.31 37.50 24.16
N SER H 61 6.42 37.04 23.27
CA SER H 61 6.77 36.89 21.86
C SER H 61 7.28 38.21 21.29
N GLY H 62 6.63 39.30 21.68
CA GLY H 62 7.02 40.61 21.21
C GLY H 62 8.38 41.03 21.71
N ILE H 63 8.72 40.63 22.94
CA ILE H 63 10.01 40.98 23.51
C ILE H 63 11.11 40.29 22.72
N GLY H 64 10.89 39.02 22.40
CA GLY H 64 11.86 38.25 21.63
C GLY H 64 12.10 38.83 20.25
N GLY H 65 11.03 39.27 19.59
CA GLY H 65 11.20 39.85 18.27
C GLY H 65 11.97 41.16 18.37
N LEU H 66 11.64 41.95 19.38
CA LEU H 66 12.30 43.23 19.63
C LEU H 66 13.81 43.02 19.78
N ALA H 67 14.20 41.97 20.49
CA ALA H 67 15.63 41.69 20.69
C ALA H 67 16.28 41.41 19.33
N ILE H 68 15.67 40.52 18.56
CA ILE H 68 16.19 40.18 17.25
C ILE H 68 16.37 41.46 16.43
N GLY H 69 15.31 42.27 16.37
CA GLY H 69 15.36 43.51 15.61
C GLY H 69 16.49 44.41 16.05
N LEU H 70 16.63 44.56 17.37
CA LEU H 70 17.67 45.40 17.95
C LEU H 70 19.05 44.85 17.63
N ALA H 71 19.14 43.54 17.50
CA ALA H 71 20.40 42.91 17.18
C ALA H 71 20.77 43.25 15.74
N LEU H 72 19.77 43.22 14.86
CA LEU H 72 19.96 43.55 13.44
C LEU H 72 20.38 45.01 13.31
N GLN H 73 20.34 45.74 14.42
CA GLN H 73 20.74 47.14 14.42
C GLN H 73 22.06 47.36 15.14
N GLY H 74 22.75 46.27 15.49
CA GLY H 74 24.04 46.38 16.15
C GLY H 74 24.05 46.43 17.66
N PHE H 75 22.90 46.20 18.28
CA PHE H 75 22.82 46.22 19.74
C PHE H 75 23.12 44.85 20.33
N ARG H 76 23.36 44.82 21.63
CA ARG H 76 23.65 43.58 22.35
C ARG H 76 22.49 43.45 23.32
N PRO H 77 21.34 42.98 22.81
CA PRO H 77 20.14 42.81 23.63
C PRO H 77 20.17 41.79 24.74
N VAL H 78 19.86 42.26 25.95
CA VAL H 78 19.82 41.40 27.13
C VAL H 78 18.40 41.49 27.66
N PRO H 79 17.45 40.82 26.97
CA PRO H 79 16.03 40.79 27.34
C PRO H 79 15.79 39.90 28.54
N GLU H 80 14.56 39.91 29.05
CA GLU H 80 14.21 39.07 30.20
C GLU H 80 12.80 38.53 30.11
N ILE H 81 12.65 37.23 30.40
CA ILE H 81 11.34 36.58 30.41
C ILE H 81 10.97 36.37 31.89
N GLN H 82 9.98 37.11 32.36
CA GLN H 82 9.55 37.07 33.77
C GLN H 82 9.66 35.69 34.46
N PHE H 83 9.21 34.64 33.79
CA PHE H 83 9.30 33.27 34.31
C PHE H 83 9.47 32.38 33.09
N PHE H 84 10.45 31.49 33.13
CA PHE H 84 10.71 30.64 31.97
C PHE H 84 9.54 29.77 31.58
N GLY H 85 8.57 29.66 32.48
CA GLY H 85 7.37 28.88 32.19
C GLY H 85 6.59 29.62 31.11
N PHE H 86 6.95 30.87 30.88
CA PHE H 86 6.30 31.67 29.87
C PHE H 86 7.11 31.70 28.58
N VAL H 87 8.08 30.80 28.46
CA VAL H 87 8.91 30.76 27.26
C VAL H 87 8.04 30.30 26.08
N TYR H 88 7.00 29.54 26.38
CA TYR H 88 6.10 29.02 25.36
C TYR H 88 5.61 30.08 24.38
N GLU H 89 5.37 31.29 24.86
CA GLU H 89 4.89 32.37 24.01
C GLU H 89 5.96 32.91 23.07
N VAL H 90 7.22 32.59 23.36
CA VAL H 90 8.32 33.11 22.56
C VAL H 90 9.25 32.04 21.98
N MET H 91 8.78 30.80 21.93
CA MET H 91 9.58 29.70 21.39
C MET H 91 10.13 29.97 19.98
N ASP H 92 9.34 30.67 19.16
CA ASP H 92 9.73 30.96 17.79
C ASP H 92 10.89 31.95 17.66
N SER H 93 10.88 33.00 18.46
CA SER H 93 11.95 34.00 18.40
C SER H 93 13.26 33.41 18.88
N ILE H 94 13.18 32.53 19.87
CA ILE H 94 14.36 31.90 20.44
C ILE H 94 14.93 30.78 19.57
N CYS H 95 14.12 29.76 19.33
CA CYS H 95 14.56 28.60 18.56
C CYS H 95 14.35 28.65 17.05
N GLY H 96 13.33 29.37 16.60
CA GLY H 96 13.08 29.44 15.17
C GLY H 96 13.80 30.57 14.46
N GLN H 97 14.15 31.60 15.23
CA GLN H 97 14.80 32.77 14.66
C GLN H 97 16.24 33.00 15.11
N MET H 98 16.41 33.68 16.23
CA MET H 98 17.73 34.04 16.73
C MET H 98 18.79 32.95 16.75
N ALA H 99 18.45 31.75 17.19
CA ALA H 99 19.43 30.68 17.22
C ALA H 99 19.86 30.30 15.81
N ARG H 100 19.04 30.67 14.83
CA ARG H 100 19.34 30.33 13.43
C ARG H 100 19.86 31.45 12.55
N ILE H 101 19.68 32.70 12.99
CA ILE H 101 20.10 33.85 12.20
C ILE H 101 21.50 33.84 11.60
N ARG H 102 22.53 33.49 12.38
CA ARG H 102 23.89 33.49 11.82
C ARG H 102 23.97 32.44 10.71
N TYR H 103 23.41 31.27 10.98
CA TYR H 103 23.38 30.18 10.02
C TYR H 103 22.56 30.58 8.81
N ARG H 104 21.34 31.01 9.06
CA ARG H 104 20.43 31.43 8.02
C ARG H 104 21.00 32.49 7.08
N THR H 105 21.91 33.33 7.59
CA THR H 105 22.50 34.39 6.78
C THR H 105 23.94 34.12 6.38
N GLY H 106 24.39 32.87 6.54
CA GLY H 106 25.75 32.53 6.18
C GLY H 106 26.77 33.38 6.92
N GLY H 107 26.46 33.73 8.16
CA GLY H 107 27.38 34.53 8.95
C GLY H 107 27.26 36.03 8.78
N ARG H 108 26.54 36.48 7.76
CA ARG H 108 26.37 37.91 7.49
C ARG H 108 25.77 38.66 8.69
N TYR H 109 24.80 38.04 9.35
CA TYR H 109 24.17 38.64 10.52
C TYR H 109 24.34 37.68 11.70
N HIS H 110 24.32 38.21 12.91
CA HIS H 110 24.45 37.38 14.10
C HIS H 110 23.57 37.89 15.23
N MET H 111 23.39 37.08 16.26
CA MET H 111 22.54 37.45 17.38
C MET H 111 23.24 37.49 18.74
N PRO H 112 23.89 38.62 19.08
CA PRO H 112 24.56 38.70 20.37
C PRO H 112 23.50 38.97 21.41
N ILE H 113 22.62 38.00 21.62
CA ILE H 113 21.52 38.12 22.57
C ILE H 113 21.67 37.19 23.77
N THR H 114 21.38 37.71 24.96
CA THR H 114 21.43 36.90 26.16
C THR H 114 20.04 37.02 26.78
N ILE H 115 19.30 35.92 26.83
CA ILE H 115 17.98 35.95 27.43
C ILE H 115 18.11 35.51 28.89
N ARG H 116 17.62 36.33 29.82
CA ARG H 116 17.64 36.03 31.26
C ARG H 116 16.24 35.59 31.67
N SER H 117 16.15 34.55 32.48
CA SER H 117 14.85 34.09 32.92
C SER H 117 14.95 33.20 34.14
N PRO H 118 14.15 33.50 35.17
CA PRO H 118 14.14 32.73 36.42
C PRO H 118 13.30 31.46 36.34
N PHE H 119 13.69 30.47 37.12
CA PHE H 119 12.99 29.19 37.16
C PHE H 119 13.33 28.53 38.48
N GLY H 120 13.00 27.25 38.61
CA GLY H 120 13.32 26.53 39.83
C GLY H 120 12.20 26.50 40.83
N GLY H 121 12.16 25.44 41.64
CA GLY H 121 11.12 25.29 42.64
C GLY H 121 11.64 25.33 44.06
N GLY H 122 10.74 25.11 45.02
CA GLY H 122 11.13 25.15 46.42
C GLY H 122 10.79 26.48 47.08
N VAL H 123 9.79 27.17 46.55
CA VAL H 123 9.36 28.46 47.10
C VAL H 123 7.85 28.67 46.96
N HIS H 124 7.13 27.61 46.60
CA HIS H 124 5.67 27.66 46.48
C HIS H 124 5.14 28.69 45.48
N THR H 125 5.80 28.84 44.33
CA THR H 125 5.34 29.79 43.33
C THR H 125 4.03 29.26 42.73
N PRO H 126 3.25 30.15 42.09
CA PRO H 126 1.99 29.72 41.48
C PRO H 126 2.33 28.85 40.28
N GLU H 127 1.31 28.34 39.60
CA GLU H 127 1.53 27.48 38.44
C GLU H 127 2.40 28.09 37.34
N LEU H 128 3.14 27.23 36.66
CA LEU H 128 3.99 27.66 35.55
C LEU H 128 5.04 28.72 35.85
N HIS H 129 5.52 28.74 37.09
CA HIS H 129 6.54 29.68 37.54
C HIS H 129 7.87 28.97 37.82
N SER H 130 7.79 27.76 38.36
CA SER H 130 8.97 27.00 38.74
C SER H 130 9.44 25.91 37.78
N ASP H 131 8.57 25.47 36.89
CA ASP H 131 8.92 24.42 35.93
C ASP H 131 10.34 24.58 35.37
N SER H 132 11.02 23.45 35.13
CA SER H 132 12.36 23.46 34.57
C SER H 132 12.30 23.07 33.11
N LEU H 133 12.44 24.05 32.23
CA LEU H 133 12.36 23.77 30.81
C LEU H 133 13.65 24.00 30.05
N GLU H 134 14.79 23.76 30.70
CA GLU H 134 16.07 23.94 30.03
C GLU H 134 16.29 22.82 29.01
N GLY H 135 15.54 21.73 29.19
CA GLY H 135 15.65 20.59 28.30
C GLY H 135 15.21 20.88 26.88
N LEU H 136 14.28 21.82 26.74
CA LEU H 136 13.78 22.17 25.42
C LEU H 136 14.80 23.00 24.65
N VAL H 137 15.24 24.11 25.24
CA VAL H 137 16.21 24.96 24.56
C VAL H 137 17.57 24.28 24.35
N ALA H 138 17.86 23.24 25.13
CA ALA H 138 19.12 22.53 24.98
C ALA H 138 19.15 21.78 23.64
N GLN H 139 17.98 21.44 23.13
CA GLN H 139 17.87 20.72 21.86
C GLN H 139 17.91 21.58 20.60
N GLN H 140 18.01 22.89 20.78
CA GLN H 140 18.03 23.77 19.63
C GLN H 140 19.41 24.24 19.21
N PRO H 141 19.89 23.76 18.07
CA PRO H 141 21.21 24.16 17.58
C PRO H 141 21.24 25.69 17.48
N GLY H 142 22.39 26.29 17.80
CA GLY H 142 22.49 27.73 17.70
C GLY H 142 22.30 28.46 19.02
N LEU H 143 22.09 27.70 20.09
CA LEU H 143 21.90 28.25 21.43
C LEU H 143 22.85 27.59 22.42
N LYS H 144 23.29 28.36 23.41
CA LYS H 144 24.12 27.84 24.49
C LYS H 144 23.26 28.11 25.73
N VAL H 145 23.01 27.08 26.53
CA VAL H 145 22.18 27.22 27.73
C VAL H 145 23.03 27.18 29.00
N VAL H 146 23.01 28.28 29.75
CA VAL H 146 23.80 28.42 30.97
C VAL H 146 22.95 28.47 32.25
N ILE H 147 23.38 27.74 33.28
CA ILE H 147 22.65 27.71 34.55
C ILE H 147 23.63 27.72 35.72
N PRO H 148 23.73 28.87 36.42
CA PRO H 148 24.64 29.00 37.56
C PRO H 148 24.04 28.58 38.89
N SER H 149 24.88 28.14 39.81
CA SER H 149 24.43 27.70 41.13
C SER H 149 25.06 28.51 42.25
N THR H 150 26.01 29.38 41.89
CA THR H 150 26.68 30.21 42.88
C THR H 150 26.80 31.65 42.40
N PRO H 151 26.88 32.60 43.33
CA PRO H 151 27.01 34.01 42.98
C PRO H 151 28.25 34.25 42.12
N TYR H 152 29.35 33.61 42.51
CA TYR H 152 30.60 33.78 41.77
C TYR H 152 30.44 33.35 40.31
N ASP H 153 29.77 32.23 40.07
CA ASP H 153 29.57 31.74 38.71
C ASP H 153 28.58 32.58 37.91
N ALA H 154 27.50 33.00 38.56
CA ALA H 154 26.47 33.80 37.89
C ALA H 154 27.08 35.05 37.26
N LYS H 155 28.08 35.63 37.93
CA LYS H 155 28.71 36.83 37.42
C LYS H 155 29.58 36.58 36.19
N GLY H 156 30.66 35.83 36.39
CA GLY H 156 31.56 35.53 35.29
C GLY H 156 30.90 34.89 34.09
N LEU H 157 29.87 34.09 34.34
CA LEU H 157 29.14 33.42 33.27
C LEU H 157 28.20 34.38 32.56
N LEU H 158 27.55 35.25 33.32
CA LEU H 158 26.64 36.20 32.73
C LEU H 158 27.44 37.22 31.93
N ILE H 159 28.64 37.56 32.41
CA ILE H 159 29.50 38.50 31.69
C ILE H 159 29.95 37.83 30.39
N SER H 160 30.34 36.57 30.46
CA SER H 160 30.77 35.85 29.27
C SER H 160 29.61 35.69 28.31
N ALA H 161 28.43 35.44 28.89
CA ALA H 161 27.22 35.27 28.12
C ALA H 161 26.95 36.51 27.30
N ILE H 162 26.83 37.65 27.96
CA ILE H 162 26.55 38.89 27.26
C ILE H 162 27.61 39.24 26.21
N ARG H 163 28.85 38.80 26.39
CA ARG H 163 29.91 39.11 25.42
C ARG H 163 29.96 38.13 24.25
N ASP H 164 29.40 36.94 24.48
CA ASP H 164 29.35 35.92 23.44
C ASP H 164 28.59 36.55 22.28
N ASN H 165 29.00 36.28 21.04
CA ASN H 165 28.30 36.88 19.92
C ASN H 165 27.14 36.06 19.32
N ASP H 166 26.78 34.97 19.98
CA ASP H 166 25.66 34.15 19.54
C ASP H 166 24.69 34.05 20.70
N PRO H 167 23.41 33.74 20.42
CA PRO H 167 22.45 33.66 21.53
C PRO H 167 22.79 32.71 22.68
N VAL H 168 22.56 33.19 23.89
CA VAL H 168 22.78 32.43 25.11
C VAL H 168 21.58 32.55 26.05
N ILE H 169 21.05 31.42 26.52
CA ILE H 169 19.94 31.46 27.46
C ILE H 169 20.54 31.31 28.86
N PHE H 170 20.35 32.33 29.67
CA PHE H 170 20.86 32.40 31.04
C PHE H 170 19.72 32.19 32.03
N LEU H 171 19.59 30.97 32.54
CA LEU H 171 18.52 30.63 33.47
C LEU H 171 18.96 30.77 34.94
N GLU H 172 18.23 31.60 35.70
CA GLU H 172 18.53 31.85 37.10
C GLU H 172 17.51 31.21 38.05
N HIS H 173 18.00 30.37 38.96
CA HIS H 173 17.15 29.65 39.92
C HIS H 173 16.63 30.53 41.06
N LEU H 174 15.31 30.62 41.16
CA LEU H 174 14.63 31.41 42.19
C LEU H 174 15.10 31.08 43.59
N LYS H 175 15.26 29.79 43.85
CA LYS H 175 15.67 29.35 45.17
C LYS H 175 17.11 29.68 45.52
N LEU H 176 17.89 30.09 44.52
CA LEU H 176 19.30 30.41 44.76
C LEU H 176 19.60 31.89 44.59
N TYR H 177 18.55 32.71 44.53
CA TYR H 177 18.76 34.15 44.35
C TYR H 177 19.40 34.81 45.56
N ARG H 178 18.82 34.60 46.73
CA ARG H 178 19.32 35.19 47.97
C ARG H 178 19.51 34.14 49.07
N SER H 179 19.62 32.89 48.66
CA SER H 179 19.81 31.79 49.58
C SER H 179 21.07 31.91 50.41
N PHE H 180 22.10 32.51 49.82
CA PHE H 180 23.37 32.61 50.51
C PHE H 180 24.30 33.61 49.85
N ARG H 181 25.28 34.07 50.62
CA ARG H 181 26.25 35.02 50.11
C ARG H 181 27.56 34.29 49.87
N GLN H 182 28.43 34.94 49.10
CA GLN H 182 29.74 34.39 48.78
C GLN H 182 30.62 35.53 48.29
N GLU H 183 31.91 35.43 48.56
CA GLU H 183 32.84 36.45 48.14
C GLU H 183 32.96 36.43 46.63
N VAL H 184 32.60 37.55 45.99
CA VAL H 184 32.70 37.70 44.54
C VAL H 184 33.64 38.88 44.31
N PRO H 185 34.69 38.69 43.50
CA PRO H 185 35.60 39.81 43.29
C PRO H 185 34.88 41.02 42.71
N GLU H 186 35.34 42.21 43.07
CA GLU H 186 34.75 43.44 42.56
C GLU H 186 35.29 43.66 41.15
N GLY H 187 34.55 44.39 40.33
CA GLY H 187 35.03 44.62 38.98
C GLY H 187 34.66 43.47 38.06
N GLU H 188 35.28 43.41 36.89
CA GLU H 188 34.94 42.37 35.92
C GLU H 188 35.88 41.16 35.87
N TYR H 189 35.33 40.07 35.34
CA TYR H 189 36.03 38.81 35.14
C TYR H 189 35.07 37.87 34.41
N THR H 190 35.61 36.91 33.67
CA THR H 190 34.76 35.99 32.93
C THR H 190 35.05 34.53 33.20
N ILE H 191 34.02 33.70 33.04
CA ILE H 191 34.13 32.27 33.22
C ILE H 191 33.72 31.72 31.86
N PRO H 192 34.55 30.87 31.24
CA PRO H 192 34.23 30.30 29.93
C PRO H 192 32.91 29.56 29.92
N ILE H 193 32.18 29.67 28.81
CA ILE H 193 30.92 28.96 28.69
C ILE H 193 31.29 27.57 28.18
N GLY H 194 30.55 26.56 28.62
CA GLY H 194 30.83 25.21 28.19
C GLY H 194 31.87 24.56 29.08
N LYS H 195 32.13 25.20 30.22
CA LYS H 195 33.10 24.68 31.18
C LYS H 195 32.45 24.38 32.52
N ALA H 196 32.70 23.19 33.04
CA ALA H 196 32.14 22.81 34.33
C ALA H 196 33.25 22.99 35.34
N ASP H 197 32.93 22.82 36.63
CA ASP H 197 33.96 22.93 37.64
C ASP H 197 33.67 21.91 38.74
N ILE H 198 34.72 21.49 39.45
CA ILE H 198 34.56 20.51 40.51
C ILE H 198 34.24 21.24 41.82
N LYS H 199 32.98 21.17 42.26
CA LYS H 199 32.59 21.84 43.49
C LYS H 199 33.08 21.06 44.72
N ARG H 200 33.48 19.82 44.49
CA ARG H 200 34.00 18.97 45.56
C ARG H 200 34.78 17.80 44.98
N GLU H 201 36.05 17.71 45.38
CA GLU H 201 36.96 16.66 44.93
C GLU H 201 36.60 15.33 45.58
N GLY H 202 36.45 14.29 44.76
CA GLY H 202 36.10 12.98 45.28
C GLY H 202 36.77 11.87 44.49
N LYS H 203 36.73 10.64 45.00
CA LYS H 203 37.39 9.54 44.31
C LYS H 203 36.58 8.28 44.07
N ASP H 204 35.42 8.15 44.73
CA ASP H 204 34.59 6.97 44.59
C ASP H 204 33.48 7.04 43.55
N ILE H 205 32.67 8.09 43.63
CA ILE H 205 31.56 8.28 42.72
C ILE H 205 31.55 9.72 42.21
N THR H 206 31.06 9.90 40.99
CA THR H 206 30.97 11.24 40.43
C THR H 206 29.51 11.67 40.43
N ILE H 207 29.20 12.81 41.04
CA ILE H 207 27.82 13.31 41.04
C ILE H 207 27.77 14.57 40.15
N ILE H 208 27.12 14.43 39.00
CA ILE H 208 27.00 15.53 38.05
C ILE H 208 25.65 16.22 38.24
N ALA H 209 25.66 17.54 38.33
CA ALA H 209 24.41 18.28 38.52
C ALA H 209 24.50 19.72 38.03
N TYR H 210 23.41 20.45 38.21
CA TYR H 210 23.34 21.84 37.83
C TYR H 210 22.15 22.51 38.52
N GLY H 211 22.27 23.81 38.78
CA GLY H 211 21.20 24.53 39.42
C GLY H 211 21.15 24.27 40.91
N ALA H 212 19.94 24.22 41.44
CA ALA H 212 19.73 23.99 42.87
C ALA H 212 20.14 22.57 43.25
N MET H 213 20.30 21.70 42.25
CA MET H 213 20.67 20.33 42.52
C MET H 213 22.15 20.20 42.92
N VAL H 214 22.94 21.25 42.68
CA VAL H 214 24.34 21.22 43.06
C VAL H 214 24.49 21.24 44.57
N HIS H 215 23.77 22.16 45.20
CA HIS H 215 23.79 22.29 46.66
C HIS H 215 23.28 21.01 47.31
N GLU H 216 22.23 20.43 46.75
CA GLU H 216 21.67 19.19 47.27
C GLU H 216 22.67 18.04 47.09
N SER H 217 23.51 18.15 46.06
CA SER H 217 24.52 17.13 45.78
C SER H 217 25.67 17.29 46.76
N LEU H 218 26.04 18.54 47.04
CA LEU H 218 27.12 18.84 47.97
C LEU H 218 26.70 18.43 49.39
N LYS H 219 25.42 18.63 49.69
CA LYS H 219 24.88 18.29 51.00
C LYS H 219 24.96 16.78 51.20
N ALA H 220 24.56 16.02 50.18
CA ALA H 220 24.62 14.57 50.24
C ALA H 220 26.07 14.08 50.34
N ALA H 221 26.96 14.71 49.57
CA ALA H 221 28.38 14.34 49.56
C ALA H 221 29.02 14.49 50.94
N ALA H 222 28.53 15.47 51.71
CA ALA H 222 29.07 15.68 53.05
C ALA H 222 28.60 14.53 53.91
N GLU H 223 27.38 14.05 53.64
CA GLU H 223 26.81 12.95 54.39
C GLU H 223 27.51 11.65 54.01
N LEU H 224 27.67 11.44 52.70
CA LEU H 224 28.33 10.24 52.21
C LEU H 224 29.73 10.13 52.80
N GLU H 225 30.38 11.25 53.04
CA GLU H 225 31.73 11.25 53.58
C GLU H 225 31.76 10.80 55.03
N LYS H 226 30.65 10.97 55.73
CA LYS H 226 30.59 10.56 57.13
C LYS H 226 30.62 9.04 57.18
N GLU H 227 30.40 8.42 56.03
CA GLU H 227 30.41 6.96 55.93
C GLU H 227 31.57 6.49 55.06
N GLY H 228 32.51 7.38 54.77
CA GLY H 228 33.67 7.01 53.98
C GLY H 228 33.54 6.97 52.47
N ILE H 229 32.39 7.38 51.94
CA ILE H 229 32.18 7.39 50.49
C ILE H 229 32.55 8.79 49.99
N SER H 230 33.63 8.87 49.20
CA SER H 230 34.13 10.13 48.68
C SER H 230 33.52 10.49 47.33
N ALA H 231 32.58 11.42 47.35
CA ALA H 231 31.91 11.83 46.12
C ALA H 231 32.50 13.09 45.48
N GLU H 232 32.68 13.03 44.16
CA GLU H 232 33.19 14.19 43.46
C GLU H 232 31.98 14.88 42.83
N VAL H 233 31.67 16.08 43.31
CA VAL H 233 30.54 16.82 42.81
C VAL H 233 30.95 17.74 41.67
N VAL H 234 30.54 17.39 40.45
CA VAL H 234 30.87 18.20 39.30
C VAL H 234 29.65 19.01 38.88
N ASP H 235 29.84 20.32 38.84
CA ASP H 235 28.78 21.24 38.46
C ASP H 235 28.97 21.69 37.01
N LEU H 236 28.08 21.24 36.14
CA LEU H 236 28.13 21.68 34.75
C LEU H 236 27.61 23.08 34.99
N ARG H 237 28.26 24.10 34.47
CA ARG H 237 27.72 25.43 34.70
C ARG H 237 26.95 25.77 33.43
N THR H 238 27.34 25.12 32.35
CA THR H 238 26.71 25.25 31.05
C THR H 238 26.10 23.87 30.75
N VAL H 239 24.81 23.80 30.45
CA VAL H 239 24.22 22.48 30.17
C VAL H 239 24.20 22.18 28.70
N GLN H 240 24.63 23.14 27.89
CA GLN H 240 24.66 22.99 26.45
C GLN H 240 25.49 24.13 25.90
N PRO H 241 26.68 23.83 25.34
CA PRO H 241 27.23 22.47 25.25
C PRO H 241 27.74 21.93 26.59
N LEU H 242 27.94 20.62 26.66
CA LEU H 242 28.45 19.98 27.87
C LEU H 242 29.97 20.00 27.84
N ASP H 243 30.58 20.08 29.02
CA ASP H 243 32.03 20.09 29.15
C ASP H 243 32.48 18.64 29.25
N ILE H 244 32.46 17.96 28.11
CA ILE H 244 32.82 16.55 28.00
C ILE H 244 34.08 16.07 28.71
N GLU H 245 35.21 16.72 28.47
CA GLU H 245 36.47 16.30 29.09
C GLU H 245 36.40 16.35 30.62
N THR H 246 35.86 17.42 31.17
CA THR H 246 35.76 17.50 32.62
C THR H 246 34.87 16.36 33.13
N ILE H 247 33.75 16.12 32.45
CA ILE H 247 32.85 15.05 32.86
C ILE H 247 33.53 13.69 32.71
N ILE H 248 33.91 13.34 31.49
CA ILE H 248 34.56 12.06 31.27
C ILE H 248 35.76 11.88 32.18
N GLY H 249 36.53 12.95 32.37
CA GLY H 249 37.68 12.85 33.24
C GLY H 249 37.29 12.26 34.57
N SER H 250 36.44 12.97 35.31
CA SER H 250 35.99 12.54 36.64
C SER H 250 35.46 11.11 36.66
N VAL H 251 34.73 10.71 35.62
CA VAL H 251 34.17 9.37 35.59
C VAL H 251 35.25 8.31 35.41
N GLU H 252 36.30 8.63 34.65
CA GLU H 252 37.40 7.69 34.44
C GLU H 252 38.21 7.52 35.71
N LYS H 253 38.16 8.52 36.58
CA LYS H 253 38.87 8.48 37.84
C LYS H 253 38.08 7.69 38.88
N THR H 254 36.80 7.98 39.04
CA THR H 254 35.98 7.29 40.03
C THR H 254 35.43 5.95 39.59
N GLY H 255 35.00 5.84 38.34
CA GLY H 255 34.44 4.58 37.86
C GLY H 255 32.94 4.45 38.10
N ARG H 256 32.34 5.41 38.79
CA ARG H 256 30.91 5.38 39.06
C ARG H 256 30.41 6.81 38.94
N ALA H 257 29.15 6.97 38.58
CA ALA H 257 28.62 8.33 38.43
C ALA H 257 27.12 8.35 38.35
N ILE H 258 26.53 9.47 38.77
CA ILE H 258 25.09 9.65 38.70
C ILE H 258 24.83 11.09 38.29
N VAL H 259 23.74 11.33 37.58
CA VAL H 259 23.36 12.69 37.17
C VAL H 259 22.12 13.13 37.96
N VAL H 260 22.16 14.37 38.46
CA VAL H 260 21.05 14.92 39.23
C VAL H 260 20.46 16.19 38.62
N GLN H 261 19.14 16.21 38.47
CA GLN H 261 18.44 17.37 37.91
C GLN H 261 17.13 17.55 38.67
N GLU H 262 16.60 18.77 38.66
CA GLU H 262 15.34 19.06 39.33
C GLU H 262 14.19 18.75 38.38
N ALA H 263 14.48 18.75 37.09
CA ALA H 263 13.48 18.47 36.07
C ALA H 263 12.95 17.05 36.14
N GLN H 264 11.83 16.80 35.47
CA GLN H 264 11.21 15.48 35.43
C GLN H 264 12.13 14.52 34.68
N ARG H 265 11.99 13.23 34.96
CA ARG H 265 12.82 12.22 34.32
C ARG H 265 12.77 12.29 32.79
N GLN H 266 11.59 12.57 32.24
CA GLN H 266 11.43 12.64 30.79
C GLN H 266 11.91 13.96 30.19
N ALA H 267 12.21 14.94 31.03
CA ALA H 267 12.68 16.24 30.58
C ALA H 267 14.13 16.44 30.99
N GLY H 268 14.55 17.70 31.12
CA GLY H 268 15.91 17.96 31.54
C GLY H 268 16.98 17.58 30.52
N ILE H 269 18.23 17.54 30.97
CA ILE H 269 19.33 17.19 30.09
C ILE H 269 20.13 16.02 30.65
N ALA H 270 19.62 15.39 31.70
CA ALA H 270 20.31 14.26 32.33
C ALA H 270 20.62 13.12 31.38
N ALA H 271 19.70 12.82 30.46
CA ALA H 271 19.90 11.74 29.52
C ALA H 271 21.03 12.01 28.52
N ASN H 272 21.23 13.26 28.14
CA ASN H 272 22.33 13.55 27.22
C ASN H 272 23.62 13.24 27.91
N VAL H 273 23.67 13.50 29.22
CA VAL H 273 24.88 13.25 30.00
C VAL H 273 25.14 11.76 30.09
N VAL H 274 24.12 11.01 30.51
CA VAL H 274 24.25 9.57 30.63
C VAL H 274 24.68 8.94 29.29
N ALA H 275 24.20 9.49 28.18
CA ALA H 275 24.53 8.96 26.86
C ALA H 275 25.96 9.29 26.49
N GLU H 276 26.43 10.47 26.87
CA GLU H 276 27.79 10.85 26.56
C GLU H 276 28.77 9.99 27.36
N ILE H 277 28.47 9.80 28.64
CA ILE H 277 29.33 8.99 29.49
C ILE H 277 29.40 7.59 28.90
N ASN H 278 28.23 6.99 28.70
CA ASN H 278 28.11 5.66 28.14
C ASN H 278 28.94 5.42 26.88
N GLU H 279 28.96 6.38 25.95
CA GLU H 279 29.71 6.14 24.74
C GLU H 279 31.18 6.53 24.79
N ARG H 280 31.58 7.36 25.75
CA ARG H 280 32.98 7.78 25.84
C ARG H 280 33.81 7.12 26.95
N ALA H 281 33.14 6.56 27.95
CA ALA H 281 33.87 5.94 29.06
C ALA H 281 33.19 4.70 29.63
N ILE H 282 32.39 4.02 28.81
CA ILE H 282 31.70 2.82 29.28
C ILE H 282 32.69 1.76 29.77
N LEU H 283 33.92 1.78 29.24
CA LEU H 283 34.92 0.80 29.65
C LEU H 283 35.53 1.06 31.01
N SER H 284 34.99 2.03 31.75
CA SER H 284 35.51 2.35 33.08
C SER H 284 34.42 2.32 34.15
N LEU H 285 33.18 2.13 33.74
CA LEU H 285 32.07 2.11 34.70
C LEU H 285 31.93 0.82 35.50
N GLU H 286 32.07 0.91 36.82
CA GLU H 286 31.91 -0.27 37.66
C GLU H 286 30.42 -0.53 37.81
N ALA H 287 29.61 0.42 37.33
CA ALA H 287 28.16 0.30 37.41
C ALA H 287 27.43 1.23 36.45
N PRO H 288 26.10 1.06 36.31
CA PRO H 288 25.32 1.92 35.40
C PRO H 288 25.17 3.33 35.94
N VAL H 289 25.19 4.31 35.05
CA VAL H 289 25.03 5.70 35.45
C VAL H 289 23.56 5.97 35.71
N LEU H 290 23.16 5.98 36.98
CA LEU H 290 21.78 6.22 37.33
C LEU H 290 21.47 7.71 37.37
N ARG H 291 20.17 8.02 37.23
CA ARG H 291 19.71 9.41 37.25
C ARG H 291 18.78 9.68 38.42
N VAL H 292 18.85 10.90 38.94
CA VAL H 292 17.99 11.34 40.03
C VAL H 292 17.17 12.48 39.43
N ALA H 293 15.86 12.30 39.35
CA ALA H 293 15.00 13.32 38.76
C ALA H 293 13.63 13.32 39.42
N ALA H 294 12.84 14.33 39.10
CA ALA H 294 11.50 14.46 39.64
C ALA H 294 10.56 13.53 38.88
N PRO H 295 9.39 13.19 39.48
CA PRO H 295 8.42 12.30 38.83
C PRO H 295 7.96 12.82 37.46
N ASP H 296 7.60 11.90 36.56
CA ASP H 296 7.17 12.30 35.22
C ASP H 296 5.75 12.87 35.11
N THR H 297 5.40 13.79 36.00
CA THR H 297 4.09 14.45 35.96
C THR H 297 4.31 15.95 35.75
N VAL H 298 3.23 16.72 35.81
CA VAL H 298 3.32 18.17 35.64
C VAL H 298 3.82 18.78 36.94
N TYR H 299 4.57 19.88 36.86
CA TYR H 299 5.07 20.52 38.07
C TYR H 299 3.99 20.49 39.13
N PRO H 300 4.32 19.99 40.32
CA PRO H 300 3.44 19.86 41.49
C PRO H 300 2.78 21.13 42.01
N PHE H 301 1.54 21.00 42.47
CA PHE H 301 0.82 22.12 43.05
C PHE H 301 1.72 22.60 44.20
N ALA H 302 1.76 23.91 44.39
CA ALA H 302 2.57 24.55 45.42
C ALA H 302 2.79 23.76 46.70
N GLN H 303 1.68 23.36 47.33
CA GLN H 303 1.70 22.64 48.60
C GLN H 303 2.30 21.24 48.57
N ALA H 304 2.65 20.73 47.39
CA ALA H 304 3.20 19.39 47.31
C ALA H 304 4.66 19.30 46.83
N GLU H 305 5.33 20.45 46.68
CA GLU H 305 6.71 20.49 46.23
C GLU H 305 7.67 19.61 47.01
N SER H 306 7.73 19.81 48.33
CA SER H 306 8.61 19.04 49.21
C SER H 306 8.73 17.54 48.91
N VAL H 307 7.60 16.86 48.79
CA VAL H 307 7.57 15.42 48.52
C VAL H 307 7.75 15.05 47.05
N TRP H 308 7.91 16.07 46.21
CA TRP H 308 8.05 15.87 44.77
C TRP H 308 9.45 16.22 44.25
N LEU H 309 9.93 17.40 44.66
CA LEU H 309 11.24 17.87 44.24
C LEU H 309 12.35 16.96 44.76
N PRO H 310 13.30 16.61 43.89
CA PRO H 310 14.45 15.74 44.19
C PRO H 310 15.43 16.48 45.11
N ASN H 311 15.71 15.94 46.29
CA ASN H 311 16.63 16.60 47.21
C ASN H 311 17.84 15.74 47.60
N PHE H 312 18.64 16.22 48.55
CA PHE H 312 19.84 15.51 48.99
C PHE H 312 19.61 14.07 49.46
N LYS H 313 18.44 13.76 50.01
CA LYS H 313 18.15 12.41 50.48
C LYS H 313 18.07 11.45 49.29
N ASP H 314 17.58 11.96 48.17
CA ASP H 314 17.46 11.16 46.96
C ASP H 314 18.83 10.92 46.33
N VAL H 315 19.72 11.88 46.46
CA VAL H 315 21.05 11.73 45.90
C VAL H 315 21.79 10.67 46.70
N ILE H 316 21.72 10.77 48.03
CA ILE H 316 22.36 9.81 48.91
C ILE H 316 21.88 8.40 48.57
N GLU H 317 20.57 8.25 48.41
CA GLU H 317 19.98 6.96 48.09
C GLU H 317 20.51 6.40 46.78
N THR H 318 20.41 7.18 45.71
CA THR H 318 20.88 6.73 44.42
C THR H 318 22.40 6.57 44.41
N ALA H 319 23.11 7.43 45.12
CA ALA H 319 24.56 7.34 45.17
C ALA H 319 24.94 5.98 45.75
N LYS H 320 24.16 5.53 46.72
CA LYS H 320 24.40 4.23 47.33
C LYS H 320 23.97 3.09 46.41
N LYS H 321 22.82 3.21 45.76
CA LYS H 321 22.39 2.15 44.85
C LYS H 321 23.54 1.88 43.91
N VAL H 322 24.29 2.93 43.56
CA VAL H 322 25.41 2.76 42.66
C VAL H 322 26.54 2.03 43.37
N MET H 323 27.04 2.59 44.47
CA MET H 323 28.13 1.98 45.23
C MET H 323 27.97 0.46 45.44
N ASN H 324 26.74 0.05 45.77
CA ASN H 324 26.44 -1.35 46.01
C ASN H 324 26.01 -2.15 44.78
N PHE H 325 26.23 -1.59 43.59
CA PHE H 325 25.83 -2.30 42.38
C PHE H 325 26.55 -3.65 42.25
N ARG I 127 19.23 -69.02 -26.05
CA ARG I 127 20.13 -69.31 -27.21
C ARG I 127 19.31 -69.60 -28.47
N ARG I 128 18.15 -70.20 -28.28
CA VAL I 129 17.28 -70.53 -29.40
C VAL I 129 16.39 -69.36 -29.81
N ILE I 130 16.05 -69.32 -31.09
CA ILE I 130 15.17 -68.28 -31.60
C ILE I 130 14.05 -68.96 -32.38
N ALA I 131 12.82 -68.72 -31.95
CA ALA I 131 11.65 -69.29 -32.59
C ALA I 131 10.42 -68.53 -32.13
N MET I 132 9.47 -68.36 -33.05
CA MET I 132 8.25 -67.66 -32.73
C MET I 132 7.55 -68.44 -31.63
N PRO I 133 6.63 -67.76 -30.91
CA PRO I 133 5.91 -68.44 -29.84
C PRO I 133 5.11 -69.64 -30.32
N SER I 134 4.55 -69.57 -31.52
CA SER I 134 3.77 -70.68 -32.05
C SER I 134 4.62 -71.94 -32.09
N VAL I 135 5.88 -71.79 -32.47
CA VAL I 135 6.83 -72.90 -32.56
C VAL I 135 7.09 -73.48 -31.17
N ARG I 136 7.61 -72.63 -30.28
CA ARG I 136 7.92 -72.98 -28.90
C ARG I 136 6.78 -73.66 -28.14
N LYS I 137 5.55 -73.16 -28.28
CA LYS I 137 4.42 -73.76 -27.57
C LYS I 137 3.94 -75.02 -28.29
N TYR I 138 4.42 -75.22 -29.50
CA TYR I 138 4.08 -76.41 -30.26
C TYR I 138 5.10 -77.43 -29.77
N ALA I 139 6.35 -76.98 -29.69
CA ALA I 139 7.44 -77.83 -29.22
C ALA I 139 7.09 -78.38 -27.83
N ARG I 140 6.75 -77.48 -26.92
CA ARG I 140 6.37 -77.84 -25.54
C ARG I 140 5.24 -78.86 -25.49
N GLU I 141 4.14 -78.59 -26.21
CA GLU I 141 3.02 -79.52 -26.24
C GLU I 141 3.58 -80.92 -26.55
N LYS I 142 4.14 -81.06 -27.75
CA LYS I 142 4.73 -82.32 -28.19
C LYS I 142 5.86 -82.78 -27.26
N GLY I 143 6.19 -81.94 -26.28
CA GLY I 143 7.24 -82.28 -25.33
C GLY I 143 8.64 -82.31 -25.94
N VAL I 144 8.82 -81.61 -27.05
CA VAL I 144 10.10 -81.56 -27.73
C VAL I 144 10.96 -80.40 -27.22
N ASP I 145 11.91 -80.70 -26.34
CA ASP I 145 12.79 -79.66 -25.82
C ASP I 145 13.39 -78.92 -27.02
N ILE I 146 12.95 -77.68 -27.20
CA ILE I 146 13.37 -76.84 -28.31
C ILE I 146 14.89 -76.69 -28.49
N ARG I 147 15.65 -76.91 -27.41
CA ARG I 147 17.10 -76.79 -27.49
C ARG I 147 17.73 -77.99 -28.19
N LEU I 148 16.93 -79.02 -28.42
CA LEU I 148 17.38 -80.24 -29.08
C LEU I 148 17.08 -80.24 -30.58
N VAL I 149 16.31 -79.26 -31.03
CA VAL I 149 15.96 -79.16 -32.44
C VAL I 149 16.89 -78.10 -33.07
N GLN I 150 17.44 -78.41 -34.24
CA GLN I 150 18.35 -77.51 -34.94
C GLN I 150 17.68 -76.22 -35.42
N GLY I 151 17.02 -76.30 -36.58
CA GLY I 151 16.36 -75.14 -37.13
C GLY I 151 16.85 -74.83 -38.52
N THR I 152 15.91 -74.81 -39.48
CA THR I 152 16.24 -74.52 -40.87
C THR I 152 15.68 -73.20 -41.37
N GLY I 153 15.49 -72.25 -40.44
CA GLY I 153 14.97 -70.95 -40.82
C GLY I 153 16.06 -69.88 -40.77
N LYS I 154 15.74 -68.68 -41.24
CA LYS I 154 16.70 -67.59 -41.23
C LYS I 154 17.53 -67.50 -39.96
N ASN I 155 18.83 -67.29 -40.13
CA ASN I 155 19.76 -67.17 -39.01
C ASN I 155 19.70 -68.34 -38.04
N GLY I 156 19.20 -69.48 -38.51
CA GLY I 156 19.13 -70.65 -37.66
C GLY I 156 17.87 -70.74 -36.80
N ARG I 157 16.85 -69.99 -37.18
CA ARG I 157 15.58 -70.00 -36.45
C ARG I 157 14.97 -71.39 -36.54
N VAL I 158 14.46 -71.88 -35.42
CA VAL I 158 13.84 -73.18 -35.40
C VAL I 158 12.42 -73.02 -35.92
N LEU I 159 12.14 -73.65 -37.05
CA LEU I 159 10.82 -73.59 -37.66
C LEU I 159 9.93 -74.72 -37.18
N LYS I 160 8.62 -74.49 -37.22
CA LYS I 160 7.67 -75.50 -36.77
C LYS I 160 7.71 -76.77 -37.59
N GLU I 161 8.55 -76.77 -38.62
CA GLU I 161 8.71 -77.93 -39.49
C GLU I 161 9.95 -78.71 -39.05
N ASP I 162 10.85 -78.03 -38.34
CA ASP I 162 12.08 -78.64 -37.84
C ASP I 162 11.79 -79.49 -36.61
N ILE I 163 10.66 -79.23 -35.95
CA ILE I 163 10.26 -79.99 -34.77
C ILE I 163 9.49 -81.22 -35.22
N ASP I 164 8.72 -81.08 -36.29
CA ASP I 164 7.95 -82.20 -36.85
C ASP I 164 8.93 -83.22 -37.44
N ALA I 165 10.12 -82.76 -37.80
CA ALA I 165 11.16 -83.60 -38.39
C ALA I 165 12.07 -84.18 -37.29
N PHE I 166 11.92 -83.66 -36.08
CA PHE I 166 12.69 -84.12 -34.94
C PHE I 166 11.93 -85.30 -34.34
N LEU I 167 10.61 -85.24 -34.43
CA LEU I 167 9.76 -86.30 -33.92
C LEU I 167 9.70 -87.45 -34.92
N ALA I 168 9.65 -87.09 -36.20
CA ALA I 168 9.59 -88.07 -37.28
C ALA I 168 10.85 -88.94 -37.35
N GLY I 169 12.01 -88.30 -37.24
CA GLY I 169 13.26 -89.04 -37.29
C GLY I 169 14.10 -88.88 -36.04
N VAL J 129 43.66 -1.10 32.39
CA VAL J 129 42.40 -1.60 33.03
C VAL J 129 41.14 -1.07 32.36
N ILE J 130 40.70 -1.77 31.32
CA ILE J 130 39.49 -1.38 30.59
C ILE J 130 38.66 -2.59 30.19
N ALA J 131 37.55 -2.80 30.87
CA ALA J 131 36.67 -3.93 30.56
C ALA J 131 35.22 -3.53 30.65
N MET J 132 34.45 -3.95 29.65
CA MET J 132 33.03 -3.65 29.61
C MET J 132 32.37 -3.99 30.94
N PRO J 133 31.19 -3.42 31.20
CA PRO J 133 30.52 -3.73 32.46
C PRO J 133 30.12 -5.20 32.34
N SER J 134 29.45 -5.75 33.34
CA SER J 134 29.04 -7.15 33.26
C SER J 134 30.27 -8.03 33.30
N VAL J 135 31.41 -7.47 32.89
CA VAL J 135 32.68 -8.17 32.91
C VAL J 135 33.35 -7.76 34.20
N ARG J 136 32.88 -6.66 34.77
CA ARG J 136 33.39 -6.14 36.03
C ARG J 136 32.45 -6.58 37.16
N LYS J 137 31.20 -6.86 36.81
CA LYS J 137 30.21 -7.33 37.78
C LYS J 137 30.38 -8.84 37.94
N TYR J 138 30.90 -9.47 36.90
CA TYR J 138 31.15 -10.90 36.92
C TYR J 138 32.46 -11.09 37.66
N ALA J 139 33.44 -10.27 37.31
CA ALA J 139 34.74 -10.34 37.97
C ALA J 139 34.54 -10.02 39.45
N ARG J 140 33.53 -9.23 39.74
CA ARG J 140 33.22 -8.84 41.12
C ARG J 140 32.64 -10.01 41.93
N GLU J 141 31.42 -10.42 41.57
CA GLU J 141 30.75 -11.51 42.28
C GLU J 141 31.62 -12.76 42.39
N LYS J 142 32.61 -12.86 41.52
CA LYS J 142 33.53 -14.00 41.50
C LYS J 142 34.73 -13.73 42.39
N GLY J 143 34.63 -12.67 43.18
CA GLY J 143 35.71 -12.31 44.07
C GLY J 143 37.05 -12.18 43.38
N VAL J 144 37.03 -11.97 42.07
CA VAL J 144 38.25 -11.81 41.28
C VAL J 144 38.76 -10.37 41.37
N ASP J 145 39.88 -10.10 40.71
CA ASP J 145 40.47 -8.77 40.68
C ASP J 145 40.81 -8.51 39.23
N ILE J 146 39.84 -7.98 38.47
CA ILE J 146 40.02 -7.68 37.06
C ILE J 146 41.38 -7.04 36.72
N ARG J 147 42.03 -6.47 37.72
CA ARG J 147 43.33 -5.83 37.53
C ARG J 147 44.46 -6.86 37.41
N LEU J 148 44.19 -8.12 37.75
CA LEU J 148 45.20 -9.17 37.68
C LEU J 148 45.00 -10.11 36.47
N VAL J 149 43.85 -10.00 35.83
CA VAL J 149 43.55 -10.83 34.66
C VAL J 149 44.09 -10.15 33.40
N GLN J 150 44.76 -10.92 32.54
CA GLN J 150 45.33 -10.37 31.31
C GLN J 150 44.26 -9.75 30.42
N GLY J 151 43.75 -10.50 29.46
CA GLY J 151 42.72 -9.97 28.60
C GLY J 151 42.90 -10.19 27.12
N THR J 152 41.78 -10.34 26.43
CA THR J 152 41.77 -10.58 24.99
C THR J 152 40.61 -9.78 24.37
N GLY J 153 40.93 -8.98 23.36
CA GLY J 153 39.89 -8.19 22.72
C GLY J 153 40.34 -6.86 22.15
N LYS J 154 41.63 -6.55 22.30
CA LYS J 154 42.16 -5.30 21.80
C LYS J 154 42.44 -4.31 22.92
N ASN J 155 43.67 -3.82 22.98
CA ASN J 155 44.04 -2.88 24.01
C ASN J 155 43.80 -3.45 25.41
N GLY J 156 43.52 -4.75 25.45
CA GLY J 156 43.26 -5.41 26.71
C GLY J 156 41.87 -5.99 26.70
N ARG J 157 40.90 -5.23 27.20
CA ARG J 157 39.51 -5.66 27.22
C ARG J 157 39.31 -7.03 27.86
N VAL J 158 39.35 -7.08 29.18
CA VAL J 158 39.14 -8.34 29.87
C VAL J 158 37.77 -8.86 29.47
N LEU J 159 37.74 -10.06 28.90
CA LEU J 159 36.51 -10.68 28.45
C LEU J 159 36.01 -11.74 29.45
N LYS J 160 34.69 -11.89 29.56
CA LYS J 160 34.12 -12.89 30.47
C LYS J 160 34.68 -14.25 30.09
N GLU J 161 34.67 -14.55 28.80
CA GLU J 161 35.21 -15.82 28.32
C GLU J 161 36.71 -15.63 28.15
N ASP J 162 37.36 -15.18 29.22
CA ASP J 162 38.79 -14.93 29.23
C ASP J 162 39.26 -14.75 30.68
N ILE J 163 38.32 -14.35 31.55
CA ILE J 163 38.63 -14.15 32.96
C ILE J 163 38.31 -15.44 33.72
N ASP J 164 37.51 -16.31 33.10
CA ASP J 164 37.17 -17.60 33.69
C ASP J 164 38.43 -18.45 33.64
N ALA J 165 39.26 -18.19 32.64
CA ALA J 165 40.52 -18.90 32.47
C ALA J 165 41.40 -18.60 33.68
N PHE J 166 41.30 -17.37 34.18
CA PHE J 166 42.06 -16.95 35.35
C PHE J 166 41.56 -17.71 36.58
N LEU J 167 40.26 -18.06 36.57
CA LEU J 167 39.67 -18.81 37.67
C LEU J 167 40.02 -20.28 37.49
N ALA J 168 40.94 -20.57 36.56
CA ALA J 168 41.36 -21.92 36.28
C ALA J 168 42.88 -22.09 36.37
N GLY J 169 43.61 -21.07 35.91
CA GLY J 169 45.07 -21.12 35.96
C GLY J 169 45.69 -20.01 36.77
MG MG K . -9.82 -9.36 -35.07
C2A TPW L . -7.02 -21.67 -29.28
C35 TPW L . -8.33 -20.67 -34.80
C2 TPW L . -7.21 -18.69 -35.87
S1 TPW L . -7.47 -17.02 -36.13
C5 TPW L . -8.97 -16.96 -35.31
C4 TPW L . -9.23 -18.27 -34.86
C4A TPW L . -10.50 -18.63 -34.10
C5A TPW L . -9.78 -15.68 -35.12
C5B TPW L . -9.04 -14.72 -34.18
O5G TPW L . -9.68 -13.45 -34.23
P1 TPW L . -9.04 -12.19 -33.46
O11 TPW L . -7.67 -11.94 -34.25
O12 TPW L . -9.95 -11.03 -33.61
O13 TPW L . -8.68 -12.61 -32.08
P2 TPW L . -7.63 -11.52 -35.81
O21 TPW L . -9.12 -11.06 -36.21
O22 TPW L . -7.11 -12.60 -36.68
O23 TPW L . -6.72 -10.19 -35.90
N1' TPW L . -8.61 -21.39 -31.16
C2' TPW L . -7.34 -21.36 -30.73
N3' TPW L . -6.35 -21.08 -31.59
C4' TPW L . -6.60 -20.84 -32.88
N4' TPW L . -5.61 -20.56 -33.71
C5' TPW L . -7.91 -20.87 -33.34
C6' TPW L . -8.91 -21.16 -32.42
C3 TPW L . -8.24 -19.20 -35.18
K K M . 14.61 -30.04 -17.06
MG MG N . -7.26 -23.16 -17.90
C PYR O . -7.56 -30.78 -2.32
O PYR O . -6.41 -30.93 -2.78
OXT PYR O . -7.88 -30.99 -1.13
CA PYR O . -8.67 -30.32 -3.27
O3 PYR O . -8.39 -30.19 -4.60
CB PYR O . -10.07 -30.02 -2.74
MG MG P . -11.13 -18.14 -0.06
C2A TPW Q . -7.96 -26.47 -10.92
C35 TPW Q . -6.24 -27.37 -5.48
C2 TPW Q . -8.13 -27.05 -3.86
S1 TPW Q . -8.79 -25.86 -2.83
C5 TPW Q . -7.63 -24.66 -3.22
C4 TPW Q . -6.77 -25.23 -4.15
C4A TPW Q . -5.61 -24.47 -4.78
C5A TPW Q . -7.71 -23.23 -2.67
C5B TPW Q . -9.05 -22.61 -3.07
O5G TPW Q . -9.19 -21.34 -2.43
P1 TPW Q . -10.46 -20.42 -2.80
O11 TPW Q . -11.69 -21.27 -2.20
O12 TPW Q . -10.35 -19.14 -2.07
O13 TPW Q . -10.65 -20.38 -4.26
P2 TPW Q . -11.79 -21.59 -0.63
O21 TPW Q . -11.15 -20.32 0.13
O22 TPW Q . -11.12 -22.87 -0.27
O23 TPW Q . -13.35 -21.58 -0.27
N1' TPW Q . -6.32 -26.31 -9.06
C2' TPW Q . -7.53 -26.73 -9.47
N3' TPW Q . -8.37 -27.35 -8.63
C4' TPW Q . -8.00 -27.57 -7.36
N4' TPW Q . -8.83 -28.22 -6.54
C5' TPW Q . -6.75 -27.16 -6.90
C6' TPW Q . -5.93 -26.51 -7.81
C3 TPW Q . -7.07 -26.56 -4.49
K K R . -22.62 -38.81 -28.20
C PYR S . -7.11 -21.30 -38.02
O PYR S . -8.19 -21.16 -38.63
OXT PYR S . -6.94 -22.12 -37.08
CA PYR S . -5.93 -20.41 -38.42
O3 PYR S . -4.74 -20.55 -37.77
CB PYR S . -6.09 -19.38 -39.53
C2A TPW T . 2.01 34.88 29.76
C35 TPW T . 3.42 37.49 34.71
C2 TPW T . 1.42 37.92 36.17
S1 TPW T . 0.29 39.15 36.50
C5 TPW T . 0.95 40.29 35.40
C4 TPW T . 2.04 39.66 34.82
C4A TPW T . 2.92 40.35 33.78
C5A TPW T . 0.38 41.69 35.18
C5B TPW T . -0.98 41.63 34.48
O5G TPW T . -1.55 42.94 34.40
P1 TPW T . -3.05 43.15 33.88
O11 TPW T . -3.91 42.32 34.96
O12 TPW T . -3.42 44.58 33.98
O13 TPW T . -3.22 42.47 32.57
P2 TPW T . -4.12 42.88 36.46
O21 TPW T . -3.96 44.48 36.37
O22 TPW T . -3.21 42.26 37.42
O23 TPW T . -5.68 42.61 36.80
N1' TPW T . 3.31 36.50 31.11
C2' TPW T . 2.35 35.57 31.07
N3' TPW T . 1.69 35.23 32.20
C4' TPW T . 1.98 35.82 33.36
N4' TPW T . 1.34 35.46 34.47
C5' TPW T . 2.98 36.79 33.42
C6' TPW T . 3.63 37.11 32.23
C3 TPW T . 2.28 38.35 35.25
MG MG U . -6.15 44.68 34.88
K K V . -6.39 11.83 21.85
MG MG W . 1.64 35.14 19.50
C2A TPW X . 3.11 30.38 11.08
C35 TPW X . 2.08 27.86 5.99
C2 TPW X . 2.65 29.33 4.01
S1 TPW X . 1.90 30.50 3.01
C5 TPW X . 0.39 30.47 3.79
C4 TPW X . 0.50 29.54 4.82
C4A TPW X . -0.65 29.23 5.78
C5A TPW X . -0.78 31.37 3.42
C5B TPW X . -0.35 32.84 3.50
O5G TPW X . -1.43 33.68 3.09
P1 TPW X . -1.21 35.27 3.04
O11 TPW X . 0.09 35.41 2.10
O12 TPW X . -2.37 35.90 2.37
O13 TPW X . -0.83 35.75 4.39
P2 TPW X . 0.02 35.09 0.52
O21 TPW X . -1.53 34.79 0.18
O22 TPW X . 0.91 33.97 0.13
O23 TPW X . 0.37 36.47 -0.24
N1' TPW X . 1.74 29.03 9.51
C2' TPW X . 2.87 29.73 9.72
N3' TPW X . 3.78 29.86 8.74
C4' TPW X . 3.57 29.29 7.54
N4' TPW X . 4.48 29.42 6.58
C5' TPW X . 2.41 28.56 7.32
C6' TPW X . 1.50 28.45 8.35
C3 TPW X . 1.75 28.92 4.92
MG MG Y . -2.94 36.68 0.19
K K Z . 25.10 36.45 23.79
#